data_4HLZ
#
_entry.id   4HLZ
#
_cell.length_a   136.580
_cell.length_b   150.780
_cell.length_c   217.780
_cell.angle_alpha   90.00
_cell.angle_beta   90.00
_cell.angle_gamma   90.00
#
_symmetry.space_group_name_H-M   'P 21 21 21'
#
loop_
_entity.id
_entity.type
_entity.pdbx_description
1 polymer 'Hemagglutinin HA1'
2 polymer 'Hemagglutinin HA2'
3 polymer 'Fab C179 heavy chain'
4 polymer 'Fab C179 light chain'
5 branched beta-D-mannopyranose-(1-4)-2-acetamido-2-deoxy-beta-D-glucopyranose-(1-4)-2-acetamido-2-deoxy-beta-D-glucopyranose
6 branched alpha-D-mannopyranose-(1-3)-beta-D-mannopyranose-(1-4)-2-acetamido-2-deoxy-beta-D-glucopyranose-(1-4)-2-acetamido-2-deoxy-beta-D-glucopyranose
7 branched 2-acetamido-2-deoxy-beta-D-glucopyranose-(1-4)-2-acetamido-2-deoxy-beta-D-glucopyranose
8 non-polymer 2-acetamido-2-deoxy-beta-D-glucopyranose
9 non-polymer 'SULFATE ION'
10 non-polymer 1,2-ETHANEDIOL
#
loop_
_entity_poly.entity_id
_entity_poly.type
_entity_poly.pdbx_seq_one_letter_code
_entity_poly.pdbx_strand_id
1 'polypeptide(L)'
;PGDQICIGYHANNSTEKVDTILERNVTVTHAKDILEKTHNGKLCKLNGIPPLELGDCSIAGWLLGNPECDRLLSVPEWSY
IMEKENPRDGLCYPGSFNDYEELKHLLSSVKHFEKVKILPKDRWTQHTTTGGSRACAVSGNPSFFRNMVWLTEKGSNYPV
AKGSYNNTSGEQMLIIWGVHHPNDETEQRTLYQNVGTYVSVGTSTLNKRSTPEIATRPKVNGQGGRMEFSWTLLDMWDTI
NFESTGNLIAPEYGFKISKRGSSGIMKTEGTLENCETKCQTPLGAINTTLPFHNVHPLTIGECPKYVKSEKLVLATGLRN
VPQIESR
;
A,C,E
2 'polypeptide(L)'
;GLFGAIAGFIEGGWQGMVDGWYGYHHSNDQGSGYAADKESTQKAFDGITNKVNSVIEKMNTQFEAVGKEFSNLERRLENL
NKKMEDGFLDVWTYNAELLVLMENERTLDFHDSNVKNLYDKVRMQLRDNVKELGNGCFEFYHKCDDECMNSVKNGTYDYP
KYEEESKLNRNEIK
;
B,D,F
3 'polypeptide(L)'
;EVKLVESGGGLVQPGGSLRLSCGTSGFTLTDDYMTWVRQPPGKALEWLGFIRDRANGYTTEYSASVKGRFTISRDNSQSI
VYLQMNTLRVEDSATYYCARPKGYFPYAMDYWGQGTSVIVSSTKTTAPSVYPLAPVCGDTTGSSVTLGCLVKGYFPEPVT
LTWNSGSLSSGVHTFPAVLQSDLYTLSSSVTVTSSTWPSQSITCNVAHPASSTKVDKKIEPRGHHHHHH
;
G,I,K
4 'polypeptide(L)'
;DIQMTQSPASQSASLGESVTITCLASQTIGTWLAWYQQKPGKSPQLLIYAATSLADGVPSRFSGSGSGTKFSFKISSLQA
EDFVSYYCQQLYSTPWTFGGGTRLEIKRADAAPTVSIFPPSSEQLTSGGASVVCFLNNFYPKDINVKWKIDGSERQNGVL
NSWTDQDSKDSTYSMSSTLTLTKDEYERHNSYTCEATHKTSTSPIVKSFNRNEC
;
H,J,L
#
# COMPACT_ATOMS: atom_id res chain seq x y z
N PRO A 1 -8.12 -15.91 -55.27
CA PRO A 1 -7.49 -15.17 -54.17
C PRO A 1 -8.31 -13.93 -53.82
N GLY A 2 -9.00 -13.95 -52.68
CA GLY A 2 -10.12 -13.05 -52.45
C GLY A 2 -9.81 -11.78 -51.69
N ASP A 3 -10.84 -10.95 -51.51
CA ASP A 3 -10.69 -9.69 -50.76
C ASP A 3 -10.36 -9.95 -49.29
N GLN A 4 -9.71 -8.99 -48.66
CA GLN A 4 -9.09 -9.24 -47.37
C GLN A 4 -9.24 -8.09 -46.37
N ILE A 5 -9.63 -8.42 -45.15
CA ILE A 5 -9.56 -7.47 -44.04
C ILE A 5 -8.78 -7.98 -42.80
N CYS A 6 -8.03 -7.08 -42.16
CA CYS A 6 -7.12 -7.43 -41.07
C CYS A 6 -7.33 -6.55 -39.85
N ILE A 7 -7.15 -7.13 -38.67
CA ILE A 7 -7.10 -6.38 -37.42
C ILE A 7 -5.64 -6.29 -36.99
N GLY A 8 -5.25 -5.17 -36.41
CA GLY A 8 -3.92 -4.99 -35.85
C GLY A 8 -3.81 -3.76 -34.97
N TYR A 9 -2.59 -3.48 -34.55
CA TYR A 9 -2.35 -2.46 -33.55
C TYR A 9 -1.22 -1.57 -33.95
N HIS A 10 -1.17 -0.44 -33.27
CA HIS A 10 -0.26 0.65 -33.56
C HIS A 10 1.18 0.25 -33.30
N ALA A 11 2.08 0.92 -34.00
CA ALA A 11 3.52 0.77 -33.80
C ALA A 11 4.16 2.12 -34.11
N ASN A 12 5.24 2.45 -33.42
CA ASN A 12 5.96 3.64 -33.82
C ASN A 12 7.41 3.58 -33.51
N ASN A 13 8.08 4.71 -33.67
CA ASN A 13 9.52 4.74 -33.50
C ASN A 13 9.88 4.87 -32.03
N SER A 14 8.90 4.82 -31.14
CA SER A 14 9.16 5.01 -29.70
C SER A 14 10.26 4.14 -29.09
N THR A 15 11.13 4.81 -28.35
CA THR A 15 12.20 4.15 -27.64
C THR A 15 11.80 3.96 -26.16
N GLU A 16 10.59 4.40 -25.84
CA GLU A 16 10.14 4.50 -24.46
C GLU A 16 10.14 3.18 -23.73
N LYS A 17 10.79 3.12 -22.57
CA LYS A 17 10.92 1.86 -21.83
C LYS A 17 10.28 1.85 -20.44
N VAL A 18 9.55 0.77 -20.13
CA VAL A 18 8.88 0.60 -18.84
C VAL A 18 9.13 -0.80 -18.29
N ASP A 19 8.92 -0.94 -16.99
CA ASP A 19 9.11 -2.22 -16.33
C ASP A 19 7.73 -2.69 -15.88
N THR A 20 7.56 -4.00 -15.74
CA THR A 20 6.37 -4.55 -15.11
C THR A 20 6.77 -5.61 -14.08
N ILE A 21 5.80 -6.24 -13.44
CA ILE A 21 6.10 -7.38 -12.59
C ILE A 21 6.72 -8.53 -13.39
N LEU A 22 6.06 -8.92 -14.47
CA LEU A 22 6.46 -10.10 -15.22
C LEU A 22 7.73 -9.85 -16.01
N GLU A 23 7.96 -8.59 -16.36
CA GLU A 23 8.89 -8.26 -17.41
C GLU A 23 9.54 -6.90 -17.21
N ARG A 24 10.81 -6.78 -17.56
CA ARG A 24 11.47 -5.48 -17.38
C ARG A 24 11.94 -4.94 -18.71
N ASN A 25 12.20 -3.64 -18.77
CA ASN A 25 12.72 -3.02 -19.98
C ASN A 25 11.84 -3.24 -21.18
N VAL A 26 10.53 -3.14 -21.00
CA VAL A 26 9.62 -3.29 -22.13
C VAL A 26 9.44 -1.95 -22.86
N THR A 27 9.39 -2.00 -24.20
CA THR A 27 9.19 -0.80 -24.99
C THR A 27 7.71 -0.57 -25.26
N VAL A 28 7.26 0.66 -25.12
CA VAL A 28 5.86 0.92 -25.36
C VAL A 28 5.65 2.08 -26.32
N THR A 29 4.52 2.08 -27.02
CA THR A 29 4.22 3.12 -28.01
C THR A 29 4.01 4.48 -27.39
N HIS A 30 3.62 4.50 -26.12
CA HIS A 30 3.41 5.75 -25.38
C HIS A 30 3.66 5.51 -23.90
N ALA A 31 4.18 6.53 -23.21
CA ALA A 31 4.46 6.42 -21.78
C ALA A 31 4.41 7.80 -21.16
N LYS A 32 4.23 7.84 -19.84
CA LYS A 32 4.28 9.07 -19.08
C LYS A 32 5.21 8.88 -17.93
N ASP A 33 6.16 9.80 -17.78
CA ASP A 33 7.07 9.76 -16.64
C ASP A 33 6.42 10.64 -15.57
N ILE A 34 6.10 10.02 -14.42
CA ILE A 34 5.43 10.71 -13.31
C ILE A 34 6.31 11.20 -12.15
N LEU A 35 7.62 11.04 -12.27
CA LEU A 35 8.54 11.44 -11.23
C LEU A 35 9.35 12.64 -11.67
N GLU A 36 9.36 13.68 -10.86
CA GLU A 36 10.04 14.89 -11.27
C GLU A 36 11.45 14.89 -10.66
N LYS A 37 12.47 14.86 -11.53
CA LYS A 37 13.84 14.84 -11.02
C LYS A 37 14.62 16.16 -10.99
N THR A 38 14.06 17.25 -11.52
CA THR A 38 14.87 18.46 -11.73
C THR A 38 14.37 19.73 -11.02
N HIS A 39 15.33 20.61 -10.70
CA HIS A 39 15.04 21.82 -9.96
C HIS A 39 15.91 22.95 -10.49
N ASN A 40 15.50 24.19 -10.23
CA ASN A 40 16.21 25.36 -10.74
C ASN A 40 17.53 25.69 -10.02
N GLY A 41 17.83 24.96 -8.95
CA GLY A 41 19.06 25.20 -8.21
C GLY A 41 19.24 26.56 -7.56
N LYS A 42 18.15 27.31 -7.45
CA LYS A 42 18.21 28.62 -6.82
C LYS A 42 17.39 28.62 -5.50
N LEU A 43 17.80 29.42 -4.52
CA LEU A 43 16.93 29.70 -3.39
C LEU A 43 16.03 30.88 -3.75
N CYS A 44 14.73 30.74 -3.51
CA CYS A 44 13.77 31.65 -4.10
C CYS A 44 12.74 32.24 -3.14
N LYS A 45 12.02 33.26 -3.59
CA LYS A 45 10.89 33.76 -2.84
C LYS A 45 9.81 32.70 -2.92
N LEU A 46 8.92 32.66 -1.94
CA LEU A 46 7.96 31.58 -1.85
C LEU A 46 6.55 32.14 -1.79
N ASN A 47 5.79 31.95 -2.87
CA ASN A 47 4.50 32.63 -3.05
C ASN A 47 4.69 34.14 -2.99
N GLY A 48 5.72 34.61 -3.70
CA GLY A 48 5.95 36.03 -3.86
C GLY A 48 6.43 36.72 -2.61
N ILE A 49 6.63 35.95 -1.54
CA ILE A 49 7.26 36.46 -0.33
C ILE A 49 8.67 35.88 -0.20
N PRO A 50 9.67 36.76 0.00
CA PRO A 50 11.07 36.34 0.15
C PRO A 50 11.33 35.65 1.49
N PRO A 51 12.34 34.78 1.53
CA PRO A 51 12.74 34.16 2.80
C PRO A 51 13.52 35.18 3.63
N LEU A 52 13.66 34.89 4.92
CA LEU A 52 14.51 35.67 5.79
C LEU A 52 15.91 35.07 5.73
N GLU A 53 16.85 35.86 5.22
CA GLU A 53 18.23 35.41 5.18
C GLU A 53 18.92 35.82 6.50
N LEU A 54 19.38 34.85 7.28
CA LEU A 54 20.11 35.20 8.48
C LEU A 54 21.58 35.52 8.23
N GLY A 55 22.12 35.08 7.10
CA GLY A 55 23.53 35.26 6.85
C GLY A 55 24.37 34.50 7.87
N ASP A 56 25.32 35.19 8.49
CA ASP A 56 26.15 34.54 9.49
C ASP A 56 25.61 34.61 10.93
N CYS A 57 24.45 35.23 11.10
CA CYS A 57 23.75 35.16 12.37
C CYS A 57 23.12 33.78 12.61
N SER A 58 23.20 33.33 13.85
CA SER A 58 22.34 32.28 14.41
C SER A 58 20.97 32.89 14.70
N ILE A 59 19.93 32.07 14.84
CA ILE A 59 18.62 32.57 15.26
C ILE A 59 18.79 33.39 16.52
N ALA A 60 19.54 32.81 17.47
CA ALA A 60 19.78 33.43 18.75
C ALA A 60 20.45 34.77 18.53
N GLY A 61 21.53 34.76 17.76
CA GLY A 61 22.25 35.96 17.42
C GLY A 61 21.35 37.07 16.91
N TRP A 62 20.42 36.72 16.03
CA TRP A 62 19.54 37.75 15.48
C TRP A 62 18.59 38.24 16.57
N LEU A 63 17.95 37.32 17.27
CA LEU A 63 16.98 37.74 18.28
C LEU A 63 17.58 38.57 19.42
N LEU A 64 18.86 38.33 19.73
CA LEU A 64 19.54 39.03 20.82
C LEU A 64 20.03 40.41 20.41
N GLY A 65 20.22 40.60 19.10
CA GLY A 65 20.87 41.79 18.58
C GLY A 65 22.39 41.79 18.70
N ASN A 66 23.01 40.66 18.34
CA ASN A 66 24.45 40.59 18.16
C ASN A 66 24.85 41.70 17.20
N PRO A 67 25.93 42.44 17.52
CA PRO A 67 26.30 43.64 16.76
C PRO A 67 26.51 43.37 15.29
N GLU A 68 27.18 42.27 14.96
CA GLU A 68 27.37 41.88 13.56
C GLU A 68 26.04 41.70 12.83
N CYS A 69 25.01 41.41 13.59
CA CYS A 69 23.70 41.05 13.04
C CYS A 69 22.81 42.27 12.84
N ASP A 70 23.37 43.45 13.05
CA ASP A 70 22.59 44.70 13.00
C ASP A 70 21.76 44.93 11.75
N ARG A 71 22.18 44.35 10.62
CA ARG A 71 21.45 44.49 9.36
C ARG A 71 20.07 43.78 9.37
N LEU A 72 19.86 42.90 10.34
CA LEU A 72 18.57 42.20 10.51
C LEU A 72 17.62 42.84 11.54
N LEU A 73 18.02 44.01 12.05
CA LEU A 73 17.27 44.70 13.13
C LEU A 73 15.78 44.98 12.81
N SER A 74 15.51 45.47 11.61
CA SER A 74 14.15 45.51 11.10
C SER A 74 14.03 44.54 9.93
N VAL A 75 12.96 43.75 9.91
CA VAL A 75 12.67 42.87 8.78
C VAL A 75 11.19 42.81 8.43
N PRO A 76 10.90 42.64 7.14
CA PRO A 76 9.50 42.41 6.74
C PRO A 76 9.09 40.96 6.96
N GLU A 77 7.92 40.60 6.43
CA GLU A 77 7.37 39.24 6.42
C GLU A 77 8.36 38.25 5.78
N TRP A 78 8.35 37.02 6.26
CA TRP A 78 9.17 35.95 5.64
C TRP A 78 8.34 34.68 5.33
N SER A 79 8.66 34.01 4.22
CA SER A 79 8.05 32.72 3.89
C SER A 79 8.72 31.54 4.58
N TYR A 80 10.03 31.68 4.75
CA TYR A 80 10.83 30.70 5.45
C TYR A 80 12.14 31.35 5.95
N ILE A 81 12.87 30.70 6.86
CA ILE A 81 14.13 31.25 7.36
C ILE A 81 15.32 30.43 6.85
N MET A 82 16.43 31.09 6.54
CA MET A 82 17.63 30.43 6.05
C MET A 82 18.77 30.55 7.05
N GLU A 83 19.20 29.43 7.62
CA GLU A 83 20.31 29.42 8.58
C GLU A 83 21.43 28.52 8.09
N LYS A 84 22.66 28.98 8.26
CA LYS A 84 23.82 28.16 7.95
C LYS A 84 23.88 27.04 8.98
N GLU A 85 24.58 25.97 8.65
CA GLU A 85 24.76 24.89 9.60
C GLU A 85 25.59 25.38 10.78
N ASN A 86 26.63 26.14 10.47
CA ASN A 86 27.42 26.76 11.51
C ASN A 86 27.65 28.24 11.25
N PRO A 87 26.71 29.07 11.71
CA PRO A 87 26.79 30.53 11.64
C PRO A 87 27.90 31.05 12.53
N ARG A 88 28.72 31.97 12.02
CA ARG A 88 29.80 32.58 12.80
C ARG A 88 29.26 33.38 13.98
N ASP A 89 28.22 34.18 13.73
CA ASP A 89 27.75 35.17 14.69
C ASP A 89 26.61 34.67 15.58
N GLY A 90 26.97 33.92 16.63
CA GLY A 90 26.00 33.53 17.63
C GLY A 90 25.88 34.58 18.71
N LEU A 91 26.02 34.14 19.96
CA LEU A 91 26.16 35.06 21.06
C LEU A 91 27.64 35.41 21.19
N CYS A 92 27.97 36.68 20.96
CA CYS A 92 29.34 37.18 21.09
C CYS A 92 29.86 36.94 22.48
N TYR A 93 29.24 37.62 23.46
CA TYR A 93 29.44 37.26 24.85
C TYR A 93 28.98 35.82 25.01
N PRO A 94 29.90 34.94 25.40
CA PRO A 94 29.57 33.51 25.41
C PRO A 94 28.54 33.18 26.49
N GLY A 95 27.93 32.02 26.35
CA GLY A 95 26.86 31.62 27.23
C GLY A 95 26.03 30.51 26.62
N SER A 96 24.78 30.39 27.09
CA SER A 96 23.91 29.31 26.63
C SER A 96 22.53 29.88 26.33
N PHE A 97 21.72 29.13 25.60
CA PHE A 97 20.33 29.50 25.39
C PHE A 97 19.46 28.29 25.70
N ASN A 98 18.66 28.39 26.75
CA ASN A 98 17.76 27.31 27.16
C ASN A 98 16.56 27.13 26.23
N ASP A 99 16.11 25.88 26.08
CA ASP A 99 14.98 25.55 25.23
C ASP A 99 15.15 26.06 23.82
N TYR A 100 16.39 26.06 23.34
CA TYR A 100 16.69 26.70 22.07
C TYR A 100 15.92 26.08 20.90
N GLU A 101 15.97 24.75 20.84
CA GLU A 101 15.25 24.00 19.81
C GLU A 101 13.73 24.23 19.81
N GLU A 102 13.12 24.23 21.00
CA GLU A 102 11.69 24.51 21.08
C GLU A 102 11.40 25.90 20.47
N LEU A 103 12.25 26.86 20.81
CA LEU A 103 12.14 28.21 20.27
C LEU A 103 12.28 28.25 18.75
N LYS A 104 13.08 27.33 18.21
CA LYS A 104 13.18 27.27 16.76
C LYS A 104 11.93 26.66 16.13
N HIS A 105 11.38 25.64 16.77
CA HIS A 105 10.14 25.06 16.29
C HIS A 105 9.02 26.11 16.38
N LEU A 106 9.20 27.06 17.28
CA LEU A 106 8.21 28.11 17.42
C LEU A 106 8.37 29.10 16.31
N LEU A 107 9.62 29.44 16.01
CA LEU A 107 9.88 30.39 14.93
C LEU A 107 9.41 29.85 13.60
N SER A 108 9.33 28.52 13.49
N SER A 108 9.33 28.53 13.49
CA SER A 108 8.88 27.91 12.25
CA SER A 108 8.89 27.91 12.24
C SER A 108 7.40 28.15 11.96
C SER A 108 7.40 28.14 11.96
N SER A 109 6.64 28.48 13.00
CA SER A 109 5.19 28.71 12.88
C SER A 109 4.89 30.19 12.70
N VAL A 110 5.94 31.00 12.62
CA VAL A 110 5.81 32.46 12.68
C VAL A 110 6.25 33.10 11.37
N LYS A 111 5.46 34.02 10.85
CA LYS A 111 5.79 34.64 9.57
C LYS A 111 6.30 36.08 9.69
N HIS A 112 5.90 36.76 10.76
CA HIS A 112 6.40 38.12 10.97
C HIS A 112 6.33 38.61 12.40
N PHE A 113 7.44 39.19 12.87
CA PHE A 113 7.52 39.81 14.18
C PHE A 113 7.35 41.31 14.14
N GLU A 114 6.67 41.87 15.14
CA GLU A 114 6.66 43.33 15.34
C GLU A 114 7.43 43.70 16.63
N LYS A 115 8.63 44.27 16.49
CA LYS A 115 9.47 44.49 17.66
C LYS A 115 9.01 45.66 18.53
N VAL A 116 8.76 45.40 19.81
CA VAL A 116 8.14 46.37 20.72
C VAL A 116 9.01 46.63 21.94
N LYS A 117 9.20 47.89 22.32
CA LYS A 117 10.04 48.12 23.47
C LYS A 117 9.13 48.16 24.68
N ILE A 118 9.20 47.10 25.47
CA ILE A 118 8.38 46.99 26.66
C ILE A 118 9.13 47.34 27.92
N LEU A 119 10.45 47.58 27.81
CA LEU A 119 11.26 48.08 28.92
C LEU A 119 12.37 49.04 28.51
N PRO A 120 12.01 50.29 28.15
CA PRO A 120 13.09 51.21 27.74
C PRO A 120 14.22 51.35 28.75
N LYS A 121 15.45 51.52 28.28
CA LYS A 121 16.61 51.74 29.18
C LYS A 121 16.33 52.81 30.24
N ASP A 122 16.06 54.03 29.79
CA ASP A 122 15.90 55.21 30.65
C ASP A 122 15.03 55.02 31.90
N ARG A 123 14.04 54.14 31.80
CA ARG A 123 13.13 53.89 32.90
C ARG A 123 13.92 53.38 34.09
N TRP A 124 14.90 52.52 33.84
CA TRP A 124 15.82 52.12 34.91
C TRP A 124 16.56 53.36 35.33
N THR A 125 16.46 53.71 36.61
CA THR A 125 17.02 54.97 37.05
C THR A 125 18.18 54.69 38.01
N GLN A 126 17.84 54.07 39.13
CA GLN A 126 18.81 53.81 40.19
C GLN A 126 19.89 52.85 39.73
N HIS A 127 19.58 52.05 38.71
CA HIS A 127 20.57 51.16 38.12
C HIS A 127 21.19 51.79 36.88
N THR A 128 22.15 51.07 36.30
CA THR A 128 22.98 51.64 35.24
C THR A 128 22.96 50.81 33.96
N THR A 129 22.39 51.40 32.92
CA THR A 129 22.03 50.66 31.72
C THR A 129 23.15 50.62 30.70
N THR A 130 24.26 51.25 31.00
CA THR A 130 25.27 51.52 29.97
C THR A 130 26.25 50.36 29.73
N GLY A 131 26.18 49.32 30.55
CA GLY A 131 27.13 48.22 30.50
C GLY A 131 27.33 47.57 29.15
N GLY A 132 28.59 47.30 28.82
CA GLY A 132 28.95 46.72 27.53
C GLY A 132 30.19 45.84 27.64
N SER A 133 30.53 45.14 26.56
CA SER A 133 31.69 44.23 26.59
C SER A 133 32.56 44.20 25.35
N ARG A 134 33.72 43.59 25.55
CA ARG A 134 34.80 43.55 24.59
C ARG A 134 34.66 42.45 23.54
N ALA A 135 33.82 41.46 23.80
CA ALA A 135 33.58 40.44 22.77
C ALA A 135 32.43 40.91 21.88
N CYS A 136 31.80 41.98 22.34
CA CYS A 136 30.73 42.63 21.62
C CYS A 136 31.24 43.78 20.77
N ALA A 137 32.55 43.97 20.79
CA ALA A 137 33.19 45.17 20.24
C ALA A 137 32.88 45.45 18.77
N VAL A 138 32.43 46.68 18.50
CA VAL A 138 32.42 47.21 17.15
C VAL A 138 33.59 48.20 17.01
N SER A 139 34.50 47.89 16.08
CA SER A 139 35.72 48.65 15.89
C SER A 139 36.56 48.69 17.15
N GLY A 140 36.60 47.59 17.88
CA GLY A 140 37.51 47.46 19.00
C GLY A 140 37.01 48.13 20.26
N ASN A 141 36.03 49.02 20.12
CA ASN A 141 35.46 49.71 21.28
C ASN A 141 34.12 49.08 21.69
N PRO A 142 33.99 48.70 22.99
CA PRO A 142 33.01 47.71 23.45
C PRO A 142 31.54 48.07 23.23
N SER A 143 30.70 47.05 23.22
CA SER A 143 29.30 47.19 22.88
C SER A 143 28.48 46.09 23.54
N PHE A 144 27.24 45.95 23.08
CA PHE A 144 26.35 44.96 23.67
C PHE A 144 25.24 44.49 22.72
N PHE A 145 24.59 43.39 23.09
CA PHE A 145 23.37 42.92 22.43
C PHE A 145 22.38 44.07 22.37
N ARG A 146 21.86 44.36 21.17
CA ARG A 146 21.09 45.58 20.99
C ARG A 146 19.82 45.58 21.83
N ASN A 147 19.10 44.46 21.81
CA ASN A 147 17.81 44.42 22.48
C ASN A 147 17.95 43.99 23.94
N MET A 148 19.19 43.82 24.37
CA MET A 148 19.46 43.57 25.79
C MET A 148 19.96 44.83 26.52
N VAL A 149 19.60 44.91 27.80
CA VAL A 149 20.14 45.91 28.70
C VAL A 149 20.83 45.22 29.86
N TRP A 150 22.07 45.61 30.11
CA TRP A 150 22.87 45.00 31.15
C TRP A 150 22.78 45.86 32.43
N LEU A 151 22.20 45.30 33.48
CA LEU A 151 21.97 46.06 34.69
C LEU A 151 23.15 45.95 35.65
N THR A 152 23.79 47.09 35.90
CA THR A 152 24.87 47.24 36.88
C THR A 152 24.54 48.33 37.90
N GLU A 153 25.24 48.32 39.04
CA GLU A 153 25.01 49.28 40.11
C GLU A 153 25.47 50.70 39.76
N LYS A 154 24.97 51.69 40.51
CA LYS A 154 25.40 53.07 40.34
C LYS A 154 25.90 53.68 41.66
N GLY A 155 27.18 54.07 41.68
CA GLY A 155 27.79 54.67 42.85
C GLY A 155 28.04 53.66 43.96
N SER A 156 28.39 52.43 43.57
CA SER A 156 28.55 51.33 44.51
C SER A 156 27.22 50.98 45.19
N ASN A 157 26.12 51.22 44.48
CA ASN A 157 24.79 50.93 45.00
C ASN A 157 23.88 50.21 44.00
N TYR A 158 23.42 49.03 44.38
CA TYR A 158 22.56 48.22 43.51
C TYR A 158 21.27 47.83 44.22
N PRO A 159 20.29 48.73 44.20
CA PRO A 159 18.99 48.49 44.82
C PRO A 159 18.28 47.33 44.14
N VAL A 160 17.06 47.02 44.57
CA VAL A 160 16.30 45.98 43.91
C VAL A 160 15.83 46.43 42.53
N ALA A 161 16.17 45.66 41.51
CA ALA A 161 15.69 45.91 40.16
C ALA A 161 14.31 45.26 40.04
N LYS A 162 13.32 46.07 39.67
CA LYS A 162 11.98 45.54 39.51
C LYS A 162 11.49 45.91 38.10
N GLY A 163 10.70 45.04 37.48
CA GLY A 163 10.18 45.33 36.17
C GLY A 163 8.86 44.65 35.81
N SER A 164 8.13 45.27 34.90
CA SER A 164 6.82 44.77 34.57
C SER A 164 6.51 45.11 33.14
N TYR A 165 5.85 44.19 32.45
CA TYR A 165 5.10 44.58 31.27
C TYR A 165 3.74 43.88 31.27
N ASN A 166 2.67 44.67 31.31
CA ASN A 166 1.32 44.17 31.08
C ASN A 166 1.23 44.14 29.59
N ASN A 167 0.57 43.15 29.00
CA ASN A 167 0.56 43.07 27.54
C ASN A 167 -0.51 43.95 26.88
N THR A 168 -0.09 44.92 26.08
CA THR A 168 -1.01 45.85 25.45
C THR A 168 -1.06 45.82 23.91
N SER A 169 -0.19 45.05 23.28
CA SER A 169 -0.15 44.99 21.82
C SER A 169 -1.43 44.41 21.25
N GLY A 170 -1.94 43.41 21.95
CA GLY A 170 -3.14 42.65 21.61
C GLY A 170 -2.80 41.25 21.13
N GLU A 171 -1.52 40.90 21.16
CA GLU A 171 -1.01 39.73 20.46
C GLU A 171 0.11 39.06 21.24
N GLN A 172 0.45 37.82 20.89
CA GLN A 172 1.44 37.07 21.66
C GLN A 172 2.82 37.68 21.52
N MET A 173 3.57 37.72 22.62
CA MET A 173 4.89 38.33 22.61
C MET A 173 5.99 37.43 23.17
N LEU A 174 7.02 37.20 22.38
CA LEU A 174 8.16 36.41 22.82
C LEU A 174 9.07 37.31 23.60
N ILE A 175 9.42 36.90 24.82
CA ILE A 175 10.37 37.68 25.59
C ILE A 175 11.56 36.85 26.03
N ILE A 176 12.75 37.37 25.77
CA ILE A 176 14.00 36.78 26.24
C ILE A 176 14.64 37.57 27.42
N TRP A 177 15.12 36.83 28.44
CA TRP A 177 15.99 37.43 29.46
C TRP A 177 17.25 36.60 29.67
N GLY A 178 18.11 37.07 30.56
CA GLY A 178 19.38 36.40 30.77
C GLY A 178 19.95 36.53 32.17
N VAL A 179 20.87 35.63 32.52
CA VAL A 179 21.51 35.70 33.82
C VAL A 179 23.02 35.54 33.70
N HIS A 180 23.74 36.46 34.35
CA HIS A 180 25.18 36.62 34.17
C HIS A 180 25.98 35.85 35.21
N HIS A 181 26.89 35.00 34.73
CA HIS A 181 27.76 34.23 35.59
C HIS A 181 29.18 34.78 35.49
N PRO A 182 29.64 35.44 36.55
CA PRO A 182 30.97 36.06 36.55
C PRO A 182 32.06 35.01 36.66
N ASN A 183 33.29 35.41 36.31
CA ASN A 183 34.46 34.55 36.45
C ASN A 183 34.97 34.46 37.89
N ASP A 184 34.78 35.56 38.64
CA ASP A 184 35.39 35.74 39.97
C ASP A 184 34.52 36.59 40.89
N GLU A 185 34.80 36.54 42.20
CA GLU A 185 34.07 37.35 43.18
C GLU A 185 34.27 38.85 42.94
N THR A 186 35.48 39.24 42.55
CA THR A 186 35.78 40.64 42.23
C THR A 186 34.92 41.20 41.09
N GLU A 187 34.50 40.34 40.16
CA GLU A 187 33.65 40.77 39.05
C GLU A 187 32.26 41.10 39.55
N GLN A 188 31.67 40.14 40.24
CA GLN A 188 30.35 40.30 40.83
C GLN A 188 30.31 41.53 41.73
N ARG A 189 31.28 41.59 42.63
CA ARG A 189 31.44 42.72 43.54
C ARG A 189 31.57 44.01 42.75
N THR A 190 32.28 43.97 41.62
CA THR A 190 32.42 45.18 40.80
C THR A 190 31.08 45.64 40.25
N LEU A 191 30.43 44.77 39.49
CA LEU A 191 29.21 45.14 38.78
C LEU A 191 27.98 45.33 39.63
N TYR A 192 27.62 44.29 40.38
CA TYR A 192 26.39 44.35 41.14
C TYR A 192 26.58 44.70 42.61
N GLN A 193 27.83 44.74 43.04
CA GLN A 193 28.19 45.19 44.38
C GLN A 193 27.55 44.31 45.45
N ASN A 194 27.26 43.07 45.10
CA ASN A 194 26.64 42.15 46.05
C ASN A 194 27.10 40.70 45.93
N VAL A 195 27.03 39.97 47.03
CA VAL A 195 27.25 38.54 47.04
C VAL A 195 25.98 37.89 47.59
N GLY A 196 25.46 36.89 46.89
CA GLY A 196 24.21 36.28 47.30
C GLY A 196 23.01 36.77 46.48
N THR A 197 23.22 36.93 45.19
CA THR A 197 22.18 37.51 44.37
C THR A 197 21.24 36.45 43.82
N TYR A 198 20.22 36.93 43.11
CA TYR A 198 19.27 36.06 42.44
C TYR A 198 18.55 36.82 41.32
N VAL A 199 17.99 36.09 40.36
CA VAL A 199 17.13 36.68 39.34
C VAL A 199 15.83 35.90 39.14
N SER A 200 14.72 36.61 39.26
CA SER A 200 13.40 36.01 39.17
CA SER A 200 13.40 36.01 39.17
C SER A 200 12.59 36.64 38.04
N VAL A 201 11.94 35.79 37.26
CA VAL A 201 11.01 36.20 36.23
C VAL A 201 9.73 35.44 36.54
N GLY A 202 8.59 36.09 36.39
CA GLY A 202 7.36 35.41 36.69
C GLY A 202 6.26 35.95 35.81
N THR A 203 5.22 35.13 35.62
CA THR A 203 4.13 35.45 34.72
C THR A 203 2.93 34.72 35.28
N SER A 204 1.87 34.68 34.50
CA SER A 204 0.73 33.87 34.85
CA SER A 204 0.71 33.86 34.82
C SER A 204 1.10 32.38 34.83
N THR A 205 1.64 31.91 33.71
CA THR A 205 2.05 30.51 33.55
C THR A 205 3.39 30.17 34.20
N LEU A 206 4.26 31.17 34.35
CA LEU A 206 5.66 30.88 34.63
C LEU A 206 6.17 31.50 35.91
N ASN A 207 6.87 30.70 36.71
CA ASN A 207 7.61 31.24 37.85
C ASN A 207 9.03 30.64 37.96
N LYS A 208 10.06 31.45 37.70
CA LYS A 208 11.43 30.95 37.84
C LYS A 208 12.33 31.95 38.55
N ARG A 209 13.20 31.44 39.41
CA ARG A 209 14.25 32.26 40.01
C ARG A 209 15.49 31.40 40.05
N SER A 210 16.60 31.96 39.58
CA SER A 210 17.86 31.23 39.51
C SER A 210 18.94 32.08 40.13
N THR A 211 20.07 31.45 40.44
CA THR A 211 21.15 32.15 41.11
C THR A 211 22.43 32.02 40.31
N PRO A 212 23.21 33.10 40.27
CA PRO A 212 24.42 33.18 39.45
C PRO A 212 25.55 32.28 39.96
N GLU A 213 26.20 31.56 39.05
CA GLU A 213 27.32 30.68 39.42
C GLU A 213 28.69 31.29 39.09
N ILE A 214 29.49 31.50 40.14
CA ILE A 214 30.83 32.08 39.99
C ILE A 214 31.86 30.97 39.80
N ALA A 215 32.54 30.95 38.66
CA ALA A 215 33.55 29.93 38.39
C ALA A 215 34.67 30.40 37.45
N THR A 216 35.83 29.77 37.58
CA THR A 216 36.88 29.94 36.58
C THR A 216 36.54 28.96 35.48
N ARG A 217 36.36 29.45 34.27
CA ARG A 217 35.97 28.59 33.16
C ARG A 217 36.96 28.72 32.02
N PRO A 218 36.98 27.72 31.13
CA PRO A 218 37.75 27.83 29.88
C PRO A 218 37.38 29.12 29.16
N LYS A 219 38.38 29.88 28.73
CA LYS A 219 38.13 31.13 28.03
C LYS A 219 37.55 30.90 26.64
N VAL A 220 36.54 31.69 26.30
CA VAL A 220 36.02 31.80 24.95
C VAL A 220 35.81 33.28 24.73
N ASN A 221 36.17 33.78 23.55
CA ASN A 221 36.08 35.21 23.29
C ASN A 221 36.83 35.99 24.36
N GLY A 222 37.86 35.35 24.93
CA GLY A 222 38.63 35.91 26.02
C GLY A 222 38.01 35.65 27.38
N GLN A 223 36.74 35.24 27.39
CA GLN A 223 35.94 35.24 28.61
C GLN A 223 35.77 33.87 29.26
N GLY A 224 35.85 33.84 30.59
CA GLY A 224 35.46 32.68 31.36
C GLY A 224 34.09 32.91 32.00
N GLY A 225 33.59 34.15 31.92
CA GLY A 225 32.24 34.48 32.32
C GLY A 225 31.22 34.00 31.29
N ARG A 226 29.94 33.99 31.66
CA ARG A 226 28.88 33.45 30.79
C ARG A 226 27.54 34.20 30.89
N MET A 227 26.74 34.12 29.85
CA MET A 227 25.35 34.59 29.94
C MET A 227 24.34 33.49 29.55
N GLU A 228 23.52 33.07 30.51
CA GLU A 228 22.56 32.00 30.26
C GLU A 228 21.21 32.60 29.97
N PHE A 229 20.71 32.37 28.75
CA PHE A 229 19.49 33.01 28.30
C PHE A 229 18.30 32.08 28.35
N SER A 230 17.18 32.61 28.79
CA SER A 230 15.94 31.85 28.77
C SER A 230 14.90 32.71 28.08
N TRP A 231 13.86 32.07 27.55
CA TRP A 231 12.77 32.85 26.97
C TRP A 231 11.42 32.42 27.51
N THR A 232 10.38 33.13 27.09
CA THR A 232 9.01 32.72 27.34
C THR A 232 8.06 33.33 26.32
N LEU A 233 6.88 32.73 26.19
CA LEU A 233 5.83 33.32 25.38
C LEU A 233 4.80 33.99 26.30
N LEU A 234 4.77 35.33 26.27
CA LEU A 234 3.83 36.08 27.10
C LEU A 234 2.48 36.15 26.41
N ASP A 235 1.40 35.87 27.15
CA ASP A 235 0.09 35.81 26.50
C ASP A 235 -0.47 37.18 26.22
N MET A 236 -1.65 37.20 25.61
CA MET A 236 -2.41 38.43 25.44
C MET A 236 -2.79 38.94 26.82
N TRP A 237 -2.54 40.23 27.05
CA TRP A 237 -2.95 40.88 28.30
C TRP A 237 -2.19 40.39 29.54
N ASP A 238 -1.32 39.39 29.38
CA ASP A 238 -0.53 38.88 30.48
C ASP A 238 0.53 39.88 30.94
N THR A 239 0.84 39.85 32.23
CA THR A 239 1.85 40.73 32.79
C THR A 239 3.03 39.91 33.26
N ILE A 240 4.20 40.19 32.70
CA ILE A 240 5.43 39.52 33.13
C ILE A 240 6.20 40.43 34.09
N ASN A 241 6.79 39.81 35.10
CA ASN A 241 7.46 40.53 36.19
C ASN A 241 8.90 40.07 36.48
N PHE A 242 9.79 41.05 36.49
CA PHE A 242 11.21 40.83 36.73
C PHE A 242 11.59 41.35 38.12
N GLU A 243 12.41 40.58 38.83
CA GLU A 243 13.05 41.08 40.05
C GLU A 243 14.48 40.55 40.14
N SER A 244 15.43 41.44 40.42
CA SER A 244 16.83 41.02 40.55
C SER A 244 17.63 41.83 41.57
N THR A 245 18.48 41.14 42.34
CA THR A 245 19.49 41.82 43.16
C THR A 245 20.84 41.91 42.45
N GLY A 246 20.95 41.27 41.30
CA GLY A 246 22.11 41.40 40.45
C GLY A 246 22.15 40.31 39.39
N ASN A 247 23.00 40.50 38.39
CA ASN A 247 23.26 39.53 37.32
C ASN A 247 22.09 39.26 36.40
N LEU A 248 21.17 40.21 36.31
CA LEU A 248 20.12 40.10 35.32
C LEU A 248 20.58 40.80 34.05
N ILE A 249 20.37 40.15 32.93
CA ILE A 249 20.52 40.77 31.63
C ILE A 249 19.10 40.86 31.14
N ALA A 250 18.58 42.06 30.97
CA ALA A 250 17.14 42.18 30.83
C ALA A 250 16.69 42.65 29.46
N PRO A 251 15.48 42.23 29.03
CA PRO A 251 14.95 42.67 27.76
C PRO A 251 14.65 44.15 27.78
N GLU A 252 15.10 44.89 26.77
CA GLU A 252 14.47 46.17 26.47
C GLU A 252 13.17 45.97 25.67
N TYR A 253 13.28 45.11 24.65
CA TYR A 253 12.20 44.85 23.69
C TYR A 253 11.53 43.52 23.96
N GLY A 254 10.53 43.18 23.15
CA GLY A 254 9.93 41.85 23.15
C GLY A 254 9.16 41.67 21.85
N PHE A 255 8.99 40.44 21.39
CA PHE A 255 8.52 40.26 20.01
C PHE A 255 7.06 39.85 19.89
N LYS A 256 6.25 40.80 19.42
CA LYS A 256 4.87 40.53 19.08
C LYS A 256 4.91 39.62 17.87
N ILE A 257 4.01 38.64 17.80
CA ILE A 257 3.92 37.94 16.53
C ILE A 257 2.89 38.63 15.65
N SER A 258 3.35 39.22 14.53
CA SER A 258 2.45 39.95 13.64
C SER A 258 1.84 39.09 12.54
N LYS A 259 2.42 37.90 12.29
CA LYS A 259 1.82 36.98 11.33
C LYS A 259 2.13 35.54 11.68
N ARG A 260 1.16 34.66 11.48
CA ARG A 260 1.30 33.28 11.92
C ARG A 260 1.06 32.32 10.74
N GLY A 261 1.88 31.28 10.60
CA GLY A 261 1.63 30.29 9.57
C GLY A 261 2.76 29.42 9.05
N SER A 262 2.37 28.46 8.20
CA SER A 262 3.22 27.40 7.67
C SER A 262 4.47 27.98 7.05
N SER A 263 5.62 27.43 7.43
CA SER A 263 6.92 28.02 7.16
C SER A 263 7.91 27.08 7.80
N GLY A 264 9.20 27.35 7.64
CA GLY A 264 10.18 26.59 8.39
C GLY A 264 11.55 27.19 8.37
N ILE A 265 12.51 26.45 8.90
CA ILE A 265 13.88 26.88 8.82
C ILE A 265 14.70 25.96 7.93
N MET A 266 15.21 26.51 6.83
CA MET A 266 16.00 25.73 5.88
C MET A 266 17.51 25.90 6.11
N LYS A 267 18.20 24.78 6.31
CA LYS A 267 19.66 24.83 6.47
C LYS A 267 20.29 24.97 5.09
N THR A 268 21.01 26.06 4.87
CA THR A 268 21.71 26.24 3.61
C THR A 268 22.92 27.18 3.75
N GLU A 269 23.94 27.00 2.93
CA GLU A 269 25.06 27.94 2.93
C GLU A 269 24.81 28.98 1.85
N GLY A 270 23.77 28.74 1.07
CA GLY A 270 23.48 29.55 -0.09
C GLY A 270 22.88 30.90 0.22
N THR A 271 22.49 31.62 -0.83
CA THR A 271 21.80 32.86 -0.63
C THR A 271 20.58 32.98 -1.54
N LEU A 272 19.81 34.05 -1.37
CA LEU A 272 18.59 34.25 -2.14
C LEU A 272 18.96 34.85 -3.49
N GLU A 273 18.20 34.45 -4.51
CA GLU A 273 18.41 34.88 -5.89
C GLU A 273 17.06 35.42 -6.31
N ASN A 274 16.98 36.11 -7.45
CA ASN A 274 15.74 36.79 -7.79
C ASN A 274 14.84 35.82 -8.56
N CYS A 275 13.80 35.36 -7.86
CA CYS A 275 13.13 34.12 -8.25
C CYS A 275 11.72 33.97 -7.64
N GLU A 276 10.92 33.07 -8.18
CA GLU A 276 9.65 32.77 -7.53
C GLU A 276 9.36 31.28 -7.61
N THR A 277 8.86 30.69 -6.51
CA THR A 277 8.37 29.31 -6.55
C THR A 277 7.25 29.08 -5.57
N LYS A 278 6.45 28.04 -5.83
CA LYS A 278 5.48 27.55 -4.85
C LYS A 278 6.06 26.36 -4.10
N CYS A 279 7.26 25.95 -4.49
CA CYS A 279 7.90 24.80 -3.86
C CYS A 279 9.43 24.94 -3.75
N GLN A 280 9.98 24.64 -2.58
CA GLN A 280 11.39 24.94 -2.36
C GLN A 280 12.14 23.83 -1.66
N THR A 281 13.34 23.53 -2.17
CA THR A 281 14.24 22.59 -1.51
C THR A 281 15.59 23.26 -1.27
N PRO A 282 16.42 22.65 -0.41
CA PRO A 282 17.79 23.12 -0.24
C PRO A 282 18.58 23.15 -1.54
N LEU A 283 18.32 22.21 -2.44
CA LEU A 283 19.03 22.13 -3.70
C LEU A 283 18.53 23.13 -4.71
N GLY A 284 17.29 23.58 -4.54
CA GLY A 284 16.68 24.46 -5.52
C GLY A 284 15.17 24.39 -5.49
N ALA A 285 14.52 25.06 -6.45
CA ALA A 285 13.08 25.19 -6.46
C ALA A 285 12.44 24.23 -7.46
N ILE A 286 11.23 23.75 -7.15
CA ILE A 286 10.50 22.91 -8.10
C ILE A 286 9.25 23.56 -8.69
N ASN A 287 9.16 23.54 -10.02
CA ASN A 287 7.92 23.83 -10.73
C ASN A 287 7.59 22.59 -11.57
N THR A 288 6.52 21.88 -11.23
CA THR A 288 6.23 20.64 -11.95
C THR A 288 4.77 20.27 -11.91
N THR A 289 4.29 19.53 -12.90
CA THR A 289 2.91 19.06 -12.87
C THR A 289 2.81 17.65 -12.31
N LEU A 290 3.95 17.08 -11.94
CA LEU A 290 4.01 15.67 -11.62
C LEU A 290 3.72 15.40 -10.17
N PRO A 291 3.18 14.20 -9.87
CA PRO A 291 2.87 13.69 -8.53
C PRO A 291 4.07 13.48 -7.60
N PHE A 292 5.20 13.01 -8.13
CA PHE A 292 6.37 12.74 -7.28
C PHE A 292 7.64 13.49 -7.63
N HIS A 293 8.46 13.73 -6.62
CA HIS A 293 9.79 14.24 -6.85
C HIS A 293 10.86 13.45 -6.08
N ASN A 294 12.00 13.23 -6.72
CA ASN A 294 13.11 12.62 -6.02
C ASN A 294 14.15 13.64 -5.53
N VAL A 295 13.87 14.92 -5.75
CA VAL A 295 14.90 15.95 -5.59
C VAL A 295 15.49 16.16 -4.19
N HIS A 296 14.64 16.24 -3.17
CA HIS A 296 15.15 16.37 -1.81
C HIS A 296 14.15 15.97 -0.74
N PRO A 297 14.71 15.48 0.45
CA PRO A 297 13.70 15.20 1.50
C PRO A 297 13.00 16.44 2.06
N LEU A 298 13.74 17.53 2.27
CA LEU A 298 13.26 18.63 3.11
C LEU A 298 12.76 19.78 2.26
N THR A 299 11.44 19.96 2.21
CA THR A 299 10.83 20.85 1.24
C THR A 299 9.74 21.72 1.86
N ILE A 300 9.75 23.01 1.54
CA ILE A 300 8.74 23.92 2.05
C ILE A 300 7.91 24.44 0.89
N GLY A 301 6.62 24.69 1.12
CA GLY A 301 5.70 25.06 0.05
C GLY A 301 4.82 23.85 -0.26
N GLU A 302 3.97 23.96 -1.28
CA GLU A 302 3.16 22.82 -1.70
C GLU A 302 3.92 22.00 -2.76
N CYS A 303 4.24 20.75 -2.43
CA CYS A 303 5.19 19.97 -3.23
C CYS A 303 4.76 18.54 -3.51
N PRO A 304 5.17 17.98 -4.65
CA PRO A 304 4.87 16.60 -5.04
C PRO A 304 5.44 15.63 -4.02
N LYS A 305 4.98 14.38 -4.00
CA LYS A 305 5.40 13.44 -2.96
C LYS A 305 6.87 13.07 -3.17
N TYR A 306 7.72 13.36 -2.19
CA TYR A 306 9.09 12.93 -2.27
C TYR A 306 9.15 11.42 -2.16
N VAL A 307 9.95 10.80 -3.04
CA VAL A 307 10.21 9.36 -3.00
C VAL A 307 11.70 9.05 -3.18
N LYS A 308 12.09 7.80 -2.94
CA LYS A 308 13.48 7.41 -3.12
C LYS A 308 13.77 6.93 -4.53
N SER A 309 12.76 6.91 -5.38
CA SER A 309 12.93 6.28 -6.69
C SER A 309 13.84 7.03 -7.66
N GLU A 310 14.61 6.27 -8.45
CA GLU A 310 15.37 6.84 -9.56
C GLU A 310 14.50 7.05 -10.80
N LYS A 311 13.48 6.20 -10.97
CA LYS A 311 12.53 6.33 -12.09
C LYS A 311 11.14 5.83 -11.73
N LEU A 312 10.08 6.53 -12.18
CA LEU A 312 8.71 5.98 -12.16
C LEU A 312 8.04 6.29 -13.50
N VAL A 313 7.72 5.28 -14.30
CA VAL A 313 7.14 5.57 -15.60
C VAL A 313 5.91 4.71 -15.92
N LEU A 314 4.75 5.35 -16.07
CA LEU A 314 3.56 4.61 -16.46
C LEU A 314 3.57 4.34 -17.95
N ALA A 315 3.30 3.10 -18.31
CA ALA A 315 3.00 2.80 -19.70
C ALA A 315 1.56 3.24 -19.92
N THR A 316 1.31 3.89 -21.06
CA THR A 316 -0.01 4.33 -21.48
C THR A 316 -0.36 3.64 -22.79
N GLY A 317 0.47 3.86 -23.78
CA GLY A 317 0.35 3.12 -25.02
C GLY A 317 0.64 1.64 -24.85
N LEU A 318 0.61 0.94 -25.96
CA LEU A 318 0.80 -0.49 -25.89
C LEU A 318 2.21 -0.87 -26.28
N ARG A 319 2.48 -2.16 -26.27
CA ARG A 319 3.80 -2.67 -26.57
C ARG A 319 4.17 -2.28 -27.99
N ASN A 320 5.41 -1.82 -28.17
CA ASN A 320 5.86 -1.52 -29.51
C ASN A 320 6.47 -2.80 -30.02
N VAL A 321 5.82 -3.42 -31.00
CA VAL A 321 6.28 -4.66 -31.57
C VAL A 321 6.66 -4.41 -33.01
N PRO A 322 7.96 -4.46 -33.32
CA PRO A 322 8.42 -4.17 -34.68
C PRO A 322 7.70 -5.07 -35.67
N GLN A 323 7.43 -4.56 -36.85
CA GLN A 323 6.74 -5.38 -37.84
C GLN A 323 7.59 -6.35 -38.61
N ILE A 324 6.95 -6.98 -39.58
CA ILE A 324 7.60 -7.91 -40.49
C ILE A 324 7.80 -7.24 -41.85
N GLY B 1 1.52 -11.67 -24.47
CA GLY B 1 0.97 -11.63 -23.12
C GLY B 1 -0.37 -12.31 -23.03
N LEU B 2 -1.16 -11.90 -22.04
CA LEU B 2 -2.34 -12.64 -21.55
C LEU B 2 -3.41 -13.06 -22.57
N PHE B 3 -3.89 -12.11 -23.36
CA PHE B 3 -4.99 -12.38 -24.29
C PHE B 3 -4.50 -12.92 -25.63
N GLY B 4 -3.18 -12.99 -25.77
CA GLY B 4 -2.54 -13.65 -26.88
C GLY B 4 -2.75 -13.04 -28.25
N ALA B 5 -2.93 -11.72 -28.32
CA ALA B 5 -3.16 -11.05 -29.61
C ALA B 5 -1.96 -10.19 -30.02
N ILE B 6 -1.67 -9.16 -29.23
CA ILE B 6 -0.45 -8.41 -29.39
C ILE B 6 0.72 -9.30 -29.10
N ALA B 7 1.63 -9.37 -30.09
CA ALA B 7 2.79 -10.26 -30.07
C ALA B 7 2.27 -11.68 -29.90
N GLY B 8 1.02 -11.82 -30.34
CA GLY B 8 0.18 -13.01 -30.28
C GLY B 8 0.06 -13.61 -31.64
N PHE B 9 -1.12 -14.19 -31.90
CA PHE B 9 -1.48 -14.58 -33.25
C PHE B 9 -1.30 -13.43 -34.22
N ILE B 10 -1.56 -12.20 -33.78
CA ILE B 10 -1.24 -11.06 -34.63
C ILE B 10 0.20 -10.67 -34.31
N GLU B 11 1.08 -10.93 -35.28
CA GLU B 11 2.50 -11.11 -34.99
C GLU B 11 3.27 -9.83 -34.72
N GLY B 12 2.79 -8.70 -35.28
CA GLY B 12 3.51 -7.45 -35.14
C GLY B 12 2.60 -6.24 -35.20
N GLY B 13 3.19 -5.05 -35.11
CA GLY B 13 2.41 -3.83 -35.13
C GLY B 13 2.33 -3.23 -36.51
N TRP B 14 1.58 -2.16 -36.66
CA TRP B 14 1.51 -1.47 -37.92
C TRP B 14 2.07 -0.09 -37.67
N GLN B 15 3.26 0.17 -38.20
CA GLN B 15 3.80 1.51 -38.28
C GLN B 15 2.88 2.31 -39.17
N GLY B 16 2.23 1.61 -40.08
CA GLY B 16 1.29 2.23 -40.99
C GLY B 16 -0.01 2.70 -40.37
N MET B 17 -0.36 2.26 -39.18
CA MET B 17 -1.59 2.83 -38.69
C MET B 17 -1.26 3.94 -37.74
N VAL B 18 -1.43 5.18 -38.21
CA VAL B 18 -1.07 6.32 -37.37
C VAL B 18 -2.18 6.97 -36.59
N ASP B 19 -3.43 6.62 -36.89
CA ASP B 19 -4.57 7.32 -36.27
C ASP B 19 -5.11 6.71 -35.00
N GLY B 20 -4.63 5.52 -34.65
CA GLY B 20 -5.22 4.85 -33.51
C GLY B 20 -4.28 3.84 -32.91
N TRP B 21 -4.70 3.27 -31.79
CA TRP B 21 -4.00 2.17 -31.15
C TRP B 21 -4.38 0.86 -31.82
N TYR B 22 -5.63 0.78 -32.28
CA TYR B 22 -6.16 -0.46 -32.85
C TYR B 22 -6.91 -0.13 -34.11
N GLY B 23 -6.90 -1.02 -35.10
CA GLY B 23 -7.65 -0.77 -36.31
C GLY B 23 -7.66 -1.88 -37.31
N TYR B 24 -8.03 -1.53 -38.54
CA TYR B 24 -8.19 -2.47 -39.64
C TYR B 24 -7.18 -2.19 -40.75
N HIS B 25 -6.87 -3.22 -41.51
CA HIS B 25 -6.29 -3.00 -42.82
C HIS B 25 -7.09 -3.83 -43.80
N HIS B 26 -7.34 -3.27 -44.98
CA HIS B 26 -8.07 -4.06 -45.97
C HIS B 26 -7.44 -3.87 -47.32
N SER B 27 -7.65 -4.83 -48.22
CA SER B 27 -7.41 -4.59 -49.63
C SER B 27 -8.55 -5.17 -50.43
N ASN B 28 -8.98 -4.43 -51.44
CA ASN B 28 -9.89 -4.96 -52.44
C ASN B 28 -9.60 -4.24 -53.74
N ASP B 29 -10.39 -4.52 -54.76
CA ASP B 29 -10.15 -3.93 -56.06
C ASP B 29 -10.34 -2.41 -56.05
N GLN B 30 -11.21 -1.93 -55.17
CA GLN B 30 -11.35 -0.50 -54.98
C GLN B 30 -10.09 0.14 -54.40
N GLY B 31 -9.28 -0.63 -53.67
CA GLY B 31 -8.10 -0.07 -53.05
C GLY B 31 -7.74 -0.79 -51.79
N SER B 32 -6.72 -0.29 -51.10
CA SER B 32 -6.20 -0.92 -49.90
C SER B 32 -5.85 0.17 -48.87
N GLY B 33 -5.89 -0.14 -47.57
CA GLY B 33 -5.43 0.83 -46.57
C GLY B 33 -5.50 0.50 -45.09
N TYR B 34 -4.96 1.41 -44.28
CA TYR B 34 -5.09 1.33 -42.83
C TYR B 34 -6.19 2.23 -42.36
N ALA B 35 -6.95 1.77 -41.38
CA ALA B 35 -8.00 2.57 -40.78
C ALA B 35 -8.00 2.37 -39.28
N ALA B 36 -7.92 3.44 -38.48
CA ALA B 36 -8.00 3.26 -37.02
C ALA B 36 -9.44 3.04 -36.62
N ASP B 37 -9.64 2.31 -35.51
CA ASP B 37 -10.98 2.22 -35.00
C ASP B 37 -10.99 3.22 -33.85
N LYS B 38 -11.62 4.36 -34.11
CA LYS B 38 -11.35 5.52 -33.29
C LYS B 38 -12.07 5.35 -31.98
N GLU B 39 -13.22 4.70 -32.03
CA GLU B 39 -13.99 4.48 -30.81
C GLU B 39 -13.11 3.75 -29.81
N SER B 40 -12.73 2.51 -30.09
CA SER B 40 -11.96 1.69 -29.16
C SER B 40 -10.71 2.39 -28.69
N THR B 41 -10.05 3.07 -29.61
CA THR B 41 -8.87 3.81 -29.25
C THR B 41 -9.21 4.83 -28.17
N GLN B 42 -10.13 5.73 -28.47
CA GLN B 42 -10.45 6.79 -27.53
C GLN B 42 -10.91 6.23 -26.21
N LYS B 43 -11.80 5.25 -26.22
CA LYS B 43 -12.23 4.61 -25.00
C LYS B 43 -11.05 4.08 -24.18
N ALA B 44 -10.15 3.32 -24.80
CA ALA B 44 -8.97 2.87 -24.06
C ALA B 44 -8.23 4.05 -23.47
N PHE B 45 -8.16 5.15 -24.22
CA PHE B 45 -7.44 6.30 -23.74
C PHE B 45 -8.09 6.84 -22.50
N ASP B 46 -9.40 7.04 -22.54
CA ASP B 46 -10.16 7.44 -21.38
C ASP B 46 -9.87 6.53 -20.20
N GLY B 47 -9.99 5.22 -20.38
CA GLY B 47 -9.59 4.32 -19.31
C GLY B 47 -8.21 4.62 -18.74
N ILE B 48 -7.20 4.80 -19.59
CA ILE B 48 -5.83 4.97 -19.11
C ILE B 48 -5.72 6.27 -18.36
N THR B 49 -6.52 7.24 -18.80
CA THR B 49 -6.49 8.56 -18.19
C THR B 49 -7.05 8.45 -16.81
N ASN B 50 -8.20 7.78 -16.69
CA ASN B 50 -8.76 7.44 -15.39
C ASN B 50 -7.75 6.76 -14.48
N LYS B 51 -7.08 5.72 -15.00
CA LYS B 51 -6.06 5.02 -14.24
C LYS B 51 -5.01 5.98 -13.67
N VAL B 52 -4.28 6.66 -14.54
CA VAL B 52 -3.20 7.50 -14.07
C VAL B 52 -3.74 8.59 -13.12
N ASN B 53 -4.94 9.09 -13.43
CA ASN B 53 -5.57 10.09 -12.54
C ASN B 53 -5.70 9.51 -11.14
N SER B 54 -6.42 8.41 -11.02
CA SER B 54 -6.62 7.78 -9.73
C SER B 54 -5.27 7.52 -9.00
N VAL B 55 -4.22 7.20 -9.75
CA VAL B 55 -2.88 7.09 -9.13
C VAL B 55 -2.39 8.42 -8.52
N ILE B 56 -2.49 9.51 -9.27
CA ILE B 56 -2.24 10.84 -8.73
C ILE B 56 -3.10 11.27 -7.52
N GLU B 57 -4.43 11.15 -7.63
CA GLU B 57 -5.37 11.56 -6.58
C GLU B 57 -5.12 10.80 -5.29
N LYS B 58 -4.88 9.48 -5.38
CA LYS B 58 -4.68 8.71 -4.14
C LYS B 58 -3.35 9.04 -3.45
N MET B 59 -2.40 9.52 -4.24
CA MET B 59 -1.05 9.82 -3.75
C MET B 59 -0.86 11.26 -3.31
N ASN B 60 -1.88 12.09 -3.57
CA ASN B 60 -1.77 13.56 -3.58
C ASN B 60 -1.54 14.22 -2.21
N THR B 61 -1.76 13.46 -1.15
CA THR B 61 -1.59 13.94 0.22
C THR B 61 -0.17 14.38 0.57
N VAL B 66 8.90 20.21 6.54
CA VAL B 66 9.67 20.71 7.67
C VAL B 66 10.56 19.66 8.34
N GLY B 67 11.68 20.14 8.90
CA GLY B 67 12.50 19.36 9.83
C GLY B 67 12.38 19.86 11.27
N LYS B 68 13.06 19.17 12.18
CA LYS B 68 13.19 19.64 13.55
C LYS B 68 14.60 19.39 14.01
N GLU B 69 14.99 20.08 15.08
CA GLU B 69 16.35 19.99 15.62
C GLU B 69 16.28 19.39 17.03
N PHE B 70 17.37 18.81 17.52
CA PHE B 70 17.35 18.22 18.83
C PHE B 70 18.68 18.41 19.53
N SER B 71 18.67 18.38 20.85
CA SER B 71 19.91 18.54 21.62
C SER B 71 20.66 17.23 21.65
N ASN B 72 21.76 17.21 22.40
CA ASN B 72 22.56 16.01 22.55
C ASN B 72 22.06 15.15 23.69
N LEU B 73 21.13 15.71 24.47
CA LEU B 73 20.44 14.97 25.50
C LEU B 73 19.20 14.39 24.89
N GLU B 74 18.97 14.68 23.62
CA GLU B 74 17.74 14.28 22.97
C GLU B 74 18.00 13.23 21.92
N ARG B 75 18.98 12.36 22.18
CA ARG B 75 19.30 11.30 21.19
C ARG B 75 18.18 10.30 20.82
N ARG B 76 17.49 9.73 21.81
CA ARG B 76 16.37 8.85 21.51
C ARG B 76 15.23 9.56 20.78
N LEU B 77 14.91 10.79 21.17
CA LEU B 77 13.83 11.52 20.52
C LEU B 77 14.20 11.79 19.08
N GLU B 78 15.40 12.32 18.89
CA GLU B 78 15.87 12.61 17.54
C GLU B 78 15.74 11.37 16.68
N ASN B 79 16.30 10.27 17.17
CA ASN B 79 16.25 9.04 16.38
C ASN B 79 14.81 8.57 16.12
N LEU B 80 13.96 8.71 17.12
CA LEU B 80 12.57 8.38 16.94
C LEU B 80 11.97 9.16 15.75
N ASN B 81 12.24 10.46 15.73
CA ASN B 81 11.85 11.32 14.59
C ASN B 81 12.37 10.77 13.26
N LYS B 82 13.67 10.47 13.21
CA LYS B 82 14.29 10.01 11.98
C LYS B 82 13.63 8.72 11.50
N LYS B 83 13.52 7.76 12.40
CA LYS B 83 12.95 6.48 12.05
C LYS B 83 11.54 6.69 11.53
N MET B 84 10.81 7.62 12.13
CA MET B 84 9.46 7.87 11.62
C MET B 84 9.45 8.38 10.17
N GLU B 85 10.16 9.49 9.94
CA GLU B 85 10.16 10.08 8.60
C GLU B 85 10.65 9.06 7.57
N ASP B 86 11.71 8.36 7.93
CA ASP B 86 12.30 7.37 7.05
C ASP B 86 11.35 6.24 6.80
N GLY B 87 10.53 5.95 7.81
CA GLY B 87 9.59 4.84 7.75
C GLY B 87 8.57 5.18 6.69
N PHE B 88 7.99 6.37 6.84
CA PHE B 88 6.95 6.79 5.93
C PHE B 88 7.48 6.92 4.53
N LEU B 89 8.71 7.39 4.44
CA LEU B 89 9.38 7.49 3.16
C LEU B 89 9.42 6.10 2.51
N ASP B 90 10.00 5.13 3.21
CA ASP B 90 10.09 3.77 2.70
C ASP B 90 8.72 3.23 2.26
N VAL B 91 7.69 3.54 3.06
CA VAL B 91 6.37 3.01 2.74
C VAL B 91 5.88 3.63 1.45
N TRP B 92 5.96 4.95 1.34
CA TRP B 92 5.44 5.58 0.13
C TRP B 92 6.25 5.23 -1.13
N THR B 93 7.56 5.14 -1.01
CA THR B 93 8.35 4.78 -2.15
C THR B 93 7.93 3.39 -2.60
N TYR B 94 7.80 2.48 -1.64
CA TYR B 94 7.32 1.13 -1.96
C TYR B 94 5.98 1.21 -2.71
N ASN B 95 5.04 1.97 -2.17
CA ASN B 95 3.69 2.00 -2.75
C ASN B 95 3.73 2.47 -4.18
N ALA B 96 4.57 3.49 -4.41
CA ALA B 96 4.66 4.07 -5.73
C ALA B 96 5.28 3.06 -6.70
N GLU B 97 6.46 2.58 -6.37
CA GLU B 97 7.17 1.71 -7.29
C GLU B 97 6.30 0.50 -7.66
N LEU B 98 5.70 -0.07 -6.62
CA LEU B 98 4.81 -1.22 -6.79
C LEU B 98 3.62 -0.87 -7.68
N LEU B 99 2.89 0.17 -7.29
CA LEU B 99 1.70 0.59 -8.04
C LEU B 99 2.02 0.76 -9.52
N VAL B 100 3.18 1.36 -9.78
CA VAL B 100 3.60 1.58 -11.13
C VAL B 100 3.85 0.26 -11.86
N LEU B 101 4.66 -0.61 -11.30
CA LEU B 101 4.82 -1.92 -11.95
C LEU B 101 3.50 -2.65 -12.27
N MET B 102 2.68 -2.84 -11.23
CA MET B 102 1.46 -3.60 -11.39
C MET B 102 0.53 -2.98 -12.41
N GLU B 103 0.32 -1.67 -12.28
CA GLU B 103 -0.57 -1.03 -13.24
C GLU B 103 0.00 -1.14 -14.63
N ASN B 104 1.32 -1.04 -14.78
CA ASN B 104 1.90 -1.24 -16.10
C ASN B 104 1.52 -2.57 -16.71
N GLU B 105 1.67 -3.62 -15.91
CA GLU B 105 1.29 -4.96 -16.35
C GLU B 105 -0.15 -4.98 -16.82
N ARG B 106 -1.03 -4.53 -15.92
CA ARG B 106 -2.44 -4.43 -16.23
C ARG B 106 -2.68 -3.69 -17.56
N THR B 107 -1.94 -2.61 -17.78
CA THR B 107 -2.14 -1.74 -18.93
C THR B 107 -1.83 -2.49 -20.22
N LEU B 108 -0.66 -3.11 -20.25
CA LEU B 108 -0.30 -3.88 -21.44
C LEU B 108 -1.38 -4.94 -21.72
N ASP B 109 -1.74 -5.69 -20.68
CA ASP B 109 -2.77 -6.72 -20.89
C ASP B 109 -4.10 -6.13 -21.36
N PHE B 110 -4.40 -4.92 -20.90
CA PHE B 110 -5.64 -4.25 -21.27
C PHE B 110 -5.60 -4.01 -22.77
N HIS B 111 -4.52 -3.39 -23.25
CA HIS B 111 -4.37 -3.26 -24.70
C HIS B 111 -4.54 -4.59 -25.48
N ASP B 112 -3.89 -5.66 -25.00
CA ASP B 112 -3.95 -6.98 -25.65
C ASP B 112 -5.41 -7.36 -25.79
N SER B 113 -6.07 -7.39 -24.63
CA SER B 113 -7.48 -7.70 -24.57
C SER B 113 -8.31 -6.88 -25.54
N ASN B 114 -8.01 -5.59 -25.65
CA ASN B 114 -8.77 -4.72 -26.55
C ASN B 114 -8.68 -5.22 -27.99
N VAL B 115 -7.44 -5.49 -28.40
CA VAL B 115 -7.20 -6.06 -29.71
C VAL B 115 -8.02 -7.35 -29.88
N LYS B 116 -7.81 -8.29 -28.97
CA LYS B 116 -8.54 -9.56 -29.02
C LYS B 116 -10.03 -9.35 -29.19
N ASN B 117 -10.61 -8.44 -28.42
CA ASN B 117 -12.04 -8.22 -28.48
C ASN B 117 -12.50 -7.65 -29.81
N LEU B 118 -11.67 -6.78 -30.38
CA LEU B 118 -11.95 -6.20 -31.68
C LEU B 118 -11.98 -7.29 -32.77
N TYR B 119 -10.89 -8.05 -32.82
CA TYR B 119 -10.75 -9.18 -33.71
C TYR B 119 -11.93 -10.11 -33.57
N ASP B 120 -12.26 -10.41 -32.34
CA ASP B 120 -13.34 -11.31 -32.07
C ASP B 120 -14.59 -10.73 -32.69
N LYS B 121 -14.86 -9.47 -32.41
CA LYS B 121 -16.05 -8.81 -32.95
C LYS B 121 -16.19 -9.01 -34.45
N VAL B 122 -15.09 -8.78 -35.17
CA VAL B 122 -15.06 -8.94 -36.61
C VAL B 122 -15.31 -10.39 -37.03
N ARG B 123 -14.65 -11.30 -36.35
CA ARG B 123 -14.79 -12.70 -36.65
C ARG B 123 -16.22 -13.21 -36.48
N MET B 124 -16.79 -12.90 -35.32
CA MET B 124 -18.09 -13.39 -34.94
C MET B 124 -19.11 -12.74 -35.84
N GLN B 125 -18.78 -11.54 -36.32
CA GLN B 125 -19.64 -10.92 -37.31
C GLN B 125 -19.60 -11.65 -38.67
N LEU B 126 -18.40 -11.87 -39.21
CA LEU B 126 -18.21 -12.42 -40.56
C LEU B 126 -18.57 -13.91 -40.70
N ARG B 127 -18.45 -14.64 -39.61
CA ARG B 127 -18.84 -16.05 -39.62
CA ARG B 127 -18.82 -16.05 -39.61
C ARG B 127 -18.06 -16.84 -40.67
N ASP B 128 -18.76 -17.70 -41.40
CA ASP B 128 -18.11 -18.56 -42.39
C ASP B 128 -18.14 -17.94 -43.77
N ASN B 129 -18.61 -16.70 -43.87
CA ASN B 129 -18.50 -16.00 -45.14
C ASN B 129 -17.06 -15.68 -45.52
N VAL B 130 -16.14 -15.92 -44.59
CA VAL B 130 -14.71 -15.74 -44.83
C VAL B 130 -13.89 -16.95 -44.38
N LYS B 131 -12.70 -17.07 -44.94
CA LYS B 131 -11.62 -17.88 -44.38
C LYS B 131 -10.91 -17.08 -43.26
N GLU B 132 -10.57 -17.74 -42.15
CA GLU B 132 -9.86 -17.08 -41.06
C GLU B 132 -8.42 -17.55 -41.14
N LEU B 133 -7.52 -16.68 -41.56
CA LEU B 133 -6.13 -17.09 -41.81
C LEU B 133 -5.33 -17.32 -40.52
N GLY B 134 -5.68 -16.63 -39.43
CA GLY B 134 -5.02 -16.83 -38.16
C GLY B 134 -3.83 -15.92 -37.95
N ASN B 135 -3.60 -15.02 -38.90
CA ASN B 135 -2.59 -13.98 -38.70
C ASN B 135 -3.22 -12.70 -38.19
N GLY B 136 -4.54 -12.73 -38.05
CA GLY B 136 -5.33 -11.54 -37.80
C GLY B 136 -6.12 -11.14 -39.04
N CYS B 137 -5.89 -11.86 -40.13
CA CYS B 137 -6.59 -11.55 -41.37
C CYS B 137 -7.70 -12.54 -41.67
N PHE B 138 -8.73 -12.04 -42.33
CA PHE B 138 -9.77 -12.87 -42.89
C PHE B 138 -9.78 -12.59 -44.36
N GLU B 139 -9.81 -13.66 -45.16
CA GLU B 139 -9.97 -13.57 -46.62
C GLU B 139 -11.42 -13.84 -46.96
N PHE B 140 -12.08 -12.95 -47.70
CA PHE B 140 -13.52 -13.13 -48.00
C PHE B 140 -13.82 -14.15 -49.11
N TYR B 141 -14.89 -14.93 -48.92
CA TYR B 141 -15.40 -15.88 -49.93
C TYR B 141 -16.36 -15.21 -50.90
N HIS B 142 -16.63 -13.93 -50.69
CA HIS B 142 -17.48 -13.15 -51.58
C HIS B 142 -16.78 -11.83 -51.88
N LYS B 143 -17.29 -11.07 -52.83
CA LYS B 143 -16.68 -9.80 -53.16
C LYS B 143 -17.07 -8.76 -52.13
N CYS B 144 -16.07 -8.12 -51.51
CA CYS B 144 -16.36 -7.10 -50.51
C CYS B 144 -15.91 -5.72 -50.94
N ASP B 145 -16.83 -4.85 -51.30
CA ASP B 145 -16.44 -3.49 -51.69
C ASP B 145 -16.35 -2.54 -50.50
N ASP B 146 -15.99 -1.29 -50.78
CA ASP B 146 -15.79 -0.32 -49.71
C ASP B 146 -17.02 -0.20 -48.78
N GLU B 147 -18.23 -0.27 -49.33
CA GLU B 147 -19.41 -0.21 -48.46
C GLU B 147 -19.48 -1.40 -47.50
N CYS B 148 -19.11 -2.56 -48.02
CA CYS B 148 -19.17 -3.80 -47.25
C CYS B 148 -18.07 -3.78 -46.21
N MET B 149 -16.94 -3.17 -46.57
CA MET B 149 -15.81 -3.13 -45.68
C MET B 149 -16.15 -2.20 -44.53
N ASN B 150 -16.79 -1.09 -44.87
CA ASN B 150 -17.18 -0.16 -43.83
C ASN B 150 -18.26 -0.76 -42.94
N SER B 151 -19.11 -1.59 -43.54
CA SER B 151 -20.16 -2.25 -42.78
C SER B 151 -19.57 -3.23 -41.79
N VAL B 152 -18.50 -3.88 -42.19
CA VAL B 152 -17.79 -4.72 -41.25
C VAL B 152 -17.24 -3.85 -40.14
N LYS B 153 -16.51 -2.80 -40.52
CA LYS B 153 -15.90 -1.88 -39.56
C LYS B 153 -16.89 -1.21 -38.59
N ASN B 154 -18.02 -0.74 -39.10
CA ASN B 154 -19.00 -0.01 -38.30
C ASN B 154 -20.01 -0.95 -37.65
N GLY B 155 -19.75 -2.24 -37.79
CA GLY B 155 -20.41 -3.26 -37.00
C GLY B 155 -21.70 -3.79 -37.60
N THR B 156 -22.02 -3.36 -38.80
CA THR B 156 -23.32 -3.67 -39.43
C THR B 156 -23.38 -4.82 -40.41
N TYR B 157 -22.28 -5.54 -40.58
CA TYR B 157 -22.12 -6.41 -41.74
C TYR B 157 -23.29 -7.35 -41.91
N ASP B 158 -23.67 -7.60 -43.16
CA ASP B 158 -24.86 -8.39 -43.48
C ASP B 158 -24.43 -9.78 -43.89
N TYR B 159 -24.63 -10.76 -43.01
CA TYR B 159 -24.33 -12.16 -43.33
C TYR B 159 -25.26 -12.80 -44.36
N PRO B 160 -26.59 -12.72 -44.14
CA PRO B 160 -27.47 -13.42 -45.09
C PRO B 160 -27.32 -12.89 -46.49
N LYS B 161 -26.94 -11.62 -46.62
CA LYS B 161 -26.78 -10.99 -47.92
C LYS B 161 -25.70 -11.65 -48.79
N TYR B 162 -24.55 -11.92 -48.18
CA TYR B 162 -23.43 -12.52 -48.90
C TYR B 162 -23.38 -14.03 -48.71
N GLU B 163 -24.35 -14.56 -47.97
CA GLU B 163 -24.34 -15.94 -47.51
C GLU B 163 -24.14 -17.05 -48.55
N GLU B 164 -25.10 -17.22 -49.44
CA GLU B 164 -25.01 -18.34 -50.37
C GLU B 164 -23.95 -18.08 -51.44
N GLU B 165 -23.80 -16.81 -51.82
CA GLU B 165 -22.67 -16.44 -52.68
C GLU B 165 -21.34 -16.94 -52.09
N SER B 166 -21.10 -16.64 -50.83
CA SER B 166 -19.91 -17.12 -50.16
C SER B 166 -19.91 -18.63 -50.16
N LYS B 167 -21.08 -19.22 -49.92
CA LYS B 167 -21.20 -20.67 -49.81
C LYS B 167 -20.61 -21.34 -51.05
N LEU B 168 -21.20 -21.06 -52.19
CA LEU B 168 -20.80 -21.71 -53.44
C LEU B 168 -19.28 -21.65 -53.64
N ASN B 169 -18.72 -20.45 -53.52
CA ASN B 169 -17.27 -20.25 -53.65
C ASN B 169 -16.41 -21.03 -52.64
N ARG B 170 -16.90 -21.11 -51.40
CA ARG B 170 -16.25 -21.88 -50.35
C ARG B 170 -16.24 -23.35 -50.74
N ASN B 171 -17.28 -23.77 -51.47
CA ASN B 171 -17.40 -25.17 -51.85
C ASN B 171 -16.60 -25.61 -53.09
N GLU B 172 -16.98 -25.04 -54.24
CA GLU B 172 -16.30 -25.29 -55.51
C GLU B 172 -14.77 -25.22 -55.36
N PRO C 1 -11.98 -43.26 -35.23
CA PRO C 1 -10.93 -44.28 -35.28
C PRO C 1 -9.57 -43.65 -35.59
N GLY C 2 -9.58 -42.32 -35.73
CA GLY C 2 -8.44 -41.59 -36.25
C GLY C 2 -7.49 -40.96 -35.25
N ASP C 3 -6.39 -40.43 -35.79
CA ASP C 3 -5.30 -39.91 -34.97
C ASP C 3 -5.72 -38.64 -34.24
N GLN C 4 -5.14 -38.42 -33.06
CA GLN C 4 -5.53 -37.30 -32.21
C GLN C 4 -4.34 -36.53 -31.64
N ILE C 5 -4.51 -35.21 -31.51
CA ILE C 5 -3.64 -34.39 -30.66
C ILE C 5 -4.45 -33.62 -29.62
N CYS C 6 -3.92 -33.56 -28.39
CA CYS C 6 -4.54 -32.81 -27.30
C CYS C 6 -3.56 -31.87 -26.64
N ILE C 7 -4.11 -30.85 -25.99
CA ILE C 7 -3.31 -29.94 -25.19
C ILE C 7 -3.60 -30.17 -23.72
N GLY C 8 -2.57 -30.02 -22.90
CA GLY C 8 -2.76 -30.16 -21.48
C GLY C 8 -1.65 -29.59 -20.61
N TYR C 9 -1.86 -29.75 -19.31
CA TYR C 9 -0.97 -29.19 -18.33
C TYR C 9 -0.56 -30.23 -17.32
N HIS C 10 0.55 -29.91 -16.66
CA HIS C 10 1.18 -30.69 -15.63
C HIS C 10 0.23 -31.02 -14.47
N ALA C 11 0.27 -32.26 -14.01
CA ALA C 11 -0.33 -32.59 -12.73
C ALA C 11 0.74 -33.35 -11.98
N ASN C 12 0.79 -33.20 -10.67
CA ASN C 12 1.67 -34.04 -9.88
C ASN C 12 1.10 -34.38 -8.51
N ASN C 13 1.94 -34.94 -7.66
CA ASN C 13 1.49 -35.41 -6.37
C ASN C 13 1.59 -34.34 -5.29
N SER C 14 1.93 -33.12 -5.67
CA SER C 14 2.11 -32.08 -4.67
C SER C 14 0.90 -31.82 -3.77
N THR C 15 1.13 -31.73 -2.47
CA THR C 15 0.08 -31.28 -1.57
C THR C 15 0.21 -29.80 -1.20
N GLU C 16 1.25 -29.13 -1.72
CA GLU C 16 1.53 -27.71 -1.36
C GLU C 16 0.32 -26.78 -1.56
N LYS C 17 0.03 -25.92 -0.57
CA LYS C 17 -1.16 -25.06 -0.68
C LYS C 17 -0.89 -23.56 -0.62
N VAL C 18 -1.72 -22.80 -1.34
CA VAL C 18 -1.63 -21.32 -1.28
C VAL C 18 -3.01 -20.70 -1.12
N ASP C 19 -3.04 -19.50 -0.55
CA ASP C 19 -4.27 -18.71 -0.54
C ASP C 19 -4.23 -17.65 -1.65
N THR C 20 -5.36 -17.38 -2.27
CA THR C 20 -5.44 -16.23 -3.16
C THR C 20 -6.47 -15.26 -2.59
N ILE C 21 -6.76 -14.18 -3.27
CA ILE C 21 -7.87 -13.36 -2.82
C ILE C 21 -9.16 -14.12 -3.03
N LEU C 22 -9.29 -14.69 -4.21
CA LEU C 22 -10.53 -15.36 -4.55
C LEU C 22 -10.73 -16.70 -3.85
N GLU C 23 -9.65 -17.31 -3.41
CA GLU C 23 -9.68 -18.71 -3.06
C GLU C 23 -8.75 -19.01 -1.90
N ARG C 24 -9.15 -19.95 -1.04
CA ARG C 24 -8.30 -20.39 0.08
C ARG C 24 -7.90 -21.87 -0.07
N ASN C 25 -6.70 -22.22 0.41
CA ASN C 25 -6.26 -23.61 0.40
C ASN C 25 -6.24 -24.21 -1.00
N VAL C 26 -5.67 -23.50 -1.96
CA VAL C 26 -5.60 -24.03 -3.32
C VAL C 26 -4.32 -24.82 -3.36
N THR C 27 -4.36 -25.99 -3.99
CA THR C 27 -3.15 -26.79 -4.15
C THR C 27 -2.46 -26.47 -5.47
N VAL C 28 -1.19 -26.19 -5.41
CA VAL C 28 -0.45 -25.90 -6.62
C VAL C 28 0.65 -26.95 -6.82
N THR C 29 1.05 -27.18 -8.06
CA THR C 29 2.10 -28.15 -8.36
C THR C 29 3.48 -27.71 -7.86
N HIS C 30 3.72 -26.40 -7.83
CA HIS C 30 4.98 -25.85 -7.34
C HIS C 30 4.76 -24.54 -6.59
N ALA C 31 5.43 -24.39 -5.46
CA ALA C 31 5.33 -23.16 -4.68
C ALA C 31 6.68 -22.76 -4.08
N LYS C 32 6.73 -21.61 -3.41
CA LYS C 32 7.90 -21.20 -2.64
C LYS C 32 7.52 -20.50 -1.36
N ASP C 33 8.05 -20.99 -0.25
CA ASP C 33 7.72 -20.42 1.05
C ASP C 33 8.74 -19.29 1.32
N ILE C 34 8.26 -18.06 1.35
CA ILE C 34 9.19 -16.94 1.48
C ILE C 34 9.36 -16.42 2.91
N LEU C 35 8.71 -17.09 3.85
CA LEU C 35 8.69 -16.67 5.25
C LEU C 35 9.50 -17.64 6.10
N GLU C 36 10.54 -17.12 6.75
CA GLU C 36 11.47 -17.94 7.51
C GLU C 36 11.02 -18.05 8.95
N LYS C 37 10.60 -19.25 9.35
CA LYS C 37 10.08 -19.44 10.70
C LYS C 37 10.99 -20.03 11.78
N THR C 38 12.23 -20.39 11.45
CA THR C 38 13.03 -21.17 12.38
C THR C 38 14.29 -20.49 12.86
N HIS C 39 14.71 -20.86 14.06
CA HIS C 39 15.95 -20.33 14.61
C HIS C 39 16.61 -21.43 15.41
N ASN C 40 17.90 -21.29 15.68
CA ASN C 40 18.59 -22.30 16.47
C ASN C 40 18.28 -22.26 17.97
N GLY C 41 17.72 -21.16 18.43
CA GLY C 41 17.46 -20.99 19.86
C GLY C 41 18.69 -20.68 20.70
N LYS C 42 19.85 -20.66 20.03
CA LYS C 42 21.10 -20.28 20.67
C LYS C 42 21.39 -18.79 20.50
N LEU C 43 21.89 -18.14 21.55
CA LEU C 43 22.49 -16.83 21.38
C LEU C 43 23.90 -17.04 20.85
N CYS C 44 24.27 -16.32 19.79
CA CYS C 44 25.50 -16.64 19.10
C CYS C 44 26.46 -15.47 19.02
N LYS C 45 27.59 -15.68 18.34
CA LYS C 45 28.54 -14.61 18.07
C LYS C 45 28.02 -13.88 16.85
N LEU C 46 28.24 -12.57 16.78
CA LEU C 46 27.66 -11.80 15.69
C LEU C 46 28.71 -11.29 14.75
N ASN C 47 28.70 -11.83 13.54
CA ASN C 47 29.64 -11.45 12.49
C ASN C 47 31.08 -11.54 12.96
N GLY C 48 31.39 -12.62 13.66
CA GLY C 48 32.76 -12.85 14.08
C GLY C 48 33.18 -12.07 15.30
N ILE C 49 32.23 -11.46 16.01
CA ILE C 49 32.53 -10.92 17.33
C ILE C 49 31.50 -11.41 18.35
N PRO C 50 31.95 -11.77 19.58
CA PRO C 50 31.04 -12.18 20.65
C PRO C 50 30.39 -10.97 21.28
N PRO C 51 29.22 -11.15 21.88
CA PRO C 51 28.59 -10.02 22.58
C PRO C 51 29.33 -9.67 23.88
N LEU C 52 28.86 -8.63 24.56
CA LEU C 52 29.29 -8.34 25.93
C LEU C 52 28.25 -8.90 26.88
N GLU C 53 28.63 -9.91 27.65
CA GLU C 53 27.69 -10.60 28.54
C GLU C 53 27.80 -9.99 29.93
N LEU C 54 26.71 -9.41 30.39
CA LEU C 54 26.77 -8.61 31.62
C LEU C 54 26.63 -9.44 32.89
N GLY C 55 26.19 -10.68 32.75
CA GLY C 55 25.94 -11.51 33.91
C GLY C 55 24.77 -10.91 34.66
N ASP C 56 24.89 -10.81 35.98
CA ASP C 56 23.83 -10.20 36.79
C ASP C 56 24.05 -8.71 36.99
N CYS C 57 25.13 -8.18 36.41
CA CYS C 57 25.41 -6.74 36.41
C CYS C 57 24.51 -5.94 35.47
N SER C 58 24.46 -4.64 35.71
CA SER C 58 23.66 -3.73 34.88
C SER C 58 24.63 -2.73 34.23
N ILE C 59 24.19 -2.05 33.17
CA ILE C 59 25.03 -1.05 32.51
C ILE C 59 25.63 -0.08 33.53
N ALA C 60 24.78 0.45 34.40
CA ALA C 60 25.21 1.32 35.48
C ALA C 60 26.26 0.61 36.32
N GLY C 61 25.89 -0.58 36.81
CA GLY C 61 26.73 -1.35 37.69
C GLY C 61 28.09 -1.60 37.08
N TRP C 62 28.08 -2.05 35.83
CA TRP C 62 29.31 -2.29 35.10
C TRP C 62 30.19 -1.04 34.98
N LEU C 63 29.58 0.09 34.62
CA LEU C 63 30.36 1.31 34.36
C LEU C 63 30.98 1.94 35.62
N LEU C 64 30.20 1.96 36.70
CA LEU C 64 30.69 2.45 37.99
C LEU C 64 31.67 1.49 38.68
N GLY C 65 31.69 0.24 38.22
CA GLY C 65 32.54 -0.78 38.82
C GLY C 65 32.05 -1.35 40.13
N ASN C 66 30.76 -1.71 40.18
CA ASN C 66 30.21 -2.53 41.26
C ASN C 66 31.09 -3.78 41.44
N PRO C 67 31.45 -4.09 42.70
CA PRO C 67 32.39 -5.17 43.03
C PRO C 67 31.89 -6.55 42.58
N GLU C 68 30.59 -6.68 42.36
CA GLU C 68 30.02 -7.93 41.89
C GLU C 68 30.31 -8.08 40.39
N CYS C 69 30.65 -6.96 39.76
CA CYS C 69 30.85 -6.87 38.32
C CYS C 69 32.30 -7.06 37.88
N ASP C 70 33.19 -7.42 38.81
CA ASP C 70 34.63 -7.30 38.54
C ASP C 70 35.20 -8.02 37.29
N ARG C 71 34.50 -9.02 36.76
CA ARG C 71 34.97 -9.71 35.56
C ARG C 71 34.80 -8.79 34.33
N LEU C 72 33.94 -7.79 34.48
CA LEU C 72 33.64 -6.80 33.43
C LEU C 72 34.54 -5.57 33.52
N LEU C 73 35.38 -5.50 34.55
CA LEU C 73 36.23 -4.32 34.79
C LEU C 73 37.09 -3.94 33.60
N SER C 74 37.33 -4.91 32.74
CA SER C 74 38.14 -4.74 31.56
C SER C 74 37.64 -5.75 30.52
N VAL C 75 37.11 -5.24 29.41
CA VAL C 75 36.48 -6.10 28.42
C VAL C 75 36.96 -5.77 26.99
N PRO C 76 36.91 -6.76 26.09
CA PRO C 76 37.34 -6.60 24.68
C PRO C 76 36.22 -6.01 23.86
N GLU C 77 36.42 -5.98 22.56
CA GLU C 77 35.40 -5.54 21.61
C GLU C 77 34.16 -6.42 21.74
N TRP C 78 32.98 -5.82 21.53
CA TRP C 78 31.73 -6.57 21.41
C TRP C 78 30.95 -6.16 20.16
N SER C 79 30.15 -7.08 19.66
CA SER C 79 29.18 -6.82 18.60
C SER C 79 27.86 -6.24 19.11
N TYR C 80 27.39 -6.77 20.24
CA TYR C 80 26.17 -6.29 20.87
C TYR C 80 26.18 -6.64 22.38
N ILE C 81 25.34 -5.97 23.17
CA ILE C 81 25.34 -6.19 24.63
C ILE C 81 24.17 -7.06 25.09
N MET C 82 24.39 -7.88 26.12
CA MET C 82 23.33 -8.69 26.66
C MET C 82 23.10 -8.30 28.12
N GLU C 83 21.91 -7.80 28.43
CA GLU C 83 21.58 -7.36 29.79
C GLU C 83 20.30 -8.06 30.22
N LYS C 84 20.17 -8.39 31.50
CA LYS C 84 18.95 -9.05 31.94
C LYS C 84 17.81 -8.06 32.13
N GLU C 85 16.63 -8.57 32.48
CA GLU C 85 15.47 -7.72 32.64
C GLU C 85 15.57 -6.97 33.95
N ASN C 86 16.00 -7.66 35.00
CA ASN C 86 16.12 -7.04 36.31
C ASN C 86 17.41 -7.40 37.02
N PRO C 87 18.55 -6.94 36.47
CA PRO C 87 19.86 -7.41 36.91
C PRO C 87 20.05 -7.12 38.39
N ARG C 88 20.60 -8.09 39.11
CA ARG C 88 20.77 -7.96 40.55
C ARG C 88 21.85 -6.95 40.92
N ASP C 89 22.88 -6.82 40.10
CA ASP C 89 24.02 -6.02 40.51
C ASP C 89 24.18 -4.71 39.74
N GLY C 90 23.49 -3.68 40.22
CA GLY C 90 23.63 -2.34 39.66
C GLY C 90 24.18 -1.29 40.62
N LEU C 91 23.29 -0.75 41.45
CA LEU C 91 23.73 0.22 42.45
C LEU C 91 23.78 -0.41 43.84
N CYS C 92 24.99 -0.66 44.32
CA CYS C 92 25.20 -1.28 45.63
C CYS C 92 24.90 -0.26 46.73
N TYR C 93 25.41 0.97 46.56
CA TYR C 93 24.92 2.08 47.35
C TYR C 93 23.71 2.63 46.58
N PRO C 94 22.52 2.58 47.18
CA PRO C 94 21.26 2.99 46.54
C PRO C 94 21.26 4.44 46.10
N GLY C 95 20.39 4.74 45.14
CA GLY C 95 20.40 6.05 44.52
C GLY C 95 19.83 6.04 43.12
N SER C 96 20.27 7.02 42.33
CA SER C 96 19.72 7.23 41.00
C SER C 96 20.83 7.36 39.97
N PHE C 97 20.48 7.23 38.70
CA PHE C 97 21.42 7.54 37.62
C PHE C 97 20.73 8.52 36.64
N ASN C 98 21.22 9.76 36.58
CA ASN C 98 20.60 10.80 35.73
C ASN C 98 20.80 10.48 34.26
N ASP C 99 19.72 10.54 33.48
CA ASP C 99 19.81 10.33 32.02
C ASP C 99 20.37 8.96 31.64
N TYR C 100 19.91 7.93 32.35
CA TYR C 100 20.41 6.58 32.14
C TYR C 100 20.09 6.03 30.74
N GLU C 101 18.85 6.20 30.31
CA GLU C 101 18.36 5.58 29.08
C GLU C 101 19.05 6.18 27.86
N GLU C 102 19.30 7.48 27.95
CA GLU C 102 20.05 8.16 26.92
C GLU C 102 21.42 7.52 26.78
N LEU C 103 22.16 7.45 27.89
CA LEU C 103 23.45 6.74 27.94
C LEU C 103 23.38 5.32 27.36
N LYS C 104 22.25 4.66 27.54
CA LYS C 104 22.04 3.37 26.88
C LYS C 104 21.95 3.44 25.32
N HIS C 105 21.12 4.36 24.80
CA HIS C 105 21.05 4.57 23.34
C HIS C 105 22.40 5.01 22.79
N LEU C 106 23.20 5.64 23.64
CA LEU C 106 24.55 6.06 23.29
C LEU C 106 25.42 4.84 23.16
N LEU C 107 25.32 3.97 24.15
CA LEU C 107 25.99 2.69 24.09
C LEU C 107 25.71 1.92 22.81
N SER C 108 24.46 1.97 22.36
N SER C 108 24.46 1.97 22.36
CA SER C 108 24.08 1.19 21.19
CA SER C 108 24.05 1.22 21.17
C SER C 108 24.78 1.64 19.90
C SER C 108 24.78 1.64 19.90
N SER C 109 25.48 2.76 19.97
CA SER C 109 26.31 3.19 18.86
C SER C 109 27.72 2.69 19.12
N VAL C 110 27.94 2.18 20.33
CA VAL C 110 29.31 1.86 20.75
C VAL C 110 29.61 0.37 20.59
N LYS C 111 30.81 0.06 20.12
CA LYS C 111 31.22 -1.33 19.96
C LYS C 111 32.39 -1.69 20.88
N HIS C 112 33.17 -0.68 21.28
CA HIS C 112 34.24 -0.90 22.25
C HIS C 112 34.65 0.36 22.98
N PHE C 113 34.99 0.19 24.25
CA PHE C 113 35.61 1.26 25.04
C PHE C 113 37.07 0.96 25.32
N GLU C 114 37.86 2.03 25.42
CA GLU C 114 39.15 1.95 26.06
C GLU C 114 39.12 2.78 27.33
N LYS C 115 39.22 2.10 28.46
CA LYS C 115 39.24 2.77 29.75
C LYS C 115 40.49 3.64 29.88
N VAL C 116 40.33 4.79 30.52
CA VAL C 116 41.45 5.67 30.85
C VAL C 116 41.29 6.26 32.24
N LYS C 117 42.29 6.10 33.08
CA LYS C 117 42.31 6.79 34.36
C LYS C 117 42.55 8.28 34.14
N ILE C 118 41.72 9.09 34.78
CA ILE C 118 41.74 10.55 34.65
C ILE C 118 42.38 11.25 35.85
N LEU C 119 41.78 11.07 37.03
CA LEU C 119 42.21 11.69 38.27
C LEU C 119 42.44 10.58 39.30
N PRO C 120 43.71 10.09 39.38
CA PRO C 120 44.13 9.01 40.28
C PRO C 120 43.82 9.37 41.74
N LYS C 121 43.44 8.38 42.56
CA LYS C 121 42.95 8.64 43.92
C LYS C 121 44.05 8.94 44.93
N ASP C 122 45.28 9.03 44.42
CA ASP C 122 46.40 9.49 45.22
C ASP C 122 46.60 11.01 45.10
N ARG C 123 45.90 11.64 44.15
CA ARG C 123 46.10 13.06 43.89
C ARG C 123 45.41 13.95 44.91
N TRP C 124 44.54 13.38 45.75
CA TRP C 124 43.87 14.19 46.75
C TRP C 124 44.58 14.02 48.07
N THR C 125 45.33 15.06 48.43
CA THR C 125 46.08 15.09 49.68
C THR C 125 45.16 15.51 50.83
N GLN C 126 44.25 16.44 50.53
CA GLN C 126 43.42 17.09 51.54
C GLN C 126 42.15 16.30 51.91
N HIS C 127 41.91 15.18 51.23
CA HIS C 127 40.69 14.40 51.47
C HIS C 127 40.93 12.91 51.69
N THR C 128 39.97 12.24 52.35
CA THR C 128 40.08 10.80 52.56
C THR C 128 39.51 10.07 51.34
N THR C 129 40.35 9.26 50.68
CA THR C 129 40.00 8.54 49.47
C THR C 129 39.55 7.09 49.72
N THR C 130 39.64 6.66 50.98
CA THR C 130 39.53 5.24 51.27
C THR C 130 38.13 4.78 51.68
N GLY C 131 37.18 5.72 51.72
CA GLY C 131 35.86 5.43 52.25
C GLY C 131 35.15 4.30 51.53
N GLY C 132 34.17 3.72 52.21
CA GLY C 132 33.41 2.63 51.65
C GLY C 132 32.23 2.33 52.56
N SER C 133 31.31 1.53 52.05
CA SER C 133 30.11 1.19 52.80
C SER C 133 29.95 -0.31 53.00
N ARG C 134 29.14 -0.64 54.00
CA ARG C 134 28.77 -2.01 54.29
C ARG C 134 27.87 -2.57 53.18
N ALA C 135 27.06 -1.70 52.57
CA ALA C 135 26.15 -2.13 51.50
C ALA C 135 26.85 -2.57 50.20
N CYS C 136 28.11 -2.16 50.01
CA CYS C 136 28.93 -2.75 48.94
C CYS C 136 30.06 -3.51 49.62
N ALA C 137 30.03 -4.83 49.55
CA ALA C 137 30.97 -5.64 50.34
C ALA C 137 31.90 -6.51 49.51
N VAL C 138 33.20 -6.47 49.85
CA VAL C 138 34.16 -7.45 49.36
C VAL C 138 34.58 -8.36 50.52
N SER C 139 34.13 -9.61 50.45
CA SER C 139 34.59 -10.63 51.37
C SER C 139 34.33 -10.25 52.83
N GLY C 140 33.27 -9.46 53.03
CA GLY C 140 32.87 -9.04 54.36
C GLY C 140 33.40 -7.68 54.76
N ASN C 141 34.47 -7.24 54.10
CA ASN C 141 34.97 -5.90 54.34
C ASN C 141 34.12 -4.92 53.55
N PRO C 142 33.81 -3.77 54.17
CA PRO C 142 33.10 -2.74 53.39
C PRO C 142 33.93 -2.37 52.16
N SER C 143 33.30 -1.82 51.12
CA SER C 143 33.99 -1.50 49.88
C SER C 143 33.28 -0.40 49.12
N PHE C 144 33.68 -0.20 47.88
CA PHE C 144 33.02 0.78 47.00
C PHE C 144 32.99 0.36 45.54
N PHE C 145 32.54 1.30 44.71
CA PHE C 145 32.67 1.20 43.25
C PHE C 145 34.15 1.30 42.90
N ARG C 146 34.59 0.49 41.94
CA ARG C 146 36.01 0.44 41.61
C ARG C 146 36.37 1.66 40.81
N ASN C 147 35.38 2.28 40.18
CA ASN C 147 35.67 3.36 39.27
C ASN C 147 35.58 4.73 39.91
N MET C 148 35.25 4.76 41.20
CA MET C 148 34.89 6.00 41.90
C MET C 148 35.68 6.24 43.21
N VAL C 149 35.86 7.51 43.56
CA VAL C 149 36.51 7.91 44.81
C VAL C 149 35.52 8.63 45.73
N TRP C 150 35.39 8.16 46.98
CA TRP C 150 34.49 8.80 47.95
C TRP C 150 35.29 9.73 48.89
N LEU C 151 35.08 11.03 48.78
CA LEU C 151 35.92 12.00 49.49
C LEU C 151 35.26 12.51 50.79
N THR C 152 36.05 12.64 51.86
CA THR C 152 35.58 12.69 53.25
C THR C 152 36.56 13.56 54.09
N GLU C 153 36.35 13.67 55.40
CA GLU C 153 37.27 14.36 56.32
C GLU C 153 38.72 13.89 56.17
N LYS C 154 39.66 14.84 56.07
CA LYS C 154 41.09 14.54 56.29
C LYS C 154 41.66 15.45 57.38
N GLY C 155 42.06 14.86 58.50
CA GLY C 155 42.60 15.62 59.63
C GLY C 155 41.64 16.60 60.28
N SER C 156 40.36 16.21 60.39
CA SER C 156 39.29 17.09 60.86
C SER C 156 39.12 18.32 59.98
N ASN C 157 38.69 18.10 58.74
CA ASN C 157 38.46 19.16 57.78
C ASN C 157 37.98 18.66 56.42
N TYR C 158 37.33 19.54 55.66
CA TYR C 158 37.01 19.27 54.28
C TYR C 158 37.11 20.56 53.46
N PRO C 159 38.34 20.95 53.06
CA PRO C 159 38.59 22.08 52.16
C PRO C 159 37.99 21.79 50.80
N VAL C 160 38.18 22.68 49.83
CA VAL C 160 37.62 22.41 48.52
C VAL C 160 38.37 21.29 47.82
N ALA C 161 37.60 20.40 47.21
CA ALA C 161 38.11 19.40 46.30
C ALA C 161 38.03 20.01 44.91
N LYS C 162 39.17 20.12 44.26
CA LYS C 162 39.23 20.69 42.92
C LYS C 162 40.12 19.79 42.08
N GLY C 163 39.68 19.47 40.86
CA GLY C 163 40.54 18.78 39.91
C GLY C 163 40.02 18.94 38.50
N SER C 164 40.90 18.85 37.50
CA SER C 164 40.54 19.14 36.10
C SER C 164 41.26 18.24 35.10
N TYR C 165 40.60 17.90 34.00
CA TYR C 165 41.18 17.02 32.98
C TYR C 165 41.00 17.53 31.55
N ASN C 166 42.11 17.77 30.86
CA ASN C 166 42.05 18.15 29.46
C ASN C 166 42.04 16.86 28.65
N ASN C 167 41.15 16.75 27.68
CA ASN C 167 41.05 15.46 27.04
C ASN C 167 41.97 15.37 25.82
N THR C 168 43.02 14.56 25.97
CA THR C 168 44.04 14.34 24.95
C THR C 168 43.85 13.04 24.14
N SER C 169 42.84 12.24 24.50
CA SER C 169 42.73 10.85 24.05
C SER C 169 42.60 10.58 22.54
N GLY C 170 42.09 11.54 21.79
CA GLY C 170 41.90 11.37 20.35
C GLY C 170 40.47 11.04 20.00
N GLU C 171 39.66 10.84 21.03
CA GLU C 171 38.24 10.55 20.86
C GLU C 171 37.40 11.12 21.96
N GLN C 172 36.10 10.87 21.88
CA GLN C 172 35.18 11.30 22.90
C GLN C 172 35.29 10.37 24.09
N MET C 173 35.12 10.92 25.29
CA MET C 173 35.25 10.13 26.48
C MET C 173 34.03 10.28 27.37
N LEU C 174 33.29 9.20 27.56
CA LEU C 174 32.17 9.20 28.48
C LEU C 174 32.71 9.31 29.90
N ILE C 175 32.09 10.15 30.73
CA ILE C 175 32.59 10.42 32.08
C ILE C 175 31.45 10.47 33.13
N ILE C 176 31.67 9.81 34.27
CA ILE C 176 30.64 9.72 35.31
C ILE C 176 31.05 10.24 36.69
N TRP C 177 30.13 10.94 37.35
CA TRP C 177 30.38 11.53 38.65
C TRP C 177 29.16 11.35 39.55
N GLY C 178 29.32 11.62 40.85
CA GLY C 178 28.20 11.40 41.75
C GLY C 178 28.11 12.39 42.90
N VAL C 179 26.96 12.37 43.58
CA VAL C 179 26.73 13.27 44.70
C VAL C 179 25.97 12.55 45.81
N HIS C 180 26.45 12.66 47.04
CA HIS C 180 25.85 11.95 48.17
C HIS C 180 24.70 12.72 48.81
N HIS C 181 23.57 12.05 49.00
CA HIS C 181 22.45 12.62 49.77
C HIS C 181 22.26 11.85 51.08
N PRO C 182 22.62 12.46 52.23
CA PRO C 182 22.65 11.67 53.47
C PRO C 182 21.31 11.62 54.21
N ASN C 183 21.23 10.83 55.28
CA ASN C 183 19.95 10.65 55.98
C ASN C 183 19.72 11.65 57.11
N ASP C 184 20.79 12.35 57.50
CA ASP C 184 20.73 13.32 58.60
C ASP C 184 21.88 14.35 58.54
N GLU C 185 21.74 15.43 59.29
CA GLU C 185 22.84 16.37 59.48
C GLU C 185 24.03 15.73 60.18
N THR C 186 23.76 14.68 60.96
CA THR C 186 24.80 13.93 61.66
C THR C 186 25.74 13.21 60.67
N GLU C 187 25.18 12.57 59.65
CA GLU C 187 25.96 11.95 58.58
C GLU C 187 26.81 13.01 57.87
N GLN C 188 26.14 14.07 57.45
CA GLN C 188 26.76 15.17 56.74
C GLN C 188 27.93 15.74 57.52
N ARG C 189 27.79 15.87 58.83
CA ARG C 189 28.83 16.49 59.62
C ARG C 189 29.95 15.47 59.86
N THR C 190 29.58 14.23 60.18
CA THR C 190 30.55 13.18 60.45
C THR C 190 31.39 12.77 59.22
N LEU C 191 30.89 13.11 58.03
CA LEU C 191 31.62 12.88 56.77
C LEU C 191 32.28 14.15 56.25
N TYR C 192 31.44 15.12 55.90
CA TYR C 192 31.88 16.34 55.22
C TYR C 192 32.29 17.47 56.18
N GLN C 193 32.08 17.27 57.48
CA GLN C 193 32.62 18.15 58.52
C GLN C 193 32.08 19.59 58.48
N ASN C 194 31.31 19.90 57.42
CA ASN C 194 30.58 21.16 57.29
C ASN C 194 29.27 20.98 56.49
N VAL C 195 28.52 22.06 56.33
CA VAL C 195 27.25 22.02 55.60
C VAL C 195 27.17 23.08 54.51
N GLY C 196 26.03 23.16 53.84
CA GLY C 196 25.83 24.12 52.75
C GLY C 196 26.71 23.77 51.56
N THR C 197 26.98 22.49 51.42
CA THR C 197 27.98 22.01 50.47
C THR C 197 27.45 22.01 49.07
N TYR C 198 28.35 22.12 48.10
CA TYR C 198 27.97 21.93 46.70
C TYR C 198 28.91 20.97 45.98
N VAL C 199 28.41 20.37 44.91
CA VAL C 199 29.27 19.71 43.95
C VAL C 199 29.07 20.42 42.63
N SER C 200 30.15 20.73 41.94
CA SER C 200 30.05 21.49 40.71
CA SER C 200 30.06 21.50 40.72
C SER C 200 30.93 20.90 39.61
N VAL C 201 30.31 20.64 38.46
CA VAL C 201 31.01 20.09 37.30
C VAL C 201 30.90 21.07 36.16
N GLY C 202 31.92 21.14 35.32
CA GLY C 202 31.82 21.94 34.12
C GLY C 202 32.66 21.47 32.95
N THR C 203 32.23 21.85 31.76
CA THR C 203 32.93 21.57 30.52
C THR C 203 32.68 22.78 29.66
N SER C 204 33.01 22.65 28.37
CA SER C 204 32.65 23.69 27.42
CA SER C 204 32.66 23.68 27.40
C SER C 204 31.14 23.78 27.24
N THR C 205 30.51 22.63 27.02
CA THR C 205 29.07 22.54 26.75
C THR C 205 28.23 22.27 28.01
N LEU C 206 28.88 22.26 29.17
CA LEU C 206 28.15 21.99 30.40
C LEU C 206 28.63 22.75 31.63
N ASN C 207 27.69 23.31 32.39
CA ASN C 207 27.96 23.71 33.77
C ASN C 207 26.79 23.26 34.64
N LYS C 208 27.10 22.50 35.69
CA LYS C 208 26.05 21.95 36.54
C LYS C 208 26.44 22.04 38.01
N ARG C 209 25.52 22.53 38.81
CA ARG C 209 25.77 22.72 40.24
C ARG C 209 24.72 21.98 41.06
N SER C 210 25.18 21.25 42.06
CA SER C 210 24.32 20.37 42.83
C SER C 210 24.44 20.66 44.32
N THR C 211 23.29 20.58 44.99
CA THR C 211 23.15 20.90 46.41
C THR C 211 22.55 19.72 47.19
N PRO C 212 23.41 18.89 47.80
CA PRO C 212 23.06 17.58 48.39
C PRO C 212 21.91 17.62 49.36
N GLU C 213 20.92 16.75 49.14
CA GLU C 213 19.63 16.87 49.82
C GLU C 213 19.47 15.82 50.90
N ILE C 214 19.49 16.29 52.15
CA ILE C 214 19.57 15.42 53.31
C ILE C 214 18.20 15.30 53.95
N ALA C 215 17.59 14.12 53.82
CA ALA C 215 16.24 13.89 54.35
C ALA C 215 16.14 12.48 54.95
N THR C 216 14.94 12.09 55.34
CA THR C 216 14.73 10.74 55.84
C THR C 216 14.00 9.87 54.79
N ARG C 217 14.61 8.74 54.44
CA ARG C 217 14.03 7.80 53.49
C ARG C 217 14.04 6.39 54.08
N PRO C 218 13.19 5.50 53.53
CA PRO C 218 13.25 4.05 53.77
C PRO C 218 14.64 3.48 53.50
N LYS C 219 15.09 2.55 54.34
CA LYS C 219 16.36 1.88 54.08
C LYS C 219 16.26 1.12 52.76
N VAL C 220 17.27 1.26 51.92
CA VAL C 220 17.44 0.37 50.78
C VAL C 220 18.87 -0.13 50.88
N ASN C 221 19.06 -1.45 50.82
CA ASN C 221 20.35 -2.05 51.16
C ASN C 221 20.76 -1.62 52.56
N GLY C 222 19.77 -1.43 53.41
CA GLY C 222 19.96 -0.94 54.76
C GLY C 222 20.42 0.50 54.76
N GLN C 223 19.93 1.29 53.80
CA GLN C 223 20.39 2.66 53.65
C GLN C 223 19.24 3.66 53.41
N GLY C 224 19.21 4.71 54.22
CA GLY C 224 18.35 5.86 53.96
C GLY C 224 19.10 6.92 53.15
N GLY C 225 20.43 6.86 53.20
CA GLY C 225 21.27 7.70 52.35
C GLY C 225 21.29 7.18 50.92
N ARG C 226 21.36 8.09 49.95
CA ARG C 226 21.50 7.70 48.54
C ARG C 226 22.67 8.38 47.81
N MET C 227 22.87 8.00 46.54
CA MET C 227 23.86 8.62 45.65
C MET C 227 23.28 8.92 44.23
N GLU C 228 23.27 10.19 43.84
CA GLU C 228 22.74 10.55 42.52
C GLU C 228 23.90 10.59 41.53
N PHE C 229 23.76 9.89 40.41
CA PHE C 229 24.86 9.75 39.44
C PHE C 229 24.59 10.39 38.08
N SER C 230 25.55 11.18 37.61
CA SER C 230 25.37 11.93 36.38
C SER C 230 26.55 11.72 35.44
N TRP C 231 26.32 11.95 34.14
CA TRP C 231 27.32 11.66 33.12
C TRP C 231 27.30 12.65 31.99
N THR C 232 28.47 12.84 31.41
CA THR C 232 28.59 13.69 30.25
C THR C 232 29.52 13.05 29.28
N LEU C 233 29.46 13.46 28.03
CA LEU C 233 30.37 12.94 27.03
C LEU C 233 31.29 14.07 26.67
N LEU C 234 32.56 13.95 27.06
CA LEU C 234 33.54 15.00 26.86
C LEU C 234 34.16 14.93 25.47
N ASP C 235 33.98 15.98 24.67
CA ASP C 235 34.54 15.99 23.33
C ASP C 235 36.05 16.17 23.35
N MET C 236 36.72 15.81 22.26
CA MET C 236 38.18 15.95 22.11
C MET C 236 38.65 17.38 22.36
N TRP C 237 39.76 17.51 23.10
CA TRP C 237 40.44 18.79 23.35
C TRP C 237 39.71 19.72 24.33
N ASP C 238 38.52 19.31 24.76
CA ASP C 238 37.79 20.04 25.80
C ASP C 238 38.43 19.71 27.15
N THR C 239 37.94 20.34 28.20
CA THR C 239 38.51 20.17 29.52
C THR C 239 37.36 20.15 30.52
N ILE C 240 37.48 19.30 31.53
CA ILE C 240 36.40 19.14 32.50
C ILE C 240 36.88 19.51 33.92
N ASN C 241 36.07 20.30 34.62
CA ASN C 241 36.44 20.83 35.94
C ASN C 241 35.49 20.36 37.04
N PHE C 242 36.07 19.81 38.11
CA PHE C 242 35.31 19.39 39.29
C PHE C 242 35.72 20.25 40.50
N GLU C 243 34.71 20.81 41.18
CA GLU C 243 34.91 21.52 42.44
C GLU C 243 33.79 21.20 43.43
N SER C 244 34.12 20.78 44.65
CA SER C 244 33.11 20.49 45.64
C SER C 244 33.60 20.85 47.06
N THR C 245 32.67 21.32 47.91
CA THR C 245 32.96 21.55 49.32
C THR C 245 32.51 20.37 50.16
N GLY C 246 31.99 19.33 49.49
CA GLY C 246 31.53 18.14 50.15
C GLY C 246 30.63 17.32 49.25
N ASN C 247 30.36 16.09 49.67
CA ASN C 247 29.42 15.18 49.02
C ASN C 247 29.75 14.81 47.56
N LEU C 248 31.00 14.98 47.14
CA LEU C 248 31.36 14.62 45.77
C LEU C 248 31.76 13.16 45.72
N ILE C 249 31.21 12.42 44.76
CA ILE C 249 31.77 11.11 44.44
C ILE C 249 32.44 11.27 43.08
N ALA C 250 33.77 11.28 43.08
CA ALA C 250 34.51 11.69 41.88
C ALA C 250 34.84 10.50 41.00
N PRO C 251 34.94 10.73 39.67
CA PRO C 251 35.47 9.71 38.75
C PRO C 251 36.94 9.49 38.97
N GLU C 252 37.37 8.22 39.08
CA GLU C 252 38.77 7.86 38.94
C GLU C 252 39.10 7.76 37.44
N TYR C 253 38.12 7.31 36.65
CA TYR C 253 38.31 7.15 35.21
C TYR C 253 37.16 7.69 34.40
N GLY C 254 37.31 7.55 33.09
CA GLY C 254 36.26 7.75 32.12
C GLY C 254 36.71 7.04 30.86
N PHE C 255 35.75 6.64 30.02
CA PHE C 255 35.97 5.69 28.93
C PHE C 255 36.02 6.36 27.57
N LYS C 256 37.16 6.28 26.90
CA LYS C 256 37.28 6.77 25.53
C LYS C 256 36.44 5.86 24.66
N ILE C 257 36.06 6.34 23.49
CA ILE C 257 35.40 5.44 22.56
C ILE C 257 36.43 4.91 21.56
N SER C 258 36.76 3.63 21.70
CA SER C 258 37.73 3.00 20.79
C SER C 258 37.09 2.55 19.48
N LYS C 259 35.86 2.08 19.57
CA LYS C 259 35.16 1.60 18.38
C LYS C 259 33.68 2.00 18.42
N ARG C 260 33.21 2.62 17.34
CA ARG C 260 31.79 2.94 17.19
C ARG C 260 31.20 2.00 16.15
N GLY C 261 29.88 2.01 16.02
CA GLY C 261 29.21 1.23 15.00
C GLY C 261 27.80 0.78 15.37
N SER C 262 27.12 0.15 14.42
CA SER C 262 25.83 -0.44 14.68
C SER C 262 26.00 -1.50 15.77
N SER C 263 25.19 -1.42 16.80
CA SER C 263 25.27 -2.35 17.92
C SER C 263 23.92 -2.27 18.64
N GLY C 264 23.79 -2.92 19.79
CA GLY C 264 22.58 -2.77 20.57
C GLY C 264 22.69 -3.36 21.96
N ILE C 265 21.61 -3.23 22.73
CA ILE C 265 21.51 -3.93 23.99
C ILE C 265 20.33 -4.84 23.84
N MET C 266 20.60 -6.14 23.93
CA MET C 266 19.56 -7.14 23.86
C MET C 266 19.19 -7.59 25.27
N LYS C 267 17.91 -7.58 25.56
CA LYS C 267 17.46 -8.01 26.87
C LYS C 267 17.11 -9.49 26.84
N THR C 268 17.90 -10.28 27.57
CA THR C 268 17.70 -11.71 27.67
C THR C 268 18.22 -12.24 29.00
N GLU C 269 17.63 -13.32 29.51
CA GLU C 269 18.17 -13.95 30.71
C GLU C 269 19.22 -15.01 30.34
N GLY C 270 19.29 -15.34 29.05
CA GLY C 270 20.12 -16.44 28.62
C GLY C 270 21.62 -16.20 28.60
N THR C 271 22.34 -17.16 28.05
CA THR C 271 23.77 -17.10 28.00
C THR C 271 24.28 -17.40 26.58
N LEU C 272 25.55 -17.10 26.34
CA LEU C 272 26.23 -17.40 25.08
C LEU C 272 26.46 -18.89 24.88
N GLU C 273 26.45 -19.32 23.62
CA GLU C 273 26.99 -20.62 23.21
C GLU C 273 28.03 -20.38 22.10
N ASN C 274 28.57 -21.46 21.53
CA ASN C 274 29.73 -21.34 20.63
C ASN C 274 29.41 -21.02 19.18
N CYS C 275 28.13 -20.81 18.87
CA CYS C 275 27.71 -20.58 17.49
C CYS C 275 28.20 -19.24 16.92
N GLU C 276 28.23 -19.16 15.58
CA GLU C 276 28.41 -17.90 14.87
C GLU C 276 27.18 -17.62 13.96
N THR C 277 26.73 -16.36 13.90
CA THR C 277 25.61 -15.95 13.01
C THR C 277 25.73 -14.53 12.43
N LYS C 278 25.17 -14.31 11.25
CA LYS C 278 25.06 -12.97 10.70
C LYS C 278 23.74 -12.29 11.09
N CYS C 279 22.80 -13.04 11.67
CA CYS C 279 21.53 -12.46 12.19
C CYS C 279 21.10 -12.99 13.54
N GLN C 280 21.01 -12.11 14.53
CA GLN C 280 20.72 -12.57 15.88
C GLN C 280 19.36 -12.06 16.38
N THR C 281 18.53 -12.96 16.90
CA THR C 281 17.32 -12.54 17.60
C THR C 281 17.39 -12.99 19.04
N PRO C 282 16.64 -12.33 19.90
CA PRO C 282 16.55 -12.74 21.30
C PRO C 282 16.16 -14.20 21.53
N LEU C 283 15.44 -14.82 20.58
CA LEU C 283 15.00 -16.21 20.69
C LEU C 283 16.00 -17.21 20.12
N GLY C 284 17.20 -16.71 19.77
CA GLY C 284 18.15 -17.46 18.98
C GLY C 284 18.32 -16.88 17.57
N ALA C 285 19.12 -17.56 16.76
CA ALA C 285 19.75 -16.90 15.62
C ALA C 285 19.30 -17.46 14.27
N ILE C 286 19.46 -16.63 13.24
CA ILE C 286 18.86 -16.88 11.93
C ILE C 286 19.89 -17.01 10.80
N ASN C 287 19.77 -18.11 10.05
CA ASN C 287 20.47 -18.23 8.79
C ASN C 287 19.39 -18.56 7.76
N THR C 288 19.13 -17.64 6.82
CA THR C 288 18.07 -17.86 5.83
C THR C 288 18.29 -17.07 4.53
N THR C 289 17.74 -17.60 3.45
CA THR C 289 17.75 -16.93 2.16
C THR C 289 16.45 -16.18 1.92
N LEU C 290 15.53 -16.34 2.87
CA LEU C 290 14.19 -15.83 2.68
C LEU C 290 14.14 -14.36 3.00
N PRO C 291 13.28 -13.62 2.29
CA PRO C 291 13.08 -12.18 2.44
C PRO C 291 12.38 -11.79 3.75
N PHE C 292 11.74 -12.75 4.41
CA PHE C 292 10.90 -12.46 5.56
C PHE C 292 11.15 -13.44 6.68
N HIS C 293 10.89 -13.00 7.90
CA HIS C 293 10.84 -13.91 9.02
C HIS C 293 9.81 -13.40 10.04
N ASN C 294 9.18 -14.33 10.73
CA ASN C 294 8.27 -13.98 11.82
C ASN C 294 8.85 -14.20 13.21
N VAL C 295 10.12 -14.61 13.27
CA VAL C 295 10.70 -15.03 14.55
C VAL C 295 10.79 -13.95 15.63
N HIS C 296 11.33 -12.77 15.29
CA HIS C 296 11.38 -11.67 16.24
C HIS C 296 11.46 -10.30 15.57
N PRO C 297 10.97 -9.23 16.33
CA PRO C 297 11.13 -7.93 15.65
C PRO C 297 12.32 -7.12 16.15
N LEU C 298 13.04 -7.63 17.14
CA LEU C 298 14.14 -6.89 17.76
C LEU C 298 15.51 -7.24 17.19
N THR C 299 15.52 -8.09 16.19
CA THR C 299 16.76 -8.69 15.67
C THR C 299 17.89 -7.68 15.44
N ILE C 300 19.11 -8.12 15.76
CA ILE C 300 20.33 -7.32 15.61
C ILE C 300 21.26 -7.96 14.59
N GLY C 301 21.81 -7.15 13.69
CA GLY C 301 22.56 -7.67 12.56
C GLY C 301 21.81 -7.53 11.24
N GLU C 302 22.43 -7.96 10.14
CA GLU C 302 21.74 -7.91 8.84
C GLU C 302 20.76 -9.08 8.75
N CYS C 303 19.49 -8.77 8.52
CA CYS C 303 18.40 -9.73 8.67
C CYS C 303 17.36 -9.60 7.58
N PRO C 304 16.50 -10.63 7.44
CA PRO C 304 15.29 -10.45 6.64
C PRO C 304 14.31 -9.43 7.28
N LYS C 305 13.19 -9.14 6.60
CA LYS C 305 12.17 -8.19 7.06
C LYS C 305 11.16 -8.89 7.96
N TYR C 306 10.87 -8.29 9.11
CA TYR C 306 10.00 -8.91 10.11
C TYR C 306 8.53 -8.70 9.83
N VAL C 307 7.73 -9.76 9.93
CA VAL C 307 6.29 -9.61 9.81
C VAL C 307 5.54 -10.42 10.87
N LYS C 308 4.26 -10.13 11.02
CA LYS C 308 3.44 -10.84 11.99
C LYS C 308 2.84 -12.12 11.40
N SER C 309 3.04 -12.34 10.10
CA SER C 309 2.34 -13.43 9.40
C SER C 309 2.62 -14.83 9.98
N GLU C 310 1.62 -15.71 9.93
CA GLU C 310 1.87 -17.13 10.18
C GLU C 310 2.57 -17.81 8.99
N LYS C 311 2.22 -17.36 7.79
CA LYS C 311 2.67 -17.98 6.55
C LYS C 311 2.75 -16.91 5.48
N LEU C 312 3.74 -17.02 4.60
CA LEU C 312 3.65 -16.41 3.27
C LEU C 312 4.14 -17.45 2.26
N VAL C 313 3.26 -17.97 1.41
CA VAL C 313 3.71 -18.92 0.37
C VAL C 313 3.27 -18.45 -1.00
N LEU C 314 4.25 -18.25 -1.89
CA LEU C 314 3.95 -17.82 -3.24
C LEU C 314 3.69 -19.04 -4.10
N ALA C 315 2.52 -19.11 -4.73
CA ALA C 315 2.31 -20.11 -5.77
C ALA C 315 3.26 -19.80 -6.94
N THR C 316 3.91 -20.83 -7.49
CA THR C 316 4.80 -20.69 -8.67
C THR C 316 4.28 -21.47 -9.85
N GLY C 317 4.09 -22.76 -9.61
CA GLY C 317 3.48 -23.64 -10.58
C GLY C 317 1.98 -23.37 -10.75
N LEU C 318 1.28 -24.28 -11.41
CA LEU C 318 -0.12 -24.03 -11.68
C LEU C 318 -0.93 -24.82 -10.70
N ARG C 319 -2.25 -24.70 -10.80
CA ARG C 319 -3.16 -25.46 -9.96
C ARG C 319 -2.97 -26.95 -10.22
N ASN C 320 -3.02 -27.76 -9.16
CA ASN C 320 -2.91 -29.20 -9.33
C ASN C 320 -4.31 -29.80 -9.50
N VAL C 321 -4.58 -30.28 -10.71
CA VAL C 321 -5.88 -30.83 -11.05
C VAL C 321 -5.76 -32.33 -11.26
N PRO C 322 -6.48 -33.11 -10.49
CA PRO C 322 -6.40 -34.57 -10.57
C PRO C 322 -6.92 -35.08 -11.91
N GLN C 323 -6.37 -36.17 -12.42
CA GLN C 323 -6.78 -36.63 -13.75
C GLN C 323 -8.13 -37.28 -13.70
N ILE C 324 -8.53 -37.88 -14.83
CA ILE C 324 -9.79 -38.64 -14.92
C ILE C 324 -9.58 -40.08 -15.37
N GLY D 1 -11.87 -20.49 -13.07
CA GLY D 1 -10.49 -20.15 -13.41
C GLY D 1 -10.45 -19.25 -14.62
N LEU D 2 -9.78 -18.11 -14.50
CA LEU D 2 -10.12 -16.93 -15.33
C LEU D 2 -10.13 -17.09 -16.85
N PHE D 3 -9.21 -17.87 -17.38
CA PHE D 3 -9.14 -18.02 -18.83
C PHE D 3 -9.85 -19.28 -19.30
N GLY D 4 -10.39 -20.01 -18.35
CA GLY D 4 -11.19 -21.19 -18.61
C GLY D 4 -10.53 -22.41 -19.21
N ALA D 5 -9.24 -22.63 -18.97
CA ALA D 5 -8.59 -23.84 -19.51
C ALA D 5 -8.27 -24.87 -18.42
N ILE D 6 -7.36 -24.54 -17.50
CA ILE D 6 -7.11 -25.37 -16.35
C ILE D 6 -8.43 -25.51 -15.61
N ALA D 7 -8.83 -26.75 -15.30
CA ALA D 7 -10.09 -27.09 -14.64
C ALA D 7 -11.23 -26.55 -15.48
N GLY D 8 -10.92 -26.34 -16.75
CA GLY D 8 -11.77 -25.76 -17.77
C GLY D 8 -12.31 -26.79 -18.71
N PHE D 9 -12.41 -26.41 -19.98
CA PHE D 9 -12.65 -27.37 -21.04
C PHE D 9 -11.55 -28.42 -21.11
N ILE D 10 -10.38 -28.13 -20.56
CA ILE D 10 -9.43 -29.18 -20.27
C ILE D 10 -9.67 -29.56 -18.81
N GLU D 11 -10.23 -30.74 -18.60
CA GLU D 11 -10.92 -30.98 -17.34
C GLU D 11 -9.98 -31.26 -16.19
N GLY D 12 -8.78 -31.72 -16.50
CA GLY D 12 -7.78 -31.98 -15.48
C GLY D 12 -6.38 -32.15 -16.01
N GLY D 13 -5.44 -32.24 -15.07
CA GLY D 13 -4.03 -32.32 -15.40
C GLY D 13 -3.55 -33.71 -15.75
N TRP D 14 -2.33 -33.75 -16.30
CA TRP D 14 -1.71 -34.98 -16.75
C TRP D 14 -0.53 -35.30 -15.85
N GLN D 15 -0.66 -36.36 -15.06
CA GLN D 15 0.46 -36.84 -14.24
C GLN D 15 1.49 -37.27 -15.24
N GLY D 16 0.94 -37.76 -16.35
CA GLY D 16 1.70 -38.22 -17.49
C GLY D 16 2.76 -37.25 -17.93
N MET D 17 2.48 -35.94 -17.93
CA MET D 17 3.49 -35.09 -18.50
C MET D 17 4.43 -34.60 -17.44
N VAL D 18 5.63 -35.17 -17.39
CA VAL D 18 6.53 -34.78 -16.33
C VAL D 18 7.57 -33.79 -16.80
N ASP D 19 7.58 -33.52 -18.10
CA ASP D 19 8.71 -32.79 -18.66
C ASP D 19 8.53 -31.27 -18.67
N GLY D 20 7.29 -30.83 -18.44
CA GLY D 20 7.01 -29.40 -18.44
C GLY D 20 5.64 -29.07 -17.87
N TRP D 21 5.33 -27.78 -17.82
CA TRP D 21 4.09 -27.29 -17.24
C TRP D 21 2.93 -27.46 -18.18
N TYR D 22 3.20 -27.31 -19.48
CA TYR D 22 2.19 -27.43 -20.52
C TYR D 22 2.72 -28.31 -21.62
N GLY D 23 1.83 -28.93 -22.40
CA GLY D 23 2.31 -29.80 -23.46
C GLY D 23 1.22 -30.51 -24.25
N TYR D 24 1.62 -31.59 -24.91
CA TYR D 24 0.78 -32.31 -25.87
C TYR D 24 0.74 -33.82 -25.56
N HIS D 25 -0.34 -34.47 -25.97
CA HIS D 25 -0.39 -35.92 -25.95
C HIS D 25 -0.88 -36.41 -27.30
N HIS D 26 -0.02 -37.12 -28.03
CA HIS D 26 -0.38 -37.59 -29.37
C HIS D 26 -0.77 -39.05 -29.32
N SER D 27 -1.74 -39.41 -30.13
CA SER D 27 -2.03 -40.81 -30.38
C SER D 27 -2.17 -41.04 -31.88
N ASN D 28 -1.26 -41.84 -32.42
CA ASN D 28 -1.40 -42.33 -33.79
C ASN D 28 -0.89 -43.76 -33.86
N ASP D 29 -0.74 -44.27 -35.07
CA ASP D 29 -0.39 -45.68 -35.25
C ASP D 29 0.98 -46.05 -34.68
N GLN D 30 1.96 -45.15 -34.80
CA GLN D 30 3.31 -45.38 -34.24
C GLN D 30 3.28 -45.58 -32.72
N GLY D 31 2.57 -44.71 -32.01
CA GLY D 31 2.38 -44.89 -30.59
C GLY D 31 1.51 -43.83 -29.98
N SER D 32 1.41 -43.86 -28.66
CA SER D 32 0.73 -42.79 -27.90
C SER D 32 1.70 -42.28 -26.84
N GLY D 33 1.82 -40.96 -26.69
CA GLY D 33 2.75 -40.39 -25.72
C GLY D 33 2.59 -38.91 -25.37
N TYR D 34 3.12 -38.52 -24.22
CA TYR D 34 3.12 -37.11 -23.81
C TYR D 34 4.43 -36.44 -24.20
N ALA D 35 4.35 -35.21 -24.68
CA ALA D 35 5.52 -34.40 -24.98
C ALA D 35 5.35 -32.98 -24.39
N ALA D 36 6.32 -32.49 -23.63
CA ALA D 36 6.19 -31.12 -23.12
C ALA D 36 6.59 -30.07 -24.15
N ASP D 37 6.02 -28.88 -24.00
CA ASP D 37 6.45 -27.75 -24.82
C ASP D 37 7.32 -26.90 -23.91
N LYS D 38 8.63 -26.99 -24.16
CA LYS D 38 9.63 -26.48 -23.23
C LYS D 38 9.83 -24.98 -23.34
N GLU D 39 9.49 -24.41 -24.48
CA GLU D 39 9.67 -22.99 -24.62
C GLU D 39 8.61 -22.28 -23.81
N SER D 40 7.38 -22.79 -23.85
CA SER D 40 6.30 -22.18 -23.08
C SER D 40 6.56 -22.35 -21.60
N THR D 41 6.88 -23.57 -21.23
CA THR D 41 7.20 -23.86 -19.85
C THR D 41 8.31 -22.92 -19.36
N GLN D 42 9.44 -22.92 -20.05
CA GLN D 42 10.54 -22.07 -19.62
C GLN D 42 10.25 -20.57 -19.62
N LYS D 43 9.49 -20.10 -20.60
CA LYS D 43 9.17 -18.68 -20.68
C LYS D 43 8.27 -18.27 -19.47
N ALA D 44 7.29 -19.12 -19.14
CA ALA D 44 6.45 -18.86 -17.96
C ALA D 44 7.31 -18.89 -16.72
N PHE D 45 8.17 -19.89 -16.58
CA PHE D 45 9.08 -19.90 -15.46
C PHE D 45 9.89 -18.61 -15.36
N ASP D 46 10.44 -18.13 -16.47
CA ASP D 46 11.23 -16.91 -16.46
C ASP D 46 10.38 -15.71 -16.00
N GLY D 47 9.13 -15.69 -16.45
CA GLY D 47 8.20 -14.67 -16.02
C GLY D 47 7.97 -14.69 -14.51
N ILE D 48 7.52 -15.84 -14.00
CA ILE D 48 7.37 -16.05 -12.56
C ILE D 48 8.62 -15.69 -11.75
N THR D 49 9.79 -16.16 -12.17
CA THR D 49 11.01 -15.84 -11.45
C THR D 49 11.15 -14.34 -11.41
N ASN D 50 10.88 -13.66 -12.53
CA ASN D 50 10.92 -12.20 -12.50
C ASN D 50 9.97 -11.61 -11.50
N LYS D 51 8.78 -12.20 -11.41
CA LYS D 51 7.78 -11.72 -10.50
C LYS D 51 8.27 -11.81 -9.06
N VAL D 52 8.65 -13.01 -8.62
CA VAL D 52 9.08 -13.19 -7.23
C VAL D 52 10.33 -12.39 -6.94
N ASN D 53 11.21 -12.26 -7.93
CA ASN D 53 12.37 -11.40 -7.78
C ASN D 53 11.92 -9.98 -7.49
N SER D 54 10.91 -9.50 -8.20
CA SER D 54 10.38 -8.18 -7.90
C SER D 54 9.81 -8.08 -6.48
N VAL D 55 8.92 -9.00 -6.09
CA VAL D 55 8.35 -8.90 -4.74
C VAL D 55 9.35 -9.14 -3.61
N ILE D 56 10.53 -9.63 -3.96
CA ILE D 56 11.63 -9.60 -3.02
C ILE D 56 12.29 -8.20 -3.05
N GLU D 57 12.87 -7.85 -4.20
CA GLU D 57 13.64 -6.65 -4.36
C GLU D 57 12.94 -5.42 -3.78
N LYS D 58 11.64 -5.27 -4.03
CA LYS D 58 10.91 -4.12 -3.52
C LYS D 58 10.87 -4.07 -1.99
N MET D 59 10.74 -5.24 -1.37
CA MET D 59 10.65 -5.31 0.08
C MET D 59 12.02 -5.73 0.62
N ASN D 60 12.78 -4.73 1.07
CA ASN D 60 14.11 -4.90 1.65
C ASN D 60 14.42 -4.03 2.90
N THR D 61 14.45 -2.72 2.67
CA THR D 61 14.51 -1.69 3.71
C THR D 61 13.08 -1.28 4.11
N GLU D 64 13.04 -1.06 10.20
CA GLU D 64 13.94 -1.67 11.17
C GLU D 64 13.54 -1.33 12.61
N ALA D 65 13.99 -2.15 13.56
CA ALA D 65 13.70 -1.87 14.96
C ALA D 65 14.95 -1.73 15.84
N VAL D 66 15.15 -0.52 16.35
CA VAL D 66 16.18 -0.23 17.33
C VAL D 66 15.54 -0.25 18.70
N GLY D 67 16.11 -1.03 19.61
CA GLY D 67 15.62 -1.05 20.97
C GLY D 67 15.91 0.27 21.63
N LYS D 68 14.91 0.83 22.31
CA LYS D 68 15.11 2.02 23.14
C LYS D 68 14.55 1.79 24.52
N GLU D 69 15.06 2.49 25.51
CA GLU D 69 14.57 2.32 26.86
C GLU D 69 14.00 3.64 27.38
N PHE D 70 12.98 3.56 28.23
CA PHE D 70 12.26 4.74 28.68
C PHE D 70 12.00 4.73 30.17
N SER D 71 12.13 5.89 30.81
CA SER D 71 11.90 6.02 32.25
C SER D 71 10.39 5.97 32.54
N ASN D 72 10.00 6.01 33.82
CA ASN D 72 8.58 5.95 34.14
C ASN D 72 7.87 7.30 34.05
N LEU D 73 8.67 8.37 33.99
CA LEU D 73 8.15 9.72 33.80
C LEU D 73 8.10 10.00 32.32
N GLU D 74 8.55 9.03 31.54
CA GLU D 74 8.63 9.13 30.09
C GLU D 74 7.46 8.50 29.34
N ARG D 75 6.45 8.01 30.06
CA ARG D 75 5.43 7.12 29.48
C ARG D 75 4.80 7.52 28.14
N ARG D 76 4.45 8.80 27.96
CA ARG D 76 3.92 9.23 26.69
C ARG D 76 4.88 8.91 25.56
N LEU D 77 6.12 9.38 25.69
CA LEU D 77 7.19 9.01 24.77
C LEU D 77 7.21 7.53 24.49
N GLU D 78 7.40 6.75 25.53
CA GLU D 78 7.48 5.31 25.37
C GLU D 78 6.36 4.71 24.52
N ASN D 79 5.12 5.11 24.83
CA ASN D 79 3.98 4.66 24.05
C ASN D 79 4.03 5.16 22.61
N LEU D 80 4.50 6.38 22.40
CA LEU D 80 4.61 6.91 21.04
C LEU D 80 5.51 5.99 20.23
N ASN D 81 6.70 5.81 20.77
CA ASN D 81 7.67 4.95 20.15
C ASN D 81 7.11 3.55 19.82
N LYS D 82 6.51 2.92 20.83
CA LYS D 82 5.81 1.67 20.58
C LYS D 82 4.79 1.76 19.43
N LYS D 83 3.95 2.79 19.42
CA LYS D 83 2.86 2.88 18.46
C LYS D 83 3.44 3.03 17.06
N MET D 84 4.58 3.71 16.98
CA MET D 84 5.27 3.85 15.71
C MET D 84 5.86 2.54 15.18
N GLU D 85 6.68 1.87 15.98
CA GLU D 85 7.22 0.60 15.49
C GLU D 85 6.14 -0.46 15.19
N ASP D 86 5.18 -0.59 16.11
CA ASP D 86 4.06 -1.49 15.87
C ASP D 86 3.33 -1.09 14.58
N GLY D 87 3.14 0.21 14.38
CA GLY D 87 2.45 0.72 13.21
C GLY D 87 3.14 0.31 11.93
N PHE D 88 4.45 0.53 11.85
CA PHE D 88 5.18 0.18 10.64
C PHE D 88 5.13 -1.30 10.41
N LEU D 89 5.32 -2.04 11.48
CA LEU D 89 5.15 -3.47 11.42
C LEU D 89 3.80 -3.91 10.80
N ASP D 90 2.69 -3.36 11.27
CA ASP D 90 1.40 -3.74 10.70
C ASP D 90 1.33 -3.35 9.24
N VAL D 91 1.97 -2.23 8.90
CA VAL D 91 1.94 -1.79 7.50
C VAL D 91 2.67 -2.79 6.60
N TRP D 92 3.89 -3.14 6.98
CA TRP D 92 4.67 -4.05 6.17
C TRP D 92 4.07 -5.44 6.13
N THR D 93 3.49 -5.89 7.24
CA THR D 93 2.85 -7.19 7.24
C THR D 93 1.67 -7.19 6.28
N TYR D 94 0.90 -6.10 6.31
CA TYR D 94 -0.24 -5.98 5.38
C TYR D 94 0.27 -6.03 3.96
N ASN D 95 1.29 -5.24 3.69
CA ASN D 95 1.85 -5.19 2.36
C ASN D 95 2.25 -6.58 1.88
N ALA D 96 2.93 -7.32 2.74
CA ALA D 96 3.45 -8.61 2.32
C ALA D 96 2.29 -9.57 2.08
N GLU D 97 1.33 -9.54 2.98
CA GLU D 97 0.24 -10.49 2.86
C GLU D 97 -0.56 -10.24 1.59
N LEU D 98 -0.80 -8.97 1.32
CA LEU D 98 -1.66 -8.60 0.23
C LEU D 98 -0.94 -8.90 -1.05
N LEU D 99 0.32 -8.51 -1.09
CA LEU D 99 1.15 -8.78 -2.25
C LEU D 99 1.05 -10.26 -2.56
N VAL D 100 1.36 -11.11 -1.60
CA VAL D 100 1.28 -12.54 -1.87
C VAL D 100 -0.11 -13.05 -2.31
N LEU D 101 -1.21 -12.69 -1.65
CA LEU D 101 -2.52 -13.13 -2.16
C LEU D 101 -2.77 -12.72 -3.62
N MET D 102 -2.62 -11.42 -3.86
CA MET D 102 -2.94 -10.81 -5.14
C MET D 102 -2.10 -11.47 -6.22
N GLU D 103 -0.80 -11.47 -5.96
CA GLU D 103 0.09 -12.09 -6.90
C GLU D 103 -0.29 -13.53 -7.16
N ASN D 104 -0.54 -14.34 -6.12
CA ASN D 104 -0.95 -15.73 -6.28
C ASN D 104 -2.10 -15.93 -7.26
N GLU D 105 -3.13 -15.10 -7.09
CA GLU D 105 -4.23 -15.10 -8.05
C GLU D 105 -3.73 -14.85 -9.45
N ARG D 106 -2.88 -13.85 -9.57
CA ARG D 106 -2.36 -13.52 -10.88
C ARG D 106 -1.56 -14.66 -11.49
N THR D 107 -0.85 -15.40 -10.66
CA THR D 107 0.04 -16.46 -11.12
C THR D 107 -0.75 -17.64 -11.66
N LEU D 108 -1.78 -18.01 -10.90
CA LEU D 108 -2.64 -19.07 -11.39
C LEU D 108 -3.34 -18.66 -12.68
N ASP D 109 -3.93 -17.46 -12.69
CA ASP D 109 -4.59 -17.00 -13.91
C ASP D 109 -3.59 -16.95 -15.06
N PHE D 110 -2.34 -16.63 -14.74
CA PHE D 110 -1.25 -16.61 -15.70
C PHE D 110 -1.11 -17.94 -16.38
N HIS D 111 -0.78 -18.97 -15.59
CA HIS D 111 -0.72 -20.32 -16.15
C HIS D 111 -1.97 -20.65 -17.00
N ASP D 112 -3.14 -20.32 -16.48
CA ASP D 112 -4.38 -20.63 -17.16
C ASP D 112 -4.34 -20.05 -18.58
N SER D 113 -4.07 -18.75 -18.64
CA SER D 113 -3.99 -18.03 -19.89
C SER D 113 -2.98 -18.74 -20.76
N ASN D 114 -1.80 -19.04 -20.23
CA ASN D 114 -0.78 -19.74 -21.02
C ASN D 114 -1.34 -20.98 -21.73
N VAL D 115 -1.97 -21.87 -20.97
CA VAL D 115 -2.61 -23.05 -21.60
C VAL D 115 -3.65 -22.70 -22.68
N LYS D 116 -4.55 -21.76 -22.37
CA LYS D 116 -5.50 -21.32 -23.38
C LYS D 116 -4.77 -20.93 -24.64
N ASN D 117 -3.77 -20.10 -24.48
CA ASN D 117 -2.95 -19.63 -25.58
C ASN D 117 -2.29 -20.74 -26.42
N LEU D 118 -1.84 -21.79 -25.75
CA LEU D 118 -1.20 -22.88 -26.46
C LEU D 118 -2.23 -23.60 -27.30
N TYR D 119 -3.37 -23.86 -26.66
CA TYR D 119 -4.47 -24.53 -27.32
C TYR D 119 -4.93 -23.74 -28.55
N ASP D 120 -5.21 -22.46 -28.37
CA ASP D 120 -5.64 -21.60 -29.47
C ASP D 120 -4.61 -21.55 -30.58
N LYS D 121 -3.34 -21.47 -30.20
CA LYS D 121 -2.25 -21.44 -31.17
C LYS D 121 -2.24 -22.72 -32.02
N VAL D 122 -2.55 -23.85 -31.39
CA VAL D 122 -2.76 -25.04 -32.21
C VAL D 122 -4.00 -24.90 -33.12
N ARG D 123 -5.16 -24.61 -32.53
CA ARG D 123 -6.42 -24.60 -33.27
C ARG D 123 -6.39 -23.71 -34.54
N MET D 124 -5.92 -22.47 -34.36
CA MET D 124 -5.94 -21.48 -35.44
C MET D 124 -5.03 -21.90 -36.57
N GLN D 125 -4.23 -22.94 -36.31
CA GLN D 125 -3.38 -23.60 -37.30
C GLN D 125 -4.09 -24.76 -37.97
N LEU D 126 -4.43 -25.78 -37.19
CA LEU D 126 -5.14 -26.96 -37.73
C LEU D 126 -6.41 -26.66 -38.58
N ARG D 127 -7.26 -25.73 -38.13
CA ARG D 127 -8.47 -25.37 -38.89
CA ARG D 127 -8.47 -25.37 -38.89
C ARG D 127 -9.41 -26.52 -39.22
N ASP D 128 -9.92 -26.55 -40.46
CA ASP D 128 -10.93 -27.54 -40.86
C ASP D 128 -10.43 -28.97 -40.82
N ASN D 129 -9.11 -29.13 -40.73
CA ASN D 129 -8.49 -30.45 -40.82
C ASN D 129 -8.84 -31.42 -39.70
N VAL D 130 -9.54 -30.92 -38.69
CA VAL D 130 -9.80 -31.73 -37.50
C VAL D 130 -11.18 -31.43 -36.95
N LYS D 131 -11.75 -32.42 -36.25
CA LYS D 131 -12.86 -32.23 -35.34
C LYS D 131 -12.33 -31.52 -34.10
N GLU D 132 -13.07 -30.55 -33.59
CA GLU D 132 -12.70 -29.91 -32.32
C GLU D 132 -13.58 -30.49 -31.21
N LEU D 133 -13.01 -31.30 -30.31
CA LEU D 133 -13.86 -32.13 -29.47
C LEU D 133 -14.36 -31.44 -28.22
N GLY D 134 -13.79 -30.27 -27.90
CA GLY D 134 -14.22 -29.53 -26.74
C GLY D 134 -13.57 -30.01 -25.45
N ASN D 135 -12.78 -31.06 -25.55
CA ASN D 135 -12.04 -31.58 -24.40
C ASN D 135 -10.60 -31.08 -24.39
N GLY D 136 -10.24 -30.29 -25.38
CA GLY D 136 -8.86 -29.82 -25.48
C GLY D 136 -8.12 -30.66 -26.49
N CYS D 137 -8.86 -31.54 -27.15
CA CYS D 137 -8.26 -32.44 -28.13
C CYS D 137 -8.87 -32.18 -29.48
N PHE D 138 -8.14 -32.56 -30.52
CA PHE D 138 -8.63 -32.41 -31.87
C PHE D 138 -8.54 -33.75 -32.56
N GLU D 139 -9.61 -34.18 -33.24
CA GLU D 139 -9.54 -35.46 -33.94
C GLU D 139 -9.18 -35.21 -35.41
N PHE D 140 -8.20 -35.92 -35.93
CA PHE D 140 -7.77 -35.68 -37.30
C PHE D 140 -8.66 -36.26 -38.40
N TYR D 141 -8.92 -35.47 -39.44
CA TYR D 141 -9.66 -35.95 -40.59
C TYR D 141 -8.73 -36.76 -41.48
N HIS D 142 -7.44 -36.48 -41.34
CA HIS D 142 -6.44 -37.18 -42.12
C HIS D 142 -5.54 -38.00 -41.20
N LYS D 143 -4.51 -38.62 -41.79
CA LYS D 143 -3.56 -39.43 -41.03
C LYS D 143 -2.29 -38.63 -40.77
N CYS D 144 -1.87 -38.56 -39.51
CA CYS D 144 -0.72 -37.77 -39.11
C CYS D 144 0.43 -38.65 -38.60
N ASP D 145 1.50 -38.70 -39.40
CA ASP D 145 2.73 -39.35 -38.97
C ASP D 145 3.42 -38.50 -37.89
N ASP D 146 4.31 -39.14 -37.13
CA ASP D 146 4.97 -38.46 -36.02
C ASP D 146 5.71 -37.21 -36.50
N GLU D 147 6.06 -37.17 -37.78
CA GLU D 147 6.67 -35.98 -38.38
C GLU D 147 5.64 -34.85 -38.44
N CYS D 148 4.39 -35.21 -38.73
CA CYS D 148 3.32 -34.24 -38.76
C CYS D 148 2.98 -33.76 -37.35
N MET D 149 2.82 -34.69 -36.42
CA MET D 149 2.65 -34.35 -35.01
C MET D 149 3.71 -33.34 -34.61
N ASN D 150 4.97 -33.74 -34.70
CA ASN D 150 6.07 -32.85 -34.38
C ASN D 150 5.95 -31.49 -35.09
N SER D 151 5.48 -31.52 -36.34
CA SER D 151 5.22 -30.27 -37.06
C SER D 151 4.27 -29.37 -36.28
N VAL D 152 3.19 -29.97 -35.76
CA VAL D 152 2.22 -29.22 -34.98
C VAL D 152 2.86 -28.69 -33.71
N LYS D 153 3.66 -29.54 -33.07
CA LYS D 153 4.28 -29.16 -31.81
C LYS D 153 5.23 -27.96 -31.93
N ASN D 154 6.09 -27.95 -32.94
CA ASN D 154 6.91 -26.74 -33.15
C ASN D 154 6.17 -25.69 -33.96
N GLY D 155 4.98 -26.06 -34.38
CA GLY D 155 4.05 -25.11 -34.95
C GLY D 155 4.35 -24.68 -36.36
N THR D 156 4.67 -25.65 -37.21
CA THR D 156 4.76 -25.37 -38.65
C THR D 156 3.48 -25.88 -39.30
N TYR D 157 3.36 -27.20 -39.50
CA TYR D 157 2.11 -27.78 -40.00
C TYR D 157 1.53 -27.05 -41.23
N ASP D 158 2.10 -27.25 -42.41
CA ASP D 158 1.40 -26.73 -43.60
C ASP D 158 0.02 -27.40 -43.83
N TYR D 159 -0.99 -26.55 -43.94
CA TYR D 159 -2.36 -26.99 -44.15
C TYR D 159 -2.66 -27.61 -45.53
N PRO D 160 -2.28 -26.94 -46.64
CA PRO D 160 -2.61 -27.47 -47.97
C PRO D 160 -2.27 -28.94 -48.24
N LYS D 161 -1.12 -29.45 -47.77
CA LYS D 161 -0.75 -30.82 -48.16
C LYS D 161 -1.67 -31.91 -47.58
N TYR D 162 -2.26 -31.63 -46.41
CA TYR D 162 -3.31 -32.48 -45.87
C TYR D 162 -4.73 -31.99 -46.16
N GLU D 163 -4.83 -30.83 -46.82
CA GLU D 163 -6.11 -30.13 -47.03
C GLU D 163 -7.24 -30.97 -47.62
N GLU D 164 -7.08 -31.35 -48.90
CA GLU D 164 -8.12 -32.11 -49.61
C GLU D 164 -8.25 -33.51 -49.03
N GLU D 165 -7.09 -34.14 -48.80
CA GLU D 165 -7.02 -35.49 -48.27
C GLU D 165 -7.82 -35.60 -46.97
N SER D 166 -7.91 -34.51 -46.24
CA SER D 166 -8.87 -34.43 -45.16
C SER D 166 -10.25 -34.18 -45.75
N LYS D 167 -10.46 -32.99 -46.31
CA LYS D 167 -11.80 -32.45 -46.58
C LYS D 167 -12.75 -33.38 -47.36
N LEU D 168 -12.18 -34.25 -48.20
CA LEU D 168 -13.01 -35.27 -48.82
C LEU D 168 -13.52 -36.22 -47.76
N ASN D 169 -12.58 -36.81 -47.04
CA ASN D 169 -12.91 -37.74 -45.98
C ASN D 169 -13.83 -37.11 -44.93
N ARG D 170 -13.66 -35.80 -44.71
CA ARG D 170 -14.58 -35.02 -43.92
C ARG D 170 -15.98 -35.12 -44.52
N ASN D 171 -16.14 -34.57 -45.71
CA ASN D 171 -17.45 -34.43 -46.35
C ASN D 171 -18.24 -35.74 -46.63
N GLU D 172 -17.57 -36.75 -47.19
CA GLU D 172 -18.21 -38.02 -47.52
C GLU D 172 -18.37 -38.90 -46.29
N PRO E 1 -36.58 -21.78 -39.07
CA PRO E 1 -36.49 -21.23 -37.71
C PRO E 1 -36.27 -22.33 -36.68
N GLY E 2 -35.02 -22.70 -36.42
CA GLY E 2 -34.69 -23.74 -35.47
C GLY E 2 -34.88 -23.33 -34.01
N ASP E 3 -34.80 -24.28 -33.09
CA ASP E 3 -34.84 -23.95 -31.66
C ASP E 3 -33.58 -23.24 -31.18
N GLN E 4 -33.75 -22.31 -30.24
CA GLN E 4 -32.61 -21.53 -29.76
C GLN E 4 -32.25 -21.78 -28.29
N ILE E 5 -30.93 -21.76 -28.03
CA ILE E 5 -30.42 -21.65 -26.68
C ILE E 5 -29.42 -20.49 -26.56
N CYS E 6 -29.61 -19.69 -25.52
CA CYS E 6 -28.87 -18.45 -25.36
C CYS E 6 -28.22 -18.38 -24.01
N ILE E 7 -27.03 -17.76 -23.97
CA ILE E 7 -26.36 -17.46 -22.71
C ILE E 7 -26.58 -16.00 -22.38
N GLY E 8 -26.82 -15.70 -21.11
CA GLY E 8 -26.95 -14.32 -20.68
C GLY E 8 -26.68 -14.06 -19.21
N TYR E 9 -26.62 -12.80 -18.85
CA TYR E 9 -26.31 -12.46 -17.47
C TYR E 9 -27.42 -11.61 -16.88
N HIS E 10 -27.43 -11.57 -15.54
CA HIS E 10 -28.45 -10.92 -14.71
C HIS E 10 -28.45 -9.43 -14.97
N ALA E 11 -29.65 -8.86 -14.94
CA ALA E 11 -29.81 -7.42 -14.79
C ALA E 11 -30.81 -7.18 -13.67
N ASN E 12 -30.82 -5.97 -13.13
CA ASN E 12 -31.84 -5.59 -12.16
C ASN E 12 -32.18 -4.12 -12.22
N ASN E 13 -32.89 -3.63 -11.22
CA ASN E 13 -33.17 -2.22 -11.15
C ASN E 13 -32.19 -1.42 -10.30
N SER E 14 -31.13 -2.07 -9.84
CA SER E 14 -30.15 -1.37 -9.01
C SER E 14 -29.60 -0.10 -9.67
N THR E 15 -29.67 1.01 -8.96
CA THR E 15 -28.91 2.21 -9.28
C THR E 15 -27.58 2.32 -8.50
N GLU E 16 -27.22 1.29 -7.74
CA GLU E 16 -26.00 1.34 -6.92
C GLU E 16 -24.74 1.50 -7.76
N LYS E 17 -23.82 2.37 -7.33
CA LYS E 17 -22.69 2.78 -8.18
C LYS E 17 -21.30 2.47 -7.56
N VAL E 18 -20.30 2.15 -8.40
CA VAL E 18 -18.92 1.95 -7.91
C VAL E 18 -17.88 2.59 -8.80
N ASP E 19 -16.69 2.81 -8.24
CA ASP E 19 -15.55 3.34 -8.98
C ASP E 19 -14.53 2.24 -9.12
N THR E 20 -13.80 2.24 -10.22
CA THR E 20 -12.70 1.31 -10.42
C THR E 20 -11.44 2.14 -10.63
N ILE E 21 -10.33 1.51 -10.96
CA ILE E 21 -9.20 2.27 -11.44
C ILE E 21 -9.47 2.85 -12.83
N LEU E 22 -10.13 2.05 -13.67
CA LEU E 22 -10.24 2.38 -15.08
C LEU E 22 -11.50 3.18 -15.43
N GLU E 23 -12.41 3.30 -14.48
CA GLU E 23 -13.74 3.78 -14.84
C GLU E 23 -14.37 4.39 -13.61
N ARG E 24 -15.33 5.30 -13.77
CA ARG E 24 -16.00 5.86 -12.57
C ARG E 24 -17.52 5.73 -12.65
N ASN E 25 -18.19 5.81 -11.49
CA ASN E 25 -19.65 5.82 -11.46
C ASN E 25 -20.21 4.65 -12.24
N VAL E 26 -19.74 3.46 -11.95
CA VAL E 26 -20.19 2.32 -12.71
C VAL E 26 -21.38 1.67 -11.99
N THR E 27 -22.48 1.49 -12.70
CA THR E 27 -23.65 0.89 -12.07
C THR E 27 -23.61 -0.63 -11.99
N VAL E 28 -23.83 -1.15 -10.80
CA VAL E 28 -23.74 -2.59 -10.60
C VAL E 28 -25.06 -3.22 -10.08
N THR E 29 -25.20 -4.53 -10.25
CA THR E 29 -26.40 -5.23 -9.81
C THR E 29 -26.33 -5.35 -8.30
N HIS E 30 -25.11 -5.51 -7.78
CA HIS E 30 -24.95 -5.61 -6.34
C HIS E 30 -23.72 -4.87 -5.85
N ALA E 31 -23.75 -4.49 -4.57
CA ALA E 31 -22.67 -3.76 -3.94
C ALA E 31 -22.66 -3.91 -2.41
N LYS E 32 -21.51 -3.65 -1.80
CA LYS E 32 -21.44 -3.56 -0.34
C LYS E 32 -20.70 -2.30 0.07
N ASP E 33 -21.43 -1.41 0.76
CA ASP E 33 -20.82 -0.23 1.31
C ASP E 33 -20.13 -0.71 2.58
N ILE E 34 -18.82 -0.50 2.64
CA ILE E 34 -18.03 -0.92 3.79
C ILE E 34 -17.53 0.27 4.61
N LEU E 35 -18.13 1.44 4.42
CA LEU E 35 -17.70 2.60 5.19
C LEU E 35 -18.79 3.15 6.09
N GLU E 36 -18.62 3.02 7.39
CA GLU E 36 -19.68 3.48 8.27
C GLU E 36 -19.54 4.98 8.39
N LYS E 37 -20.56 5.71 7.94
CA LYS E 37 -20.57 7.16 8.04
C LYS E 37 -21.42 7.78 9.19
N THR E 38 -22.17 6.99 9.98
CA THR E 38 -23.19 7.57 10.87
C THR E 38 -22.94 7.38 12.37
N HIS E 39 -23.48 8.29 13.18
CA HIS E 39 -23.37 8.24 14.64
C HIS E 39 -24.56 8.89 15.32
N ASN E 40 -24.92 8.38 16.50
CA ASN E 40 -26.12 8.83 17.20
C ASN E 40 -26.06 10.25 17.80
N GLY E 41 -24.88 10.88 17.71
CA GLY E 41 -24.66 12.21 18.25
C GLY E 41 -24.84 12.30 19.75
N LYS E 42 -24.77 11.16 20.43
CA LYS E 42 -24.95 11.15 21.87
C LYS E 42 -23.69 10.56 22.48
N LEU E 43 -23.28 11.10 23.62
CA LEU E 43 -22.18 10.51 24.41
C LEU E 43 -22.80 9.46 25.31
N CYS E 44 -22.32 8.23 25.25
CA CYS E 44 -23.08 7.11 25.81
C CYS E 44 -22.37 6.32 26.94
N LYS E 45 -23.04 5.30 27.47
CA LYS E 45 -22.37 4.41 28.41
C LYS E 45 -21.65 3.34 27.61
N LEU E 46 -20.36 3.17 27.88
CA LEU E 46 -19.55 2.25 27.09
C LEU E 46 -19.55 0.86 27.69
N ASN E 47 -20.09 -0.09 26.93
CA ASN E 47 -20.11 -1.47 27.38
C ASN E 47 -20.73 -1.60 28.79
N GLY E 48 -21.84 -0.90 29.02
CA GLY E 48 -22.57 -1.06 30.25
C GLY E 48 -22.02 -0.26 31.42
N ILE E 49 -20.77 0.17 31.30
CA ILE E 49 -20.22 1.05 32.31
C ILE E 49 -20.20 2.50 31.82
N PRO E 50 -20.79 3.40 32.61
CA PRO E 50 -20.91 4.79 32.19
C PRO E 50 -19.55 5.45 32.26
N PRO E 51 -19.39 6.57 31.55
CA PRO E 51 -18.15 7.34 31.65
C PRO E 51 -18.00 7.91 33.06
N LEU E 52 -16.95 8.70 33.28
CA LEU E 52 -16.88 9.60 34.41
C LEU E 52 -17.03 11.02 33.87
N GLU E 53 -18.07 11.71 34.30
CA GLU E 53 -18.30 13.05 33.80
C GLU E 53 -17.58 14.06 34.69
N LEU E 54 -16.60 14.79 34.17
CA LEU E 54 -15.89 15.75 35.01
C LEU E 54 -16.67 17.01 35.22
N GLY E 55 -17.52 17.34 34.25
CA GLY E 55 -18.26 18.58 34.32
C GLY E 55 -17.30 19.75 34.25
N ASP E 56 -17.39 20.66 35.21
CA ASP E 56 -16.55 21.85 35.16
C ASP E 56 -15.21 21.64 35.85
N CYS E 57 -15.02 20.45 36.39
CA CYS E 57 -13.73 20.07 36.97
C CYS E 57 -12.67 19.66 35.95
N SER E 58 -11.44 20.13 36.22
CA SER E 58 -10.22 19.59 35.65
C SER E 58 -9.87 18.26 36.31
N ILE E 59 -9.00 17.48 35.69
CA ILE E 59 -8.48 16.29 36.34
C ILE E 59 -7.88 16.69 37.67
N ALA E 60 -7.13 17.78 37.65
CA ALA E 60 -6.48 18.26 38.85
C ALA E 60 -7.52 18.56 39.92
N GLY E 61 -8.46 19.45 39.60
CA GLY E 61 -9.51 19.85 40.53
C GLY E 61 -10.21 18.67 41.18
N TRP E 62 -10.44 17.64 40.37
CA TRP E 62 -10.98 16.38 40.85
C TRP E 62 -10.05 15.74 41.87
N LEU E 63 -8.80 15.51 41.49
CA LEU E 63 -7.91 14.72 42.34
C LEU E 63 -7.55 15.40 43.65
N LEU E 64 -7.45 16.72 43.61
CA LEU E 64 -7.15 17.51 44.80
C LEU E 64 -8.39 17.63 45.68
N GLY E 65 -9.56 17.58 45.06
CA GLY E 65 -10.78 17.94 45.73
C GLY E 65 -11.02 19.43 45.84
N ASN E 66 -10.82 20.15 44.73
CA ASN E 66 -11.35 21.50 44.64
C ASN E 66 -12.80 21.44 45.08
N PRO E 67 -13.20 22.37 45.95
CA PRO E 67 -14.52 22.20 46.57
C PRO E 67 -15.63 22.35 45.54
N GLU E 68 -15.44 23.24 44.56
CA GLU E 68 -16.51 23.65 43.67
C GLU E 68 -17.11 22.48 42.88
N CYS E 69 -16.33 21.41 42.78
CA CYS E 69 -16.88 20.11 42.46
C CYS E 69 -16.66 19.20 43.66
N ASP E 70 -17.72 18.95 44.44
CA ASP E 70 -17.65 17.99 45.53
C ASP E 70 -18.11 16.62 45.06
N ARG E 71 -18.77 16.60 43.91
CA ARG E 71 -19.66 15.49 43.57
C ARG E 71 -18.86 14.27 43.20
N LEU E 72 -17.56 14.50 42.97
CA LEU E 72 -16.63 13.49 42.50
C LEU E 72 -15.83 12.83 43.61
N LEU E 73 -16.11 13.24 44.86
CA LEU E 73 -15.38 12.77 46.03
C LEU E 73 -15.44 11.26 46.25
N SER E 74 -16.51 10.64 45.77
CA SER E 74 -16.56 9.18 45.61
C SER E 74 -17.23 8.78 44.29
N VAL E 75 -16.48 8.08 43.45
CA VAL E 75 -16.98 7.71 42.13
C VAL E 75 -16.63 6.29 41.78
N PRO E 76 -17.62 5.54 41.26
CA PRO E 76 -17.50 4.12 40.95
C PRO E 76 -16.77 3.90 39.64
N GLU E 77 -16.72 2.64 39.19
CA GLU E 77 -16.04 2.23 37.96
C GLU E 77 -16.54 3.07 36.78
N TRP E 78 -15.60 3.54 35.95
CA TRP E 78 -15.94 4.28 34.75
C TRP E 78 -15.28 3.67 33.50
N SER E 79 -15.98 3.71 32.37
CA SER E 79 -15.40 3.24 31.10
C SER E 79 -14.49 4.27 30.46
N TYR E 80 -14.80 5.54 30.63
CA TYR E 80 -13.93 6.61 30.14
C TYR E 80 -14.20 7.88 30.92
N ILE E 81 -13.28 8.84 30.86
CA ILE E 81 -13.48 10.12 31.52
C ILE E 81 -13.75 11.18 30.49
N MET E 82 -14.70 12.09 30.75
CA MET E 82 -14.95 13.19 29.84
C MET E 82 -14.68 14.52 30.53
N GLU E 83 -13.69 15.25 30.02
CA GLU E 83 -13.24 16.50 30.62
C GLU E 83 -13.41 17.60 29.58
N LYS E 84 -13.75 18.82 29.99
CA LYS E 84 -13.95 19.85 28.97
C LYS E 84 -12.63 20.45 28.52
N GLU E 85 -12.73 21.30 27.51
CA GLU E 85 -11.59 22.01 26.96
C GLU E 85 -10.89 22.83 28.04
N ASN E 86 -11.58 23.84 28.55
CA ASN E 86 -11.01 24.67 29.60
C ASN E 86 -11.92 24.70 30.80
N PRO E 87 -11.77 23.73 31.70
CA PRO E 87 -12.62 23.62 32.88
C PRO E 87 -12.60 24.89 33.72
N ARG E 88 -13.68 25.16 34.44
CA ARG E 88 -13.65 26.24 35.40
C ARG E 88 -12.94 25.74 36.65
N ASP E 89 -13.56 24.77 37.31
CA ASP E 89 -13.05 24.25 38.58
C ASP E 89 -11.85 23.34 38.35
N GLY E 90 -10.69 23.96 38.14
CA GLY E 90 -9.41 23.27 38.15
C GLY E 90 -8.66 23.61 39.43
N LEU E 91 -7.63 24.44 39.32
CA LEU E 91 -6.91 24.88 40.50
C LEU E 91 -7.45 26.21 41.01
N CYS E 92 -8.12 26.19 42.15
CA CYS E 92 -8.65 27.41 42.72
C CYS E 92 -7.49 28.19 43.33
N TYR E 93 -6.58 27.49 43.99
CA TYR E 93 -5.41 28.16 44.54
C TYR E 93 -4.35 28.25 43.47
N PRO E 94 -4.08 29.46 42.97
CA PRO E 94 -3.18 29.65 41.82
C PRO E 94 -1.84 28.98 42.02
N GLY E 95 -1.37 28.31 40.97
CA GLY E 95 -0.14 27.53 41.07
C GLY E 95 0.07 26.61 39.88
N SER E 96 0.87 25.57 40.08
CA SER E 96 1.30 24.71 39.00
C SER E 96 1.27 23.26 39.44
N PHE E 97 1.19 22.36 38.46
CA PHE E 97 1.13 20.94 38.70
C PHE E 97 2.20 20.20 37.88
N ASN E 98 3.09 19.49 38.56
CA ASN E 98 4.24 18.86 37.89
C ASN E 98 3.93 17.51 37.26
N ASP E 99 4.31 17.35 36.00
CA ASP E 99 4.08 16.10 35.26
C ASP E 99 2.60 15.80 35.02
N TYR E 100 1.84 16.87 34.86
CA TYR E 100 0.40 16.79 34.61
C TYR E 100 0.02 15.84 33.45
N GLU E 101 0.65 16.00 32.29
CA GLU E 101 0.35 15.20 31.10
C GLU E 101 0.71 13.74 31.25
N GLU E 102 1.79 13.49 31.98
CA GLU E 102 2.11 12.11 32.30
C GLU E 102 0.97 11.53 33.15
N LEU E 103 0.56 12.30 34.17
CA LEU E 103 -0.52 11.88 35.07
C LEU E 103 -1.83 11.55 34.34
N LYS E 104 -2.13 12.34 33.31
CA LYS E 104 -3.27 12.04 32.47
C LYS E 104 -3.07 10.74 31.63
N HIS E 105 -1.90 10.60 30.99
CA HIS E 105 -1.67 9.34 30.28
C HIS E 105 -1.73 8.15 31.24
N LEU E 106 -1.50 8.41 32.53
CA LEU E 106 -1.55 7.35 33.52
C LEU E 106 -3.00 6.99 33.72
N LEU E 107 -3.78 8.02 34.00
CA LEU E 107 -5.22 7.88 34.20
C LEU E 107 -5.94 7.20 33.06
N SER E 108 -5.38 7.26 31.86
N SER E 108 -5.38 7.26 31.86
CA SER E 108 -5.98 6.56 30.72
CA SER E 108 -5.98 6.56 30.72
C SER E 108 -5.87 5.03 30.85
C SER E 108 -5.89 5.03 30.88
N SER E 109 -5.03 4.57 31.77
CA SER E 109 -4.84 3.15 32.01
C SER E 109 -5.72 2.70 33.15
N VAL E 110 -6.54 3.62 33.64
CA VAL E 110 -7.20 3.43 34.92
C VAL E 110 -8.73 3.48 34.82
N LYS E 111 -9.37 2.43 35.33
CA LYS E 111 -10.81 2.29 35.18
C LYS E 111 -11.59 2.51 36.46
N HIS E 112 -10.98 2.18 37.60
CA HIS E 112 -11.58 2.54 38.90
C HIS E 112 -10.55 2.85 39.98
N PHE E 113 -10.87 3.82 40.83
CA PHE E 113 -10.01 4.18 41.95
C PHE E 113 -10.64 3.72 43.26
N GLU E 114 -9.82 3.65 44.30
CA GLU E 114 -10.31 3.38 45.66
C GLU E 114 -9.65 4.34 46.65
N LYS E 115 -10.30 5.45 46.95
CA LYS E 115 -9.69 6.43 47.86
C LYS E 115 -9.46 5.89 49.29
N VAL E 116 -8.24 6.05 49.78
CA VAL E 116 -7.85 5.52 51.07
C VAL E 116 -7.02 6.55 51.82
N LYS E 117 -7.41 6.88 53.06
CA LYS E 117 -6.68 7.93 53.78
C LYS E 117 -5.46 7.35 54.48
N ILE E 118 -4.28 7.80 54.03
CA ILE E 118 -3.00 7.37 54.61
C ILE E 118 -2.41 8.28 55.68
N LEU E 119 -2.95 9.50 55.81
CA LEU E 119 -2.46 10.49 56.77
C LEU E 119 -3.59 11.32 57.36
N PRO E 120 -4.41 10.71 58.20
CA PRO E 120 -5.62 11.33 58.76
C PRO E 120 -5.34 12.71 59.34
N LYS E 121 -6.27 13.65 59.22
CA LYS E 121 -6.06 14.98 59.79
C LYS E 121 -5.91 14.94 61.32
N ASP E 122 -6.71 14.09 61.96
CA ASP E 122 -6.81 14.08 63.42
C ASP E 122 -5.57 13.51 64.12
N ARG E 123 -4.95 12.50 63.52
CA ARG E 123 -3.83 11.81 64.17
C ARG E 123 -2.50 12.50 63.91
N TRP E 124 -2.57 13.62 63.19
CA TRP E 124 -1.47 14.58 63.15
C TRP E 124 -1.72 15.66 64.17
N THR E 125 -0.92 15.62 65.24
CA THR E 125 -1.14 16.47 66.42
C THR E 125 -0.59 17.90 66.32
N GLN E 126 0.61 18.01 65.74
CA GLN E 126 1.52 19.16 65.89
C GLN E 126 1.07 20.54 65.40
N HIS E 127 0.54 20.58 64.18
CA HIS E 127 0.18 21.85 63.58
C HIS E 127 -1.33 22.08 63.49
N THR E 128 -1.73 23.27 63.02
CA THR E 128 -3.16 23.62 62.86
C THR E 128 -3.53 23.41 61.39
N THR E 129 -4.49 22.54 61.17
CA THR E 129 -4.78 22.06 59.84
C THR E 129 -5.88 22.88 59.19
N THR E 130 -6.38 23.86 59.94
CA THR E 130 -7.65 24.54 59.62
C THR E 130 -7.65 25.42 58.37
N GLY E 131 -6.48 25.91 57.96
CA GLY E 131 -6.43 26.97 56.97
C GLY E 131 -7.04 26.70 55.61
N GLY E 132 -7.78 27.67 55.08
CA GLY E 132 -8.05 27.75 53.65
C GLY E 132 -8.53 29.15 53.29
N SER E 133 -8.29 29.58 52.05
CA SER E 133 -8.38 31.02 51.73
C SER E 133 -9.42 31.42 50.69
N ARG E 134 -9.44 32.70 50.35
CA ARG E 134 -10.52 33.33 49.58
C ARG E 134 -10.62 32.83 48.15
N ALA E 135 -9.52 32.27 47.61
CA ALA E 135 -9.54 31.73 46.26
C ALA E 135 -10.45 30.51 46.20
N CYS E 136 -10.40 29.68 47.24
CA CYS E 136 -11.18 28.45 47.28
C CYS E 136 -12.56 28.66 47.88
N ALA E 137 -12.92 29.91 48.13
CA ALA E 137 -14.23 30.22 48.67
C ALA E 137 -15.38 29.63 47.86
N VAL E 138 -16.39 29.10 48.55
CA VAL E 138 -17.58 28.61 47.90
C VAL E 138 -18.79 29.44 48.31
N SER E 139 -19.33 30.19 47.34
CA SER E 139 -20.39 31.14 47.59
C SER E 139 -19.98 32.07 48.72
N GLY E 140 -18.77 32.62 48.61
CA GLY E 140 -18.28 33.60 49.56
C GLY E 140 -17.75 33.03 50.86
N ASN E 141 -17.71 31.70 50.94
CA ASN E 141 -17.26 31.02 52.14
C ASN E 141 -15.96 30.26 51.89
N PRO E 142 -14.85 30.71 52.50
CA PRO E 142 -13.48 30.23 52.22
C PRO E 142 -13.32 28.72 52.45
N SER E 143 -12.52 28.07 51.61
CA SER E 143 -12.41 26.60 51.64
C SER E 143 -11.06 26.10 51.15
N PHE E 144 -10.94 24.78 50.93
CA PHE E 144 -9.67 24.20 50.52
C PHE E 144 -9.83 22.90 49.72
N PHE E 145 -8.71 22.26 49.39
CA PHE E 145 -8.75 21.01 48.67
C PHE E 145 -9.09 19.92 49.68
N ARG E 146 -10.22 19.24 49.47
CA ARG E 146 -10.76 18.32 50.45
C ARG E 146 -9.83 17.14 50.69
N ASN E 147 -8.99 16.84 49.72
CA ASN E 147 -8.12 15.68 49.82
C ASN E 147 -6.79 16.06 50.42
N MET E 148 -6.62 17.35 50.70
CA MET E 148 -5.32 17.82 51.15
C MET E 148 -5.37 18.44 52.55
N VAL E 149 -4.20 18.80 53.07
CA VAL E 149 -4.10 19.46 54.37
C VAL E 149 -3.03 20.53 54.41
N TRP E 150 -3.41 21.74 54.81
CA TRP E 150 -2.44 22.81 54.87
C TRP E 150 -1.94 22.92 56.29
N LEU E 151 -0.68 22.56 56.49
CA LEU E 151 -0.15 22.55 57.84
C LEU E 151 0.43 23.91 58.17
N THR E 152 0.05 24.44 59.33
CA THR E 152 0.58 25.70 59.85
C THR E 152 0.65 25.55 61.37
N GLU E 153 1.44 26.40 62.02
CA GLU E 153 2.06 26.09 63.32
C GLU E 153 1.07 26.01 64.48
N LYS E 154 1.61 25.81 65.69
CA LYS E 154 0.86 25.99 66.95
C LYS E 154 1.66 26.89 67.89
N GLY E 155 1.14 28.07 68.21
CA GLY E 155 1.70 28.87 69.29
C GLY E 155 3.17 29.27 69.21
N SER E 156 3.57 29.92 68.12
CA SER E 156 4.95 30.34 67.87
C SER E 156 5.93 29.19 67.57
N ASN E 157 5.45 27.96 67.69
CA ASN E 157 6.26 26.80 67.36
C ASN E 157 5.77 26.16 66.07
N TYR E 158 6.69 25.97 65.13
CA TYR E 158 6.39 25.25 63.89
C TYR E 158 7.34 24.05 63.79
N PRO E 159 7.08 23.02 64.61
CA PRO E 159 8.05 21.96 64.93
C PRO E 159 8.21 21.02 63.77
N VAL E 160 9.03 19.99 63.96
CA VAL E 160 9.35 19.11 62.85
C VAL E 160 8.12 18.30 62.44
N ALA E 161 7.74 18.42 61.19
CA ALA E 161 6.57 17.74 60.67
C ALA E 161 7.07 16.52 59.92
N LYS E 162 6.77 15.34 60.45
CA LYS E 162 7.22 14.06 59.87
C LYS E 162 6.02 13.19 59.51
N GLY E 163 6.15 12.36 58.48
CA GLY E 163 5.07 11.47 58.10
C GLY E 163 5.59 10.20 57.43
N SER E 164 4.79 9.15 57.49
CA SER E 164 5.16 7.88 56.86
C SER E 164 3.93 7.12 56.42
N TYR E 165 4.04 6.42 55.30
CA TYR E 165 3.05 5.39 54.99
C TYR E 165 3.66 4.16 54.27
N ASN E 166 3.35 2.98 54.80
CA ASN E 166 3.79 1.72 54.20
C ASN E 166 2.59 1.00 53.63
N ASN E 167 2.62 0.70 52.34
CA ASN E 167 1.40 0.43 51.60
C ASN E 167 1.02 -1.04 51.57
N THR E 168 -0.06 -1.35 52.29
CA THR E 168 -0.63 -2.67 52.39
C THR E 168 -1.56 -3.03 51.22
N SER E 169 -2.08 -2.01 50.54
CA SER E 169 -3.36 -2.13 49.81
C SER E 169 -3.51 -3.18 48.69
N GLY E 170 -2.42 -3.73 48.16
CA GLY E 170 -2.50 -4.81 47.18
C GLY E 170 -2.55 -4.36 45.72
N GLU E 171 -2.85 -3.08 45.51
CA GLU E 171 -2.66 -2.44 44.20
C GLU E 171 -2.07 -1.07 44.48
N GLN E 172 -1.42 -0.46 43.48
CA GLN E 172 -0.55 0.68 43.74
C GLN E 172 -1.33 1.96 44.10
N MET E 173 -0.58 3.02 44.40
CA MET E 173 -1.22 4.19 44.97
C MET E 173 -0.75 5.49 44.36
N LEU E 174 -1.70 6.26 43.86
CA LEU E 174 -1.36 7.59 43.41
C LEU E 174 -1.31 8.46 44.66
N ILE E 175 -0.27 9.28 44.80
CA ILE E 175 -0.19 10.20 45.94
C ILE E 175 0.27 11.56 45.44
N ILE E 176 -0.38 12.61 45.93
CA ILE E 176 -0.02 13.98 45.55
C ILE E 176 0.41 14.81 46.75
N TRP E 177 1.30 15.78 46.53
CA TRP E 177 1.53 16.80 47.54
C TRP E 177 1.72 18.17 46.90
N GLY E 178 1.94 19.17 47.73
CA GLY E 178 2.15 20.51 47.23
C GLY E 178 3.13 21.24 48.13
N VAL E 179 3.64 22.34 47.63
CA VAL E 179 4.56 23.18 48.39
C VAL E 179 4.14 24.64 48.25
N HIS E 180 3.95 25.33 49.38
CA HIS E 180 3.44 26.70 49.33
C HIS E 180 4.53 27.73 49.01
N HIS E 181 4.21 28.63 48.09
CA HIS E 181 5.08 29.74 47.73
C HIS E 181 4.41 31.08 48.11
N PRO E 182 4.97 31.76 49.13
CA PRO E 182 4.45 33.03 49.68
C PRO E 182 4.70 34.24 48.77
N ASN E 183 3.82 35.23 48.84
CA ASN E 183 4.00 36.49 48.11
C ASN E 183 5.06 37.37 48.78
N ASP E 184 5.13 37.29 50.10
CA ASP E 184 6.01 38.16 50.85
C ASP E 184 6.64 37.48 52.06
N GLU E 185 7.67 38.11 52.61
CA GLU E 185 8.34 37.64 53.80
C GLU E 185 7.43 37.52 55.03
N THR E 186 6.49 38.45 55.20
CA THR E 186 5.58 38.45 56.34
C THR E 186 4.44 37.45 56.16
N GLU E 187 4.05 37.20 54.91
CA GLU E 187 3.10 36.14 54.57
C GLU E 187 3.67 34.81 55.01
N GLN E 188 4.94 34.58 54.69
CA GLN E 188 5.68 33.41 55.14
C GLN E 188 5.75 33.35 56.66
N ARG E 189 6.31 34.40 57.25
CA ARG E 189 6.56 34.46 58.68
C ARG E 189 5.30 34.21 59.51
N THR E 190 4.16 34.70 59.04
CA THR E 190 2.90 34.45 59.73
C THR E 190 2.68 32.95 59.92
N LEU E 191 2.41 32.28 58.79
CA LEU E 191 1.99 30.87 58.75
C LEU E 191 3.01 29.87 59.28
N TYR E 192 4.19 29.85 58.67
CA TYR E 192 5.21 28.85 59.01
C TYR E 192 6.23 29.26 60.07
N GLN E 193 6.30 30.56 60.39
CA GLN E 193 7.08 31.07 61.52
C GLN E 193 8.57 31.10 61.33
N ASN E 194 9.07 30.34 60.37
CA ASN E 194 10.50 30.18 60.17
C ASN E 194 10.86 30.55 58.75
N VAL E 195 12.03 31.12 58.56
CA VAL E 195 12.49 31.39 57.21
C VAL E 195 13.30 30.20 56.71
N GLY E 196 13.75 30.26 55.45
CA GLY E 196 14.57 29.23 54.84
C GLY E 196 14.03 27.83 55.06
N THR E 197 12.71 27.69 55.01
CA THR E 197 12.07 26.39 55.24
C THR E 197 12.27 25.48 54.03
N TYR E 198 11.77 24.25 54.13
CA TYR E 198 11.87 23.29 53.02
C TYR E 198 10.79 22.22 53.12
N VAL E 199 10.53 21.56 52.00
CA VAL E 199 9.77 20.29 52.01
C VAL E 199 10.60 19.14 51.43
N SER E 200 10.48 17.97 52.04
CA SER E 200 11.19 16.80 51.56
CA SER E 200 11.19 16.80 51.56
C SER E 200 10.27 15.59 51.59
N VAL E 201 10.18 14.90 50.45
CA VAL E 201 9.42 13.67 50.33
C VAL E 201 10.40 12.61 49.86
N GLY E 202 10.18 11.35 50.26
CA GLY E 202 11.03 10.28 49.78
C GLY E 202 10.38 8.91 49.74
N THR E 203 10.90 8.05 48.86
CA THR E 203 10.46 6.68 48.71
C THR E 203 11.69 5.84 48.46
N SER E 204 11.48 4.57 48.16
CA SER E 204 12.57 3.73 47.67
CA SER E 204 12.57 3.73 47.67
C SER E 204 13.18 4.40 46.44
N THR E 205 12.39 4.50 45.38
CA THR E 205 12.85 5.12 44.12
C THR E 205 12.89 6.66 44.16
N LEU E 206 11.93 7.29 44.80
CA LEU E 206 11.87 8.76 44.79
C LEU E 206 12.62 9.42 45.94
N ASN E 207 13.36 10.49 45.62
CA ASN E 207 13.82 11.47 46.62
C ASN E 207 13.67 12.90 46.08
N LYS E 208 12.93 13.74 46.79
CA LYS E 208 12.75 15.14 46.39
C LYS E 208 12.80 16.09 47.58
N ARG E 209 13.51 17.21 47.41
CA ARG E 209 13.44 18.29 48.37
C ARG E 209 13.34 19.66 47.72
N SER E 210 12.23 20.36 47.95
CA SER E 210 12.03 21.67 47.36
C SER E 210 12.17 22.75 48.42
N THR E 211 12.83 23.84 48.06
CA THR E 211 12.94 25.00 48.93
C THR E 211 11.98 26.07 48.40
N PRO E 212 10.98 26.42 49.22
CA PRO E 212 9.91 27.35 48.85
C PRO E 212 10.44 28.70 48.39
N GLU E 213 9.73 29.34 47.46
CA GLU E 213 10.19 30.60 46.92
C GLU E 213 9.31 31.80 47.25
N ILE E 214 9.94 32.87 47.72
CA ILE E 214 9.22 34.07 48.13
C ILE E 214 9.51 35.22 47.16
N ALA E 215 8.50 35.66 46.41
CA ALA E 215 8.64 36.83 45.55
C ALA E 215 7.29 37.48 45.23
N THR E 216 7.32 38.75 44.83
CA THR E 216 6.09 39.44 44.47
C THR E 216 5.67 39.03 43.05
N ARG E 217 4.50 38.43 42.93
CA ARG E 217 4.01 37.89 41.66
C ARG E 217 2.66 38.52 41.35
N PRO E 218 2.30 38.62 40.06
CA PRO E 218 1.11 39.38 39.68
C PRO E 218 -0.17 38.80 40.25
N LYS E 219 -1.27 39.48 39.98
CA LYS E 219 -2.55 39.12 40.57
C LYS E 219 -3.31 38.18 39.65
N VAL E 220 -3.51 36.95 40.12
CA VAL E 220 -4.48 36.04 39.50
C VAL E 220 -5.37 35.45 40.59
N ASN E 221 -6.65 35.76 40.51
CA ASN E 221 -7.56 35.61 41.64
C ASN E 221 -6.98 36.30 42.86
N GLY E 222 -6.54 37.53 42.65
CA GLY E 222 -6.04 38.42 43.70
C GLY E 222 -4.98 37.82 44.60
N GLN E 223 -4.03 37.10 44.01
CA GLN E 223 -3.08 36.34 44.79
C GLN E 223 -1.65 36.44 44.28
N GLY E 224 -0.71 36.66 45.20
CA GLY E 224 0.70 36.58 44.91
C GLY E 224 1.29 35.31 45.49
N GLY E 225 0.47 34.54 46.21
CA GLY E 225 0.87 33.23 46.67
C GLY E 225 0.76 32.28 45.49
N ARG E 226 1.54 31.21 45.48
CA ARG E 226 1.41 30.12 44.49
C ARG E 226 1.56 28.75 45.16
N MET E 227 1.00 27.72 44.55
CA MET E 227 1.14 26.35 45.07
C MET E 227 1.53 25.32 43.99
N GLU E 228 2.59 24.56 44.25
CA GLU E 228 3.16 23.66 43.26
C GLU E 228 3.04 22.18 43.65
N PHE E 229 2.23 21.43 42.89
CA PHE E 229 2.01 20.02 43.18
C PHE E 229 2.91 19.08 42.39
N SER E 230 3.56 18.17 43.12
CA SER E 230 4.25 17.06 42.50
C SER E 230 3.62 15.75 43.02
N TRP E 231 3.69 14.69 42.21
CA TRP E 231 3.00 13.44 42.53
C TRP E 231 3.85 12.22 42.24
N THR E 232 3.47 11.11 42.86
CA THR E 232 4.19 9.88 42.64
C THR E 232 3.24 8.70 42.65
N LEU E 233 3.75 7.58 42.15
CA LEU E 233 3.03 6.34 42.25
C LEU E 233 3.80 5.43 43.18
N LEU E 234 3.22 5.23 44.36
CA LEU E 234 3.76 4.29 45.32
C LEU E 234 3.46 2.89 44.82
N ASP E 235 4.49 2.04 44.80
CA ASP E 235 4.32 0.63 44.43
C ASP E 235 3.88 -0.20 45.63
N MET E 236 3.96 -1.52 45.48
CA MET E 236 3.74 -2.43 46.59
C MET E 236 4.73 -2.30 47.73
N TRP E 237 4.20 -2.25 48.95
CA TRP E 237 5.01 -2.44 50.15
C TRP E 237 6.04 -1.34 50.40
N ASP E 238 6.17 -0.41 49.48
CA ASP E 238 7.12 0.65 49.69
C ASP E 238 6.58 1.72 50.64
N THR E 239 7.50 2.39 51.32
CA THR E 239 7.13 3.40 52.28
C THR E 239 7.45 4.81 51.76
N ILE E 240 6.50 5.71 51.96
CA ILE E 240 6.65 7.12 51.59
C ILE E 240 6.87 7.93 52.87
N ASN E 241 7.91 8.76 52.90
CA ASN E 241 8.19 9.64 54.05
C ASN E 241 8.10 11.13 53.75
N PHE E 242 7.53 11.87 54.69
CA PHE E 242 7.44 13.34 54.63
C PHE E 242 8.27 13.99 55.76
N GLU E 243 8.98 15.06 55.42
CA GLU E 243 9.61 15.92 56.43
C GLU E 243 9.55 17.40 56.00
N SER E 244 9.11 18.28 56.89
CA SER E 244 9.10 19.70 56.54
C SER E 244 9.35 20.65 57.72
N THR E 245 10.11 21.72 57.45
CA THR E 245 10.25 22.85 58.38
C THR E 245 9.23 23.94 58.04
N GLY E 246 8.46 23.72 56.97
CA GLY E 246 7.38 24.61 56.59
C GLY E 246 6.80 24.34 55.21
N ASN E 247 5.70 25.03 54.88
CA ASN E 247 5.24 25.17 53.50
C ASN E 247 4.65 23.93 52.80
N LEU E 248 4.65 22.79 53.49
CA LEU E 248 4.14 21.53 52.95
C LEU E 248 2.63 21.62 52.74
N ILE E 249 2.09 20.95 51.71
CA ILE E 249 0.64 20.73 51.60
C ILE E 249 0.51 19.21 51.52
N ALA E 250 -0.12 18.60 52.52
CA ALA E 250 -0.13 17.14 52.62
C ALA E 250 -1.31 16.45 51.95
N PRO E 251 -1.12 15.20 51.53
CA PRO E 251 -2.26 14.33 51.25
C PRO E 251 -2.96 13.93 52.53
N GLU E 252 -4.29 13.98 52.59
CA GLU E 252 -5.00 13.23 53.63
C GLU E 252 -5.06 11.80 53.15
N TYR E 253 -5.38 11.66 51.87
CA TYR E 253 -5.53 10.35 51.23
C TYR E 253 -4.72 10.30 49.94
N GLY E 254 -4.60 9.09 49.41
CA GLY E 254 -4.08 8.87 48.07
C GLY E 254 -4.80 7.67 47.49
N PHE E 255 -4.72 7.50 46.18
CA PHE E 255 -5.66 6.65 45.46
C PHE E 255 -5.12 5.29 45.10
N LYS E 256 -5.80 4.25 45.60
CA LYS E 256 -5.53 2.89 45.18
C LYS E 256 -6.23 2.70 43.85
N ILE E 257 -5.58 2.01 42.92
CA ILE E 257 -6.25 1.70 41.68
C ILE E 257 -7.03 0.40 41.93
N SER E 258 -8.30 0.39 41.56
CA SER E 258 -9.09 -0.83 41.68
C SER E 258 -8.99 -1.57 40.37
N LYS E 259 -9.64 -0.98 39.37
CA LYS E 259 -9.68 -1.56 38.03
C LYS E 259 -8.57 -0.99 37.14
N ARG E 260 -7.72 -1.89 36.65
CA ARG E 260 -6.81 -1.60 35.56
C ARG E 260 -7.63 -1.80 34.31
N GLY E 261 -7.25 -1.18 33.20
CA GLY E 261 -7.98 -1.40 31.97
C GLY E 261 -7.76 -0.33 30.93
N SER E 262 -8.14 -0.62 29.70
CA SER E 262 -7.94 0.32 28.62
C SER E 262 -9.10 1.30 28.54
N SER E 263 -8.77 2.57 28.69
CA SER E 263 -9.76 3.64 28.76
C SER E 263 -9.20 4.80 27.97
N GLY E 264 -9.85 5.95 28.06
CA GLY E 264 -9.29 7.16 27.49
C GLY E 264 -9.84 8.35 28.24
N ILE E 265 -9.22 9.50 28.04
CA ILE E 265 -9.88 10.73 28.42
C ILE E 265 -10.36 11.42 27.15
N MET E 266 -11.68 11.52 27.00
CA MET E 266 -12.31 12.25 25.93
C MET E 266 -12.48 13.71 26.29
N LYS E 267 -11.98 14.58 25.42
CA LYS E 267 -12.26 16.00 25.57
C LYS E 267 -13.62 16.30 24.94
N THR E 268 -14.54 16.80 25.77
CA THR E 268 -15.86 17.24 25.28
C THR E 268 -16.50 18.31 26.15
N GLU E 269 -17.24 19.22 25.52
CA GLU E 269 -18.06 20.17 26.27
C GLU E 269 -19.37 19.53 26.67
N GLY E 270 -19.86 18.63 25.82
CA GLY E 270 -21.18 18.07 25.95
C GLY E 270 -21.30 17.13 27.12
N THR E 271 -22.41 16.40 27.15
CA THR E 271 -22.78 15.64 28.33
C THR E 271 -23.43 14.27 28.03
N LEU E 272 -23.28 13.35 28.98
CA LEU E 272 -23.86 12.03 28.91
C LEU E 272 -25.36 12.07 28.71
N GLU E 273 -25.87 11.23 27.80
CA GLU E 273 -27.29 10.95 27.69
C GLU E 273 -27.47 9.49 28.09
N ASN E 274 -28.67 8.94 27.99
CA ASN E 274 -28.84 7.55 28.42
C ASN E 274 -28.81 6.68 27.17
N CYS E 275 -27.65 6.07 26.91
CA CYS E 275 -27.49 5.15 25.80
C CYS E 275 -26.40 4.10 26.09
N GLU E 276 -26.45 2.97 25.41
CA GLU E 276 -25.41 1.96 25.54
C GLU E 276 -24.69 1.83 24.19
N THR E 277 -23.36 1.93 24.19
CA THR E 277 -22.63 1.67 22.96
C THR E 277 -21.35 0.90 23.20
N LYS E 278 -20.89 0.17 22.19
CA LYS E 278 -19.59 -0.44 22.28
C LYS E 278 -18.53 0.42 21.59
N CYS E 279 -18.96 1.52 20.95
CA CYS E 279 -18.00 2.41 20.31
C CYS E 279 -18.35 3.86 20.52
N GLN E 280 -17.43 4.62 21.10
CA GLN E 280 -17.73 6.02 21.37
C GLN E 280 -16.74 6.96 20.69
N THR E 281 -17.26 7.85 19.85
CA THR E 281 -16.44 8.96 19.37
C THR E 281 -16.83 10.20 20.16
N PRO E 282 -16.10 11.31 19.96
CA PRO E 282 -16.56 12.55 20.57
C PRO E 282 -17.81 13.11 19.91
N LEU E 283 -18.08 12.77 18.65
CA LEU E 283 -19.20 13.39 17.95
C LEU E 283 -20.46 12.61 18.17
N GLY E 284 -20.33 11.43 18.75
CA GLY E 284 -21.45 10.54 18.88
C GLY E 284 -21.00 9.09 19.00
N ALA E 285 -21.94 8.17 19.00
CA ALA E 285 -21.58 6.79 19.22
C ALA E 285 -21.96 5.90 18.02
N ILE E 286 -21.15 4.88 17.78
CA ILE E 286 -21.24 4.08 16.57
C ILE E 286 -21.66 2.63 16.82
N ASN E 287 -22.71 2.19 16.12
CA ASN E 287 -23.11 0.80 16.13
C ASN E 287 -23.03 0.38 14.71
N THR E 288 -22.07 -0.50 14.39
CA THR E 288 -21.95 -0.91 12.99
C THR E 288 -21.30 -2.27 12.81
N THR E 289 -21.62 -2.92 11.69
CA THR E 289 -20.99 -4.18 11.31
C THR E 289 -19.86 -3.94 10.34
N LEU E 290 -19.64 -2.68 10.00
CA LEU E 290 -18.72 -2.33 8.96
C LEU E 290 -17.29 -2.15 9.48
N PRO E 291 -16.31 -2.56 8.68
CA PRO E 291 -14.88 -2.54 8.96
C PRO E 291 -14.26 -1.16 9.02
N PHE E 292 -14.97 -0.15 8.52
CA PHE E 292 -14.41 1.19 8.49
C PHE E 292 -15.38 2.24 8.93
N HIS E 293 -14.87 3.33 9.45
CA HIS E 293 -15.70 4.47 9.67
C HIS E 293 -14.88 5.72 9.43
N ASN E 294 -15.53 6.77 8.93
CA ASN E 294 -14.95 8.09 8.82
C ASN E 294 -15.32 9.11 9.92
N VAL E 295 -16.07 8.66 10.91
CA VAL E 295 -16.70 9.58 11.87
C VAL E 295 -15.71 10.50 12.56
N HIS E 296 -14.67 9.94 13.17
CA HIS E 296 -13.73 10.73 13.94
C HIS E 296 -12.56 9.87 14.47
N PRO E 297 -11.34 10.39 14.37
CA PRO E 297 -10.15 9.60 14.68
C PRO E 297 -10.00 9.20 16.13
N LEU E 298 -10.64 9.91 17.05
CA LEU E 298 -10.44 9.52 18.44
C LEU E 298 -11.62 8.71 18.91
N THR E 299 -11.43 7.41 19.10
CA THR E 299 -12.55 6.61 19.53
C THR E 299 -12.17 5.82 20.78
N ILE E 300 -13.14 5.11 21.38
CA ILE E 300 -12.88 4.30 22.57
CA ILE E 300 -12.86 4.30 22.54
C ILE E 300 -13.74 3.05 22.57
N GLY E 301 -13.14 1.89 22.86
CA GLY E 301 -13.84 0.60 22.84
C GLY E 301 -13.50 -0.22 21.63
N GLU E 302 -14.18 -1.36 21.42
CA GLU E 302 -13.91 -2.07 20.17
C GLU E 302 -14.70 -1.39 19.06
N CYS E 303 -13.95 -0.87 18.10
CA CYS E 303 -14.40 0.17 17.18
C CYS E 303 -14.00 -0.19 15.77
N PRO E 304 -14.78 0.23 14.76
CA PRO E 304 -14.22 0.01 13.41
C PRO E 304 -12.95 0.84 13.18
N LYS E 305 -12.33 0.68 12.00
CA LYS E 305 -11.08 1.33 11.69
C LYS E 305 -11.30 2.69 10.97
N TYR E 306 -10.61 3.73 11.46
CA TYR E 306 -10.82 5.05 10.91
C TYR E 306 -10.02 5.35 9.64
N VAL E 307 -10.74 5.83 8.63
CA VAL E 307 -10.14 6.31 7.38
C VAL E 307 -10.65 7.69 7.04
N LYS E 308 -9.93 8.42 6.21
CA LYS E 308 -10.39 9.75 5.84
C LYS E 308 -11.34 9.73 4.64
N SER E 309 -11.66 8.54 4.13
CA SER E 309 -12.52 8.42 2.96
C SER E 309 -13.95 8.91 3.14
N GLU E 310 -14.47 9.54 2.10
CA GLU E 310 -15.88 9.83 2.00
C GLU E 310 -16.68 8.61 1.50
N LYS E 311 -16.06 7.81 0.64
CA LYS E 311 -16.68 6.53 0.29
C LYS E 311 -15.68 5.38 0.21
N LEU E 312 -16.13 4.19 0.61
CA LEU E 312 -15.59 2.92 0.10
C LEU E 312 -16.74 1.97 -0.18
N VAL E 313 -16.92 1.59 -1.45
CA VAL E 313 -17.99 0.67 -1.79
C VAL E 313 -17.45 -0.41 -2.71
N LEU E 314 -17.47 -1.67 -2.28
CA LEU E 314 -17.01 -2.79 -3.09
C LEU E 314 -18.11 -3.21 -4.05
N ALA E 315 -17.77 -3.38 -5.31
CA ALA E 315 -18.73 -3.99 -6.21
C ALA E 315 -18.72 -5.48 -5.83
N THR E 316 -19.90 -6.09 -5.88
CA THR E 316 -20.08 -7.50 -5.56
C THR E 316 -20.65 -8.19 -6.79
N GLY E 317 -21.82 -7.70 -7.20
CA GLY E 317 -22.46 -8.20 -8.41
C GLY E 317 -21.72 -7.71 -9.66
N LEU E 318 -22.38 -7.75 -10.79
CA LEU E 318 -21.68 -7.49 -12.01
C LEU E 318 -22.17 -6.19 -12.60
N ARG E 319 -21.57 -5.75 -13.71
CA ARG E 319 -21.92 -4.47 -14.30
C ARG E 319 -23.40 -4.52 -14.65
N ASN E 320 -24.17 -3.49 -14.31
CA ASN E 320 -25.59 -3.55 -14.65
C ASN E 320 -25.85 -2.98 -16.04
N VAL E 321 -26.25 -3.85 -16.96
CA VAL E 321 -26.37 -3.46 -18.35
C VAL E 321 -27.81 -3.56 -18.86
N PRO E 322 -28.41 -2.44 -19.26
CA PRO E 322 -29.81 -2.40 -19.68
C PRO E 322 -30.19 -3.46 -20.75
N GLN E 323 -31.43 -3.92 -20.73
CA GLN E 323 -31.91 -4.84 -21.74
C GLN E 323 -32.03 -4.20 -23.12
N ILE E 324 -31.96 -5.04 -24.16
CA ILE E 324 -32.27 -4.64 -25.53
C ILE E 324 -33.31 -5.58 -26.12
N GLY F 1 -16.64 -6.69 -21.23
CA GLY F 1 -15.67 -6.00 -20.40
C GLY F 1 -14.22 -6.23 -20.83
N LEU F 2 -13.43 -6.93 -20.02
CA LEU F 2 -12.11 -7.40 -20.45
C LEU F 2 -12.13 -8.71 -21.24
N PHE F 3 -13.11 -9.55 -20.95
CA PHE F 3 -13.30 -10.79 -21.69
C PHE F 3 -14.37 -10.72 -22.76
N GLY F 4 -14.99 -9.55 -22.91
CA GLY F 4 -15.88 -9.28 -24.03
C GLY F 4 -17.22 -9.98 -24.09
N ALA F 5 -17.72 -10.40 -22.93
CA ALA F 5 -19.02 -11.05 -22.87
C ALA F 5 -20.07 -10.01 -22.55
N ILE F 6 -19.89 -9.40 -21.37
CA ILE F 6 -20.80 -8.42 -20.80
C ILE F 6 -20.57 -7.07 -21.47
N ALA F 7 -21.66 -6.54 -22.02
CA ALA F 7 -21.66 -5.38 -22.91
C ALA F 7 -20.73 -5.73 -24.08
N GLY F 8 -20.56 -7.04 -24.26
CA GLY F 8 -19.78 -7.72 -25.28
C GLY F 8 -20.69 -8.30 -26.34
N PHE F 9 -20.33 -9.47 -26.88
CA PHE F 9 -21.25 -10.14 -27.81
C PHE F 9 -22.64 -10.37 -27.22
N ILE F 10 -22.72 -10.49 -25.91
CA ILE F 10 -24.03 -10.42 -25.30
C ILE F 10 -24.22 -8.92 -25.00
N GLU F 11 -25.13 -8.30 -25.75
CA GLU F 11 -25.18 -6.85 -25.82
C GLU F 11 -25.75 -6.22 -24.55
N GLY F 12 -26.60 -6.95 -23.86
CA GLY F 12 -27.21 -6.45 -22.65
C GLY F 12 -27.57 -7.55 -21.68
N GLY F 13 -28.04 -7.16 -20.51
CA GLY F 13 -28.48 -8.12 -19.51
C GLY F 13 -29.93 -8.52 -19.70
N TRP F 14 -30.38 -9.48 -18.89
CA TRP F 14 -31.77 -9.94 -18.88
C TRP F 14 -32.43 -9.56 -17.56
N GLN F 15 -33.50 -8.78 -17.63
CA GLN F 15 -34.21 -8.39 -16.43
C GLN F 15 -34.86 -9.60 -15.81
N GLY F 16 -35.25 -10.53 -16.67
CA GLY F 16 -36.02 -11.68 -16.28
C GLY F 16 -35.24 -12.94 -15.96
N MET F 17 -33.92 -12.83 -15.78
CA MET F 17 -33.29 -13.93 -15.09
C MET F 17 -33.08 -13.48 -13.64
N VAL F 18 -33.95 -13.97 -12.77
CA VAL F 18 -33.88 -13.56 -11.39
C VAL F 18 -33.21 -14.60 -10.50
N ASP F 19 -32.86 -15.72 -11.10
CA ASP F 19 -32.51 -16.89 -10.31
C ASP F 19 -31.00 -16.99 -10.06
N GLY F 20 -30.24 -16.07 -10.64
CA GLY F 20 -28.78 -16.15 -10.55
C GLY F 20 -28.06 -15.06 -11.33
N TRP F 21 -26.73 -15.09 -11.28
CA TRP F 21 -25.93 -14.08 -11.99
C TRP F 21 -25.82 -14.36 -13.46
N TYR F 22 -25.63 -15.63 -13.81
CA TYR F 22 -25.51 -16.02 -15.21
C TYR F 22 -26.48 -17.15 -15.53
N GLY F 23 -26.73 -17.37 -16.81
CA GLY F 23 -27.62 -18.46 -17.21
C GLY F 23 -28.09 -18.48 -18.66
N TYR F 24 -29.23 -19.13 -18.85
CA TYR F 24 -29.68 -19.55 -20.17
C TYR F 24 -31.07 -18.99 -20.56
N HIS F 25 -31.23 -18.69 -21.84
CA HIS F 25 -32.57 -18.53 -22.40
C HIS F 25 -32.77 -19.53 -23.52
N HIS F 26 -33.91 -20.22 -23.48
CA HIS F 26 -34.17 -21.23 -24.50
C HIS F 26 -35.54 -21.03 -25.11
N SER F 27 -35.68 -21.47 -26.35
CA SER F 27 -36.99 -21.55 -26.96
C SER F 27 -37.04 -22.81 -27.83
N ASN F 28 -38.15 -23.53 -27.74
CA ASN F 28 -38.44 -24.64 -28.65
C ASN F 28 -39.93 -24.83 -28.68
N ASP F 29 -40.40 -25.88 -29.34
CA ASP F 29 -41.83 -26.04 -29.57
C ASP F 29 -42.66 -25.99 -28.29
N GLN F 30 -42.21 -26.70 -27.26
CA GLN F 30 -43.00 -26.81 -26.04
C GLN F 30 -42.89 -25.56 -25.15
N GLY F 31 -42.04 -24.62 -25.51
CA GLY F 31 -42.03 -23.33 -24.85
C GLY F 31 -40.70 -22.61 -24.85
N SER F 32 -40.67 -21.46 -24.18
CA SER F 32 -39.43 -20.72 -23.97
C SER F 32 -39.24 -20.52 -22.46
N GLY F 33 -38.02 -20.18 -22.04
CA GLY F 33 -37.80 -19.77 -20.67
C GLY F 33 -36.39 -19.32 -20.30
N TYR F 34 -36.32 -18.56 -19.20
CA TYR F 34 -35.04 -18.22 -18.55
C TYR F 34 -34.70 -19.23 -17.47
N ALA F 35 -33.45 -19.65 -17.41
CA ALA F 35 -33.04 -20.56 -16.35
C ALA F 35 -31.65 -20.21 -15.87
N ALA F 36 -31.44 -20.02 -14.59
CA ALA F 36 -30.11 -19.64 -14.12
C ALA F 36 -29.15 -20.83 -14.05
N ASP F 37 -27.84 -20.57 -14.11
CA ASP F 37 -26.90 -21.63 -13.81
C ASP F 37 -26.43 -21.41 -12.37
N LYS F 38 -26.93 -22.26 -11.48
CA LYS F 38 -26.70 -22.04 -10.07
C LYS F 38 -25.27 -22.38 -9.67
N GLU F 39 -24.71 -23.48 -10.19
CA GLU F 39 -23.32 -23.82 -9.91
C GLU F 39 -22.37 -22.62 -10.07
N SER F 40 -22.19 -22.14 -11.31
CA SER F 40 -21.30 -21.02 -11.56
C SER F 40 -21.67 -19.75 -10.78
N THR F 41 -22.96 -19.47 -10.62
CA THR F 41 -23.32 -18.38 -9.74
C THR F 41 -22.77 -18.55 -8.32
N GLN F 42 -23.24 -19.57 -7.60
CA GLN F 42 -22.74 -19.86 -6.27
C GLN F 42 -21.21 -19.87 -6.20
N LYS F 43 -20.58 -20.35 -7.25
CA LYS F 43 -19.15 -20.34 -7.35
C LYS F 43 -18.59 -18.90 -7.33
N ALA F 44 -19.16 -18.04 -8.17
CA ALA F 44 -18.72 -16.66 -8.24
C ALA F 44 -18.95 -15.98 -6.91
N PHE F 45 -20.13 -16.21 -6.34
CA PHE F 45 -20.46 -15.61 -5.07
C PHE F 45 -19.45 -16.08 -4.03
N ASP F 46 -19.03 -17.33 -4.11
CA ASP F 46 -18.04 -17.85 -3.19
C ASP F 46 -16.74 -17.09 -3.33
N GLY F 47 -16.29 -16.89 -4.57
CA GLY F 47 -15.16 -16.01 -4.83
C GLY F 47 -15.32 -14.63 -4.20
N ILE F 48 -16.49 -14.03 -4.36
CA ILE F 48 -16.72 -12.67 -3.88
C ILE F 48 -16.75 -12.55 -2.37
N THR F 49 -17.29 -13.57 -1.71
CA THR F 49 -17.37 -13.60 -0.27
C THR F 49 -15.95 -13.69 0.18
N ASN F 50 -15.20 -14.62 -0.41
CA ASN F 50 -13.79 -14.66 -0.13
C ASN F 50 -13.11 -13.31 -0.24
N LYS F 51 -13.33 -12.63 -1.37
CA LYS F 51 -12.75 -11.32 -1.63
C LYS F 51 -13.02 -10.29 -0.51
N VAL F 52 -14.30 -10.09 -0.18
CA VAL F 52 -14.61 -9.07 0.81
C VAL F 52 -14.04 -9.46 2.16
N ASN F 53 -14.04 -10.76 2.42
CA ASN F 53 -13.55 -11.25 3.69
C ASN F 53 -12.06 -11.01 3.80
N SER F 54 -11.38 -11.17 2.68
CA SER F 54 -9.97 -10.87 2.56
C SER F 54 -9.74 -9.42 2.91
N VAL F 55 -10.48 -8.52 2.27
CA VAL F 55 -10.34 -7.09 2.57
C VAL F 55 -10.46 -6.86 4.08
N ILE F 56 -11.64 -7.15 4.62
CA ILE F 56 -11.89 -7.01 6.06
C ILE F 56 -10.83 -7.63 7.01
N GLU F 57 -10.53 -8.92 6.87
CA GLU F 57 -9.51 -9.56 7.71
C GLU F 57 -8.21 -8.80 7.59
N LYS F 58 -7.72 -8.60 6.36
CA LYS F 58 -6.46 -7.88 6.12
C LYS F 58 -6.39 -6.47 6.74
N MET F 59 -7.48 -5.73 6.70
CA MET F 59 -7.44 -4.37 7.18
C MET F 59 -7.85 -4.32 8.65
N ASN F 60 -8.14 -5.49 9.21
CA ASN F 60 -8.60 -5.60 10.58
C ASN F 60 -7.59 -5.04 11.54
N THR F 61 -6.39 -5.59 11.48
CA THR F 61 -5.34 -5.18 12.38
C THR F 61 -4.48 -4.14 11.70
N GLN F 62 -4.37 -2.98 12.34
CA GLN F 62 -3.58 -1.85 11.84
C GLN F 62 -3.40 -0.78 12.92
N PHE F 63 -3.00 0.43 12.51
CA PHE F 63 -2.80 1.54 13.45
C PHE F 63 -4.05 2.32 13.90
N GLU F 64 -4.24 2.38 15.22
CA GLU F 64 -5.21 3.25 15.89
C GLU F 64 -4.46 4.28 16.76
N ALA F 65 -4.99 5.50 16.87
CA ALA F 65 -4.47 6.47 17.85
C ALA F 65 -5.00 6.25 19.29
N VAL F 66 -4.18 6.57 20.29
CA VAL F 66 -4.69 6.73 21.66
C VAL F 66 -4.35 8.14 22.16
N GLY F 67 -5.22 8.71 22.99
CA GLY F 67 -5.12 10.13 23.33
C GLY F 67 -3.96 10.54 24.21
N LYS F 68 -3.31 11.65 23.85
CA LYS F 68 -2.19 12.19 24.60
C LYS F 68 -2.21 13.70 24.66
N GLU F 69 -1.57 14.26 25.69
CA GLU F 69 -1.54 15.70 25.85
C GLU F 69 -0.13 16.20 26.07
N PHE F 70 0.21 17.35 25.49
CA PHE F 70 1.55 17.90 25.58
C PHE F 70 1.54 19.33 26.01
N SER F 71 2.54 19.70 26.80
CA SER F 71 2.63 21.04 27.34
C SER F 71 3.15 22.03 26.30
N ASN F 72 3.25 23.28 26.74
CA ASN F 72 3.84 24.34 25.96
C ASN F 72 5.37 24.23 25.78
N LEU F 73 6.04 23.44 26.61
CA LEU F 73 7.47 23.17 26.42
C LEU F 73 7.67 21.93 25.56
N GLU F 74 6.58 21.24 25.28
CA GLU F 74 6.62 19.97 24.58
C GLU F 74 6.32 20.02 23.08
N ARG F 75 6.17 21.23 22.54
CA ARG F 75 5.61 21.39 21.19
C ARG F 75 6.19 20.50 20.09
N ARG F 76 7.51 20.31 20.07
CA ARG F 76 8.13 19.41 19.10
C ARG F 76 7.54 18.02 19.22
N LEU F 77 7.57 17.50 20.43
CA LEU F 77 6.98 16.20 20.72
C LEU F 77 5.54 16.08 20.24
N GLU F 78 4.75 17.12 20.51
CA GLU F 78 3.35 17.12 20.08
C GLU F 78 3.25 17.02 18.56
N ASN F 79 4.03 17.84 17.86
CA ASN F 79 3.99 17.83 16.40
C ASN F 79 4.42 16.49 15.86
N LEU F 80 5.31 15.81 16.58
CA LEU F 80 5.79 14.51 16.15
C LEU F 80 4.69 13.46 16.29
N ASN F 81 4.02 13.51 17.43
CA ASN F 81 2.86 12.66 17.62
C ASN F 81 1.83 12.89 16.51
N LYS F 82 1.57 14.15 16.18
CA LYS F 82 0.60 14.42 15.13
C LYS F 82 1.06 13.83 13.81
N LYS F 83 2.26 14.22 13.38
CA LYS F 83 2.77 13.82 12.08
C LYS F 83 2.79 12.31 11.97
N MET F 84 2.96 11.63 13.10
CA MET F 84 2.87 10.21 13.04
C MET F 84 1.45 9.70 12.84
N GLU F 85 0.54 10.11 13.71
CA GLU F 85 -0.82 9.60 13.61
C GLU F 85 -1.43 9.90 12.26
N ASP F 86 -1.09 11.09 11.78
CA ASP F 86 -1.49 11.58 10.51
C ASP F 86 -0.88 10.73 9.40
N GLY F 87 0.43 10.49 9.46
CA GLY F 87 1.08 9.63 8.47
C GLY F 87 0.45 8.25 8.35
N PHE F 88 0.22 7.57 9.47
CA PHE F 88 -0.40 6.27 9.40
C PHE F 88 -1.81 6.36 8.84
N LEU F 89 -2.54 7.38 9.32
CA LEU F 89 -3.92 7.57 8.85
C LEU F 89 -3.94 7.68 7.33
N ASP F 90 -3.06 8.52 6.81
CA ASP F 90 -2.97 8.73 5.39
C ASP F 90 -2.63 7.43 4.65
N VAL F 91 -1.68 6.69 5.22
CA VAL F 91 -1.22 5.46 4.58
C VAL F 91 -2.36 4.45 4.44
N TRP F 92 -3.10 4.25 5.53
CA TRP F 92 -4.20 3.28 5.54
C TRP F 92 -5.39 3.75 4.69
N THR F 93 -5.56 5.05 4.62
CA THR F 93 -6.59 5.58 3.76
C THR F 93 -6.25 5.23 2.32
N TYR F 94 -5.00 5.46 1.96
CA TYR F 94 -4.53 5.03 0.64
C TYR F 94 -4.74 3.52 0.42
N ASN F 95 -4.33 2.70 1.39
CA ASN F 95 -4.59 1.27 1.26
C ASN F 95 -6.07 0.90 1.01
N ALA F 96 -6.99 1.58 1.70
CA ALA F 96 -8.37 1.18 1.61
C ALA F 96 -8.95 1.62 0.27
N GLU F 97 -8.69 2.86 -0.10
CA GLU F 97 -9.26 3.35 -1.34
C GLU F 97 -8.67 2.57 -2.54
N LEU F 98 -7.36 2.38 -2.54
CA LEU F 98 -6.71 1.69 -3.65
C LEU F 98 -7.18 0.24 -3.72
N LEU F 99 -7.20 -0.44 -2.57
CA LEU F 99 -7.64 -1.84 -2.57
C LEU F 99 -9.06 -1.96 -3.08
N VAL F 100 -9.96 -1.11 -2.59
CA VAL F 100 -11.32 -1.14 -3.15
C VAL F 100 -11.36 -0.92 -4.66
N LEU F 101 -10.69 0.12 -5.16
CA LEU F 101 -10.68 0.40 -6.60
C LEU F 101 -10.17 -0.76 -7.48
N MET F 102 -9.00 -1.25 -7.10
CA MET F 102 -8.37 -2.36 -7.78
C MET F 102 -9.24 -3.59 -7.77
N GLU F 103 -9.66 -3.99 -6.57
CA GLU F 103 -10.51 -5.16 -6.47
C GLU F 103 -11.83 -4.99 -7.24
N ASN F 104 -12.32 -3.76 -7.37
CA ASN F 104 -13.54 -3.55 -8.13
C ASN F 104 -13.35 -3.82 -9.61
N GLU F 105 -12.30 -3.20 -10.14
CA GLU F 105 -11.89 -3.50 -11.51
C GLU F 105 -11.86 -5.01 -11.72
N ARG F 106 -11.17 -5.69 -10.79
CA ARG F 106 -11.06 -7.14 -10.86
C ARG F 106 -12.40 -7.90 -10.73
N THR F 107 -13.36 -7.39 -9.97
CA THR F 107 -14.58 -8.12 -9.75
C THR F 107 -15.36 -8.07 -11.05
N LEU F 108 -15.41 -6.88 -11.63
CA LEU F 108 -16.16 -6.76 -12.88
C LEU F 108 -15.54 -7.63 -14.00
N ASP F 109 -14.21 -7.56 -14.15
CA ASP F 109 -13.57 -8.51 -15.07
C ASP F 109 -13.95 -9.96 -14.73
N PHE F 110 -13.93 -10.30 -13.44
CA PHE F 110 -14.24 -11.66 -12.98
C PHE F 110 -15.55 -12.15 -13.52
N HIS F 111 -16.62 -11.40 -13.28
CA HIS F 111 -17.92 -11.77 -13.89
C HIS F 111 -17.80 -11.89 -15.41
N ASP F 112 -17.16 -10.90 -16.06
CA ASP F 112 -17.07 -10.96 -17.52
C ASP F 112 -16.56 -12.34 -17.95
N SER F 113 -15.44 -12.71 -17.35
CA SER F 113 -14.89 -14.06 -17.49
C SER F 113 -15.96 -15.12 -17.23
N ASN F 114 -16.64 -15.11 -16.09
CA ASN F 114 -17.64 -16.16 -15.83
C ASN F 114 -18.70 -16.35 -16.93
N VAL F 115 -19.20 -15.25 -17.47
CA VAL F 115 -20.14 -15.32 -18.59
C VAL F 115 -19.49 -15.92 -19.83
N LYS F 116 -18.35 -15.36 -20.20
CA LYS F 116 -17.59 -15.90 -21.31
C LYS F 116 -17.42 -17.41 -21.18
N ASN F 117 -16.76 -17.82 -20.12
CA ASN F 117 -16.52 -19.20 -19.81
C ASN F 117 -17.80 -20.01 -19.99
N LEU F 118 -18.92 -19.51 -19.47
CA LEU F 118 -20.18 -20.22 -19.66
C LEU F 118 -20.51 -20.45 -21.14
N TYR F 119 -20.54 -19.37 -21.91
CA TYR F 119 -20.73 -19.43 -23.35
C TYR F 119 -19.81 -20.47 -24.00
N ASP F 120 -18.51 -20.39 -23.70
CA ASP F 120 -17.50 -21.28 -24.26
C ASP F 120 -17.72 -22.76 -23.91
N LYS F 121 -18.14 -23.05 -22.68
CA LYS F 121 -18.44 -24.42 -22.26
C LYS F 121 -19.68 -24.96 -22.99
N VAL F 122 -20.68 -24.10 -23.22
CA VAL F 122 -21.85 -24.58 -23.96
C VAL F 122 -21.48 -24.85 -25.42
N ARG F 123 -20.82 -23.88 -26.02
CA ARG F 123 -20.51 -23.91 -27.43
C ARG F 123 -19.61 -25.09 -27.74
N MET F 124 -18.56 -25.27 -26.94
CA MET F 124 -17.59 -26.31 -27.23
C MET F 124 -18.15 -27.74 -27.07
N GLN F 125 -19.32 -27.86 -26.44
CA GLN F 125 -20.12 -29.11 -26.43
C GLN F 125 -20.95 -29.14 -27.71
N LEU F 126 -21.83 -28.16 -27.86
CA LEU F 126 -22.77 -28.10 -29.00
C LEU F 126 -22.13 -28.27 -30.37
N ARG F 127 -20.91 -27.77 -30.51
CA ARG F 127 -20.14 -27.93 -31.74
CA ARG F 127 -20.14 -27.92 -31.74
C ARG F 127 -20.87 -27.45 -32.99
N ASP F 128 -20.81 -28.26 -34.05
CA ASP F 128 -21.39 -27.88 -35.34
C ASP F 128 -22.85 -28.29 -35.51
N ASN F 129 -23.43 -28.86 -34.46
CA ASN F 129 -24.85 -29.16 -34.46
C ASN F 129 -25.72 -27.92 -34.35
N VAL F 130 -25.08 -26.77 -34.14
CA VAL F 130 -25.76 -25.46 -34.12
C VAL F 130 -25.02 -24.38 -34.89
N LYS F 131 -25.77 -23.34 -35.29
CA LYS F 131 -25.22 -22.10 -35.79
C LYS F 131 -24.85 -21.26 -34.56
N GLU F 132 -23.67 -20.64 -34.60
CA GLU F 132 -23.28 -19.63 -33.62
C GLU F 132 -23.65 -18.28 -34.23
N LEU F 133 -24.62 -17.58 -33.64
CA LEU F 133 -25.06 -16.31 -34.23
C LEU F 133 -24.14 -15.15 -33.88
N GLY F 134 -23.65 -15.12 -32.65
CA GLY F 134 -22.78 -14.04 -32.22
C GLY F 134 -23.49 -12.96 -31.42
N ASN F 135 -24.76 -13.17 -31.14
CA ASN F 135 -25.46 -12.32 -30.20
C ASN F 135 -25.42 -13.00 -28.84
N GLY F 136 -24.80 -14.16 -28.80
CA GLY F 136 -24.72 -14.94 -27.58
C GLY F 136 -25.62 -16.16 -27.62
N CYS F 137 -26.30 -16.34 -28.74
CA CYS F 137 -27.28 -17.42 -28.90
C CYS F 137 -26.83 -18.45 -29.92
N PHE F 138 -27.35 -19.67 -29.79
CA PHE F 138 -27.14 -20.72 -30.78
C PHE F 138 -28.44 -21.20 -31.44
N GLU F 139 -28.42 -21.35 -32.76
CA GLU F 139 -29.58 -21.90 -33.44
C GLU F 139 -29.36 -23.38 -33.75
N PHE F 140 -30.36 -24.20 -33.45
CA PHE F 140 -30.23 -25.66 -33.60
C PHE F 140 -30.63 -26.24 -34.96
N TYR F 141 -29.70 -26.97 -35.60
CA TYR F 141 -30.01 -27.68 -36.84
C TYR F 141 -31.02 -28.79 -36.58
N HIS F 142 -30.72 -29.65 -35.61
CA HIS F 142 -31.68 -30.64 -35.14
C HIS F 142 -32.67 -30.01 -34.16
N LYS F 143 -33.91 -30.53 -34.17
CA LYS F 143 -34.89 -30.12 -33.15
C LYS F 143 -34.35 -30.53 -31.78
N CYS F 144 -34.48 -29.63 -30.79
CA CYS F 144 -34.04 -29.92 -29.45
C CYS F 144 -35.11 -29.84 -28.41
N ASP F 145 -35.52 -30.99 -27.91
CA ASP F 145 -36.55 -31.10 -26.88
C ASP F 145 -36.00 -30.67 -25.52
N ASP F 146 -36.87 -30.34 -24.57
CA ASP F 146 -36.42 -29.85 -23.28
C ASP F 146 -35.41 -30.76 -22.57
N GLU F 147 -35.48 -32.07 -22.79
CA GLU F 147 -34.49 -32.98 -22.20
C GLU F 147 -33.09 -32.73 -22.72
N CYS F 148 -32.98 -32.52 -24.03
CA CYS F 148 -31.72 -32.08 -24.63
C CYS F 148 -31.28 -30.70 -24.12
N MET F 149 -32.21 -29.76 -23.92
CA MET F 149 -31.87 -28.45 -23.39
C MET F 149 -31.21 -28.65 -22.04
N ASN F 150 -31.92 -29.32 -21.14
CA ASN F 150 -31.41 -29.56 -19.82
C ASN F 150 -30.07 -30.28 -19.88
N SER F 151 -29.90 -31.13 -20.89
CA SER F 151 -28.66 -31.91 -21.03
C SER F 151 -27.48 -31.01 -21.42
N VAL F 152 -27.79 -29.95 -22.16
CA VAL F 152 -26.83 -28.89 -22.46
C VAL F 152 -26.47 -28.09 -21.22
N LYS F 153 -27.50 -27.68 -20.50
CA LYS F 153 -27.28 -26.88 -19.30
C LYS F 153 -26.52 -27.66 -18.23
N ASN F 154 -26.81 -28.95 -18.07
CA ASN F 154 -26.10 -29.70 -17.03
C ASN F 154 -24.82 -30.40 -17.52
N GLY F 155 -24.48 -30.18 -18.79
CA GLY F 155 -23.17 -30.53 -19.30
C GLY F 155 -23.04 -31.83 -20.07
N THR F 156 -24.13 -32.58 -20.14
CA THR F 156 -24.12 -33.97 -20.54
C THR F 156 -24.43 -34.19 -22.02
N TYR F 157 -24.57 -33.10 -22.76
CA TYR F 157 -25.10 -33.13 -24.13
C TYR F 157 -24.41 -34.12 -25.06
N ASP F 158 -25.21 -34.95 -25.73
CA ASP F 158 -24.66 -35.98 -26.62
C ASP F 158 -24.59 -35.50 -28.06
N TYR F 159 -23.37 -35.29 -28.53
CA TYR F 159 -23.17 -34.84 -29.91
C TYR F 159 -23.56 -35.94 -30.95
N PRO F 160 -22.99 -37.15 -30.84
CA PRO F 160 -23.22 -38.16 -31.89
C PRO F 160 -24.68 -38.57 -32.07
N LYS F 161 -25.45 -38.51 -31.00
CA LYS F 161 -26.90 -38.68 -31.08
C LYS F 161 -27.54 -37.72 -32.07
N TYR F 162 -27.21 -36.43 -32.02
CA TYR F 162 -27.87 -35.51 -32.95
C TYR F 162 -27.06 -35.25 -34.23
N GLU F 163 -25.88 -35.86 -34.29
CA GLU F 163 -24.90 -35.56 -35.31
C GLU F 163 -25.43 -35.63 -36.73
N GLU F 164 -25.99 -36.76 -37.10
CA GLU F 164 -26.42 -37.01 -38.46
C GLU F 164 -27.63 -36.16 -38.85
N GLU F 165 -28.54 -35.95 -37.91
CA GLU F 165 -29.75 -35.19 -38.18
C GLU F 165 -29.38 -33.75 -38.44
N SER F 166 -28.51 -33.24 -37.57
CA SER F 166 -28.02 -31.87 -37.69
C SER F 166 -27.28 -31.71 -39.00
N LYS F 167 -26.40 -32.65 -39.31
CA LYS F 167 -25.63 -32.58 -40.55
C LYS F 167 -26.58 -32.49 -41.73
N LEU F 168 -27.49 -33.45 -41.80
CA LEU F 168 -28.53 -33.53 -42.82
C LEU F 168 -29.23 -32.19 -43.01
N ASN F 169 -29.87 -31.71 -41.94
CA ASN F 169 -30.53 -30.41 -41.98
C ASN F 169 -29.64 -29.27 -42.46
N ARG F 170 -28.36 -29.38 -42.13
CA ARG F 170 -27.36 -28.37 -42.46
C ARG F 170 -26.97 -28.30 -43.95
N ASN F 171 -26.60 -29.45 -44.52
CA ASN F 171 -26.02 -29.49 -45.87
C ASN F 171 -26.95 -29.20 -47.06
N GLU F 172 -28.21 -29.63 -46.98
CA GLU F 172 -29.17 -29.38 -48.04
C GLU F 172 -29.50 -27.88 -48.12
N GLU G 1 -7.73 20.71 -14.02
CA GLU G 1 -6.87 19.95 -14.93
C GLU G 1 -6.09 20.83 -15.92
N VAL G 2 -6.26 20.53 -17.21
CA VAL G 2 -5.47 21.15 -18.26
C VAL G 2 -5.55 22.68 -18.29
N LYS G 3 -6.71 23.24 -18.59
CA LYS G 3 -6.87 24.69 -18.49
C LYS G 3 -5.90 25.52 -19.36
N LEU G 4 -6.13 25.58 -20.67
CA LEU G 4 -5.40 26.52 -21.54
C LEU G 4 -5.83 27.98 -21.34
N VAL G 5 -4.88 28.90 -21.23
CA VAL G 5 -5.19 30.34 -21.15
C VAL G 5 -4.47 31.13 -22.22
N GLU G 6 -5.18 31.96 -22.99
CA GLU G 6 -4.45 32.75 -24.01
C GLU G 6 -4.46 34.27 -23.81
N SER G 7 -3.47 34.91 -24.39
CA SER G 7 -3.10 36.27 -24.04
C SER G 7 -2.45 37.02 -25.20
N GLY G 8 -2.42 38.34 -25.08
CA GLY G 8 -1.69 39.18 -26.02
C GLY G 8 -2.49 39.84 -27.14
N GLY G 9 -3.81 39.66 -27.13
CA GLY G 9 -4.67 40.33 -28.11
C GLY G 9 -4.69 41.84 -27.96
N GLY G 10 -5.05 42.56 -29.03
CA GLY G 10 -4.93 44.03 -29.09
C GLY G 10 -5.45 44.67 -30.37
N LEU G 11 -4.99 45.88 -30.68
CA LEU G 11 -5.32 46.55 -31.95
C LEU G 11 -4.04 46.89 -32.73
N VAL G 12 -4.01 46.55 -34.02
CA VAL G 12 -2.83 46.84 -34.85
C VAL G 12 -3.17 47.60 -36.15
N GLN G 13 -2.21 48.40 -36.61
CA GLN G 13 -2.25 48.93 -37.96
C GLN G 13 -2.02 47.75 -38.90
N PRO G 14 -2.78 47.69 -40.01
CA PRO G 14 -2.51 46.65 -41.00
C PRO G 14 -1.11 46.78 -41.58
N GLY G 15 -0.51 45.64 -41.91
CA GLY G 15 0.90 45.57 -42.23
C GLY G 15 1.67 45.29 -40.95
N GLY G 16 1.01 45.51 -39.82
CA GLY G 16 1.66 45.44 -38.53
C GLY G 16 1.89 44.00 -38.11
N SER G 17 2.06 43.81 -36.80
CA SER G 17 2.31 42.49 -36.23
C SER G 17 1.69 42.33 -34.83
N LEU G 18 1.54 41.09 -34.40
CA LEU G 18 1.15 40.79 -33.03
C LEU G 18 1.69 39.41 -32.66
N ARG G 19 1.92 39.14 -31.38
CA ARG G 19 2.24 37.78 -30.96
C ARG G 19 1.33 37.30 -29.83
N LEU G 20 0.57 36.25 -30.13
CA LEU G 20 -0.38 35.69 -29.19
C LEU G 20 0.23 34.52 -28.40
N SER G 21 -0.15 34.41 -27.13
CA SER G 21 0.42 33.35 -26.32
C SER G 21 -0.68 32.51 -25.73
N CYS G 22 -0.67 31.24 -26.04
CA CYS G 22 -1.52 30.31 -25.35
C CYS G 22 -0.66 29.48 -24.41
N GLY G 23 -0.81 29.69 -23.11
CA GLY G 23 -0.11 28.86 -22.14
C GLY G 23 -0.93 27.69 -21.62
N THR G 24 -0.21 26.65 -21.21
CA THR G 24 -0.82 25.40 -20.77
C THR G 24 -0.51 25.21 -19.29
N SER G 25 -1.47 24.67 -18.54
CA SER G 25 -1.21 24.33 -17.14
C SER G 25 -1.70 22.91 -16.90
N GLY G 26 -1.64 22.42 -15.66
CA GLY G 26 -2.18 21.11 -15.33
C GLY G 26 -1.30 19.92 -15.71
N PHE G 27 -1.49 18.80 -15.02
CA PHE G 27 -1.01 17.49 -15.46
C PHE G 27 -1.69 17.12 -16.77
N THR G 28 -0.95 16.54 -17.71
CA THR G 28 -1.56 16.01 -18.91
C THR G 28 -0.70 14.86 -19.43
N LEU G 29 -1.27 14.00 -20.26
CA LEU G 29 -0.48 13.00 -20.95
C LEU G 29 0.06 13.42 -22.36
N THR G 30 -0.43 14.52 -22.93
CA THR G 30 -0.06 14.93 -24.30
C THR G 30 0.05 16.46 -24.52
N ASP G 31 1.15 16.91 -25.12
CA ASP G 31 1.21 18.29 -25.58
C ASP G 31 0.80 18.43 -27.05
N ASP G 32 0.69 17.31 -27.75
CA ASP G 32 0.68 17.28 -29.21
C ASP G 32 -0.57 17.89 -29.81
N TYR G 33 -0.44 18.35 -31.05
CA TYR G 33 -1.55 18.84 -31.88
C TYR G 33 -2.21 20.13 -31.41
N MET G 34 -1.39 21.02 -30.86
CA MET G 34 -1.88 22.31 -30.37
C MET G 34 -2.34 23.19 -31.57
N THR G 35 -3.61 23.59 -31.59
CA THR G 35 -4.21 24.21 -32.77
C THR G 35 -4.66 25.62 -32.49
N TRP G 36 -4.64 26.47 -33.52
CA TRP G 36 -5.16 27.81 -33.41
C TRP G 36 -6.37 27.92 -34.31
N VAL G 37 -7.41 28.49 -33.75
CA VAL G 37 -8.69 28.54 -34.39
C VAL G 37 -9.19 29.93 -34.10
N ARG G 38 -9.66 30.65 -35.12
CA ARG G 38 -10.20 31.99 -34.88
C ARG G 38 -11.67 32.08 -35.27
N GLN G 39 -12.37 32.98 -34.61
CA GLN G 39 -13.79 33.30 -34.88
C GLN G 39 -14.04 34.81 -35.06
N PRO G 40 -14.05 35.30 -36.31
CA PRO G 40 -14.52 36.70 -36.49
C PRO G 40 -15.97 36.83 -36.01
N PRO G 41 -16.26 37.85 -35.18
CA PRO G 41 -17.55 37.88 -34.45
C PRO G 41 -18.75 37.91 -35.38
N GLY G 42 -19.70 37.00 -35.17
CA GLY G 42 -20.81 36.89 -36.09
C GLY G 42 -20.55 35.91 -37.22
N LYS G 43 -19.28 35.60 -37.42
CA LYS G 43 -18.92 34.61 -38.42
C LYS G 43 -18.68 33.23 -37.78
N ALA G 44 -18.33 32.25 -38.61
CA ALA G 44 -18.08 30.91 -38.13
C ALA G 44 -16.67 30.80 -37.58
N LEU G 45 -16.28 29.58 -37.29
CA LEU G 45 -14.94 29.30 -36.79
C LEU G 45 -14.07 28.94 -37.98
N GLU G 46 -12.81 29.32 -37.92
CA GLU G 46 -11.86 29.06 -38.99
C GLU G 46 -10.56 28.54 -38.38
N TRP G 47 -10.01 27.51 -38.99
CA TRP G 47 -8.85 26.80 -38.46
C TRP G 47 -7.54 27.35 -39.04
N LEU G 48 -6.69 27.95 -38.20
CA LEU G 48 -5.45 28.58 -38.67
C LEU G 48 -4.27 27.65 -38.91
N GLY G 49 -4.06 26.70 -38.00
CA GLY G 49 -2.96 25.75 -38.11
C GLY G 49 -2.65 25.04 -36.80
N PHE G 50 -1.66 24.16 -36.80
CA PHE G 50 -1.22 23.54 -35.55
C PHE G 50 0.26 23.31 -35.51
N ILE G 51 0.77 23.17 -34.28
CA ILE G 51 2.12 22.70 -34.10
C ILE G 51 2.12 21.45 -33.23
N ARG G 52 3.10 20.59 -33.45
CA ARG G 52 3.08 19.29 -32.81
C ARG G 52 4.05 19.22 -31.64
N ASP G 53 4.04 18.08 -30.96
CA ASP G 53 4.86 17.88 -29.78
C ASP G 53 6.31 17.66 -30.18
N ARG G 54 7.22 17.85 -29.22
CA ARG G 54 8.64 17.63 -29.45
CA ARG G 54 8.64 17.64 -29.44
C ARG G 54 8.86 16.31 -30.14
N ALA G 55 8.45 15.23 -29.48
CA ALA G 55 8.60 13.87 -29.97
C ALA G 55 8.14 13.69 -31.40
N ASN G 56 7.13 14.43 -31.82
CA ASN G 56 6.66 14.36 -33.20
C ASN G 56 7.35 15.34 -34.13
N GLY G 57 8.35 16.06 -33.65
CA GLY G 57 9.23 16.78 -34.54
C GLY G 57 8.98 18.25 -34.65
N TYR G 58 8.09 18.77 -33.80
CA TYR G 58 7.76 20.19 -33.75
C TYR G 58 7.16 20.68 -35.09
N THR G 59 6.62 19.73 -35.86
CA THR G 59 6.14 20.02 -37.20
C THR G 59 4.92 20.92 -37.18
N THR G 60 4.70 21.63 -38.27
CA THR G 60 3.68 22.65 -38.28
C THR G 60 2.87 22.67 -39.56
N GLU G 61 1.56 22.92 -39.44
CA GLU G 61 0.69 23.04 -40.62
C GLU G 61 -0.13 24.32 -40.54
N TYR G 62 -0.46 24.89 -41.71
CA TYR G 62 -1.17 26.19 -41.72
C TYR G 62 -2.34 26.24 -42.71
N SER G 63 -3.35 27.03 -42.37
CA SER G 63 -4.37 27.40 -43.34
C SER G 63 -3.71 28.25 -44.42
N ALA G 64 -4.10 28.04 -45.66
CA ALA G 64 -3.52 28.84 -46.74
C ALA G 64 -4.02 30.29 -46.75
N SER G 65 -5.01 30.61 -45.94
CA SER G 65 -5.42 31.99 -45.75
C SER G 65 -4.28 32.83 -45.15
N VAL G 66 -3.76 32.37 -44.01
CA VAL G 66 -2.66 33.03 -43.30
C VAL G 66 -1.24 32.47 -43.55
N LYS G 67 -1.09 31.49 -44.45
CA LYS G 67 0.22 30.84 -44.64
C LYS G 67 1.31 31.78 -45.18
N GLY G 68 2.48 31.72 -44.55
CA GLY G 68 3.60 32.57 -44.91
C GLY G 68 3.69 33.83 -44.07
N ARG G 69 2.56 34.20 -43.46
CA ARG G 69 2.50 35.34 -42.57
C ARG G 69 2.66 34.89 -41.12
N PHE G 70 1.72 34.07 -40.68
CA PHE G 70 1.65 33.59 -39.28
C PHE G 70 2.60 32.41 -39.05
N THR G 71 3.10 32.30 -37.82
CA THR G 71 4.06 31.25 -37.49
C THR G 71 3.73 30.69 -36.11
N ILE G 72 3.61 29.37 -36.00
CA ILE G 72 3.33 28.74 -34.71
C ILE G 72 4.58 28.12 -34.11
N SER G 73 4.87 28.48 -32.87
CA SER G 73 6.09 27.99 -32.20
C SER G 73 5.79 27.74 -30.74
N ARG G 74 6.64 27.02 -30.04
CA ARG G 74 6.36 26.74 -28.64
C ARG G 74 7.63 26.91 -27.81
N ASP G 75 7.51 27.56 -26.67
CA ASP G 75 8.62 27.57 -25.75
C ASP G 75 8.21 26.68 -24.59
N ASN G 76 8.86 25.52 -24.48
CA ASN G 76 8.46 24.55 -23.47
C ASN G 76 8.82 25.09 -22.09
N SER G 77 9.93 25.84 -22.02
CA SER G 77 10.39 26.44 -20.78
C SER G 77 9.29 27.22 -20.06
N GLN G 78 8.58 28.08 -20.78
CA GLN G 78 7.45 28.80 -20.22
C GLN G 78 6.14 28.06 -20.48
N SER G 79 6.26 26.87 -21.09
CA SER G 79 5.14 26.03 -21.51
C SER G 79 4.02 26.79 -22.28
N ILE G 80 4.43 27.56 -23.28
CA ILE G 80 3.50 28.31 -24.11
C ILE G 80 3.60 27.95 -25.60
N VAL G 81 2.47 27.96 -26.29
CA VAL G 81 2.44 27.96 -27.76
C VAL G 81 2.16 29.39 -28.23
N TYR G 82 3.09 29.96 -28.98
CA TYR G 82 2.96 31.30 -29.52
C TYR G 82 2.44 31.23 -30.94
N LEU G 83 1.46 32.09 -31.24
CA LEU G 83 1.15 32.44 -32.64
C LEU G 83 1.68 33.85 -33.01
N GLN G 84 2.74 33.87 -33.82
CA GLN G 84 3.36 35.12 -34.21
C GLN G 84 2.74 35.52 -35.54
N MET G 85 1.95 36.59 -35.52
CA MET G 85 1.22 37.06 -36.70
C MET G 85 1.93 38.26 -37.32
N ASN G 86 2.30 38.14 -38.59
CA ASN G 86 2.96 39.22 -39.31
C ASN G 86 2.20 39.63 -40.57
N THR G 87 2.41 40.87 -41.00
CA THR G 87 1.65 41.47 -42.10
C THR G 87 0.15 41.29 -41.89
N LEU G 88 -0.37 41.93 -40.84
CA LEU G 88 -1.77 41.82 -40.51
C LEU G 88 -2.65 42.50 -41.56
N ARG G 89 -3.75 41.85 -41.96
CA ARG G 89 -4.71 42.48 -42.89
C ARG G 89 -6.06 42.67 -42.23
N VAL G 90 -6.98 43.38 -42.87
CA VAL G 90 -8.27 43.70 -42.27
C VAL G 90 -9.15 42.52 -41.85
N GLU G 91 -9.03 41.41 -42.56
CA GLU G 91 -9.89 40.25 -42.37
C GLU G 91 -9.31 39.35 -41.31
N ASP G 92 -8.13 39.70 -40.84
CA ASP G 92 -7.50 39.04 -39.71
C ASP G 92 -8.17 39.42 -38.38
N SER G 93 -9.12 40.35 -38.43
CA SER G 93 -9.77 40.79 -37.20
C SER G 93 -10.74 39.72 -36.79
N ALA G 94 -10.59 39.24 -35.56
CA ALA G 94 -11.34 38.07 -35.05
C ALA G 94 -10.99 37.81 -33.59
N THR G 95 -11.68 36.86 -32.97
CA THR G 95 -11.18 36.40 -31.68
C THR G 95 -10.43 35.04 -31.81
N TYR G 96 -9.41 34.84 -30.99
CA TYR G 96 -8.48 33.75 -31.21
C TYR G 96 -8.45 32.74 -30.06
N TYR G 97 -8.60 31.46 -30.39
CA TYR G 97 -8.49 30.38 -29.42
C TYR G 97 -7.37 29.43 -29.79
N CYS G 98 -6.65 28.95 -28.78
CA CYS G 98 -5.88 27.72 -28.92
C CYS G 98 -6.77 26.58 -28.43
N ALA G 99 -6.65 25.43 -29.08
CA ALA G 99 -7.50 24.29 -28.79
C ALA G 99 -6.70 23.01 -29.01
N ARG G 100 -7.12 21.93 -28.36
CA ARG G 100 -6.29 20.74 -28.25
C ARG G 100 -7.11 19.50 -28.24
N PRO G 101 -6.58 18.41 -28.81
CA PRO G 101 -7.14 17.10 -28.52
C PRO G 101 -6.65 16.61 -27.16
N LYS G 102 -7.46 15.85 -26.42
CA LYS G 102 -6.98 15.22 -25.18
C LYS G 102 -6.17 13.94 -25.43
N GLY G 103 -6.50 13.22 -26.50
CA GLY G 103 -5.84 11.97 -26.83
C GLY G 103 -4.46 12.09 -27.50
N TYR G 104 -3.92 10.93 -27.89
CA TYR G 104 -2.70 10.87 -28.65
C TYR G 104 -3.01 11.13 -30.14
N PHE G 105 -4.21 10.73 -30.51
CA PHE G 105 -4.73 10.83 -31.87
C PHE G 105 -5.82 11.87 -31.94
N PRO G 106 -5.66 12.85 -32.83
CA PRO G 106 -6.48 14.06 -32.94
C PRO G 106 -7.87 13.85 -33.57
N TYR G 107 -8.83 13.39 -32.81
CA TYR G 107 -10.14 13.11 -33.40
C TYR G 107 -11.08 14.30 -33.31
N ALA G 108 -10.68 15.29 -32.51
CA ALA G 108 -11.55 16.40 -32.10
C ALA G 108 -10.80 17.30 -31.15
N MET G 109 -11.30 18.52 -30.95
CA MET G 109 -10.57 19.44 -30.09
C MET G 109 -11.25 19.44 -28.74
N ASP G 110 -10.60 18.81 -27.77
CA ASP G 110 -11.20 18.61 -26.47
C ASP G 110 -11.08 19.85 -25.58
N TYR G 111 -9.88 20.43 -25.55
CA TYR G 111 -9.54 21.50 -24.65
C TYR G 111 -9.49 22.84 -25.35
N TRP G 112 -10.27 23.81 -24.91
CA TRP G 112 -10.14 25.17 -25.46
C TRP G 112 -9.61 26.19 -24.44
N GLY G 113 -9.01 27.23 -24.97
CA GLY G 113 -8.69 28.40 -24.18
C GLY G 113 -9.89 29.34 -24.14
N GLN G 114 -9.74 30.45 -23.44
CA GLN G 114 -10.86 31.32 -23.15
C GLN G 114 -11.09 32.35 -24.24
N GLY G 115 -10.14 32.42 -25.18
CA GLY G 115 -10.20 33.36 -26.29
C GLY G 115 -9.47 34.66 -25.97
N THR G 116 -8.89 35.28 -26.98
CA THR G 116 -8.48 36.67 -26.86
C THR G 116 -8.63 37.36 -28.23
N SER G 117 -9.07 38.63 -28.22
CA SER G 117 -9.43 39.32 -29.46
C SER G 117 -8.39 40.30 -30.00
N VAL G 118 -8.11 40.20 -31.30
CA VAL G 118 -7.26 41.15 -31.99
C VAL G 118 -8.04 41.88 -33.10
N ILE G 119 -7.72 43.16 -33.26
CA ILE G 119 -8.36 44.02 -34.26
C ILE G 119 -7.30 44.52 -35.19
N VAL G 120 -7.66 44.73 -36.44
CA VAL G 120 -6.73 45.37 -37.33
C VAL G 120 -7.48 46.46 -38.09
N SER G 121 -7.01 47.70 -37.93
CA SER G 121 -7.48 48.81 -38.77
C SER G 121 -6.44 49.88 -38.81
N SER G 122 -6.59 50.78 -39.77
CA SER G 122 -5.85 52.03 -39.80
C SER G 122 -6.40 53.06 -38.81
N THR G 123 -7.61 52.82 -38.31
CA THR G 123 -8.28 53.73 -37.38
C THR G 123 -7.52 53.87 -36.06
N LYS G 124 -7.41 55.10 -35.59
CA LYS G 124 -6.68 55.43 -34.37
C LYS G 124 -7.65 55.38 -33.21
N THR G 125 -7.16 54.94 -32.06
CA THR G 125 -8.00 54.81 -30.88
C THR G 125 -8.68 56.14 -30.56
N THR G 126 -10.00 56.11 -30.44
CA THR G 126 -10.79 57.34 -30.41
C THR G 126 -11.90 57.27 -29.36
N ALA G 127 -12.00 58.34 -28.56
CA ALA G 127 -12.93 58.41 -27.43
C ALA G 127 -14.38 58.52 -27.89
N PRO G 128 -15.30 57.92 -27.11
CA PRO G 128 -16.74 58.02 -27.38
C PRO G 128 -17.35 59.35 -26.92
N SER G 129 -18.44 59.75 -27.57
CA SER G 129 -19.25 60.89 -27.17
C SER G 129 -20.57 60.32 -26.69
N VAL G 130 -20.87 60.48 -25.41
CA VAL G 130 -22.09 59.96 -24.84
C VAL G 130 -23.13 61.08 -24.76
N TYR G 131 -24.20 60.94 -25.52
CA TYR G 131 -25.36 61.81 -25.38
C TYR G 131 -26.51 61.05 -24.74
N PRO G 132 -27.06 61.59 -23.65
CA PRO G 132 -28.28 61.01 -23.07
C PRO G 132 -29.47 61.34 -23.96
N LEU G 133 -30.48 60.48 -23.99
CA LEU G 133 -31.64 60.73 -24.83
C LEU G 133 -32.92 60.93 -24.04
N ALA G 134 -33.46 62.13 -24.13
CA ALA G 134 -34.72 62.47 -23.51
C ALA G 134 -35.84 62.13 -24.48
N PRO G 135 -36.94 61.60 -23.93
CA PRO G 135 -38.16 61.27 -24.68
C PRO G 135 -38.87 62.53 -25.15
N VAL G 136 -40.10 62.39 -25.65
CA VAL G 136 -40.86 63.53 -26.18
C VAL G 136 -41.28 64.62 -25.16
N CYS G 137 -41.45 65.83 -25.66
CA CYS G 137 -41.86 66.96 -24.83
C CYS G 137 -43.37 67.01 -24.70
N GLY G 138 -44.06 66.32 -25.61
CA GLY G 138 -45.51 66.29 -25.62
C GLY G 138 -46.06 65.64 -24.35
N ASP G 139 -45.20 65.51 -23.34
CA ASP G 139 -45.59 64.90 -22.08
C ASP G 139 -45.91 63.41 -22.26
N THR G 140 -45.40 62.59 -21.35
CA THR G 140 -45.62 61.15 -21.42
C THR G 140 -47.00 60.78 -20.89
N THR G 141 -47.85 60.28 -21.77
CA THR G 141 -49.20 59.88 -21.39
C THR G 141 -49.18 58.46 -20.80
N GLY G 142 -48.03 57.80 -20.93
CA GLY G 142 -47.96 56.35 -20.85
C GLY G 142 -47.96 55.60 -19.53
N SER G 143 -48.13 54.29 -19.65
CA SER G 143 -48.10 53.34 -18.54
C SER G 143 -46.65 53.09 -18.11
N SER G 144 -45.73 53.19 -19.07
CA SER G 144 -44.30 53.10 -18.80
C SER G 144 -43.50 54.09 -19.65
N VAL G 145 -42.51 54.76 -19.05
CA VAL G 145 -41.59 55.62 -19.80
C VAL G 145 -40.30 54.87 -20.13
N THR G 146 -39.82 55.04 -21.37
CA THR G 146 -38.56 54.45 -21.77
C THR G 146 -37.58 55.56 -22.17
N LEU G 147 -36.33 55.43 -21.76
CA LEU G 147 -35.28 56.40 -22.13
C LEU G 147 -33.92 55.71 -22.25
N GLY G 148 -32.99 56.31 -22.99
CA GLY G 148 -31.80 55.59 -23.37
C GLY G 148 -30.52 56.38 -23.57
N CYS G 149 -29.44 55.65 -23.84
CA CYS G 149 -28.11 56.25 -24.02
C CYS G 149 -27.64 56.07 -25.45
N LEU G 150 -26.96 57.09 -25.99
CA LEU G 150 -26.37 56.99 -27.32
C LEU G 150 -24.88 57.25 -27.24
N VAL G 151 -24.06 56.25 -27.54
CA VAL G 151 -22.63 56.39 -27.39
C VAL G 151 -21.98 56.29 -28.73
N LYS G 152 -21.46 57.39 -29.24
CA LYS G 152 -21.08 57.45 -30.66
C LYS G 152 -19.61 57.83 -30.91
N GLY G 153 -19.03 57.42 -32.04
CA GLY G 153 -17.72 57.89 -32.48
C GLY G 153 -16.48 57.21 -31.97
N TYR G 154 -16.63 56.08 -31.26
CA TYR G 154 -15.48 55.46 -30.55
C TYR G 154 -14.75 54.39 -31.34
N PHE G 155 -13.43 54.35 -31.17
CA PHE G 155 -12.63 53.25 -31.66
C PHE G 155 -11.49 52.90 -30.70
N PRO G 156 -11.17 51.60 -30.55
CA PRO G 156 -11.92 50.43 -30.99
C PRO G 156 -12.92 49.93 -29.94
N GLU G 157 -13.57 48.81 -30.24
CA GLU G 157 -14.41 48.10 -29.28
C GLU G 157 -13.51 47.59 -28.15
N PRO G 158 -14.09 47.34 -26.96
CA PRO G 158 -15.48 47.57 -26.55
C PRO G 158 -15.73 48.91 -25.86
N VAL G 159 -16.99 49.14 -25.46
CA VAL G 159 -17.34 50.08 -24.40
C VAL G 159 -18.22 49.35 -23.39
N THR G 160 -18.15 49.76 -22.13
CA THR G 160 -18.94 49.11 -21.10
C THR G 160 -20.00 50.06 -20.54
N LEU G 161 -21.26 49.67 -20.66
CA LEU G 161 -22.39 50.56 -20.36
C LEU G 161 -23.21 50.13 -19.16
N THR G 162 -23.17 50.93 -18.10
CA THR G 162 -23.96 50.68 -16.89
C THR G 162 -24.88 51.86 -16.59
N TRP G 163 -26.18 51.60 -16.44
CA TRP G 163 -27.09 52.63 -15.97
C TRP G 163 -26.96 52.82 -14.47
N ASN G 164 -26.79 54.05 -14.02
CA ASN G 164 -26.92 54.38 -12.61
C ASN G 164 -26.06 53.51 -11.70
N SER G 165 -24.84 53.21 -12.13
CA SER G 165 -23.94 52.42 -11.32
C SER G 165 -24.39 50.96 -11.29
N GLY G 166 -25.40 50.66 -12.10
CA GLY G 166 -25.91 49.30 -12.21
C GLY G 166 -26.91 49.06 -11.11
N SER G 167 -27.24 50.12 -10.38
CA SER G 167 -28.31 50.05 -9.42
C SER G 167 -29.51 49.61 -10.20
N LEU G 168 -30.03 50.53 -10.99
CA LEU G 168 -31.15 50.13 -11.81
C LEU G 168 -30.52 49.84 -13.18
N SER G 169 -30.35 48.54 -13.43
CA SER G 169 -30.38 48.00 -14.77
C SER G 169 -31.11 46.66 -14.72
N SER G 170 -32.26 46.60 -15.39
CA SER G 170 -32.96 45.37 -15.79
C SER G 170 -34.17 45.91 -16.51
N GLY G 171 -34.78 45.12 -17.38
CA GLY G 171 -35.59 45.72 -18.42
C GLY G 171 -34.74 46.70 -19.23
N VAL G 172 -33.44 46.36 -19.37
CA VAL G 172 -32.52 47.13 -20.19
C VAL G 172 -32.07 46.32 -21.37
N HIS G 173 -32.04 46.97 -22.53
CA HIS G 173 -31.57 46.31 -23.74
C HIS G 173 -30.40 47.08 -24.36
N THR G 174 -29.21 46.49 -24.38
CA THR G 174 -28.09 47.12 -25.05
C THR G 174 -27.85 46.38 -26.37
N PHE G 175 -27.99 47.12 -27.46
CA PHE G 175 -27.83 46.59 -28.81
C PHE G 175 -26.39 46.80 -29.18
N PRO G 176 -25.71 45.73 -29.56
CA PRO G 176 -24.26 45.77 -29.77
C PRO G 176 -23.85 46.81 -30.81
N ALA G 177 -22.59 47.22 -30.78
CA ALA G 177 -22.10 48.31 -31.61
C ALA G 177 -22.16 48.02 -33.10
N VAL G 178 -22.22 49.10 -33.88
CA VAL G 178 -22.24 49.02 -35.33
C VAL G 178 -21.15 49.91 -35.90
N LEU G 179 -20.79 49.68 -37.16
CA LEU G 179 -19.72 50.45 -37.78
C LEU G 179 -20.28 51.45 -38.77
N GLN G 180 -20.19 52.73 -38.40
CA GLN G 180 -20.60 53.81 -39.27
C GLN G 180 -19.45 54.78 -39.40
N SER G 181 -18.92 54.87 -40.62
CA SER G 181 -17.80 55.74 -40.93
C SER G 181 -16.57 55.47 -40.06
N ASP G 182 -15.97 54.29 -40.25
CA ASP G 182 -14.64 53.99 -39.70
C ASP G 182 -14.61 53.87 -38.18
N LEU G 183 -15.71 54.19 -37.51
CA LEU G 183 -15.73 54.15 -36.05
C LEU G 183 -17.10 53.79 -35.50
N TYR G 184 -17.07 53.07 -34.38
CA TYR G 184 -18.25 52.39 -33.86
C TYR G 184 -19.25 53.34 -33.21
N THR G 185 -20.49 52.86 -33.17
CA THR G 185 -21.60 53.56 -32.55
C THR G 185 -22.38 52.51 -31.72
N LEU G 186 -22.82 52.88 -30.53
CA LEU G 186 -23.55 52.00 -29.63
C LEU G 186 -24.72 52.76 -29.07
N SER G 187 -25.54 52.07 -28.27
CA SER G 187 -26.77 52.62 -27.73
C SER G 187 -27.44 51.62 -26.77
N SER G 188 -28.34 52.11 -25.93
CA SER G 188 -29.08 51.23 -25.01
C SER G 188 -30.38 51.85 -24.54
N SER G 189 -31.31 51.01 -24.11
CA SER G 189 -32.60 51.52 -23.63
C SER G 189 -33.00 50.90 -22.29
N VAL G 190 -33.31 51.75 -21.31
CA VAL G 190 -33.96 51.26 -20.11
C VAL G 190 -35.42 51.72 -20.12
N THR G 191 -36.34 50.78 -19.93
CA THR G 191 -37.71 51.18 -19.71
C THR G 191 -38.02 51.11 -18.21
N VAL G 192 -38.35 52.26 -17.67
CA VAL G 192 -38.84 52.39 -16.31
C VAL G 192 -40.37 52.44 -16.35
N THR G 193 -40.98 52.74 -15.22
CA THR G 193 -42.42 52.96 -15.15
C THR G 193 -42.71 54.42 -14.74
N SER G 194 -43.89 54.93 -15.11
CA SER G 194 -44.18 56.38 -15.04
C SER G 194 -43.89 57.09 -13.72
N SER G 195 -44.03 56.39 -12.60
CA SER G 195 -43.74 56.95 -11.28
C SER G 195 -42.25 57.22 -11.05
N THR G 196 -41.42 56.38 -11.66
CA THR G 196 -40.00 56.23 -11.30
C THR G 196 -39.08 57.27 -11.94
N TRP G 197 -39.67 58.21 -12.68
CA TRP G 197 -38.89 59.13 -13.50
C TRP G 197 -39.79 60.18 -14.17
N PRO G 198 -39.33 61.44 -14.23
CA PRO G 198 -38.05 62.08 -13.83
C PRO G 198 -37.80 62.12 -12.33
N SER G 199 -38.85 61.88 -11.53
CA SER G 199 -38.81 61.98 -10.06
C SER G 199 -37.60 61.32 -9.38
N GLN G 200 -37.49 60.00 -9.46
CA GLN G 200 -36.25 59.33 -9.10
C GLN G 200 -35.38 59.49 -10.35
N SER G 201 -34.16 59.99 -10.17
CA SER G 201 -33.33 60.37 -11.32
C SER G 201 -32.29 59.32 -11.66
N ILE G 202 -32.08 59.08 -12.94
CA ILE G 202 -31.14 58.05 -13.40
C ILE G 202 -30.09 58.61 -14.34
N THR G 203 -28.89 58.03 -14.27
CA THR G 203 -27.76 58.50 -15.06
C THR G 203 -27.10 57.35 -15.82
N CYS G 204 -26.43 57.68 -16.92
CA CYS G 204 -25.80 56.68 -17.77
C CYS G 204 -24.27 56.75 -17.69
N ASN G 205 -23.66 55.60 -17.45
CA ASN G 205 -22.20 55.50 -17.27
C ASN G 205 -21.51 54.67 -18.35
N VAL G 206 -20.43 55.20 -18.89
CA VAL G 206 -19.79 54.65 -20.08
C VAL G 206 -18.25 54.59 -19.99
N ALA G 207 -17.71 53.36 -20.07
CA ALA G 207 -16.26 53.15 -20.00
C ALA G 207 -15.66 52.75 -21.34
N HIS G 208 -14.62 53.46 -21.77
CA HIS G 208 -13.85 53.04 -22.94
C HIS G 208 -12.40 52.89 -22.53
N PRO G 209 -12.04 51.67 -22.10
CA PRO G 209 -10.70 51.41 -21.56
C PRO G 209 -9.59 51.64 -22.60
N ALA G 210 -9.94 51.59 -23.88
CA ALA G 210 -8.97 51.79 -24.95
C ALA G 210 -8.39 53.20 -25.01
N SER G 211 -9.26 54.21 -24.89
CA SER G 211 -8.88 55.62 -24.80
C SER G 211 -8.81 56.11 -23.34
N SER G 212 -9.10 55.18 -22.43
CA SER G 212 -9.06 55.38 -20.97
C SER G 212 -10.24 56.18 -20.41
N THR G 213 -11.10 56.68 -21.29
CA THR G 213 -12.26 57.46 -20.87
C THR G 213 -13.27 56.68 -20.00
N LYS G 214 -13.63 57.25 -18.85
CA LYS G 214 -14.84 56.87 -18.13
C LYS G 214 -15.67 58.14 -17.97
N VAL G 215 -16.93 58.08 -18.38
CA VAL G 215 -17.75 59.28 -18.49
C VAL G 215 -19.19 59.03 -18.04
N ASP G 216 -19.82 60.05 -17.44
CA ASP G 216 -21.20 59.95 -16.96
C ASP G 216 -22.10 61.04 -17.55
N LYS G 217 -23.26 60.64 -18.09
CA LYS G 217 -24.30 61.58 -18.55
C LYS G 217 -25.67 61.24 -17.93
N LYS G 218 -26.16 62.12 -17.07
CA LYS G 218 -27.46 61.89 -16.46
C LYS G 218 -28.50 62.37 -17.44
N ILE G 219 -29.64 61.69 -17.46
CA ILE G 219 -30.69 62.00 -18.43
C ILE G 219 -31.69 63.02 -17.87
N GLU G 220 -31.95 64.07 -18.66
CA GLU G 220 -32.77 65.20 -18.25
C GLU G 220 -33.93 65.43 -19.22
N PRO G 221 -35.11 65.85 -18.71
CA PRO G 221 -36.29 66.22 -19.51
C PRO G 221 -36.15 67.59 -20.18
N ARG G 222 -36.79 67.79 -21.33
CA ARG G 222 -36.60 69.03 -22.09
C ARG G 222 -37.80 69.97 -22.04
N GLY G 223 -37.53 71.27 -21.86
CA GLY G 223 -38.59 72.24 -21.67
C GLY G 223 -38.14 73.63 -21.28
N ASP H 1 -10.29 23.76 -50.13
CA ASP H 1 -9.85 22.41 -49.79
C ASP H 1 -11.05 21.51 -49.56
N ILE H 2 -11.48 21.38 -48.30
CA ILE H 2 -12.63 20.57 -47.97
C ILE H 2 -13.73 21.46 -47.40
N GLN H 3 -14.94 21.33 -47.94
CA GLN H 3 -16.04 22.22 -47.56
C GLN H 3 -17.08 21.51 -46.70
N MET H 4 -17.44 22.16 -45.60
CA MET H 4 -18.49 21.63 -44.68
C MET H 4 -19.80 22.46 -44.60
N THR H 5 -20.89 21.90 -45.12
CA THR H 5 -22.14 22.63 -45.24
C THR H 5 -23.19 22.20 -44.26
N GLN H 6 -23.41 23.09 -43.30
CA GLN H 6 -24.23 22.79 -42.15
C GLN H 6 -25.58 23.48 -42.30
N SER H 7 -26.65 22.73 -42.19
CA SER H 7 -27.97 23.34 -42.28
C SER H 7 -28.88 22.71 -41.24
N PRO H 8 -29.88 23.44 -40.75
CA PRO H 8 -30.27 24.83 -41.05
C PRO H 8 -29.35 25.79 -40.34
N ALA H 9 -29.24 27.03 -40.83
CA ALA H 9 -28.34 27.96 -40.15
C ALA H 9 -29.02 28.43 -38.89
N SER H 10 -30.35 28.39 -38.92
CA SER H 10 -31.14 28.77 -37.77
C SER H 10 -32.35 27.83 -37.72
N GLN H 11 -32.72 27.44 -36.50
CA GLN H 11 -33.88 26.57 -36.31
C GLN H 11 -34.55 26.96 -35.00
N SER H 12 -35.88 27.03 -35.01
CA SER H 12 -36.61 27.27 -33.76
C SER H 12 -37.31 25.99 -33.33
N ALA H 13 -37.44 25.81 -32.03
CA ALA H 13 -38.16 24.68 -31.46
C ALA H 13 -38.47 24.99 -30.01
N SER H 14 -39.15 24.06 -29.35
CA SER H 14 -39.60 24.26 -27.96
C SER H 14 -39.16 23.11 -27.05
N LEU H 15 -39.30 23.31 -25.74
CA LEU H 15 -38.81 22.36 -24.75
C LEU H 15 -39.30 20.92 -24.92
N GLY H 16 -38.36 19.98 -24.85
CA GLY H 16 -38.66 18.56 -24.89
C GLY H 16 -38.66 17.98 -26.29
N GLU H 17 -38.64 18.86 -27.29
CA GLU H 17 -38.73 18.43 -28.68
C GLU H 17 -37.39 17.85 -29.17
N SER H 18 -37.37 17.32 -30.39
CA SER H 18 -36.16 16.68 -30.90
C SER H 18 -35.66 17.37 -32.15
N VAL H 19 -34.43 17.88 -32.13
CA VAL H 19 -33.90 18.70 -33.24
C VAL H 19 -32.65 18.14 -33.95
N THR H 20 -32.64 18.26 -35.29
CA THR H 20 -31.61 17.62 -36.10
C THR H 20 -30.93 18.61 -37.04
N ILE H 21 -29.64 18.82 -36.80
CA ILE H 21 -28.80 19.59 -37.69
C ILE H 21 -28.12 18.61 -38.66
N THR H 22 -27.90 19.04 -39.89
CA THR H 22 -27.15 18.25 -40.85
C THR H 22 -25.85 18.91 -41.23
N CYS H 23 -24.88 18.08 -41.59
CA CYS H 23 -23.61 18.55 -42.05
C CYS H 23 -23.23 17.74 -43.27
N LEU H 24 -22.72 18.43 -44.28
CA LEU H 24 -22.43 17.80 -45.55
C LEU H 24 -21.01 18.08 -46.02
N ALA H 25 -20.29 17.03 -46.37
CA ALA H 25 -18.89 17.15 -46.71
C ALA H 25 -18.69 17.06 -48.22
N SER H 26 -17.91 18.01 -48.78
CA SER H 26 -17.55 18.00 -50.21
C SER H 26 -16.74 16.76 -50.67
N GLN H 27 -15.86 16.26 -49.79
CA GLN H 27 -15.18 14.98 -49.96
C GLN H 27 -15.92 13.95 -49.15
N THR H 28 -15.34 12.75 -49.09
CA THR H 28 -15.74 11.77 -48.09
C THR H 28 -14.67 11.87 -47.04
N ILE H 29 -15.10 12.24 -45.83
CA ILE H 29 -14.22 12.41 -44.68
C ILE H 29 -14.31 11.16 -43.82
N GLY H 30 -15.02 10.17 -44.35
CA GLY H 30 -15.21 8.92 -43.65
C GLY H 30 -16.00 9.14 -42.39
N THR H 31 -15.38 8.85 -41.25
CA THR H 31 -16.03 9.00 -39.97
C THR H 31 -15.27 9.96 -39.08
N TRP H 32 -14.69 10.99 -39.69
CA TRP H 32 -13.89 11.98 -38.95
C TRP H 32 -14.58 13.30 -38.57
N LEU H 33 -15.91 13.31 -38.53
CA LEU H 33 -16.64 14.49 -38.10
C LEU H 33 -16.63 14.65 -36.57
N ALA H 34 -16.76 15.91 -36.12
CA ALA H 34 -16.99 16.25 -34.71
C ALA H 34 -18.00 17.40 -34.54
N TRP H 35 -18.66 17.46 -33.40
CA TRP H 35 -19.74 18.40 -33.14
C TRP H 35 -19.47 19.14 -31.85
N TYR H 36 -19.65 20.46 -31.93
CA TYR H 36 -19.29 21.40 -30.87
C TYR H 36 -20.49 22.23 -30.50
N GLN H 37 -20.58 22.59 -29.23
CA GLN H 37 -21.53 23.59 -28.83
C GLN H 37 -20.81 24.87 -28.46
N GLN H 38 -21.39 26.00 -28.85
CA GLN H 38 -20.92 27.27 -28.36
C GLN H 38 -22.07 27.98 -27.68
N LYS H 39 -21.97 28.08 -26.36
CA LYS H 39 -22.78 28.99 -25.55
C LYS H 39 -22.30 30.39 -25.87
N PRO H 40 -23.19 31.38 -25.74
CA PRO H 40 -22.78 32.74 -26.10
C PRO H 40 -21.71 33.29 -25.14
N GLY H 41 -20.73 33.98 -25.72
CA GLY H 41 -19.71 34.66 -24.95
C GLY H 41 -18.71 33.71 -24.35
N LYS H 42 -18.61 32.52 -24.95
CA LYS H 42 -17.72 31.48 -24.45
C LYS H 42 -16.96 30.80 -25.58
N SER H 43 -15.91 30.09 -25.19
CA SER H 43 -15.25 29.14 -26.06
C SER H 43 -16.18 27.95 -26.33
N PRO H 44 -15.95 27.27 -27.47
CA PRO H 44 -16.64 26.02 -27.83
C PRO H 44 -16.39 24.86 -26.83
N GLN H 45 -17.32 23.92 -26.83
CA GLN H 45 -17.25 22.75 -25.99
C GLN H 45 -17.52 21.55 -26.87
N LEU H 46 -16.67 20.54 -26.77
CA LEU H 46 -16.82 19.34 -27.58
C LEU H 46 -18.01 18.50 -27.14
N LEU H 47 -18.78 18.04 -28.10
CA LEU H 47 -19.99 17.27 -27.83
C LEU H 47 -19.84 15.86 -28.36
N ILE H 48 -19.60 15.76 -29.67
CA ILE H 48 -19.43 14.43 -30.28
C ILE H 48 -18.14 14.30 -31.11
N TYR H 49 -17.50 13.14 -31.06
CA TYR H 49 -16.31 12.86 -31.89
C TYR H 49 -16.50 11.57 -32.70
N ALA H 50 -15.78 11.44 -33.81
CA ALA H 50 -15.92 10.26 -34.65
C ALA H 50 -17.35 10.19 -35.18
N ALA H 51 -17.98 11.35 -35.28
CA ALA H 51 -19.33 11.47 -35.82
C ALA H 51 -20.44 10.96 -34.90
N THR H 52 -20.37 9.68 -34.54
CA THR H 52 -21.44 9.03 -33.78
C THR H 52 -21.14 8.76 -32.31
N SER H 53 -20.04 9.29 -31.79
CA SER H 53 -19.53 8.85 -30.52
C SER H 53 -19.40 9.95 -29.45
N LEU H 54 -20.23 9.86 -28.39
CA LEU H 54 -20.29 10.88 -27.33
C LEU H 54 -18.97 11.06 -26.57
N ALA H 55 -18.58 12.32 -26.37
CA ALA H 55 -17.41 12.62 -25.56
C ALA H 55 -17.74 12.36 -24.12
N ASP H 56 -16.72 12.17 -23.28
CA ASP H 56 -16.92 11.93 -21.87
C ASP H 56 -17.74 13.03 -21.19
N GLY H 57 -18.57 12.65 -20.23
CA GLY H 57 -19.35 13.60 -19.46
C GLY H 57 -20.28 14.47 -20.27
N VAL H 58 -21.03 13.82 -21.15
CA VAL H 58 -21.98 14.52 -22.02
C VAL H 58 -23.34 13.86 -21.86
N PRO H 59 -24.40 14.68 -21.81
CA PRO H 59 -25.77 14.16 -21.73
C PRO H 59 -26.10 13.15 -22.83
N SER H 60 -26.85 12.11 -22.45
CA SER H 60 -27.25 11.09 -23.41
C SER H 60 -28.21 11.63 -24.47
N ARG H 61 -28.83 12.78 -24.21
CA ARG H 61 -29.76 13.38 -25.17
C ARG H 61 -29.09 13.88 -26.46
N PHE H 62 -27.76 13.98 -26.44
CA PHE H 62 -27.01 14.38 -27.62
C PHE H 62 -26.51 13.17 -28.45
N SER H 63 -26.83 13.17 -29.75
CA SER H 63 -26.52 12.05 -30.64
C SER H 63 -25.92 12.52 -31.95
N GLY H 64 -25.24 11.62 -32.64
CA GLY H 64 -24.71 11.97 -33.94
C GLY H 64 -24.59 10.75 -34.82
N SER H 65 -24.67 10.98 -36.12
CA SER H 65 -24.82 9.91 -37.08
C SER H 65 -24.20 10.28 -38.42
N GLY H 66 -24.03 9.27 -39.28
CA GLY H 66 -23.61 9.53 -40.65
C GLY H 66 -22.22 9.05 -40.98
N SER H 67 -21.88 9.06 -42.28
CA SER H 67 -20.55 8.64 -42.75
C SER H 67 -20.26 9.19 -44.13
N GLY H 68 -18.96 9.25 -44.47
CA GLY H 68 -18.59 9.78 -45.77
C GLY H 68 -18.90 11.25 -45.85
N THR H 69 -19.84 11.56 -46.73
CA THR H 69 -20.38 12.89 -46.93
C THR H 69 -21.52 13.28 -45.99
N LYS H 70 -22.60 12.50 -45.95
CA LYS H 70 -23.78 12.92 -45.19
C LYS H 70 -23.64 12.65 -43.69
N PHE H 71 -23.97 13.67 -42.89
CA PHE H 71 -23.90 13.60 -41.44
C PHE H 71 -25.06 14.29 -40.74
N SER H 72 -25.45 13.74 -39.59
CA SER H 72 -26.58 14.25 -38.83
C SER H 72 -26.17 14.42 -37.37
N PHE H 73 -26.84 15.34 -36.67
CA PHE H 73 -26.61 15.61 -35.25
C PHE H 73 -27.94 15.94 -34.58
N LYS H 74 -28.20 15.33 -33.43
CA LYS H 74 -29.53 15.40 -32.86
C LYS H 74 -29.51 15.69 -31.36
N ILE H 75 -30.39 16.61 -30.96
CA ILE H 75 -30.69 16.83 -29.56
C ILE H 75 -32.06 16.21 -29.35
N SER H 76 -32.12 15.13 -28.58
CA SER H 76 -33.34 14.35 -28.45
C SER H 76 -34.38 15.04 -27.56
N SER H 77 -34.08 15.19 -26.28
CA SER H 77 -35.00 15.91 -25.40
C SER H 77 -34.47 17.31 -25.22
N LEU H 78 -35.13 18.28 -25.83
CA LEU H 78 -34.60 19.64 -25.80
C LEU H 78 -34.73 20.25 -24.41
N GLN H 79 -33.95 21.30 -24.16
CA GLN H 79 -33.77 21.83 -22.82
C GLN H 79 -33.53 23.33 -22.84
N ALA H 80 -33.82 23.99 -21.72
CA ALA H 80 -33.69 25.43 -21.62
C ALA H 80 -32.34 25.91 -22.13
N GLU H 81 -31.26 25.39 -21.55
CA GLU H 81 -29.93 25.94 -21.81
C GLU H 81 -29.33 25.46 -23.13
N ASP H 82 -30.08 24.64 -23.87
CA ASP H 82 -29.55 24.11 -25.12
C ASP H 82 -29.63 25.08 -26.32
N PHE H 83 -30.17 26.28 -26.14
CA PHE H 83 -30.42 27.05 -27.36
C PHE H 83 -29.34 28.07 -27.65
N VAL H 84 -28.44 27.63 -28.51
CA VAL H 84 -27.11 28.19 -28.63
C VAL H 84 -26.59 27.85 -30.02
N SER H 85 -25.30 28.02 -30.22
CA SER H 85 -24.75 27.68 -31.50
C SER H 85 -24.21 26.27 -31.47
N TYR H 86 -24.27 25.58 -32.61
CA TYR H 86 -23.57 24.31 -32.78
C TYR H 86 -22.72 24.37 -34.04
N TYR H 87 -21.55 23.74 -34.02
CA TYR H 87 -20.75 23.66 -35.23
C TYR H 87 -20.27 22.22 -35.45
N CYS H 88 -20.29 21.74 -36.68
CA CYS H 88 -19.48 20.58 -37.06
C CYS H 88 -18.04 21.00 -37.44
N GLN H 89 -17.11 20.05 -37.34
CA GLN H 89 -15.76 20.22 -37.80
C GLN H 89 -15.23 18.92 -38.38
N GLN H 90 -14.56 19.03 -39.52
CA GLN H 90 -13.97 17.90 -40.21
C GLN H 90 -12.50 17.80 -39.84
N LEU H 91 -12.13 16.75 -39.12
CA LEU H 91 -10.74 16.49 -38.77
C LEU H 91 -10.06 15.47 -39.67
N TYR H 92 -10.75 15.11 -40.75
CA TYR H 92 -10.21 14.16 -41.75
C TYR H 92 -8.88 14.55 -42.43
N SER H 93 -8.76 15.79 -42.90
CA SER H 93 -7.55 16.29 -43.54
C SER H 93 -7.39 17.80 -43.38
N THR H 94 -6.14 18.25 -43.19
CA THR H 94 -5.87 19.67 -43.06
C THR H 94 -6.31 20.41 -44.32
N PRO H 95 -6.90 21.59 -44.17
CA PRO H 95 -7.24 22.31 -42.95
C PRO H 95 -8.49 21.70 -42.32
N TRP H 96 -8.63 21.78 -41.00
CA TRP H 96 -9.74 21.11 -40.38
C TRP H 96 -10.83 22.14 -40.30
N THR H 97 -11.70 22.05 -41.29
CA THR H 97 -12.74 23.02 -41.55
C THR H 97 -13.90 22.89 -40.60
N PHE H 98 -14.71 23.94 -40.55
CA PHE H 98 -15.90 23.97 -39.73
C PHE H 98 -17.13 24.16 -40.60
N GLY H 99 -18.30 23.88 -40.04
CA GLY H 99 -19.55 24.14 -40.71
C GLY H 99 -19.94 25.59 -40.48
N GLY H 100 -21.02 26.03 -41.13
CA GLY H 100 -21.43 27.42 -41.07
C GLY H 100 -21.92 27.84 -39.69
N GLY H 101 -22.44 26.88 -38.94
CA GLY H 101 -23.04 27.13 -37.64
C GLY H 101 -24.55 26.95 -37.67
N THR H 102 -25.10 26.63 -36.50
CA THR H 102 -26.54 26.50 -36.35
C THR H 102 -26.97 27.23 -35.09
N ARG H 103 -27.89 28.18 -35.24
CA ARG H 103 -28.42 28.93 -34.09
C ARG H 103 -29.74 28.29 -33.74
N LEU H 104 -29.90 27.94 -32.46
CA LEU H 104 -31.12 27.32 -31.97
C LEU H 104 -31.88 28.35 -31.16
N GLU H 105 -33.13 28.58 -31.55
CA GLU H 105 -34.00 29.54 -30.86
C GLU H 105 -35.24 28.88 -30.28
N ILE H 106 -35.68 29.38 -29.14
CA ILE H 106 -36.80 28.76 -28.44
C ILE H 106 -38.15 29.35 -28.87
N LYS H 107 -39.11 28.46 -29.17
CA LYS H 107 -40.40 28.88 -29.74
C LYS H 107 -41.26 29.66 -28.75
N ARG H 108 -41.86 30.75 -29.24
CA ARG H 108 -42.48 31.74 -28.37
C ARG H 108 -43.79 32.29 -28.97
N ALA H 109 -44.72 32.73 -28.12
CA ALA H 109 -45.95 33.36 -28.61
C ALA H 109 -45.64 34.79 -29.05
N ASP H 110 -46.08 35.17 -30.25
CA ASP H 110 -45.63 36.43 -30.86
C ASP H 110 -45.96 37.66 -30.02
N ALA H 111 -45.15 38.71 -30.21
CA ALA H 111 -45.08 39.82 -29.28
C ALA H 111 -45.04 41.20 -29.94
N ALA H 112 -45.41 42.22 -29.15
CA ALA H 112 -45.59 43.61 -29.58
C ALA H 112 -44.36 44.53 -29.35
N PRO H 113 -43.75 45.01 -30.45
CA PRO H 113 -42.54 45.84 -30.48
C PRO H 113 -42.72 47.28 -29.97
N THR H 114 -42.70 47.47 -28.65
CA THR H 114 -42.87 48.79 -28.04
C THR H 114 -41.80 49.74 -28.59
N VAL H 115 -42.26 50.84 -29.21
CA VAL H 115 -41.41 51.63 -30.12
C VAL H 115 -41.21 53.09 -29.69
N SER H 116 -39.95 53.49 -29.54
CA SER H 116 -39.65 54.77 -28.92
C SER H 116 -38.77 55.70 -29.77
N ILE H 117 -39.13 56.99 -29.86
CA ILE H 117 -38.42 57.97 -30.70
C ILE H 117 -37.60 59.04 -29.93
N PHE H 118 -36.41 59.33 -30.43
CA PHE H 118 -35.41 60.09 -29.67
C PHE H 118 -34.66 61.13 -30.47
N PRO H 119 -35.25 62.34 -30.57
CA PRO H 119 -34.61 63.51 -31.19
C PRO H 119 -33.23 63.77 -30.58
N PRO H 120 -32.28 64.27 -31.39
CA PRO H 120 -30.88 64.41 -30.99
C PRO H 120 -30.73 65.34 -29.79
N SER H 121 -29.65 65.17 -29.05
CA SER H 121 -29.42 65.92 -27.82
C SER H 121 -28.84 67.30 -28.09
N SER H 122 -29.20 68.28 -27.27
CA SER H 122 -28.66 69.63 -27.39
C SER H 122 -27.14 69.59 -27.27
N GLU H 123 -26.64 68.67 -26.44
CA GLU H 123 -25.21 68.44 -26.28
C GLU H 123 -24.63 67.97 -27.60
N GLN H 124 -25.42 67.18 -28.34
CA GLN H 124 -25.04 66.65 -29.65
C GLN H 124 -25.27 67.70 -30.74
N LEU H 125 -26.33 68.48 -30.58
CA LEU H 125 -26.67 69.53 -31.53
C LEU H 125 -25.59 70.59 -31.59
N THR H 126 -24.96 70.87 -30.45
CA THR H 126 -23.88 71.85 -30.38
C THR H 126 -22.61 71.37 -31.07
N SER H 127 -22.47 70.06 -31.25
CA SER H 127 -21.27 69.49 -31.83
C SER H 127 -21.30 69.35 -33.36
N GLY H 128 -22.41 69.76 -33.99
CA GLY H 128 -22.52 69.73 -35.44
C GLY H 128 -23.25 68.53 -36.04
N GLY H 129 -23.42 67.47 -35.24
CA GLY H 129 -24.17 66.31 -35.68
C GLY H 129 -25.61 66.29 -35.19
N ALA H 130 -26.44 65.50 -35.85
CA ALA H 130 -27.76 65.17 -35.32
C ALA H 130 -28.10 63.71 -35.57
N SER H 131 -28.36 62.96 -34.51
CA SER H 131 -28.70 61.54 -34.61
C SER H 131 -30.02 61.30 -33.91
N VAL H 132 -30.98 60.71 -34.64
CA VAL H 132 -32.31 60.46 -34.09
C VAL H 132 -32.61 58.97 -33.95
N VAL H 133 -33.14 58.55 -32.80
CA VAL H 133 -33.16 57.13 -32.48
C VAL H 133 -34.53 56.47 -32.31
N CYS H 134 -34.79 55.42 -33.10
CA CYS H 134 -35.94 54.54 -32.89
C CYS H 134 -35.54 53.24 -32.17
N PHE H 135 -36.08 53.02 -30.98
CA PHE H 135 -35.92 51.78 -30.24
C PHE H 135 -37.13 50.86 -30.42
N LEU H 136 -36.92 49.67 -30.99
CA LEU H 136 -38.01 48.70 -31.12
C LEU H 136 -37.82 47.55 -30.15
N ASN H 137 -38.67 47.49 -29.13
CA ASN H 137 -38.41 46.63 -27.96
C ASN H 137 -39.41 45.48 -27.73
N ASN H 138 -38.87 44.31 -27.39
CA ASN H 138 -39.66 43.18 -26.88
C ASN H 138 -40.75 42.65 -27.81
N PHE H 139 -40.33 42.02 -28.90
CA PHE H 139 -41.25 41.55 -29.94
C PHE H 139 -40.78 40.26 -30.61
N TYR H 140 -41.74 39.40 -30.93
CA TYR H 140 -41.45 38.09 -31.51
C TYR H 140 -42.33 37.88 -32.72
N PRO H 141 -41.82 37.20 -33.78
CA PRO H 141 -40.44 36.78 -34.02
C PRO H 141 -39.64 37.88 -34.71
N LYS H 142 -38.37 37.58 -34.93
CA LYS H 142 -37.31 38.57 -35.17
C LYS H 142 -37.28 39.24 -36.54
N ASP H 143 -38.11 38.78 -37.47
CA ASP H 143 -38.13 39.41 -38.78
C ASP H 143 -38.86 40.74 -38.63
N ILE H 144 -38.23 41.83 -39.04
CA ILE H 144 -38.87 43.15 -38.93
C ILE H 144 -38.30 44.19 -39.89
N ASN H 145 -39.10 45.20 -40.24
CA ASN H 145 -38.60 46.29 -41.08
C ASN H 145 -38.90 47.66 -40.48
N VAL H 146 -38.05 48.63 -40.79
CA VAL H 146 -38.23 50.02 -40.33
C VAL H 146 -37.95 51.00 -41.47
N LYS H 147 -38.88 51.90 -41.72
CA LYS H 147 -38.67 52.96 -42.68
C LYS H 147 -38.53 54.27 -41.92
N TRP H 148 -37.59 55.10 -42.36
CA TRP H 148 -37.47 56.46 -41.84
C TRP H 148 -38.10 57.41 -42.85
N LYS H 149 -39.03 58.23 -42.39
CA LYS H 149 -39.67 59.22 -43.24
C LYS H 149 -39.33 60.61 -42.69
N ILE H 150 -39.07 61.57 -43.57
CA ILE H 150 -38.75 62.93 -43.15
C ILE H 150 -39.69 63.92 -43.85
N ASP H 151 -40.54 64.58 -43.05
CA ASP H 151 -41.67 65.33 -43.60
C ASP H 151 -42.53 64.44 -44.48
N GLY H 152 -42.64 63.17 -44.07
CA GLY H 152 -43.43 62.20 -44.78
C GLY H 152 -42.70 61.47 -45.89
N SER H 153 -41.53 61.97 -46.28
CA SER H 153 -40.77 61.40 -47.41
C SER H 153 -39.58 60.50 -46.98
N GLU H 154 -39.40 59.40 -47.70
CA GLU H 154 -38.47 58.33 -47.33
C GLU H 154 -37.01 58.78 -47.31
N ARG H 155 -36.17 58.06 -46.57
CA ARG H 155 -34.77 58.40 -46.48
C ARG H 155 -33.89 57.18 -46.28
N GLN H 156 -32.70 57.25 -46.86
CA GLN H 156 -31.87 56.09 -47.15
C GLN H 156 -30.53 56.11 -46.38
N ASN H 157 -29.72 57.14 -46.62
CA ASN H 157 -28.39 57.23 -46.04
C ASN H 157 -28.41 57.47 -44.53
N GLY H 158 -27.41 56.95 -43.83
CA GLY H 158 -27.23 57.24 -42.42
C GLY H 158 -28.06 56.41 -41.45
N VAL H 159 -28.68 55.34 -41.95
CA VAL H 159 -29.44 54.45 -41.08
C VAL H 159 -28.55 53.36 -40.46
N LEU H 160 -28.57 53.28 -39.13
CA LEU H 160 -27.77 52.29 -38.41
C LEU H 160 -28.69 51.33 -37.69
N ASN H 161 -28.66 50.06 -38.07
CA ASN H 161 -29.51 49.09 -37.42
C ASN H 161 -28.70 48.21 -36.47
N SER H 162 -29.28 47.88 -35.32
CA SER H 162 -28.63 46.96 -34.36
C SER H 162 -29.65 46.06 -33.65
N TRP H 163 -29.29 44.79 -33.44
CA TRP H 163 -30.23 43.80 -32.89
C TRP H 163 -29.74 43.14 -31.61
N THR H 164 -30.65 42.51 -30.88
CA THR H 164 -30.26 41.72 -29.72
C THR H 164 -30.50 40.26 -30.07
N ASP H 165 -30.12 39.36 -29.18
CA ASP H 165 -30.41 37.95 -29.39
C ASP H 165 -31.68 37.66 -28.62
N GLN H 166 -32.08 36.40 -28.61
CA GLN H 166 -33.24 36.01 -27.83
C GLN H 166 -32.97 36.29 -26.35
N ASP H 167 -33.88 37.01 -25.69
CA ASP H 167 -33.71 37.29 -24.27
C ASP H 167 -33.86 36.01 -23.45
N SER H 168 -33.02 35.88 -22.43
CA SER H 168 -33.02 34.72 -21.56
C SER H 168 -34.38 34.49 -20.91
N LYS H 169 -34.92 35.50 -20.23
CA LYS H 169 -36.20 35.37 -19.54
C LYS H 169 -37.44 35.34 -20.45
N ASP H 170 -37.58 36.34 -21.30
CA ASP H 170 -38.80 36.56 -22.08
C ASP H 170 -38.81 35.91 -23.47
N SER H 171 -37.67 35.41 -23.90
CA SER H 171 -37.52 34.84 -25.24
C SER H 171 -38.08 35.78 -26.33
N THR H 172 -37.68 37.05 -26.29
CA THR H 172 -38.07 38.00 -27.32
C THR H 172 -36.91 38.87 -27.76
N TYR H 173 -37.04 39.51 -28.92
CA TYR H 173 -35.93 40.27 -29.48
C TYR H 173 -36.09 41.78 -29.30
N SER H 174 -35.07 42.53 -29.73
CA SER H 174 -35.17 43.99 -29.82
C SER H 174 -34.21 44.57 -30.86
N MET H 175 -34.35 45.87 -31.09
CA MET H 175 -33.72 46.55 -32.20
C MET H 175 -33.53 48.06 -31.93
N SER H 176 -32.55 48.65 -32.59
CA SER H 176 -32.39 50.09 -32.56
C SER H 176 -31.96 50.58 -33.93
N SER H 177 -32.66 51.55 -34.47
CA SER H 177 -32.23 52.20 -35.70
C SER H 177 -31.90 53.66 -35.41
N THR H 178 -30.70 54.07 -35.79
CA THR H 178 -30.26 55.44 -35.58
C THR H 178 -30.09 56.13 -36.93
N LEU H 179 -30.91 57.14 -37.20
CA LEU H 179 -30.74 57.90 -38.43
C LEU H 179 -29.79 59.09 -38.16
N THR H 180 -28.68 59.13 -38.88
CA THR H 180 -27.62 60.10 -38.59
C THR H 180 -27.34 61.07 -39.75
N LEU H 181 -27.32 62.36 -39.44
CA LEU H 181 -27.13 63.40 -40.44
C LEU H 181 -26.53 64.67 -39.85
N THR H 182 -26.35 65.68 -40.68
CA THR H 182 -25.78 66.96 -40.24
C THR H 182 -26.77 67.78 -39.42
N LYS H 183 -26.26 68.70 -38.60
CA LYS H 183 -27.10 69.64 -37.90
C LYS H 183 -27.80 70.50 -38.96
N ASP H 184 -27.05 70.85 -39.99
CA ASP H 184 -27.55 71.60 -41.14
C ASP H 184 -28.80 70.94 -41.72
N GLU H 185 -28.63 69.72 -42.24
CA GLU H 185 -29.74 68.94 -42.81
C GLU H 185 -30.90 68.77 -41.83
N TYR H 186 -30.56 68.60 -40.55
CA TYR H 186 -31.57 68.34 -39.52
C TYR H 186 -32.49 69.52 -39.27
N GLU H 187 -31.91 70.71 -39.09
CA GLU H 187 -32.73 71.90 -38.84
C GLU H 187 -33.48 72.27 -40.12
N ARG H 188 -33.11 71.62 -41.22
CA ARG H 188 -33.66 71.91 -42.53
C ARG H 188 -34.96 71.15 -42.82
N HIS H 189 -35.44 70.37 -41.85
CA HIS H 189 -36.75 69.72 -41.98
C HIS H 189 -37.67 69.95 -40.76
N ASN H 190 -38.88 69.40 -40.83
CA ASN H 190 -39.93 69.71 -39.85
C ASN H 190 -40.33 68.53 -38.95
N SER H 191 -40.94 67.52 -39.56
CA SER H 191 -41.46 66.38 -38.82
C SER H 191 -40.71 65.12 -39.22
N TYR H 192 -40.30 64.36 -38.19
CA TYR H 192 -39.52 63.13 -38.37
C TYR H 192 -40.30 61.87 -37.91
N THR H 193 -40.32 60.86 -38.78
CA THR H 193 -41.18 59.69 -38.59
C THR H 193 -40.43 58.37 -38.65
N CYS H 194 -40.67 57.50 -37.68
CA CYS H 194 -40.09 56.17 -37.68
C CYS H 194 -41.19 55.11 -37.70
N GLU H 195 -41.22 54.32 -38.77
CA GLU H 195 -42.33 53.39 -38.95
C GLU H 195 -41.85 51.93 -38.98
N ALA H 196 -42.38 51.13 -38.07
CA ALA H 196 -41.99 49.74 -37.93
C ALA H 196 -43.04 48.79 -38.48
N THR H 197 -42.70 48.14 -39.59
CA THR H 197 -43.54 47.07 -40.09
C THR H 197 -43.11 45.77 -39.42
N HIS H 198 -44.05 45.14 -38.71
CA HIS H 198 -43.85 43.80 -38.17
C HIS H 198 -45.04 42.92 -38.56
N LYS H 199 -44.85 41.61 -38.50
CA LYS H 199 -45.92 40.65 -38.77
C LYS H 199 -47.09 40.82 -37.79
N THR H 200 -46.79 41.11 -36.53
CA THR H 200 -47.76 41.15 -35.43
C THR H 200 -49.06 41.88 -35.72
N SER H 201 -48.96 43.20 -35.94
CA SER H 201 -50.12 43.99 -36.35
C SER H 201 -50.44 43.78 -37.82
N THR H 202 -51.68 44.08 -38.21
CA THR H 202 -52.07 44.06 -39.60
C THR H 202 -51.36 45.21 -40.31
N SER H 203 -51.18 46.30 -39.57
CA SER H 203 -50.76 47.59 -40.11
C SER H 203 -49.55 48.16 -39.34
N PRO H 204 -48.63 48.84 -40.06
CA PRO H 204 -47.31 49.19 -39.52
C PRO H 204 -47.35 50.12 -38.30
N ILE H 205 -46.46 49.87 -37.31
CA ILE H 205 -46.45 50.64 -36.06
C ILE H 205 -45.66 51.94 -36.21
N VAL H 206 -46.35 53.07 -36.09
CA VAL H 206 -45.84 54.37 -36.49
C VAL H 206 -45.59 55.28 -35.28
N LYS H 207 -44.32 55.59 -35.01
CA LYS H 207 -44.01 56.57 -33.99
C LYS H 207 -43.29 57.73 -34.66
N SER H 208 -43.90 58.91 -34.62
CA SER H 208 -43.32 60.12 -35.23
C SER H 208 -43.35 61.26 -34.22
N PHE H 209 -42.62 62.32 -34.52
CA PHE H 209 -42.55 63.49 -33.65
C PHE H 209 -42.12 64.73 -34.42
N ASN H 210 -42.59 65.89 -33.98
CA ASN H 210 -42.25 67.16 -34.61
C ASN H 210 -41.48 68.08 -33.69
N ARG H 211 -40.36 68.62 -34.19
CA ARG H 211 -39.53 69.53 -33.41
C ARG H 211 -39.33 69.00 -31.99
N VAL I 2 23.29 -16.83 -6.94
CA VAL I 2 23.05 -18.22 -6.55
C VAL I 2 24.33 -18.99 -6.20
N LYS I 3 25.44 -18.71 -6.89
CA LYS I 3 26.77 -19.08 -6.39
C LYS I 3 27.02 -20.56 -6.00
N LEU I 4 27.18 -21.44 -6.98
CA LEU I 4 27.70 -22.78 -6.70
C LEU I 4 29.20 -22.64 -6.54
N VAL I 5 29.74 -23.23 -5.47
CA VAL I 5 31.16 -23.12 -5.20
C VAL I 5 31.70 -24.46 -4.71
N GLU I 6 32.70 -24.99 -5.39
CA GLU I 6 33.14 -26.34 -5.09
C GLU I 6 34.51 -26.36 -4.42
N SER I 7 34.78 -27.44 -3.71
CA SER I 7 36.05 -27.55 -3.02
C SER I 7 36.45 -28.99 -2.81
N GLY I 8 37.63 -29.14 -2.19
CA GLY I 8 38.34 -30.40 -2.02
C GLY I 8 39.17 -30.91 -3.19
N GLY I 9 40.01 -30.07 -3.77
CA GLY I 9 40.75 -30.46 -4.95
C GLY I 9 41.87 -30.95 -4.06
N GLY I 10 42.28 -32.21 -4.19
CA GLY I 10 43.48 -32.73 -3.55
C GLY I 10 44.47 -33.34 -4.54
N LEU I 11 45.51 -34.01 -4.04
CA LEU I 11 46.37 -34.86 -4.86
C LEU I 11 45.90 -36.31 -5.05
N VAL I 12 45.55 -37.04 -4.00
CA VAL I 12 44.98 -38.39 -4.24
C VAL I 12 45.79 -39.42 -5.05
N GLN I 13 46.70 -40.11 -4.36
CA GLN I 13 47.34 -41.32 -4.87
C GLN I 13 46.32 -42.35 -5.42
N PRO I 14 46.58 -42.94 -6.59
CA PRO I 14 45.61 -43.83 -7.28
C PRO I 14 45.05 -44.97 -6.42
N GLY I 15 43.75 -45.24 -6.49
CA GLY I 15 43.16 -46.23 -5.59
C GLY I 15 42.64 -45.62 -4.30
N GLY I 16 42.97 -44.36 -4.09
CA GLY I 16 42.51 -43.61 -2.95
C GLY I 16 41.10 -43.07 -3.15
N SER I 17 40.74 -42.15 -2.27
CA SER I 17 39.38 -41.63 -2.20
C SER I 17 39.41 -40.12 -1.99
N LEU I 18 38.36 -39.45 -2.46
CA LEU I 18 38.25 -38.02 -2.27
C LEU I 18 36.81 -37.58 -2.16
N ARG I 19 36.54 -36.60 -1.31
CA ARG I 19 35.20 -36.01 -1.29
C ARG I 19 35.27 -34.56 -1.81
N LEU I 20 34.50 -34.30 -2.87
CA LEU I 20 34.35 -32.95 -3.39
C LEU I 20 33.06 -32.40 -2.85
N SER I 21 33.02 -31.12 -2.53
CA SER I 21 31.76 -30.58 -2.02
C SER I 21 31.38 -29.38 -2.86
N CYS I 22 30.16 -29.38 -3.39
CA CYS I 22 29.65 -28.18 -4.03
C CYS I 22 28.62 -27.54 -3.14
N GLY I 23 29.00 -26.39 -2.58
CA GLY I 23 28.13 -25.64 -1.69
C GLY I 23 27.30 -24.65 -2.47
N THR I 24 26.12 -24.34 -1.93
CA THR I 24 25.16 -23.49 -2.62
C THR I 24 24.90 -22.25 -1.79
N SER I 25 24.62 -21.14 -2.46
CA SER I 25 24.24 -19.88 -1.80
C SER I 25 22.93 -19.37 -2.39
N GLY I 26 22.50 -18.20 -1.93
CA GLY I 26 21.49 -17.43 -2.63
C GLY I 26 20.05 -17.90 -2.53
N PHE I 27 19.12 -16.96 -2.74
CA PHE I 27 17.72 -17.30 -2.90
C PHE I 27 17.58 -18.11 -4.18
N THR I 28 16.94 -19.26 -4.09
CA THR I 28 16.56 -19.97 -5.30
C THR I 28 15.21 -20.63 -5.15
N LEU I 29 14.55 -20.80 -6.28
CA LEU I 29 13.28 -21.47 -6.35
C LEU I 29 13.41 -22.99 -6.37
N THR I 30 14.56 -23.51 -6.77
CA THR I 30 14.72 -24.97 -6.71
C THR I 30 16.15 -25.52 -6.51
N ASP I 31 16.22 -26.66 -5.82
CA ASP I 31 17.47 -27.38 -5.58
C ASP I 31 17.67 -28.60 -6.49
N ASP I 32 16.65 -28.91 -7.27
CA ASP I 32 16.56 -30.18 -7.99
C ASP I 32 17.62 -30.29 -9.08
N TYR I 33 17.89 -31.53 -9.50
CA TYR I 33 18.83 -31.82 -10.59
C TYR I 33 20.22 -31.25 -10.38
N MET I 34 20.77 -31.45 -9.18
CA MET I 34 22.15 -31.03 -8.95
C MET I 34 23.07 -32.05 -9.62
N THR I 35 23.95 -31.54 -10.45
CA THR I 35 24.58 -32.34 -11.48
C THR I 35 26.10 -32.22 -11.37
N TRP I 36 26.82 -33.34 -11.54
CA TRP I 36 28.29 -33.31 -11.53
C TRP I 36 28.85 -33.51 -12.92
N VAL I 37 29.81 -32.66 -13.27
CA VAL I 37 30.41 -32.65 -14.61
C VAL I 37 31.91 -32.41 -14.51
N ARG I 38 32.71 -33.24 -15.15
CA ARG I 38 34.13 -32.97 -15.11
C ARG I 38 34.70 -32.74 -16.52
N GLN I 39 35.84 -32.04 -16.55
CA GLN I 39 36.54 -31.71 -17.79
C GLN I 39 38.05 -31.92 -17.61
N PRO I 40 38.56 -33.09 -18.02
CA PRO I 40 40.02 -33.29 -18.09
C PRO I 40 40.65 -32.20 -18.96
N PRO I 41 41.74 -31.56 -18.48
CA PRO I 41 42.27 -30.37 -19.13
C PRO I 41 42.69 -30.61 -20.57
N GLY I 42 42.28 -29.72 -21.45
CA GLY I 42 42.57 -29.87 -22.86
C GLY I 42 41.52 -30.68 -23.58
N LYS I 43 40.81 -31.52 -22.85
CA LYS I 43 39.72 -32.33 -23.43
C LYS I 43 38.34 -31.68 -23.24
N ALA I 44 37.29 -32.44 -23.53
CA ALA I 44 35.90 -31.94 -23.45
C ALA I 44 35.19 -32.34 -22.15
N LEU I 45 33.91 -31.97 -22.05
CA LEU I 45 33.13 -32.17 -20.83
C LEU I 45 32.51 -33.56 -20.74
N GLU I 46 32.58 -34.16 -19.56
CA GLU I 46 31.91 -35.41 -19.29
C GLU I 46 30.95 -35.23 -18.12
N TRP I 47 29.72 -35.70 -18.31
CA TRP I 47 28.69 -35.69 -17.27
C TRP I 47 28.81 -36.90 -16.35
N LEU I 48 29.03 -36.65 -15.05
CA LEU I 48 29.21 -37.75 -14.10
C LEU I 48 27.93 -38.33 -13.53
N GLY I 49 26.90 -37.51 -13.39
CA GLY I 49 25.68 -37.94 -12.71
C GLY I 49 24.86 -36.81 -12.10
N PHE I 50 23.76 -37.17 -11.45
CA PHE I 50 23.00 -36.17 -10.72
C PHE I 50 22.31 -36.70 -9.49
N ILE I 51 22.05 -35.82 -8.53
CA ILE I 51 21.17 -36.11 -7.41
C ILE I 51 19.98 -35.14 -7.42
N ARG I 52 18.80 -35.63 -7.03
CA ARG I 52 17.60 -34.80 -7.04
C ARG I 52 17.24 -34.19 -5.67
N ASP I 53 16.17 -33.41 -5.63
CA ASP I 53 15.71 -32.77 -4.40
C ASP I 53 15.01 -33.75 -3.45
N ARG I 54 14.89 -33.37 -2.18
CA ARG I 54 14.14 -34.17 -1.21
C ARG I 54 12.76 -34.57 -1.76
N ALA I 55 12.09 -33.60 -2.38
CA ALA I 55 10.74 -33.80 -2.86
C ALA I 55 10.70 -34.98 -3.83
N ASN I 56 11.59 -34.97 -4.81
CA ASN I 56 11.64 -36.01 -5.81
C ASN I 56 12.39 -37.24 -5.32
N GLY I 57 12.76 -37.24 -4.05
CA GLY I 57 13.19 -38.46 -3.39
C GLY I 57 14.68 -38.74 -3.40
N TYR I 58 15.48 -37.71 -3.68
CA TYR I 58 16.93 -37.85 -3.65
C TYR I 58 17.45 -38.92 -4.57
N THR I 59 16.71 -39.26 -5.63
CA THR I 59 17.21 -40.27 -6.53
C THR I 59 18.46 -39.74 -7.19
N THR I 60 19.38 -40.65 -7.49
CA THR I 60 20.61 -40.30 -8.19
C THR I 60 20.68 -41.10 -9.47
N GLU I 61 21.52 -40.65 -10.40
CA GLU I 61 21.81 -41.42 -11.61
C GLU I 61 23.24 -41.19 -12.01
N TYR I 62 23.84 -42.16 -12.68
CA TYR I 62 25.27 -42.08 -12.94
C TYR I 62 25.65 -42.48 -14.37
N SER I 63 26.70 -41.84 -14.89
CA SER I 63 27.33 -42.28 -16.13
C SER I 63 28.10 -43.54 -15.83
N ALA I 64 27.97 -44.54 -16.69
CA ALA I 64 28.55 -45.84 -16.36
C ALA I 64 30.08 -45.78 -16.09
N SER I 65 30.73 -44.69 -16.43
CA SER I 65 32.18 -44.57 -16.29
C SER I 65 32.66 -44.31 -14.86
N VAL I 66 31.84 -43.62 -14.07
CA VAL I 66 32.08 -43.50 -12.64
C VAL I 66 31.19 -44.39 -11.76
N LYS I 67 30.27 -45.10 -12.39
CA LYS I 67 29.22 -45.80 -11.64
C LYS I 67 29.74 -46.88 -10.66
N GLY I 68 29.34 -46.79 -9.40
CA GLY I 68 29.76 -47.77 -8.42
C GLY I 68 31.12 -47.49 -7.82
N ARG I 69 31.92 -46.62 -8.43
CA ARG I 69 33.08 -46.05 -7.74
C ARG I 69 32.71 -44.69 -7.10
N PHE I 70 31.61 -44.11 -7.55
CA PHE I 70 31.26 -42.73 -7.20
C PHE I 70 29.83 -42.62 -6.68
N THR I 71 29.61 -41.80 -5.66
CA THR I 71 28.28 -41.59 -5.10
C THR I 71 28.02 -40.12 -4.85
N ILE I 72 26.81 -39.66 -5.15
CA ILE I 72 26.44 -38.27 -4.90
C ILE I 72 25.44 -38.17 -3.75
N SER I 73 25.68 -37.24 -2.83
CA SER I 73 24.81 -37.10 -1.67
C SER I 73 24.56 -35.62 -1.41
N ARG I 74 23.54 -35.27 -0.63
CA ARG I 74 23.46 -33.91 -0.11
C ARG I 74 23.31 -33.88 1.41
N ASP I 75 23.85 -32.84 2.05
CA ASP I 75 23.48 -32.54 3.43
C ASP I 75 22.64 -31.28 3.40
N ASN I 76 21.38 -31.42 3.83
CA ASN I 76 20.48 -30.28 3.75
C ASN I 76 20.85 -29.20 4.76
N SER I 77 21.37 -29.61 5.91
CA SER I 77 21.75 -28.68 6.96
C SER I 77 22.87 -27.76 6.49
N GLN I 78 23.77 -28.28 5.67
CA GLN I 78 24.84 -27.45 5.15
C GLN I 78 24.52 -26.82 3.82
N SER I 79 23.43 -27.28 3.20
CA SER I 79 23.14 -26.92 1.83
C SER I 79 24.35 -27.29 0.96
N ILE I 80 24.78 -28.55 1.06
CA ILE I 80 25.99 -28.99 0.33
C ILE I 80 25.78 -30.29 -0.43
N VAL I 81 26.09 -30.30 -1.73
CA VAL I 81 26.01 -31.55 -2.45
C VAL I 81 27.42 -32.13 -2.67
N TYR I 82 27.67 -33.27 -2.06
CA TYR I 82 28.95 -33.93 -2.06
C TYR I 82 29.04 -34.95 -3.20
N LEU I 83 30.23 -35.03 -3.79
CA LEU I 83 30.61 -36.14 -4.66
C LEU I 83 31.73 -36.95 -3.99
N GLN I 84 31.38 -38.17 -3.56
CA GLN I 84 32.33 -39.10 -2.96
C GLN I 84 32.91 -40.01 -4.03
N MET I 85 34.24 -39.95 -4.15
CA MET I 85 34.98 -40.74 -5.14
C MET I 85 35.81 -41.80 -4.42
N ASN I 86 35.70 -43.04 -4.86
CA ASN I 86 36.48 -44.14 -4.31
C ASN I 86 37.14 -44.88 -5.46
N THR I 87 38.19 -45.64 -5.15
CA THR I 87 39.02 -46.30 -6.16
C THR I 87 39.38 -45.36 -7.34
N LEU I 88 40.08 -44.28 -7.03
CA LEU I 88 40.46 -43.28 -8.02
C LEU I 88 41.43 -43.85 -9.04
N ARG I 89 41.26 -43.44 -10.29
CA ARG I 89 42.22 -43.85 -11.29
C ARG I 89 42.89 -42.60 -11.86
N VAL I 90 43.89 -42.79 -12.71
CA VAL I 90 44.54 -41.65 -13.34
C VAL I 90 43.59 -41.04 -14.38
N GLU I 91 42.76 -41.89 -14.96
CA GLU I 91 41.72 -41.43 -15.88
C GLU I 91 40.73 -40.45 -15.22
N ASP I 92 40.71 -40.42 -13.89
CA ASP I 92 39.78 -39.56 -13.18
C ASP I 92 40.34 -38.17 -12.94
N SER I 93 41.62 -37.96 -13.24
CA SER I 93 42.20 -36.64 -13.07
C SER I 93 41.54 -35.71 -14.08
N ALA I 94 41.12 -34.54 -13.57
CA ALA I 94 40.22 -33.63 -14.29
C ALA I 94 39.83 -32.42 -13.44
N THR I 95 39.06 -31.52 -14.05
CA THR I 95 38.50 -30.39 -13.33
C THR I 95 36.99 -30.56 -13.13
N TYR I 96 36.56 -30.56 -11.88
CA TYR I 96 35.20 -30.95 -11.51
C TYR I 96 34.29 -29.78 -11.17
N TYR I 97 33.25 -29.67 -11.97
CA TYR I 97 32.23 -28.66 -11.86
C TYR I 97 30.95 -29.29 -11.33
N CYS I 98 30.33 -28.70 -10.32
CA CYS I 98 28.94 -28.99 -10.03
C CYS I 98 28.10 -27.91 -10.72
N ALA I 99 26.93 -28.30 -11.19
CA ALA I 99 26.10 -27.48 -12.08
C ALA I 99 24.63 -27.82 -11.92
N ARG I 100 23.74 -27.00 -12.51
CA ARG I 100 22.32 -27.07 -12.11
C ARG I 100 21.44 -26.16 -12.95
N PRO I 101 20.24 -26.63 -13.28
CA PRO I 101 19.21 -25.88 -14.02
C PRO I 101 18.44 -24.84 -13.18
N LYS I 102 18.04 -23.73 -13.83
CA LYS I 102 17.28 -22.68 -13.17
C LYS I 102 15.94 -23.29 -12.85
N GLY I 103 15.37 -23.94 -13.86
CA GLY I 103 13.97 -24.30 -13.81
C GLY I 103 13.69 -25.56 -13.04
N TYR I 104 12.41 -25.73 -12.72
CA TYR I 104 11.90 -26.96 -12.17
C TYR I 104 12.19 -28.15 -13.10
N PHE I 105 12.12 -27.89 -14.41
CA PHE I 105 12.35 -28.90 -15.43
C PHE I 105 13.74 -28.79 -16.08
N PRO I 106 14.44 -29.94 -16.21
CA PRO I 106 15.87 -30.08 -16.57
C PRO I 106 16.22 -29.93 -18.06
N TYR I 107 16.02 -28.73 -18.61
CA TYR I 107 16.25 -28.46 -20.01
C TYR I 107 17.71 -28.19 -20.35
N ALA I 108 18.44 -27.66 -19.38
CA ALA I 108 19.85 -27.33 -19.59
C ALA I 108 20.47 -27.00 -18.25
N MET I 109 21.76 -26.74 -18.21
CA MET I 109 22.36 -26.44 -16.94
C MET I 109 22.66 -24.98 -16.89
N ASP I 110 21.83 -24.23 -16.16
CA ASP I 110 21.96 -22.79 -16.14
C ASP I 110 23.08 -22.34 -15.19
N TYR I 111 23.11 -22.94 -14.02
CA TYR I 111 24.07 -22.56 -12.99
C TYR I 111 25.28 -23.48 -13.00
N TRP I 112 26.48 -22.90 -12.90
CA TRP I 112 27.72 -23.66 -12.95
C TRP I 112 28.73 -23.20 -11.92
N GLY I 113 29.31 -24.13 -11.19
CA GLY I 113 30.37 -23.79 -10.25
C GLY I 113 31.63 -23.21 -10.89
N GLN I 114 32.62 -22.82 -10.08
CA GLN I 114 33.87 -22.32 -10.65
C GLN I 114 34.78 -23.46 -11.00
N GLY I 115 34.53 -24.61 -10.38
CA GLY I 115 35.29 -25.82 -10.66
C GLY I 115 36.43 -26.03 -9.69
N THR I 116 36.84 -27.28 -9.51
CA THR I 116 38.01 -27.60 -8.68
C THR I 116 38.76 -28.80 -9.26
N SER I 117 40.10 -28.78 -9.22
CA SER I 117 40.84 -29.81 -9.97
C SER I 117 41.42 -30.93 -9.12
N VAL I 118 41.02 -32.15 -9.45
CA VAL I 118 41.68 -33.34 -8.91
C VAL I 118 42.75 -33.84 -9.89
N ILE I 119 43.89 -34.24 -9.34
CA ILE I 119 44.96 -34.78 -10.15
C ILE I 119 45.34 -36.10 -9.52
N VAL I 120 45.07 -37.22 -10.19
CA VAL I 120 45.35 -38.55 -9.63
C VAL I 120 46.62 -39.18 -10.18
N SER I 121 47.66 -39.26 -9.34
CA SER I 121 48.98 -39.71 -9.78
C SER I 121 49.81 -40.30 -8.63
N SER I 122 50.74 -41.20 -8.96
CA SER I 122 51.62 -41.79 -7.95
C SER I 122 52.95 -41.06 -7.88
N THR I 123 53.11 -40.05 -8.73
CA THR I 123 54.27 -39.18 -8.69
C THR I 123 54.21 -38.33 -7.44
N LYS I 124 55.29 -38.25 -6.69
CA LYS I 124 55.22 -37.52 -5.44
C LYS I 124 55.64 -36.06 -5.62
N THR I 125 54.98 -35.20 -4.85
CA THR I 125 55.10 -33.75 -5.00
C THR I 125 56.58 -33.37 -5.00
N THR I 126 56.93 -32.45 -5.88
CA THR I 126 58.31 -32.02 -5.97
C THR I 126 58.39 -30.53 -6.25
N ALA I 127 59.21 -29.85 -5.46
CA ALA I 127 59.49 -28.46 -5.72
C ALA I 127 60.27 -28.35 -7.03
N PRO I 128 60.07 -27.26 -7.78
CA PRO I 128 60.73 -27.03 -9.06
C PRO I 128 62.19 -26.61 -8.88
N SER I 129 62.85 -26.37 -9.98
CA SER I 129 64.07 -25.59 -9.98
C SER I 129 63.72 -24.42 -10.86
N VAL I 130 64.22 -23.24 -10.55
CA VAL I 130 64.07 -22.11 -11.47
C VAL I 130 65.47 -21.73 -11.94
N TYR I 131 65.55 -21.27 -13.19
CA TYR I 131 66.75 -20.66 -13.73
C TYR I 131 66.35 -19.48 -14.59
N PRO I 132 67.10 -18.38 -14.49
CA PRO I 132 66.87 -17.18 -15.29
C PRO I 132 67.46 -17.31 -16.70
N LEU I 133 66.79 -16.73 -17.68
CA LEU I 133 67.33 -16.77 -19.02
C LEU I 133 67.69 -15.39 -19.46
N ALA I 134 68.99 -15.14 -19.43
CA ALA I 134 69.57 -13.90 -19.95
C ALA I 134 70.19 -14.15 -21.34
N PRO I 135 69.86 -13.27 -22.30
CA PRO I 135 70.26 -13.50 -23.68
C PRO I 135 71.77 -13.47 -23.86
N VAL I 136 72.24 -13.72 -25.08
CA VAL I 136 73.64 -13.57 -25.40
C VAL I 136 73.95 -12.09 -25.32
N CYS I 137 75.14 -11.74 -24.82
CA CYS I 137 75.44 -10.34 -24.56
C CYS I 137 75.39 -9.53 -25.85
N GLY I 138 76.01 -10.04 -26.90
CA GLY I 138 75.89 -9.44 -28.22
C GLY I 138 76.19 -7.96 -28.20
N ASP I 139 75.33 -7.20 -28.85
CA ASP I 139 75.29 -5.75 -28.74
C ASP I 139 73.83 -5.33 -28.67
N THR I 140 73.12 -5.57 -29.77
CA THR I 140 71.67 -5.36 -29.89
C THR I 140 71.21 -5.81 -31.28
N THR I 141 70.23 -6.71 -31.33
CA THR I 141 69.61 -7.09 -32.61
C THR I 141 68.31 -6.30 -32.86
N GLY I 142 67.92 -5.48 -31.89
CA GLY I 142 66.73 -4.64 -32.02
C GLY I 142 66.67 -3.47 -31.06
N SER I 143 65.52 -2.81 -31.04
CA SER I 143 65.20 -1.79 -30.04
C SER I 143 64.43 -2.46 -28.91
N SER I 144 64.30 -3.77 -29.02
CA SER I 144 63.59 -4.56 -28.01
C SER I 144 64.44 -5.74 -27.48
N VAL I 145 64.72 -5.69 -26.17
CA VAL I 145 65.30 -6.84 -25.48
C VAL I 145 64.19 -7.85 -25.15
N THR I 146 64.56 -9.12 -25.03
CA THR I 146 63.60 -10.16 -24.67
C THR I 146 64.23 -11.10 -23.63
N LEU I 147 63.53 -11.28 -22.49
CA LEU I 147 64.07 -11.97 -21.31
C LEU I 147 63.29 -13.24 -20.94
N GLY I 148 64.01 -14.33 -20.66
CA GLY I 148 63.33 -15.57 -20.30
C GLY I 148 63.34 -15.97 -18.83
N CYS I 149 62.46 -16.89 -18.47
CA CYS I 149 62.54 -17.59 -17.20
C CYS I 149 62.13 -19.04 -17.43
N LEU I 150 62.94 -19.98 -16.93
CA LEU I 150 62.71 -21.40 -17.13
C LEU I 150 62.55 -22.11 -15.80
N VAL I 151 61.40 -22.74 -15.59
CA VAL I 151 61.12 -23.47 -14.37
C VAL I 151 60.89 -24.97 -14.66
N LYS I 152 61.61 -25.81 -13.93
CA LYS I 152 61.84 -27.20 -14.34
C LYS I 152 61.61 -28.25 -13.25
N GLY I 153 60.89 -29.30 -13.62
CA GLY I 153 60.79 -30.50 -12.81
C GLY I 153 59.94 -30.39 -11.56
N TYR I 154 58.80 -29.73 -11.67
CA TYR I 154 57.91 -29.62 -10.51
C TYR I 154 56.69 -30.52 -10.68
N PHE I 155 56.24 -31.09 -9.56
CA PHE I 155 54.99 -31.82 -9.56
C PHE I 155 54.28 -31.56 -8.26
N PRO I 156 52.94 -31.44 -8.31
CA PRO I 156 52.07 -31.39 -9.50
C PRO I 156 51.84 -29.97 -9.97
N GLU I 157 51.00 -29.82 -10.98
CA GLU I 157 50.46 -28.51 -11.38
C GLU I 157 49.54 -28.00 -10.29
N PRO I 158 49.33 -26.68 -10.21
CA PRO I 158 49.86 -25.63 -11.07
C PRO I 158 51.13 -25.03 -10.51
N VAL I 159 51.62 -24.00 -11.18
CA VAL I 159 52.65 -23.16 -10.63
C VAL I 159 52.22 -21.74 -10.99
N THR I 160 52.69 -20.74 -10.24
CA THR I 160 52.29 -19.36 -10.56
C THR I 160 53.49 -18.46 -10.75
N LEU I 161 53.64 -17.92 -11.95
CA LEU I 161 54.79 -17.10 -12.26
C LEU I 161 54.40 -15.70 -12.64
N THR I 162 55.14 -14.75 -12.08
CA THR I 162 55.29 -13.49 -12.78
C THR I 162 56.74 -13.16 -12.53
N TRP I 163 57.13 -11.95 -12.93
CA TRP I 163 58.47 -11.43 -12.71
C TRP I 163 58.41 -10.21 -11.79
N ASN I 164 59.31 -10.18 -10.81
CA ASN I 164 59.47 -9.04 -9.90
C ASN I 164 58.21 -8.61 -9.13
N SER I 165 57.45 -9.58 -8.66
CA SER I 165 56.30 -9.32 -7.79
C SER I 165 55.04 -8.95 -8.57
N GLY I 166 55.13 -8.97 -9.89
CA GLY I 166 53.96 -8.78 -10.75
C GLY I 166 53.58 -7.40 -11.22
N SER I 167 54.52 -6.46 -11.18
CA SER I 167 54.28 -5.13 -11.73
C SER I 167 53.90 -5.25 -13.24
N LEU I 168 54.80 -5.77 -14.05
CA LEU I 168 54.58 -5.79 -15.49
C LEU I 168 53.86 -7.04 -15.96
N SER I 169 52.63 -6.85 -16.40
CA SER I 169 51.82 -7.90 -16.99
C SER I 169 51.74 -7.70 -18.49
N SER I 170 52.54 -6.77 -19.00
CA SER I 170 52.43 -6.32 -20.38
C SER I 170 53.42 -6.97 -21.34
N GLY I 171 52.87 -7.52 -22.42
CA GLY I 171 53.64 -8.10 -23.49
C GLY I 171 54.59 -9.13 -22.92
N VAL I 172 53.99 -10.10 -22.24
CA VAL I 172 54.72 -11.25 -21.72
C VAL I 172 54.17 -12.44 -22.48
N HIS I 173 54.94 -13.52 -22.55
CA HIS I 173 54.43 -14.76 -23.12
C HIS I 173 54.66 -15.93 -22.18
N THR I 174 53.55 -16.44 -21.65
CA THR I 174 53.62 -17.54 -20.70
C THR I 174 53.02 -18.79 -21.32
N PHE I 175 53.74 -19.91 -21.19
CA PHE I 175 53.43 -21.10 -21.95
C PHE I 175 52.91 -22.20 -21.07
N PRO I 176 52.06 -23.07 -21.63
CA PRO I 176 51.59 -24.27 -20.91
C PRO I 176 52.75 -25.17 -20.49
N ALA I 177 52.61 -25.80 -19.33
CA ALA I 177 53.63 -26.72 -18.85
C ALA I 177 53.56 -28.04 -19.60
N VAL I 178 54.70 -28.69 -19.73
CA VAL I 178 54.73 -30.01 -20.32
C VAL I 178 55.51 -30.98 -19.45
N LEU I 179 55.57 -32.25 -19.88
CA LEU I 179 56.14 -33.36 -19.10
C LEU I 179 57.52 -33.83 -19.55
N GLN I 180 58.52 -33.78 -18.67
CA GLN I 180 59.67 -34.62 -18.90
C GLN I 180 59.54 -35.77 -17.94
N SER I 181 59.06 -36.90 -18.47
CA SER I 181 58.90 -38.15 -17.73
C SER I 181 58.46 -37.91 -16.28
N ASP I 182 57.21 -37.50 -16.13
CA ASP I 182 56.54 -37.48 -14.83
C ASP I 182 56.83 -36.27 -13.94
N LEU I 183 57.67 -35.34 -14.40
CA LEU I 183 57.70 -34.01 -13.80
C LEU I 183 57.24 -32.97 -14.82
N TYR I 184 56.77 -31.83 -14.35
CA TYR I 184 56.30 -30.75 -15.24
C TYR I 184 57.36 -29.69 -15.41
N THR I 185 57.39 -29.06 -16.58
CA THR I 185 58.32 -27.97 -16.85
C THR I 185 57.61 -26.77 -17.46
N LEU I 186 57.95 -25.57 -16.99
CA LEU I 186 57.33 -24.35 -17.50
C LEU I 186 58.35 -23.25 -17.80
N SER I 187 58.05 -22.44 -18.82
CA SER I 187 58.89 -21.30 -19.18
C SER I 187 58.04 -20.12 -19.62
N SER I 188 58.58 -18.90 -19.50
CA SER I 188 57.85 -17.71 -19.91
C SER I 188 58.84 -16.67 -20.41
N SER I 189 58.36 -15.70 -21.18
CA SER I 189 59.22 -14.66 -21.77
C SER I 189 58.59 -13.28 -21.67
N VAL I 190 59.41 -12.25 -21.48
CA VAL I 190 58.96 -10.86 -21.59
C VAL I 190 59.71 -10.19 -22.73
N THR I 191 59.09 -9.19 -23.34
CA THR I 191 59.77 -8.39 -24.37
C THR I 191 59.63 -6.90 -23.98
N VAL I 192 60.73 -6.24 -23.63
CA VAL I 192 60.68 -4.83 -23.24
C VAL I 192 61.64 -3.97 -24.06
N THR I 193 61.39 -2.66 -24.15
CA THR I 193 62.30 -1.75 -24.86
C THR I 193 63.69 -1.71 -24.19
N SER I 194 64.74 -1.79 -25.00
CA SER I 194 66.12 -1.96 -24.53
C SER I 194 66.63 -0.85 -23.61
N SER I 195 65.93 0.28 -23.57
CA SER I 195 66.28 1.39 -22.68
C SER I 195 66.19 0.97 -21.22
N THR I 196 65.15 0.20 -20.91
CA THR I 196 64.87 -0.25 -19.55
C THR I 196 65.85 -1.28 -19.03
N TRP I 197 66.06 -2.37 -19.76
CA TRP I 197 67.04 -3.42 -19.31
C TRP I 197 68.43 -3.21 -19.84
N PRO I 198 69.47 -3.44 -19.04
CA PRO I 198 69.55 -3.80 -17.61
C PRO I 198 69.26 -2.68 -16.60
N SER I 199 69.27 -1.43 -17.06
CA SER I 199 69.16 -0.23 -16.20
C SER I 199 68.06 -0.31 -15.14
N GLN I 200 66.85 -0.70 -15.55
CA GLN I 200 65.87 -1.26 -14.63
C GLN I 200 66.12 -2.75 -14.71
N SER I 201 66.42 -3.43 -13.60
CA SER I 201 66.61 -4.87 -13.68
C SER I 201 65.31 -5.61 -13.36
N ILE I 202 65.28 -6.90 -13.64
CA ILE I 202 64.03 -7.67 -13.56
C ILE I 202 64.22 -9.05 -12.94
N THR I 203 63.53 -9.28 -11.83
CA THR I 203 63.65 -10.51 -11.08
C THR I 203 62.49 -11.42 -11.45
N CYS I 204 62.74 -12.72 -11.54
CA CYS I 204 61.72 -13.69 -11.90
C CYS I 204 61.13 -14.39 -10.68
N ASN I 205 59.84 -14.18 -10.39
CA ASN I 205 59.22 -14.74 -9.17
C ASN I 205 58.18 -15.82 -9.44
N VAL I 206 58.43 -17.02 -8.93
CA VAL I 206 57.43 -18.06 -9.16
C VAL I 206 57.17 -18.83 -7.86
N ALA I 207 55.97 -19.38 -7.73
CA ALA I 207 55.66 -20.14 -6.54
C ALA I 207 54.98 -21.43 -6.90
N HIS I 208 55.47 -22.50 -6.28
CA HIS I 208 54.77 -23.76 -6.31
C HIS I 208 54.14 -23.92 -4.93
N PRO I 209 52.82 -23.68 -4.86
CA PRO I 209 52.14 -23.68 -3.57
C PRO I 209 52.12 -25.08 -2.98
N ALA I 210 52.01 -26.09 -3.83
CA ALA I 210 51.82 -27.47 -3.36
C ALA I 210 53.05 -28.05 -2.63
N SER I 211 54.23 -27.57 -2.99
CA SER I 211 55.44 -27.97 -2.27
C SER I 211 55.75 -26.92 -1.22
N SER I 212 54.95 -25.86 -1.22
CA SER I 212 55.18 -24.70 -0.40
C SER I 212 56.56 -24.11 -0.70
N THR I 213 56.72 -23.58 -1.91
CA THR I 213 57.93 -22.83 -2.25
C THR I 213 57.62 -21.56 -3.03
N LYS I 214 58.43 -20.54 -2.80
CA LYS I 214 58.42 -19.35 -3.63
C LYS I 214 59.87 -19.00 -3.81
N VAL I 215 60.26 -18.76 -5.05
CA VAL I 215 61.62 -18.37 -5.36
C VAL I 215 61.58 -17.06 -6.17
N ASP I 216 62.53 -16.18 -5.89
CA ASP I 216 62.88 -15.09 -6.79
C ASP I 216 64.21 -15.51 -7.40
N LYS I 217 64.38 -15.33 -8.71
CA LYS I 217 65.70 -15.45 -9.34
C LYS I 217 65.93 -14.37 -10.41
N LYS I 218 67.00 -13.60 -10.20
CA LYS I 218 67.25 -12.37 -10.93
C LYS I 218 68.12 -12.57 -12.18
N ILE I 219 67.80 -11.80 -13.22
CA ILE I 219 68.44 -11.95 -14.52
C ILE I 219 69.74 -11.16 -14.60
N GLU I 220 70.84 -11.86 -14.87
CA GLU I 220 72.12 -11.22 -15.11
C GLU I 220 72.81 -11.89 -16.29
N PRO I 221 73.45 -11.09 -17.16
CA PRO I 221 74.26 -11.57 -18.29
C PRO I 221 75.67 -11.97 -17.85
N ARG I 222 76.32 -12.90 -18.56
CA ARG I 222 77.70 -13.23 -18.21
C ARG I 222 78.69 -12.92 -19.32
N ASP J 1 23.36 -45.57 -23.35
CA ASP J 1 24.32 -44.54 -23.73
C ASP J 1 24.12 -44.00 -25.17
N ILE J 2 24.37 -42.70 -25.34
CA ILE J 2 24.01 -41.98 -26.56
C ILE J 2 25.06 -40.93 -26.97
N GLN J 3 25.59 -41.04 -28.19
CA GLN J 3 26.82 -40.35 -28.55
C GLN J 3 26.57 -39.05 -29.32
N MET J 4 27.35 -38.01 -29.01
CA MET J 4 27.16 -36.72 -29.66
C MET J 4 28.35 -36.31 -30.51
N THR J 5 28.14 -36.25 -31.83
CA THR J 5 29.22 -35.90 -32.73
C THR J 5 29.13 -34.44 -33.17
N GLN J 6 30.09 -33.64 -32.72
CA GLN J 6 30.06 -32.22 -33.01
C GLN J 6 31.20 -31.80 -33.90
N SER J 7 30.89 -31.21 -35.05
CA SER J 7 31.92 -30.73 -35.96
C SER J 7 31.59 -29.30 -36.37
N PRO J 8 32.61 -28.50 -36.72
CA PRO J 8 34.04 -28.85 -36.79
C PRO J 8 34.68 -28.98 -35.41
N ALA J 9 35.87 -29.57 -35.37
CA ALA J 9 36.67 -29.54 -34.16
C ALA J 9 37.15 -28.11 -33.98
N SER J 10 37.42 -27.45 -35.10
CA SER J 10 37.83 -26.05 -35.07
C SER J 10 37.46 -25.32 -36.36
N GLN J 11 37.33 -24.01 -36.24
CA GLN J 11 37.04 -23.14 -37.36
C GLN J 11 37.66 -21.78 -37.03
N SER J 12 38.07 -21.05 -38.07
CA SER J 12 38.51 -19.67 -37.91
C SER J 12 37.59 -18.75 -38.71
N ALA J 13 37.79 -17.44 -38.56
CA ALA J 13 36.91 -16.44 -39.15
C ALA J 13 37.31 -15.02 -38.74
N SER J 14 36.60 -14.03 -39.27
CA SER J 14 36.80 -12.61 -38.93
C SER J 14 35.44 -11.98 -38.64
N LEU J 15 35.45 -10.84 -37.93
CA LEU J 15 34.21 -10.25 -37.40
C LEU J 15 33.10 -9.99 -38.44
N GLY J 16 31.92 -10.54 -38.21
CA GLY J 16 30.79 -10.36 -39.13
C GLY J 16 30.52 -11.57 -39.99
N GLU J 17 31.50 -12.48 -40.05
CA GLU J 17 31.32 -13.76 -40.70
C GLU J 17 30.30 -14.60 -39.92
N SER J 18 29.43 -15.30 -40.65
CA SER J 18 28.38 -16.08 -40.02
C SER J 18 28.86 -17.52 -39.82
N VAL J 19 29.11 -17.90 -38.57
CA VAL J 19 29.77 -19.17 -38.27
C VAL J 19 28.76 -20.19 -37.77
N THR J 20 28.77 -21.40 -38.33
CA THR J 20 27.71 -22.38 -38.08
C THR J 20 28.27 -23.76 -37.69
N ILE J 21 27.95 -24.20 -36.47
CA ILE J 21 28.47 -25.46 -35.90
C ILE J 21 27.42 -26.57 -35.85
N THR J 22 27.77 -27.77 -36.30
CA THR J 22 26.80 -28.85 -36.37
C THR J 22 26.99 -29.87 -35.25
N CYS J 23 25.89 -30.30 -34.66
CA CYS J 23 25.88 -31.36 -33.68
C CYS J 23 25.01 -32.47 -34.26
N LEU J 24 25.31 -33.73 -33.95
CA LEU J 24 24.56 -34.85 -34.52
C LEU J 24 24.41 -35.98 -33.52
N ALA J 25 23.24 -36.60 -33.47
CA ALA J 25 22.96 -37.56 -32.40
C ALA J 25 22.85 -39.01 -32.85
N SER J 26 23.30 -39.92 -31.98
CA SER J 26 23.21 -41.36 -32.20
C SER J 26 21.77 -41.79 -32.47
N GLN J 27 20.97 -41.75 -31.41
CA GLN J 27 19.54 -41.96 -31.53
C GLN J 27 18.89 -40.59 -31.62
N THR J 28 17.57 -40.55 -31.72
CA THR J 28 16.90 -39.25 -31.73
C THR J 28 16.63 -38.76 -30.32
N ILE J 29 16.99 -37.52 -30.08
CA ILE J 29 16.79 -36.87 -28.78
C ILE J 29 15.53 -35.99 -28.76
N GLY J 30 14.78 -36.03 -29.86
CA GLY J 30 13.75 -35.05 -30.11
C GLY J 30 14.38 -33.67 -30.17
N THR J 31 13.82 -32.75 -29.40
CA THR J 31 14.25 -31.37 -29.42
C THR J 31 15.14 -30.92 -28.21
N TRP J 32 15.53 -31.87 -27.36
CA TRP J 32 16.17 -31.50 -26.10
C TRP J 32 17.67 -31.41 -26.27
N LEU J 33 18.16 -30.20 -26.41
CA LEU J 33 19.57 -30.01 -26.71
C LEU J 33 19.98 -28.65 -26.21
N ALA J 34 21.25 -28.49 -25.91
CA ALA J 34 21.69 -27.23 -25.36
C ALA J 34 23.02 -26.81 -25.95
N TRP J 35 23.17 -25.52 -26.15
CA TRP J 35 24.43 -24.97 -26.60
C TRP J 35 25.01 -24.09 -25.52
N TYR J 36 26.26 -24.39 -25.17
CA TYR J 36 27.02 -23.63 -24.19
C TYR J 36 28.26 -23.01 -24.80
N GLN J 37 28.69 -21.91 -24.20
CA GLN J 37 30.00 -21.35 -24.52
C GLN J 37 30.94 -21.53 -23.34
N GLN J 38 32.21 -21.79 -23.64
CA GLN J 38 33.24 -21.75 -22.63
C GLN J 38 34.35 -20.80 -23.03
N LYS J 39 34.57 -19.87 -22.13
CA LYS J 39 35.70 -18.99 -22.20
C LYS J 39 36.82 -19.70 -21.49
N PRO J 40 38.05 -19.36 -21.86
CA PRO J 40 39.20 -20.06 -21.31
C PRO J 40 39.40 -19.71 -19.84
N GLY J 41 39.61 -20.74 -19.04
CA GLY J 41 39.83 -20.57 -17.62
C GLY J 41 38.53 -20.45 -16.86
N LYS J 42 37.45 -20.11 -17.56
CA LYS J 42 36.16 -19.98 -16.91
C LYS J 42 35.41 -21.29 -17.02
N SER J 43 34.26 -21.37 -16.37
CA SER J 43 33.37 -22.51 -16.53
C SER J 43 32.54 -22.27 -17.80
N PRO J 44 31.69 -23.24 -18.18
CA PRO J 44 30.85 -22.89 -19.33
C PRO J 44 29.67 -22.02 -18.92
N GLN J 45 28.87 -21.62 -19.90
CA GLN J 45 27.71 -20.76 -19.67
C GLN J 45 26.62 -21.08 -20.69
N LEU J 46 25.36 -21.11 -20.25
CA LEU J 46 24.29 -21.52 -21.15
C LEU J 46 23.98 -20.46 -22.19
N LEU J 47 23.67 -20.90 -23.41
CA LEU J 47 23.41 -20.00 -24.53
C LEU J 47 22.06 -20.31 -25.14
N ILE J 48 21.88 -21.54 -25.59
CA ILE J 48 20.57 -21.89 -26.13
C ILE J 48 20.02 -23.21 -25.55
N TYR J 49 18.71 -23.28 -25.35
CA TYR J 49 18.10 -24.47 -24.75
C TYR J 49 16.93 -24.96 -25.59
N ALA J 50 16.65 -26.25 -25.50
CA ALA J 50 15.55 -26.86 -26.23
C ALA J 50 15.95 -27.03 -27.70
N ALA J 51 17.17 -26.59 -28.01
CA ALA J 51 17.74 -26.67 -29.35
C ALA J 51 17.29 -25.50 -30.22
N THR J 52 16.37 -24.69 -29.69
CA THR J 52 15.86 -23.54 -30.45
C THR J 52 15.94 -22.20 -29.70
N SER J 53 15.46 -22.22 -28.46
CA SER J 53 15.25 -21.01 -27.68
C SER J 53 16.51 -20.42 -27.14
N LEU J 54 16.77 -19.17 -27.54
CA LEU J 54 17.79 -18.39 -26.90
C LEU J 54 17.34 -18.18 -25.45
N ALA J 55 18.30 -18.19 -24.53
CA ALA J 55 18.00 -18.15 -23.09
C ALA J 55 17.78 -16.74 -22.59
N ASP J 56 17.66 -16.58 -21.27
CA ASP J 56 17.54 -15.27 -20.67
C ASP J 56 18.86 -14.51 -20.71
N GLY J 57 18.85 -13.29 -21.26
CA GLY J 57 20.01 -12.42 -21.23
C GLY J 57 21.16 -12.72 -22.18
N VAL J 58 20.86 -13.29 -23.34
CA VAL J 58 21.92 -13.65 -24.27
C VAL J 58 21.72 -12.94 -25.60
N PRO J 59 22.81 -12.44 -26.20
CA PRO J 59 22.72 -11.60 -27.41
C PRO J 59 21.93 -12.30 -28.52
N SER J 60 21.22 -11.53 -29.35
CA SER J 60 20.33 -12.08 -30.37
C SER J 60 21.07 -12.69 -31.58
N ARG J 61 22.36 -12.39 -31.69
CA ARG J 61 23.20 -12.95 -32.75
C ARG J 61 23.30 -14.48 -32.68
N PHE J 62 23.45 -15.01 -31.46
CA PHE J 62 23.45 -16.46 -31.30
C PHE J 62 22.08 -17.04 -31.62
N SER J 63 22.05 -18.01 -32.53
CA SER J 63 20.83 -18.73 -32.83
C SER J 63 21.14 -20.21 -32.80
N GLY J 64 20.09 -21.01 -32.80
CA GLY J 64 20.29 -22.43 -32.97
C GLY J 64 19.07 -23.06 -33.57
N SER J 65 19.30 -24.14 -34.32
CA SER J 65 18.28 -24.71 -35.17
C SER J 65 18.26 -26.23 -35.11
N GLY J 66 17.12 -26.79 -35.49
CA GLY J 66 17.03 -28.20 -35.80
C GLY J 66 16.38 -29.05 -34.75
N SER J 67 15.78 -30.14 -35.19
CA SER J 67 15.15 -31.12 -34.32
C SER J 67 15.71 -32.52 -34.62
N GLY J 68 15.25 -33.52 -33.88
CA GLY J 68 15.58 -34.90 -34.21
C GLY J 68 17.04 -35.32 -34.04
N THR J 69 17.63 -35.80 -35.13
CA THR J 69 19.05 -36.18 -35.19
C THR J 69 20.09 -35.06 -35.46
N LYS J 70 19.80 -34.17 -36.42
CA LYS J 70 20.79 -33.17 -36.86
C LYS J 70 20.49 -31.75 -36.38
N PHE J 71 21.46 -31.16 -35.67
CA PHE J 71 21.28 -29.86 -35.07
C PHE J 71 22.35 -28.88 -35.51
N SER J 72 22.05 -27.58 -35.46
CA SER J 72 23.05 -26.59 -35.80
C SER J 72 22.98 -25.39 -34.84
N PHE J 73 24.08 -24.68 -34.69
CA PHE J 73 24.10 -23.48 -33.87
C PHE J 73 24.99 -22.41 -34.49
N LYS J 74 24.49 -21.19 -34.62
CA LYS J 74 25.19 -20.18 -35.42
C LYS J 74 25.37 -18.85 -34.73
N ILE J 75 26.40 -18.13 -35.15
CA ILE J 75 26.57 -16.73 -34.78
C ILE J 75 26.56 -15.90 -36.07
N SER J 76 25.61 -14.98 -36.17
CA SER J 76 25.44 -14.21 -37.39
C SER J 76 26.55 -13.18 -37.52
N SER J 77 26.45 -12.14 -36.69
CA SER J 77 27.49 -11.12 -36.60
C SER J 77 28.59 -11.69 -35.72
N LEU J 78 29.46 -10.82 -35.23
CA LEU J 78 30.58 -11.29 -34.45
C LEU J 78 31.21 -10.18 -33.59
N GLN J 79 31.88 -10.60 -32.53
CA GLN J 79 32.80 -9.73 -31.79
C GLN J 79 34.04 -10.59 -31.46
N ALA J 80 35.16 -9.93 -31.17
CA ALA J 80 36.42 -10.60 -30.83
C ALA J 80 36.24 -11.49 -29.62
N GLU J 81 35.20 -11.13 -28.88
CA GLU J 81 34.69 -11.76 -27.69
C GLU J 81 34.32 -13.23 -27.90
N ASP J 82 33.74 -13.54 -29.07
CA ASP J 82 33.10 -14.82 -29.37
C ASP J 82 34.00 -15.91 -29.96
N PHE J 83 35.30 -15.67 -29.96
CA PHE J 83 36.24 -16.66 -30.45
C PHE J 83 36.76 -17.39 -29.26
N VAL J 84 36.27 -18.61 -29.10
CA VAL J 84 36.25 -19.22 -27.79
C VAL J 84 35.56 -20.55 -27.96
N SER J 85 35.57 -21.41 -26.95
CA SER J 85 35.08 -22.75 -27.14
C SER J 85 33.55 -22.83 -27.06
N TYR J 86 32.96 -23.81 -27.76
CA TYR J 86 31.51 -24.06 -27.73
C TYR J 86 31.19 -25.55 -27.65
N TYR J 87 30.23 -25.91 -26.81
CA TYR J 87 29.83 -27.32 -26.69
C TYR J 87 28.33 -27.48 -26.84
N CYS J 88 27.90 -28.68 -27.17
CA CYS J 88 26.48 -28.98 -27.19
C CYS J 88 26.27 -30.08 -26.19
N GLN J 89 25.03 -30.26 -25.77
CA GLN J 89 24.72 -31.32 -24.83
C GLN J 89 23.34 -31.88 -25.12
N GLN J 90 23.21 -33.20 -25.07
CA GLN J 90 21.91 -33.84 -25.22
C GLN J 90 21.32 -34.09 -23.84
N LEU J 91 20.17 -33.51 -23.57
CA LEU J 91 19.59 -33.74 -22.24
C LEU J 91 18.46 -34.77 -22.19
N TYR J 92 18.18 -35.40 -23.34
CA TYR J 92 17.00 -36.25 -23.51
C TYR J 92 16.99 -37.54 -22.70
N SER J 93 18.08 -38.30 -22.78
CA SER J 93 18.20 -39.52 -22.01
C SER J 93 19.51 -39.54 -21.25
N THR J 94 19.46 -40.00 -20.01
CA THR J 94 20.66 -40.25 -19.23
C THR J 94 21.47 -41.26 -20.01
N PRO J 95 22.79 -41.12 -20.02
CA PRO J 95 23.57 -40.03 -19.45
C PRO J 95 23.46 -38.81 -20.35
N TRP J 96 23.45 -37.63 -19.76
CA TRP J 96 23.35 -36.43 -20.57
C TRP J 96 24.73 -36.15 -21.10
N THR J 97 24.89 -36.22 -22.41
CA THR J 97 26.22 -36.29 -22.98
C THR J 97 26.57 -35.04 -23.78
N PHE J 98 27.87 -34.81 -23.95
CA PHE J 98 28.37 -33.58 -24.57
C PHE J 98 29.04 -33.88 -25.89
N GLY J 99 29.09 -32.88 -26.77
CA GLY J 99 29.91 -32.97 -27.96
C GLY J 99 31.39 -32.79 -27.64
N GLY J 100 32.26 -33.10 -28.60
CA GLY J 100 33.68 -32.97 -28.40
C GLY J 100 34.10 -31.52 -28.32
N GLY J 101 33.20 -30.64 -28.76
CA GLY J 101 33.43 -29.21 -28.66
C GLY J 101 33.98 -28.64 -29.96
N THR J 102 33.82 -27.33 -30.12
CA THR J 102 34.38 -26.57 -31.24
C THR J 102 35.14 -25.35 -30.69
N ARG J 103 36.30 -25.07 -31.25
CA ARG J 103 37.09 -23.91 -30.83
C ARG J 103 37.18 -22.92 -31.98
N LEU J 104 36.88 -21.65 -31.70
CA LEU J 104 36.87 -20.64 -32.75
C LEU J 104 38.11 -19.77 -32.68
N GLU J 105 38.61 -19.32 -33.84
CA GLU J 105 39.69 -18.33 -33.85
C GLU J 105 39.44 -17.18 -34.83
N ILE J 106 39.97 -16.00 -34.51
CA ILE J 106 39.92 -14.86 -35.44
C ILE J 106 40.98 -15.00 -36.53
N LYS J 107 40.59 -14.74 -37.77
CA LYS J 107 41.54 -14.73 -38.87
C LYS J 107 42.13 -13.34 -39.03
N ARG J 108 43.41 -13.28 -39.37
CA ARG J 108 44.13 -12.01 -39.36
C ARG J 108 45.03 -11.73 -40.55
N ALA J 109 45.76 -10.62 -40.41
CA ALA J 109 46.96 -10.38 -41.19
C ALA J 109 47.98 -11.42 -40.72
N ASP J 110 48.86 -11.85 -41.63
CA ASP J 110 49.93 -12.75 -41.26
C ASP J 110 51.05 -11.94 -40.62
N ALA J 111 51.86 -12.61 -39.80
CA ALA J 111 53.01 -11.94 -39.22
C ALA J 111 54.11 -12.95 -38.94
N ALA J 112 55.35 -12.50 -39.05
CA ALA J 112 56.49 -13.37 -38.76
C ALA J 112 56.61 -13.56 -37.27
N PRO J 113 57.24 -14.68 -36.86
CA PRO J 113 57.64 -14.81 -35.45
C PRO J 113 58.82 -13.89 -35.13
N THR J 114 58.77 -13.18 -34.00
CA THR J 114 59.99 -12.64 -33.42
C THR J 114 60.65 -13.87 -32.83
N VAL J 115 61.96 -14.03 -32.96
CA VAL J 115 62.58 -15.25 -32.46
C VAL J 115 63.73 -14.93 -31.51
N SER J 116 63.79 -15.61 -30.36
CA SER J 116 64.88 -15.40 -29.39
C SER J 116 65.54 -16.71 -28.98
N ILE J 117 66.76 -16.65 -28.48
CA ILE J 117 67.46 -17.86 -28.08
C ILE J 117 68.30 -17.66 -26.82
N PHE J 118 68.17 -18.57 -25.85
CA PHE J 118 68.95 -18.44 -24.62
C PHE J 118 69.74 -19.71 -24.32
N PRO J 119 71.01 -19.53 -23.95
CA PRO J 119 71.91 -20.58 -23.46
C PRO J 119 71.63 -20.87 -22.00
N PRO J 120 71.95 -22.09 -21.54
CA PRO J 120 71.69 -22.51 -20.17
C PRO J 120 72.33 -21.55 -19.18
N SER J 121 71.85 -21.57 -17.94
CA SER J 121 72.44 -20.76 -16.86
C SER J 121 73.21 -21.64 -15.89
N SER J 122 74.32 -21.11 -15.39
CA SER J 122 75.29 -21.84 -14.56
C SER J 122 74.75 -22.57 -13.32
N GLU J 123 73.58 -22.18 -12.83
CA GLU J 123 73.03 -22.89 -11.68
C GLU J 123 72.71 -24.31 -12.12
N GLN J 124 72.09 -24.40 -13.29
CA GLN J 124 71.67 -25.67 -13.83
C GLN J 124 72.91 -26.49 -14.13
N LEU J 125 73.97 -25.80 -14.51
CA LEU J 125 75.23 -26.45 -14.83
C LEU J 125 75.80 -27.10 -13.60
N THR J 126 75.72 -26.36 -12.49
CA THR J 126 76.18 -26.86 -11.21
C THR J 126 75.35 -28.11 -10.84
N SER J 127 74.04 -28.04 -11.09
CA SER J 127 73.11 -29.17 -10.87
C SER J 127 73.46 -30.42 -11.69
N GLY J 128 74.08 -30.23 -12.84
CA GLY J 128 74.39 -31.34 -13.72
C GLY J 128 73.48 -31.41 -14.94
N GLY J 129 72.59 -30.43 -15.09
CA GLY J 129 71.77 -30.31 -16.28
C GLY J 129 72.35 -29.30 -17.27
N ALA J 130 71.61 -29.04 -18.35
CA ALA J 130 71.64 -27.76 -19.09
C ALA J 130 70.60 -27.79 -20.19
N SER J 131 70.05 -26.63 -20.52
CA SER J 131 68.91 -26.56 -21.42
C SER J 131 68.93 -25.29 -22.24
N VAL J 132 68.69 -25.43 -23.55
CA VAL J 132 68.76 -24.29 -24.45
C VAL J 132 67.37 -23.95 -24.94
N VAL J 133 67.02 -22.67 -24.91
CA VAL J 133 65.63 -22.29 -25.17
C VAL J 133 65.42 -21.37 -26.37
N CYS J 134 64.53 -21.77 -27.29
CA CYS J 134 64.18 -20.93 -28.42
C CYS J 134 62.74 -20.44 -28.29
N PHE J 135 62.56 -19.14 -28.14
CA PHE J 135 61.21 -18.58 -28.15
C PHE J 135 60.83 -18.20 -29.58
N LEU J 136 59.61 -18.55 -29.96
CA LEU J 136 59.02 -18.06 -31.19
C LEU J 136 57.73 -17.30 -30.86
N ASN J 137 57.78 -15.97 -30.97
CA ASN J 137 56.72 -15.13 -30.44
C ASN J 137 55.87 -14.42 -31.50
N ASN J 138 54.58 -14.30 -31.18
CA ASN J 138 53.66 -13.40 -31.87
C ASN J 138 53.58 -13.60 -33.37
N PHE J 139 53.32 -14.83 -33.80
CA PHE J 139 53.30 -15.13 -35.23
C PHE J 139 51.94 -15.63 -35.70
N TYR J 140 51.71 -15.55 -36.99
CA TYR J 140 50.48 -16.04 -37.60
C TYR J 140 50.79 -16.63 -38.98
N PRO J 141 50.11 -17.71 -39.37
CA PRO J 141 49.18 -18.48 -38.52
C PRO J 141 49.90 -19.49 -37.62
N LYS J 142 49.13 -20.34 -36.95
CA LYS J 142 49.66 -21.23 -35.91
C LYS J 142 50.68 -22.24 -36.41
N ASP J 143 50.33 -22.94 -37.50
CA ASP J 143 51.11 -24.10 -37.90
C ASP J 143 52.55 -23.73 -38.18
N ILE J 144 53.50 -24.41 -37.50
CA ILE J 144 54.90 -24.02 -37.59
C ILE J 144 55.84 -25.23 -37.41
N ASN J 145 57.14 -25.03 -37.62
CA ASN J 145 58.10 -26.11 -37.38
C ASN J 145 59.40 -25.54 -36.78
N VAL J 146 60.11 -26.36 -36.00
CA VAL J 146 61.34 -25.91 -35.36
C VAL J 146 62.42 -26.98 -35.37
N LYS J 147 63.60 -26.64 -35.88
CA LYS J 147 64.71 -27.59 -35.92
C LYS J 147 65.85 -27.17 -34.99
N TRP J 148 66.39 -28.14 -34.26
CA TRP J 148 67.54 -27.89 -33.38
C TRP J 148 68.83 -28.49 -33.92
N LYS J 149 69.86 -27.66 -34.05
CA LYS J 149 71.14 -28.09 -34.59
C LYS J 149 72.32 -27.89 -33.60
N ILE J 150 72.87 -28.99 -33.11
CA ILE J 150 74.20 -28.93 -32.49
C ILE J 150 75.16 -28.96 -33.68
N ASP J 151 76.33 -28.33 -33.59
CA ASP J 151 77.47 -28.70 -34.45
C ASP J 151 77.18 -28.97 -35.92
N GLY J 152 76.23 -28.22 -36.49
CA GLY J 152 75.77 -28.45 -37.85
C GLY J 152 74.71 -29.53 -37.98
N SER J 153 74.59 -30.37 -36.96
CA SER J 153 73.81 -31.58 -37.03
C SER J 153 72.48 -31.47 -36.25
N GLU J 154 71.38 -31.81 -36.91
CA GLU J 154 70.06 -31.73 -36.29
C GLU J 154 69.96 -32.59 -35.03
N ARG J 155 69.16 -32.14 -34.07
CA ARG J 155 68.98 -32.90 -32.85
C ARG J 155 67.56 -33.41 -32.73
N GLN J 156 67.45 -34.72 -32.54
CA GLN J 156 66.18 -35.41 -32.45
C GLN J 156 65.45 -35.16 -31.13
N ASN J 157 66.15 -35.40 -30.02
CA ASN J 157 65.49 -35.41 -28.71
C ASN J 157 66.12 -34.51 -27.66
N GLY J 158 65.49 -34.51 -26.49
CA GLY J 158 65.79 -33.52 -25.48
C GLY J 158 64.87 -32.35 -25.74
N VAL J 159 64.23 -32.37 -26.90
CA VAL J 159 63.34 -31.32 -27.28
C VAL J 159 61.99 -31.55 -26.69
N LEU J 160 61.36 -30.47 -26.27
CA LEU J 160 59.92 -30.45 -26.12
C LEU J 160 59.42 -29.03 -26.33
N ASN J 161 58.19 -28.91 -26.80
CA ASN J 161 57.68 -27.61 -27.24
C ASN J 161 56.33 -27.32 -26.62
N SER J 162 56.01 -26.03 -26.52
CA SER J 162 54.72 -25.63 -25.99
C SER J 162 54.10 -24.55 -26.86
N TRP J 163 52.83 -24.71 -27.18
CA TRP J 163 52.12 -23.68 -27.94
C TRP J 163 51.09 -22.95 -27.07
N THR J 164 51.14 -21.62 -27.13
CA THR J 164 50.08 -20.81 -26.55
C THR J 164 48.90 -20.80 -27.52
N ASP J 165 47.91 -19.96 -27.23
CA ASP J 165 46.76 -19.85 -28.10
C ASP J 165 46.59 -18.40 -28.51
N GLN J 166 45.52 -18.09 -29.23
CA GLN J 166 45.32 -16.75 -29.77
C GLN J 166 45.42 -15.71 -28.67
N ASP J 167 46.29 -14.73 -28.88
CA ASP J 167 46.48 -13.66 -27.91
C ASP J 167 45.18 -12.88 -27.77
N SER J 168 44.88 -12.47 -26.55
CA SER J 168 43.58 -11.90 -26.18
C SER J 168 43.10 -10.83 -27.16
N LYS J 169 43.75 -9.68 -27.15
CA LYS J 169 43.52 -8.67 -28.18
C LYS J 169 44.29 -9.00 -29.46
N ASP J 170 45.55 -9.36 -29.26
CA ASP J 170 46.58 -9.36 -30.30
C ASP J 170 46.44 -10.48 -31.35
N SER J 171 45.77 -11.57 -30.96
CA SER J 171 45.37 -12.69 -31.84
C SER J 171 46.48 -13.40 -32.62
N THR J 172 47.71 -13.27 -32.15
CA THR J 172 48.85 -13.94 -32.77
C THR J 172 49.44 -15.00 -31.86
N TYR J 173 49.77 -16.14 -32.44
CA TYR J 173 50.20 -17.29 -31.65
C TYR J 173 51.63 -17.11 -31.18
N SER J 174 52.09 -18.06 -30.37
CA SER J 174 53.48 -18.11 -29.94
C SER J 174 53.87 -19.53 -29.54
N MET J 175 55.16 -19.78 -29.45
CA MET J 175 55.66 -21.13 -29.20
C MET J 175 57.01 -21.11 -28.46
N SER J 176 57.18 -22.05 -27.54
CA SER J 176 58.45 -22.23 -26.86
C SER J 176 59.05 -23.56 -27.26
N SER J 177 60.36 -23.60 -27.46
CA SER J 177 61.02 -24.87 -27.62
C SER J 177 62.18 -24.96 -26.67
N THR J 178 62.33 -26.13 -26.06
CA THR J 178 63.31 -26.31 -25.03
C THR J 178 64.09 -27.59 -25.26
N LEU J 179 65.41 -27.46 -25.30
CA LEU J 179 66.29 -28.57 -25.64
C LEU J 179 67.15 -29.00 -24.46
N THR J 180 67.01 -30.27 -24.07
CA THR J 180 67.53 -30.77 -22.82
C THR J 180 68.80 -31.61 -22.96
N LEU J 181 69.80 -31.30 -22.15
CA LEU J 181 71.09 -31.99 -22.16
C LEU J 181 71.62 -32.26 -20.75
N THR J 182 72.55 -33.20 -20.62
CA THR J 182 73.33 -33.32 -19.39
C THR J 182 74.43 -32.24 -19.39
N LYS J 183 75.22 -32.19 -18.32
CA LYS J 183 76.30 -31.23 -18.27
C LYS J 183 77.31 -31.59 -19.35
N ASP J 184 77.78 -32.84 -19.27
CA ASP J 184 78.81 -33.35 -20.16
C ASP J 184 78.53 -33.04 -21.64
N GLU J 185 77.40 -33.49 -22.18
CA GLU J 185 77.10 -33.24 -23.59
C GLU J 185 77.10 -31.76 -23.99
N TYR J 186 76.58 -30.88 -23.13
CA TYR J 186 76.64 -29.46 -23.45
C TYR J 186 78.09 -29.01 -23.49
N GLU J 187 78.90 -29.59 -22.59
CA GLU J 187 80.33 -29.27 -22.52
C GLU J 187 81.11 -29.79 -23.72
N ARG J 188 80.62 -30.88 -24.31
CA ARG J 188 81.31 -31.60 -25.39
C ARG J 188 81.22 -30.84 -26.71
N HIS J 189 80.04 -30.27 -26.98
CA HIS J 189 79.82 -29.62 -28.26
C HIS J 189 79.90 -28.11 -28.15
N ASN J 190 79.74 -27.43 -29.28
CA ASN J 190 80.17 -26.04 -29.37
C ASN J 190 79.12 -25.05 -29.82
N SER J 191 78.68 -25.20 -31.07
CA SER J 191 77.67 -24.33 -31.66
C SER J 191 76.26 -24.83 -31.34
N TYR J 192 75.35 -23.91 -31.01
CA TYR J 192 73.96 -24.28 -30.76
C TYR J 192 72.97 -23.41 -31.55
N THR J 193 72.12 -24.09 -32.29
CA THR J 193 71.38 -23.48 -33.39
C THR J 193 69.91 -23.81 -33.31
N CYS J 194 69.07 -22.80 -33.42
CA CYS J 194 67.63 -22.97 -33.33
C CYS J 194 67.05 -22.33 -34.58
N GLU J 195 66.38 -23.13 -35.42
CA GLU J 195 65.92 -22.64 -36.71
C GLU J 195 64.41 -22.79 -36.89
N ALA J 196 63.74 -21.70 -37.26
CA ALA J 196 62.28 -21.68 -37.41
C ALA J 196 61.82 -21.83 -38.86
N THR J 197 60.84 -22.71 -39.09
CA THR J 197 60.30 -22.90 -40.42
C THR J 197 58.81 -22.53 -40.46
N HIS J 198 58.47 -21.59 -41.34
CA HIS J 198 57.16 -20.95 -41.33
C HIS J 198 56.71 -20.58 -42.74
N LYS J 199 55.42 -20.30 -42.89
CA LYS J 199 54.90 -19.78 -44.15
C LYS J 199 55.51 -18.42 -44.47
N THR J 200 55.60 -17.56 -43.45
CA THR J 200 55.85 -16.12 -43.63
C THR J 200 56.92 -15.80 -44.67
N SER J 201 58.17 -16.17 -44.37
CA SER J 201 59.24 -16.05 -45.36
C SER J 201 59.65 -17.44 -45.85
N THR J 202 60.12 -17.51 -47.09
CA THR J 202 60.54 -18.78 -47.66
C THR J 202 61.85 -19.23 -47.00
N SER J 203 62.90 -18.44 -47.22
CA SER J 203 64.13 -18.60 -46.42
C SER J 203 63.77 -18.48 -44.95
N PRO J 204 64.24 -19.44 -44.13
CA PRO J 204 63.93 -19.49 -42.68
C PRO J 204 64.41 -18.26 -41.94
N ILE J 205 63.88 -18.05 -40.73
CA ILE J 205 64.52 -17.15 -39.77
C ILE J 205 65.31 -17.99 -38.78
N VAL J 206 66.62 -17.72 -38.70
CA VAL J 206 67.44 -18.38 -37.71
C VAL J 206 68.20 -17.37 -36.88
N LYS J 207 68.05 -17.46 -35.56
CA LYS J 207 68.93 -16.78 -34.63
C LYS J 207 69.61 -17.90 -33.85
N SER J 208 70.87 -17.72 -33.50
CA SER J 208 71.59 -18.68 -32.68
C SER J 208 72.85 -18.08 -32.07
N PHE J 209 73.40 -18.75 -31.08
CA PHE J 209 74.64 -18.30 -30.46
C PHE J 209 75.74 -19.34 -30.65
N ASN J 210 76.98 -18.87 -30.72
CA ASN J 210 78.11 -19.70 -30.37
C ASN J 210 78.36 -19.31 -28.93
N ARG J 211 78.71 -20.28 -28.09
CA ARG J 211 78.89 -20.03 -26.66
C ARG J 211 80.07 -19.08 -26.38
N ASN J 212 80.10 -18.53 -25.16
CA ASN J 212 81.18 -17.67 -24.67
C ASN J 212 81.69 -16.51 -25.55
N GLU K 1 -19.54 -15.55 13.05
CA GLU K 1 -19.81 -14.93 11.76
C GLU K 1 -21.12 -14.16 11.79
N VAL K 2 -22.19 -14.81 11.36
CA VAL K 2 -23.51 -14.20 11.35
C VAL K 2 -24.41 -14.94 12.33
N LYS K 3 -25.04 -14.18 13.23
CA LYS K 3 -25.89 -14.78 14.25
C LYS K 3 -27.34 -14.34 14.12
N LEU K 4 -28.24 -15.33 14.13
CA LEU K 4 -29.67 -15.07 14.08
C LEU K 4 -30.30 -15.58 15.36
N VAL K 5 -30.98 -14.70 16.09
CA VAL K 5 -31.59 -15.08 17.36
C VAL K 5 -33.10 -14.80 17.33
N GLU K 6 -33.86 -15.50 18.16
CA GLU K 6 -35.31 -15.31 18.16
C GLU K 6 -35.86 -15.03 19.57
N SER K 7 -37.05 -14.42 19.65
CA SER K 7 -37.70 -14.17 20.93
C SER K 7 -39.19 -14.15 20.63
N GLY K 8 -40.01 -13.77 21.60
CA GLY K 8 -41.44 -14.06 21.49
C GLY K 8 -41.89 -15.39 22.05
N GLY K 9 -41.75 -15.51 23.36
CA GLY K 9 -41.52 -16.78 24.01
C GLY K 9 -42.47 -17.91 23.73
N GLY K 10 -43.74 -17.80 24.11
CA GLY K 10 -44.61 -18.96 24.02
C GLY K 10 -45.87 -18.83 24.85
N LEU K 11 -46.54 -19.95 25.07
CA LEU K 11 -47.81 -19.96 25.81
C LEU K 11 -48.94 -19.19 25.11
N VAL K 12 -49.56 -18.25 25.81
CA VAL K 12 -50.41 -17.22 25.20
C VAL K 12 -51.86 -17.54 24.82
N GLN K 13 -52.26 -18.81 24.88
CA GLN K 13 -53.68 -19.19 24.74
C GLN K 13 -54.26 -19.23 23.30
N PRO K 14 -55.59 -19.69 23.21
CA PRO K 14 -56.16 -19.64 21.84
C PRO K 14 -56.77 -18.27 21.49
N GLY K 15 -57.11 -18.03 20.22
CA GLY K 15 -57.57 -16.71 19.83
C GLY K 15 -56.68 -15.54 20.20
N GLY K 16 -55.43 -15.85 20.55
CA GLY K 16 -54.48 -14.83 20.99
C GLY K 16 -53.61 -14.22 19.89
N SER K 17 -52.74 -13.30 20.32
CA SER K 17 -51.72 -12.74 19.45
C SER K 17 -50.34 -12.95 20.06
N LEU K 18 -49.36 -13.18 19.21
CA LEU K 18 -47.99 -13.28 19.68
C LEU K 18 -47.08 -12.65 18.63
N ARG K 19 -46.08 -11.88 19.08
CA ARG K 19 -45.10 -11.33 18.15
C ARG K 19 -43.71 -11.93 18.37
N LEU K 20 -43.22 -12.58 17.32
CA LEU K 20 -41.94 -13.25 17.37
C LEU K 20 -40.95 -12.31 16.77
N SER K 21 -39.75 -12.27 17.35
CA SER K 21 -38.68 -11.45 16.80
C SER K 21 -37.54 -12.33 16.32
N CYS K 22 -37.00 -11.99 15.16
CA CYS K 22 -35.77 -12.56 14.67
C CYS K 22 -34.78 -11.46 14.45
N GLY K 23 -33.83 -11.35 15.36
CA GLY K 23 -32.80 -10.34 15.25
C GLY K 23 -31.56 -10.87 14.61
N THR K 24 -30.85 -10.00 13.91
CA THR K 24 -29.72 -10.43 13.14
C THR K 24 -28.55 -9.53 13.45
N SER K 25 -27.35 -10.06 13.28
CA SER K 25 -26.14 -9.38 13.70
C SER K 25 -25.01 -9.84 12.78
N GLY K 26 -23.90 -9.11 12.79
CA GLY K 26 -22.73 -9.50 12.04
C GLY K 26 -22.76 -9.03 10.59
N PHE K 27 -21.56 -8.72 10.06
CA PHE K 27 -21.39 -8.24 8.70
C PHE K 27 -22.01 -9.23 7.73
N THR K 28 -22.74 -8.76 6.73
CA THR K 28 -23.30 -9.66 5.73
C THR K 28 -23.50 -8.95 4.38
N LEU K 29 -23.47 -9.70 3.28
CA LEU K 29 -23.72 -9.06 2.00
C LEU K 29 -25.22 -8.79 1.69
N THR K 30 -26.12 -9.46 2.42
CA THR K 30 -27.54 -9.37 2.10
C THR K 30 -28.51 -9.66 3.23
N ASP K 31 -29.66 -8.97 3.26
CA ASP K 31 -30.77 -9.33 4.14
C ASP K 31 -31.87 -10.11 3.43
N ASP K 32 -31.75 -10.29 2.13
CA ASP K 32 -32.89 -10.72 1.32
C ASP K 32 -33.38 -12.09 1.73
N TYR K 33 -34.64 -12.35 1.41
CA TYR K 33 -35.35 -13.61 1.72
C TYR K 33 -35.22 -14.12 3.15
N MET K 34 -35.65 -13.32 4.12
CA MET K 34 -35.71 -13.80 5.48
C MET K 34 -36.99 -14.63 5.59
N THR K 35 -36.86 -15.93 5.88
CA THR K 35 -38.01 -16.83 5.92
C THR K 35 -38.34 -17.27 7.32
N TRP K 36 -39.61 -17.56 7.56
CA TRP K 36 -40.03 -18.19 8.80
C TRP K 36 -40.40 -19.66 8.56
N VAL K 37 -39.93 -20.55 9.43
CA VAL K 37 -40.21 -21.97 9.31
C VAL K 37 -40.54 -22.53 10.70
N ARG K 38 -41.62 -23.31 10.80
CA ARG K 38 -41.99 -23.90 12.10
C ARG K 38 -41.90 -25.43 12.09
N GLN K 39 -41.73 -25.98 13.28
CA GLN K 39 -41.57 -27.41 13.51
C GLN K 39 -42.40 -27.81 14.72
N PRO K 40 -43.65 -28.24 14.46
CA PRO K 40 -44.48 -28.77 15.56
C PRO K 40 -43.76 -30.00 16.10
N PRO K 41 -43.63 -30.10 17.43
CA PRO K 41 -42.72 -31.11 17.99
C PRO K 41 -43.04 -32.52 17.47
N GLY K 42 -41.99 -33.29 17.19
CA GLY K 42 -42.14 -34.65 16.69
C GLY K 42 -42.22 -34.73 15.18
N LYS K 43 -42.53 -33.60 14.56
CA LYS K 43 -43.05 -33.55 13.19
C LYS K 43 -42.09 -32.84 12.19
N ALA K 44 -42.53 -32.68 10.94
CA ALA K 44 -41.73 -32.09 9.87
C ALA K 44 -41.52 -30.59 10.07
N LEU K 45 -40.53 -30.05 9.36
CA LEU K 45 -40.39 -28.60 9.22
C LEU K 45 -41.48 -28.09 8.29
N GLU K 46 -42.01 -26.90 8.55
CA GLU K 46 -43.06 -26.33 7.71
C GLU K 46 -42.70 -24.89 7.34
N TRP K 47 -42.90 -24.55 6.08
CA TRP K 47 -42.59 -23.22 5.58
C TRP K 47 -43.79 -22.27 5.75
N LEU K 48 -43.61 -21.18 6.49
CA LEU K 48 -44.70 -20.21 6.74
C LEU K 48 -44.70 -19.10 5.70
N GLY K 49 -43.59 -18.39 5.61
CA GLY K 49 -43.43 -17.38 4.58
C GLY K 49 -42.04 -16.79 4.48
N PHE K 50 -41.90 -15.71 3.71
CA PHE K 50 -40.73 -14.86 3.83
C PHE K 50 -40.99 -13.39 3.54
N ILE K 51 -39.94 -12.60 3.73
CA ILE K 51 -39.98 -11.21 3.40
C ILE K 51 -38.68 -10.82 2.68
N ARG K 52 -38.83 -10.04 1.60
CA ARG K 52 -37.70 -9.60 0.80
C ARG K 52 -37.03 -8.39 1.45
N ASP K 53 -35.91 -7.94 0.90
CA ASP K 53 -35.26 -6.76 1.47
C ASP K 53 -35.81 -5.48 0.86
N ARG K 54 -35.36 -4.33 1.38
CA ARG K 54 -35.81 -3.01 0.92
C ARG K 54 -35.62 -2.88 -0.58
N ALA K 55 -34.48 -3.37 -1.07
CA ALA K 55 -34.18 -3.40 -2.51
C ALA K 55 -35.33 -3.98 -3.32
N ASN K 56 -35.86 -5.10 -2.84
CA ASN K 56 -36.84 -5.87 -3.58
C ASN K 56 -38.25 -5.57 -3.16
N GLY K 57 -38.39 -4.51 -2.38
CA GLY K 57 -39.70 -3.93 -2.17
C GLY K 57 -40.41 -4.53 -1.00
N TYR K 58 -39.64 -5.17 -0.11
CA TYR K 58 -40.16 -5.63 1.18
C TYR K 58 -41.26 -6.63 0.94
N THR K 59 -41.17 -7.32 -0.20
CA THR K 59 -42.23 -8.22 -0.60
C THR K 59 -42.35 -9.40 0.38
N THR K 60 -43.58 -9.86 0.61
CA THR K 60 -43.84 -11.01 1.45
C THR K 60 -44.54 -12.14 0.70
N GLU K 61 -44.45 -13.33 1.27
CA GLU K 61 -45.11 -14.48 0.69
C GLU K 61 -45.43 -15.38 1.86
N TYR K 62 -46.55 -16.10 1.79
CA TYR K 62 -47.02 -16.87 2.93
C TYR K 62 -47.66 -18.16 2.47
N SER K 63 -47.46 -19.23 3.23
CA SER K 63 -48.16 -20.47 2.95
C SER K 63 -49.62 -20.24 3.30
N ALA K 64 -50.53 -20.94 2.61
CA ALA K 64 -51.93 -20.67 2.83
C ALA K 64 -52.41 -20.97 4.25
N SER K 65 -51.70 -21.83 4.97
CA SER K 65 -52.13 -22.15 6.33
C SER K 65 -52.05 -20.95 7.27
N VAL K 66 -51.00 -20.16 7.16
CA VAL K 66 -50.91 -18.98 7.99
C VAL K 66 -51.38 -17.71 7.29
N LYS K 67 -51.57 -17.76 5.98
CA LYS K 67 -51.98 -16.57 5.25
C LYS K 67 -53.19 -15.87 5.88
N GLY K 68 -53.04 -14.59 6.11
CA GLY K 68 -54.14 -13.79 6.61
C GLY K 68 -54.23 -13.76 8.12
N ARG K 69 -53.72 -14.80 8.78
CA ARG K 69 -53.56 -14.76 10.23
C ARG K 69 -52.23 -14.12 10.65
N PHE K 70 -51.21 -14.36 9.83
CA PHE K 70 -49.80 -14.10 10.15
C PHE K 70 -49.29 -12.99 9.24
N THR K 71 -48.47 -12.08 9.79
CA THR K 71 -47.89 -10.99 8.99
C THR K 71 -46.41 -10.76 9.32
N ILE K 72 -45.54 -10.83 8.31
CA ILE K 72 -44.08 -10.64 8.50
C ILE K 72 -43.64 -9.19 8.24
N SER K 73 -42.97 -8.57 9.20
CA SER K 73 -42.55 -7.20 8.94
C SER K 73 -41.07 -7.04 9.27
N ARG K 74 -40.44 -5.95 8.86
CA ARG K 74 -39.08 -5.73 9.33
C ARG K 74 -38.84 -4.30 9.77
N ASP K 75 -38.06 -4.16 10.83
CA ASP K 75 -37.62 -2.86 11.30
C ASP K 75 -36.16 -2.77 10.99
N ASN K 76 -35.81 -1.97 9.98
CA ASN K 76 -34.44 -2.00 9.49
C ASN K 76 -33.48 -1.27 10.41
N SER K 77 -34.01 -0.32 11.18
CA SER K 77 -33.19 0.46 12.10
C SER K 77 -32.52 -0.47 13.11
N GLN K 78 -33.33 -1.24 13.81
CA GLN K 78 -32.84 -2.18 14.80
C GLN K 78 -32.53 -3.54 14.18
N SER K 79 -32.70 -3.62 12.87
CA SER K 79 -32.36 -4.83 12.11
C SER K 79 -33.05 -6.10 12.64
N ILE K 80 -34.37 -6.09 12.61
CA ILE K 80 -35.16 -7.18 13.18
C ILE K 80 -36.30 -7.56 12.24
N VAL K 81 -36.47 -8.86 11.94
CA VAL K 81 -37.69 -9.25 11.24
C VAL K 81 -38.66 -9.77 12.29
N TYR K 82 -39.92 -9.38 12.19
CA TYR K 82 -40.95 -9.84 13.10
C TYR K 82 -41.91 -10.79 12.37
N LEU K 83 -42.43 -11.77 13.11
CA LEU K 83 -43.59 -12.54 12.67
C LEU K 83 -44.75 -12.30 13.62
N GLN K 84 -45.79 -11.63 13.11
CA GLN K 84 -46.99 -11.42 13.88
C GLN K 84 -47.93 -12.59 13.68
N MET K 85 -48.32 -13.22 14.78
CA MET K 85 -49.26 -14.34 14.73
C MET K 85 -50.56 -13.92 15.42
N ASN K 86 -51.66 -13.92 14.66
CA ASN K 86 -52.96 -13.54 15.17
C ASN K 86 -53.94 -14.69 15.10
N THR K 87 -54.89 -14.71 16.02
CA THR K 87 -55.95 -15.73 16.00
C THR K 87 -55.29 -17.08 15.98
N LEU K 88 -54.61 -17.41 17.05
CA LEU K 88 -53.80 -18.60 17.02
C LEU K 88 -54.69 -19.81 17.21
N ARG K 89 -54.68 -20.72 16.24
CA ARG K 89 -55.30 -22.02 16.47
C ARG K 89 -54.36 -22.81 17.37
N VAL K 90 -54.80 -23.96 17.85
CA VAL K 90 -53.99 -24.72 18.75
C VAL K 90 -52.84 -25.34 17.97
N GLU K 91 -53.10 -25.70 16.71
CA GLU K 91 -52.11 -26.44 15.94
C GLU K 91 -50.93 -25.56 15.53
N ASP K 92 -51.06 -24.26 15.78
CA ASP K 92 -49.95 -23.33 15.61
C ASP K 92 -48.86 -23.54 16.66
N SER K 93 -49.07 -24.45 17.60
CA SER K 93 -48.04 -24.71 18.59
C SER K 93 -46.87 -25.40 17.92
N ALA K 94 -45.69 -24.80 18.04
CA ALA K 94 -44.48 -25.36 17.39
C ALA K 94 -43.22 -24.70 17.89
N THR K 95 -42.08 -25.08 17.31
CA THR K 95 -40.94 -24.19 17.37
C THR K 95 -40.82 -23.38 16.09
N TYR K 96 -40.50 -22.11 16.24
CA TYR K 96 -40.46 -21.19 15.12
C TYR K 96 -39.03 -20.73 14.96
N TYR K 97 -38.51 -20.87 13.74
CA TYR K 97 -37.14 -20.50 13.43
C TYR K 97 -37.16 -19.51 12.29
N CYS K 98 -36.23 -18.56 12.30
CA CYS K 98 -36.01 -17.77 11.09
C CYS K 98 -34.80 -18.28 10.34
N ALA K 99 -34.88 -18.28 9.02
CA ALA K 99 -33.81 -18.77 8.18
C ALA K 99 -33.56 -17.82 7.01
N ARG K 100 -32.56 -18.15 6.19
CA ARG K 100 -31.96 -17.16 5.29
C ARG K 100 -30.89 -17.74 4.37
N PRO K 101 -30.89 -17.28 3.12
CA PRO K 101 -30.00 -17.85 2.12
C PRO K 101 -28.52 -17.48 2.23
N LYS K 102 -28.15 -16.36 2.84
CA LYS K 102 -26.74 -15.91 2.88
C LYS K 102 -26.17 -15.45 1.53
N GLY K 103 -26.81 -15.85 0.44
CA GLY K 103 -26.41 -15.41 -0.87
C GLY K 103 -27.43 -14.44 -1.41
N TYR K 104 -27.15 -13.92 -2.60
CA TYR K 104 -28.06 -13.00 -3.23
C TYR K 104 -29.28 -13.74 -3.75
N PHE K 105 -29.12 -15.04 -3.96
CA PHE K 105 -30.15 -15.89 -4.57
C PHE K 105 -30.53 -17.03 -3.62
N PRO K 106 -31.82 -17.38 -3.59
CA PRO K 106 -32.32 -18.29 -2.54
C PRO K 106 -32.28 -19.77 -2.94
N TYR K 107 -31.09 -20.34 -2.92
CA TYR K 107 -30.89 -21.72 -3.35
C TYR K 107 -31.14 -22.68 -2.20
N ALA K 108 -31.22 -22.13 -0.98
CA ALA K 108 -31.26 -22.93 0.23
C ALA K 108 -31.31 -22.02 1.43
N MET K 109 -31.46 -22.61 2.61
CA MET K 109 -31.36 -21.85 3.86
C MET K 109 -30.00 -22.10 4.52
N ASP K 110 -29.09 -21.13 4.41
CA ASP K 110 -27.80 -21.36 5.01
C ASP K 110 -27.84 -21.10 6.49
N TYR K 111 -28.57 -20.05 6.89
CA TYR K 111 -28.55 -19.57 8.26
C TYR K 111 -29.88 -19.80 8.97
N TRP K 112 -29.78 -20.38 10.17
CA TRP K 112 -30.96 -20.62 11.03
C TRP K 112 -30.80 -19.99 12.40
N GLY K 113 -31.92 -19.62 12.99
CA GLY K 113 -31.95 -19.13 14.36
C GLY K 113 -31.95 -20.32 15.30
N GLN K 114 -32.04 -20.06 16.60
CA GLN K 114 -31.94 -21.17 17.55
C GLN K 114 -33.30 -21.68 17.89
N GLY K 115 -34.33 -21.00 17.38
CA GLY K 115 -35.72 -21.35 17.65
C GLY K 115 -36.30 -20.58 18.81
N THR K 116 -37.59 -20.27 18.71
CA THR K 116 -38.35 -19.73 19.83
C THR K 116 -39.60 -20.61 19.95
N SER K 117 -40.07 -20.82 21.17
CA SER K 117 -40.94 -21.96 21.41
C SER K 117 -42.34 -21.56 21.83
N VAL K 118 -43.32 -21.68 20.93
CA VAL K 118 -44.70 -21.30 21.28
C VAL K 118 -45.66 -22.48 21.42
N ILE K 119 -46.45 -22.46 22.50
CA ILE K 119 -47.55 -23.42 22.66
C ILE K 119 -48.86 -22.69 22.94
N VAL K 120 -49.76 -22.68 21.97
CA VAL K 120 -51.06 -22.04 22.19
C VAL K 120 -52.06 -23.03 22.80
N SER K 121 -52.54 -22.75 24.01
CA SER K 121 -53.32 -23.73 24.77
C SER K 121 -54.37 -23.13 25.68
N SER K 122 -55.50 -23.82 25.79
CA SER K 122 -56.55 -23.44 26.74
C SER K 122 -56.01 -23.41 28.18
N THR K 123 -55.61 -24.58 28.67
CA THR K 123 -55.37 -24.80 30.11
C THR K 123 -54.36 -23.86 30.81
N LYS K 124 -54.65 -23.51 32.07
CA LYS K 124 -53.84 -22.53 32.82
C LYS K 124 -52.52 -23.11 33.29
N THR K 125 -51.54 -22.22 33.44
CA THR K 125 -50.24 -22.55 34.02
C THR K 125 -50.46 -23.24 35.36
N THR K 126 -49.77 -24.36 35.60
CA THR K 126 -49.95 -25.10 36.84
C THR K 126 -48.60 -25.57 37.38
N ALA K 127 -48.37 -25.37 38.67
CA ALA K 127 -47.19 -25.92 39.32
C ALA K 127 -47.41 -27.40 39.53
N PRO K 128 -46.31 -28.19 39.49
CA PRO K 128 -46.36 -29.64 39.74
C PRO K 128 -46.49 -30.01 41.22
N SER K 129 -47.19 -31.09 41.50
CA SER K 129 -47.08 -31.76 42.79
C SER K 129 -46.05 -32.88 42.63
N VAL K 130 -45.06 -32.95 43.50
CA VAL K 130 -43.97 -33.92 43.31
C VAL K 130 -44.02 -35.06 44.34
N TYR K 131 -44.44 -36.23 43.88
CA TYR K 131 -44.41 -37.41 44.74
C TYR K 131 -43.14 -38.25 44.53
N CYS K 149 -38.65 -40.53 40.78
CA CYS K 149 -39.12 -39.20 41.18
C CYS K 149 -40.27 -38.85 40.24
N LEU K 150 -41.49 -38.78 40.77
CA LEU K 150 -42.64 -38.51 39.91
C LEU K 150 -43.12 -37.07 40.03
N VAL K 151 -42.89 -36.30 38.96
CA VAL K 151 -43.39 -34.94 38.85
C VAL K 151 -44.70 -34.99 38.08
N LYS K 152 -45.79 -34.66 38.75
CA LYS K 152 -47.09 -34.86 38.15
C LYS K 152 -47.94 -33.59 38.14
N GLY K 153 -48.85 -33.52 37.17
CA GLY K 153 -49.82 -32.43 37.11
C GLY K 153 -49.29 -31.01 36.96
N TYR K 154 -48.50 -30.76 35.93
CA TYR K 154 -48.00 -29.39 35.73
C TYR K 154 -48.30 -28.88 34.32
N PHE K 155 -47.94 -27.62 34.06
CA PHE K 155 -48.20 -26.97 32.78
C PHE K 155 -47.63 -25.56 32.76
N PRO K 156 -47.04 -25.16 31.63
CA PRO K 156 -46.71 -26.00 30.47
C PRO K 156 -45.29 -26.48 30.60
N GLU K 157 -44.78 -27.16 29.56
CA GLU K 157 -43.35 -27.41 29.45
C GLU K 157 -42.61 -26.07 29.38
N PRO K 158 -41.32 -26.06 29.74
CA PRO K 158 -40.52 -27.12 30.38
C PRO K 158 -40.63 -27.19 31.91
N VAL K 159 -40.45 -28.40 32.43
CA VAL K 159 -40.01 -28.58 33.81
C VAL K 159 -38.60 -29.11 33.71
N THR K 160 -37.66 -28.49 34.41
CA THR K 160 -36.26 -28.94 34.36
C THR K 160 -35.88 -29.78 35.58
N LEU K 161 -35.38 -30.98 35.32
CA LEU K 161 -35.11 -31.93 36.40
C LEU K 161 -33.63 -32.29 36.52
N THR K 162 -33.14 -32.31 37.76
CA THR K 162 -31.79 -32.77 38.08
C THR K 162 -31.90 -33.61 39.36
N TRP K 163 -30.92 -34.46 39.62
CA TRP K 163 -30.67 -34.95 40.98
C TRP K 163 -29.33 -34.38 41.37
N ASN K 164 -29.36 -33.37 42.25
CA ASN K 164 -28.17 -32.65 42.67
C ASN K 164 -27.33 -31.98 41.57
N SER K 165 -27.85 -30.91 40.99
CA SER K 165 -27.10 -30.04 40.06
C SER K 165 -26.49 -30.77 38.85
N GLY K 166 -25.16 -30.75 38.74
CA GLY K 166 -24.48 -31.41 37.63
C GLY K 166 -23.82 -32.74 38.02
N SER K 167 -23.96 -33.09 39.30
CA SER K 167 -23.22 -34.21 39.89
C SER K 167 -23.38 -35.59 39.23
N LEU K 168 -24.47 -35.86 38.52
CA LEU K 168 -24.57 -37.17 37.85
C LEU K 168 -24.56 -37.16 36.32
N SER K 169 -23.47 -37.69 35.75
CA SER K 169 -23.35 -37.84 34.31
C SER K 169 -24.09 -39.10 33.81
N SER K 170 -24.09 -40.15 34.63
CA SER K 170 -24.76 -41.43 34.33
C SER K 170 -25.92 -41.73 35.29
N GLY K 171 -26.60 -42.86 35.06
CA GLY K 171 -27.53 -43.44 36.03
C GLY K 171 -29.01 -43.05 35.95
N VAL K 172 -29.37 -42.24 34.96
CA VAL K 172 -30.69 -41.64 34.93
C VAL K 172 -31.46 -41.90 33.65
N HIS K 173 -32.79 -41.94 33.76
CA HIS K 173 -33.64 -41.89 32.59
C HIS K 173 -34.71 -40.83 32.80
N THR K 174 -34.69 -39.79 31.96
CA THR K 174 -35.70 -38.74 32.05
C THR K 174 -36.74 -38.94 30.95
N PHE K 175 -37.93 -39.37 31.35
CA PHE K 175 -38.99 -39.67 30.40
C PHE K 175 -39.74 -38.40 30.06
N PRO K 176 -39.77 -38.06 28.77
CA PRO K 176 -40.41 -36.84 28.26
C PRO K 176 -41.89 -36.78 28.65
N ALA K 177 -42.41 -35.57 28.80
CA ALA K 177 -43.75 -35.38 29.33
C ALA K 177 -44.85 -35.86 28.39
N VAL K 178 -45.79 -36.63 28.94
CA VAL K 178 -46.98 -37.02 28.19
C VAL K 178 -48.21 -36.39 28.84
N LEU K 179 -49.26 -36.23 28.04
CA LEU K 179 -50.41 -35.44 28.44
C LEU K 179 -51.58 -36.29 28.92
N GLN K 180 -51.93 -36.16 30.19
CA GLN K 180 -53.14 -36.80 30.76
C GLN K 180 -54.16 -35.74 31.15
N SER K 181 -55.37 -35.86 30.58
CA SER K 181 -56.51 -35.00 30.93
C SER K 181 -56.09 -33.52 31.03
N ASP K 182 -55.68 -32.97 29.89
CA ASP K 182 -55.27 -31.56 29.79
C ASP K 182 -54.15 -31.15 30.76
N LEU K 183 -53.29 -32.09 31.13
CA LEU K 183 -52.26 -31.80 32.12
C LEU K 183 -50.99 -32.60 31.80
N TYR K 184 -49.83 -32.01 32.03
CA TYR K 184 -48.57 -32.70 31.67
C TYR K 184 -48.03 -33.53 32.81
N THR K 185 -47.48 -34.69 32.47
CA THR K 185 -46.93 -35.61 33.47
C THR K 185 -45.59 -36.18 33.02
N LEU K 186 -44.63 -36.22 33.95
CA LEU K 186 -43.27 -36.65 33.64
C LEU K 186 -42.66 -37.49 34.74
N SER K 187 -41.93 -38.53 34.37
CA SER K 187 -41.18 -39.32 35.34
C SER K 187 -39.67 -39.28 35.06
N SER K 188 -38.88 -39.46 36.12
CA SER K 188 -37.44 -39.62 35.99
C SER K 188 -36.98 -40.70 36.95
N SER K 189 -36.24 -41.68 36.44
CA SER K 189 -35.86 -42.86 37.22
C SER K 189 -34.34 -43.01 37.36
N VAL K 190 -33.86 -42.98 38.60
CA VAL K 190 -32.42 -43.09 38.90
C VAL K 190 -32.04 -44.50 39.35
N THR K 191 -30.89 -44.98 38.89
CA THR K 191 -30.41 -46.29 39.32
C THR K 191 -28.99 -46.14 39.84
N VAL K 192 -28.75 -46.65 41.03
CA VAL K 192 -27.42 -46.55 41.61
C VAL K 192 -27.10 -47.78 42.47
N THR K 193 -25.87 -47.81 42.99
CA THR K 193 -25.31 -49.01 43.60
C THR K 193 -26.00 -49.48 44.87
N SER K 194 -25.36 -50.42 45.54
CA SER K 194 -25.89 -51.00 46.76
C SER K 194 -26.16 -49.96 47.83
N SER K 195 -25.14 -49.19 48.19
CA SER K 195 -25.30 -48.21 49.27
C SER K 195 -25.99 -46.94 48.77
N THR K 196 -27.19 -46.71 49.30
CA THR K 196 -27.94 -45.48 49.09
C THR K 196 -28.49 -44.90 50.40
N TRP K 197 -29.51 -45.57 50.96
CA TRP K 197 -30.16 -45.11 52.19
C TRP K 197 -29.78 -46.01 53.37
N PRO K 198 -29.31 -45.41 54.47
CA PRO K 198 -28.99 -43.98 54.62
C PRO K 198 -27.74 -43.55 53.85
N SER K 199 -26.91 -44.51 53.41
CA SER K 199 -25.49 -44.29 53.07
C SER K 199 -25.15 -43.06 52.24
N GLN K 200 -25.50 -43.06 50.97
CA GLN K 200 -25.46 -41.83 50.20
C GLN K 200 -26.87 -41.59 49.71
N SER K 201 -27.55 -40.62 50.30
CA SER K 201 -28.97 -40.41 49.99
C SER K 201 -29.17 -38.96 49.62
N ILE K 202 -29.55 -38.74 48.37
CA ILE K 202 -29.58 -37.38 47.86
C ILE K 202 -30.91 -37.10 47.12
N THR K 203 -31.08 -35.86 46.68
CA THR K 203 -32.40 -35.32 46.38
C THR K 203 -32.76 -35.41 44.89
N CYS K 204 -34.01 -35.03 44.57
CA CYS K 204 -34.52 -34.95 43.20
C CYS K 204 -34.88 -33.48 42.95
N ASN K 205 -34.12 -32.80 42.09
CA ASN K 205 -34.21 -31.33 42.01
C ASN K 205 -34.87 -30.79 40.72
N VAL K 206 -36.00 -30.07 40.87
CA VAL K 206 -36.95 -29.84 39.78
C VAL K 206 -37.32 -28.35 39.57
N ALA K 207 -36.92 -27.79 38.43
CA ALA K 207 -37.27 -26.40 38.09
C ALA K 207 -38.56 -26.30 37.28
N HIS K 208 -39.58 -25.67 37.83
CA HIS K 208 -40.63 -25.13 36.99
C HIS K 208 -40.52 -23.61 37.05
N PRO K 209 -39.99 -23.01 35.98
CA PRO K 209 -39.73 -21.56 35.89
C PRO K 209 -41.02 -20.76 35.74
N ALA K 210 -42.03 -21.34 35.10
CA ALA K 210 -43.27 -20.64 34.80
C ALA K 210 -44.12 -20.39 36.05
N SER K 211 -44.14 -21.37 36.94
CA SER K 211 -44.83 -21.22 38.23
C SER K 211 -43.80 -20.79 39.27
N SER K 212 -42.58 -20.54 38.79
CA SER K 212 -41.45 -20.07 39.59
C SER K 212 -40.89 -21.15 40.52
N THR K 213 -41.64 -22.24 40.64
CA THR K 213 -41.42 -23.30 41.63
C THR K 213 -40.04 -23.97 41.59
N LYS K 214 -39.46 -24.15 42.77
CA LYS K 214 -38.40 -25.13 42.98
C LYS K 214 -38.66 -25.91 44.28
N VAL K 215 -38.93 -27.20 44.16
CA VAL K 215 -38.97 -28.06 45.34
C VAL K 215 -37.88 -29.12 45.20
N ASP K 216 -37.24 -29.46 46.31
CA ASP K 216 -36.32 -30.57 46.32
C ASP K 216 -36.95 -31.67 47.20
N LYS K 217 -37.01 -32.89 46.67
CA LYS K 217 -37.71 -33.98 47.37
C LYS K 217 -36.89 -35.27 47.41
N ASP L 1 -48.76 -26.18 -2.52
CA ASP L 1 -49.18 -27.35 -3.26
C ASP L 1 -48.15 -27.94 -4.23
N ILE L 2 -46.92 -28.15 -3.75
CA ILE L 2 -45.93 -28.97 -4.47
C ILE L 2 -45.16 -29.87 -3.48
N GLN L 3 -45.28 -31.19 -3.61
CA GLN L 3 -45.09 -32.07 -2.44
C GLN L 3 -43.84 -32.95 -2.37
N MET L 4 -43.17 -32.94 -1.21
CA MET L 4 -41.94 -33.69 -1.04
C MET L 4 -42.18 -35.00 -0.30
N THR L 5 -41.94 -36.10 -0.99
CA THR L 5 -42.11 -37.38 -0.35
C THR L 5 -40.75 -37.99 0.01
N GLN L 6 -40.45 -37.98 1.31
CA GLN L 6 -39.16 -38.49 1.78
C GLN L 6 -39.28 -39.95 2.24
N SER L 7 -38.30 -40.76 1.86
CA SER L 7 -38.24 -42.14 2.32
C SER L 7 -36.81 -42.60 2.64
N PRO L 8 -36.64 -43.39 3.70
CA PRO L 8 -37.71 -43.76 4.64
C PRO L 8 -37.84 -42.73 5.74
N ALA L 9 -38.73 -42.97 6.68
CA ALA L 9 -38.80 -42.06 7.80
C ALA L 9 -37.72 -42.43 8.80
N SER L 10 -37.25 -43.68 8.72
CA SER L 10 -36.41 -44.22 9.76
C SER L 10 -35.53 -45.31 9.22
N GLN L 11 -34.32 -45.41 9.75
CA GLN L 11 -33.38 -46.44 9.32
C GLN L 11 -32.52 -46.91 10.46
N SER L 12 -32.17 -48.18 10.44
CA SER L 12 -31.26 -48.70 11.42
C SER L 12 -29.90 -48.91 10.77
N ALA L 13 -28.84 -48.57 11.49
CA ALA L 13 -27.51 -48.98 11.05
C ALA L 13 -26.57 -48.97 12.23
N SER L 14 -25.47 -49.71 12.12
CA SER L 14 -24.34 -49.53 13.02
C SER L 14 -23.24 -48.90 12.17
N LEU L 15 -22.04 -48.71 12.73
CA LEU L 15 -21.13 -47.70 12.17
C LEU L 15 -20.51 -48.11 10.85
N GLY L 16 -19.80 -47.16 10.25
CA GLY L 16 -19.01 -47.42 9.06
C GLY L 16 -19.84 -47.81 7.84
N GLU L 17 -21.16 -47.86 8.01
CA GLU L 17 -22.04 -48.32 6.96
C GLU L 17 -22.48 -47.17 6.06
N SER L 18 -23.22 -47.51 5.02
CA SER L 18 -23.65 -46.53 4.04
C SER L 18 -25.15 -46.50 3.95
N VAL L 19 -25.71 -45.33 3.69
CA VAL L 19 -27.16 -45.15 3.68
C VAL L 19 -27.59 -44.06 2.69
N THR L 20 -28.77 -44.22 2.12
CA THR L 20 -29.25 -43.31 1.08
C THR L 20 -30.70 -42.99 1.34
N ILE L 21 -31.06 -41.71 1.26
CA ILE L 21 -32.42 -41.24 1.53
C ILE L 21 -33.00 -40.66 0.24
N THR L 22 -34.26 -40.96 -0.02
CA THR L 22 -34.86 -40.56 -1.28
C THR L 22 -35.88 -39.45 -1.09
N CYS L 23 -35.90 -38.52 -2.06
CA CYS L 23 -36.92 -37.48 -2.08
C CYS L 23 -37.61 -37.54 -3.44
N LEU L 24 -38.94 -37.58 -3.43
CA LEU L 24 -39.69 -37.47 -4.67
C LEU L 24 -40.51 -36.18 -4.75
N ALA L 25 -40.44 -35.52 -5.91
CA ALA L 25 -41.22 -34.31 -6.11
C ALA L 25 -42.52 -34.57 -6.87
N SER L 26 -43.61 -33.99 -6.36
CA SER L 26 -44.95 -34.07 -6.99
C SER L 26 -44.98 -33.49 -8.42
N GLN L 27 -44.31 -32.36 -8.61
CA GLN L 27 -43.98 -31.93 -9.97
C GLN L 27 -42.50 -31.63 -10.01
N THR L 28 -41.95 -31.48 -11.21
CA THR L 28 -40.54 -31.25 -11.34
C THR L 28 -40.14 -29.91 -10.78
N ILE L 29 -39.13 -29.96 -9.93
CA ILE L 29 -38.45 -28.77 -9.41
C ILE L 29 -37.14 -28.51 -10.13
N GLY L 30 -36.85 -29.34 -11.11
CA GLY L 30 -35.55 -29.30 -11.73
C GLY L 30 -34.46 -29.63 -10.74
N THR L 31 -33.51 -28.70 -10.61
CA THR L 31 -32.31 -28.96 -9.82
C THR L 31 -32.26 -28.30 -8.41
N TRP L 32 -33.31 -27.58 -8.06
CA TRP L 32 -33.29 -26.85 -6.82
C TRP L 32 -33.66 -27.81 -5.73
N LEU L 33 -32.73 -28.07 -4.83
CA LEU L 33 -33.06 -28.91 -3.67
C LEU L 33 -32.03 -28.79 -2.60
N ALA L 34 -32.47 -28.91 -1.36
CA ALA L 34 -31.53 -28.72 -0.26
C ALA L 34 -31.62 -29.88 0.71
N TRP L 35 -30.49 -30.25 1.28
CA TRP L 35 -30.46 -31.31 2.27
C TRP L 35 -29.92 -30.70 3.53
N TYR L 36 -30.70 -30.87 4.59
CA TYR L 36 -30.42 -30.32 5.89
C TYR L 36 -30.32 -31.49 6.85
N GLN L 37 -29.62 -31.26 7.96
CA GLN L 37 -29.52 -32.22 9.04
C GLN L 37 -29.84 -31.53 10.35
N GLN L 38 -30.75 -32.12 11.11
CA GLN L 38 -31.08 -31.58 12.42
C GLN L 38 -30.60 -32.58 13.46
N LYS L 39 -29.68 -32.11 14.31
CA LYS L 39 -29.31 -32.83 15.52
C LYS L 39 -30.41 -32.53 16.54
N PRO L 40 -30.52 -33.37 17.58
CA PRO L 40 -31.57 -33.14 18.58
C PRO L 40 -31.34 -31.88 19.42
N GLY L 41 -32.43 -31.20 19.71
CA GLY L 41 -32.39 -30.03 20.58
C GLY L 41 -31.75 -28.87 19.89
N LYS L 42 -31.56 -28.99 18.58
CA LYS L 42 -30.85 -27.98 17.79
C LYS L 42 -31.60 -27.65 16.50
N SER L 43 -31.26 -26.51 15.91
CA SER L 43 -31.88 -26.04 14.67
C SER L 43 -31.37 -26.88 13.51
N PRO L 44 -32.04 -26.80 12.34
CA PRO L 44 -31.44 -27.45 11.17
C PRO L 44 -30.16 -26.73 10.73
N GLN L 45 -29.32 -27.42 9.96
CA GLN L 45 -28.17 -26.78 9.30
C GLN L 45 -27.93 -27.38 7.91
N LEU L 46 -27.46 -26.56 6.98
CA LEU L 46 -27.51 -26.97 5.57
C LEU L 46 -26.39 -27.90 5.11
N LEU L 47 -26.74 -29.06 4.55
CA LEU L 47 -25.74 -30.03 4.03
C LEU L 47 -25.43 -29.86 2.55
N ILE L 48 -26.45 -29.97 1.69
CA ILE L 48 -26.23 -29.85 0.26
C ILE L 48 -27.23 -28.83 -0.30
N TYR L 49 -26.79 -28.02 -1.26
CA TYR L 49 -27.67 -27.05 -1.93
C TYR L 49 -27.62 -27.36 -3.41
N ALA L 50 -28.70 -27.11 -4.12
CA ALA L 50 -28.72 -27.38 -5.56
C ALA L 50 -28.65 -28.89 -5.77
N ALA L 51 -28.99 -29.63 -4.73
CA ALA L 51 -29.01 -31.09 -4.78
C ALA L 51 -27.61 -31.72 -4.81
N THR L 52 -26.81 -31.35 -5.79
CA THR L 52 -25.53 -32.03 -6.04
C THR L 52 -24.29 -31.43 -5.37
N SER L 53 -24.45 -30.32 -4.65
CA SER L 53 -23.27 -29.62 -4.12
C SER L 53 -23.19 -29.55 -2.59
N LEU L 54 -22.02 -29.90 -2.05
CA LEU L 54 -21.75 -29.75 -0.62
C LEU L 54 -21.62 -28.29 -0.14
N ALA L 55 -21.89 -28.10 1.15
CA ALA L 55 -21.71 -26.79 1.76
C ALA L 55 -20.38 -26.79 2.50
N ASP L 56 -19.99 -25.65 3.07
CA ASP L 56 -18.68 -25.56 3.70
C ASP L 56 -18.68 -26.15 5.11
N GLY L 57 -17.78 -27.10 5.33
CA GLY L 57 -17.67 -27.75 6.62
C GLY L 57 -18.43 -29.06 6.63
N VAL L 58 -19.04 -29.39 5.50
CA VAL L 58 -19.69 -30.68 5.39
C VAL L 58 -18.65 -31.69 4.97
N PRO L 59 -18.55 -32.80 5.72
CA PRO L 59 -17.52 -33.82 5.45
C PRO L 59 -17.71 -34.53 4.12
N SER L 60 -16.61 -35.06 3.59
CA SER L 60 -16.64 -35.66 2.27
C SER L 60 -17.64 -36.81 2.20
N ARG L 61 -17.91 -37.44 3.34
CA ARG L 61 -18.80 -38.60 3.40
C ARG L 61 -20.25 -38.28 3.04
N PHE L 62 -20.56 -36.98 2.91
CA PHE L 62 -21.90 -36.57 2.51
C PHE L 62 -21.97 -36.33 1.01
N SER L 63 -23.09 -36.73 0.41
CA SER L 63 -23.26 -36.62 -1.03
C SER L 63 -24.73 -36.43 -1.39
N GLY L 64 -24.99 -35.87 -2.55
CA GLY L 64 -26.36 -35.80 -3.03
C GLY L 64 -26.42 -35.81 -4.53
N SER L 65 -27.56 -36.26 -5.06
CA SER L 65 -27.75 -36.30 -6.50
C SER L 65 -29.23 -36.32 -6.91
N GLY L 66 -29.43 -36.32 -8.22
CA GLY L 66 -30.77 -36.30 -8.79
C GLY L 66 -31.13 -35.00 -9.47
N SER L 67 -32.10 -35.09 -10.39
CA SER L 67 -32.73 -33.90 -10.95
C SER L 67 -34.17 -34.26 -11.35
N GLY L 68 -34.93 -33.27 -11.82
CA GLY L 68 -36.33 -33.50 -12.08
C GLY L 68 -37.15 -33.79 -10.83
N THR L 69 -37.76 -34.97 -10.82
CA THR L 69 -38.64 -35.39 -9.72
C THR L 69 -38.01 -36.33 -8.68
N LYS L 70 -36.76 -36.74 -8.91
CA LYS L 70 -36.19 -37.84 -8.14
C LYS L 70 -34.81 -37.51 -7.60
N PHE L 71 -34.64 -37.63 -6.28
CA PHE L 71 -33.37 -37.27 -5.66
C PHE L 71 -32.88 -38.26 -4.61
N SER L 72 -31.56 -38.34 -4.50
CA SER L 72 -30.94 -39.21 -3.51
C SER L 72 -29.96 -38.41 -2.65
N PHE L 73 -29.83 -38.80 -1.39
CA PHE L 73 -28.86 -38.18 -0.49
C PHE L 73 -28.12 -39.29 0.24
N LYS L 74 -26.79 -39.32 0.16
CA LYS L 74 -26.05 -40.50 0.56
C LYS L 74 -24.93 -40.23 1.57
N ILE L 75 -24.90 -41.06 2.62
CA ILE L 75 -23.78 -41.11 3.54
C ILE L 75 -22.94 -42.37 3.29
N SER L 76 -21.68 -42.14 2.90
CA SER L 76 -20.66 -43.18 2.68
C SER L 76 -20.38 -44.06 3.90
N SER L 77 -19.77 -43.47 4.92
CA SER L 77 -19.39 -44.21 6.11
C SER L 77 -19.83 -43.48 7.37
N LEU L 78 -20.56 -44.19 8.23
CA LEU L 78 -21.27 -43.55 9.32
C LEU L 78 -20.37 -43.02 10.44
N GLN L 79 -20.98 -42.41 11.46
CA GLN L 79 -20.29 -41.92 12.65
C GLN L 79 -21.25 -41.82 13.83
N ALA L 80 -20.71 -41.48 14.98
CA ALA L 80 -21.53 -41.23 16.17
C ALA L 80 -22.28 -39.94 15.98
N GLU L 81 -21.61 -38.95 15.39
CA GLU L 81 -22.23 -37.66 15.16
C GLU L 81 -23.46 -37.83 14.25
N ASP L 82 -23.44 -38.84 13.39
CA ASP L 82 -24.33 -38.86 12.23
C ASP L 82 -25.70 -39.50 12.42
N PHE L 83 -26.03 -39.95 13.63
CA PHE L 83 -27.35 -40.54 13.81
C PHE L 83 -28.29 -39.50 14.40
N VAL L 84 -29.14 -38.97 13.53
CA VAL L 84 -29.88 -37.74 13.74
C VAL L 84 -30.98 -37.70 12.71
N SER L 85 -31.58 -36.53 12.53
CA SER L 85 -32.64 -36.44 11.53
C SER L 85 -32.15 -35.69 10.29
N TYR L 86 -32.73 -35.99 9.13
CA TYR L 86 -32.38 -35.27 7.89
C TYR L 86 -33.60 -34.89 7.06
N TYR L 87 -33.56 -33.71 6.46
CA TYR L 87 -34.68 -33.26 5.67
C TYR L 87 -34.22 -32.78 4.32
N CYS L 88 -35.03 -32.96 3.29
CA CYS L 88 -34.78 -32.26 2.05
C CYS L 88 -35.77 -31.10 1.93
N GLN L 89 -35.59 -30.22 0.94
CA GLN L 89 -36.50 -29.09 0.72
C GLN L 89 -36.47 -28.70 -0.75
N GLN L 90 -37.65 -28.36 -1.28
CA GLN L 90 -37.77 -27.76 -2.60
C GLN L 90 -37.83 -26.26 -2.42
N LEU L 91 -36.87 -25.55 -3.01
CA LEU L 91 -36.94 -24.10 -3.09
C LEU L 91 -37.41 -23.62 -4.46
N TYR L 92 -37.83 -24.55 -5.30
CA TYR L 92 -38.13 -24.25 -6.69
C TYR L 92 -39.26 -23.25 -6.85
N SER L 93 -40.44 -23.61 -6.38
CA SER L 93 -41.60 -22.73 -6.44
C SER L 93 -42.18 -22.57 -5.04
N THR L 94 -42.63 -21.37 -4.71
CA THR L 94 -43.21 -21.15 -3.41
C THR L 94 -44.59 -21.80 -3.34
N PRO L 95 -45.00 -22.28 -2.16
CA PRO L 95 -44.32 -22.35 -0.86
C PRO L 95 -43.20 -23.39 -0.89
N TRP L 96 -42.14 -23.20 -0.10
CA TRP L 96 -41.00 -24.09 -0.21
C TRP L 96 -41.16 -25.25 0.74
N THR L 97 -41.52 -26.40 0.19
CA THR L 97 -41.95 -27.55 0.96
C THR L 97 -40.77 -28.37 1.43
N PHE L 98 -40.95 -29.01 2.57
CA PHE L 98 -39.99 -29.98 3.09
C PHE L 98 -40.47 -31.43 2.92
N GLY L 99 -39.50 -32.35 2.78
CA GLY L 99 -39.78 -33.76 2.95
C GLY L 99 -40.08 -33.91 4.42
N GLY L 100 -40.88 -34.93 4.77
CA GLY L 100 -41.23 -35.19 6.15
C GLY L 100 -40.10 -35.64 7.05
N GLY L 101 -38.92 -35.91 6.48
CA GLY L 101 -37.73 -36.15 7.28
C GLY L 101 -37.38 -37.60 7.58
N THR L 102 -36.11 -37.85 7.85
CA THR L 102 -35.65 -39.21 8.10
C THR L 102 -34.82 -39.30 9.37
N ARG L 103 -35.14 -40.29 10.21
CA ARG L 103 -34.45 -40.47 11.47
C ARG L 103 -33.50 -41.66 11.41
N LEU L 104 -32.26 -41.40 11.77
CA LEU L 104 -31.19 -42.40 11.72
C LEU L 104 -30.88 -42.95 13.09
N GLU L 105 -31.05 -44.26 13.24
CA GLU L 105 -30.86 -44.91 14.53
C GLU L 105 -29.70 -45.92 14.50
N ILE L 106 -29.20 -46.22 15.69
CA ILE L 106 -27.96 -46.95 15.84
C ILE L 106 -28.19 -48.36 16.38
N LYS L 107 -27.76 -49.35 15.59
CA LYS L 107 -27.92 -50.77 15.90
C LYS L 107 -27.10 -51.24 17.10
N ARG L 108 -27.76 -51.91 18.04
CA ARG L 108 -27.10 -52.73 19.07
C ARG L 108 -27.86 -54.05 19.27
N ALA L 109 -27.19 -55.20 19.16
CA ALA L 109 -27.85 -56.49 19.36
C ALA L 109 -28.51 -56.55 20.73
N ASP L 110 -29.67 -57.21 20.80
CA ASP L 110 -30.73 -56.90 21.78
C ASP L 110 -30.35 -56.83 23.26
N ALA L 111 -31.05 -55.98 23.98
CA ALA L 111 -30.88 -55.84 25.44
C ALA L 111 -32.20 -56.10 26.16
N ALA L 112 -32.10 -56.77 27.30
CA ALA L 112 -33.28 -57.07 28.12
C ALA L 112 -33.71 -55.86 28.97
N PRO L 113 -35.03 -55.73 29.20
CA PRO L 113 -35.59 -54.69 30.08
C PRO L 113 -35.26 -54.86 31.57
N THR L 114 -34.82 -53.80 32.24
CA THR L 114 -34.80 -53.76 33.70
C THR L 114 -36.13 -53.14 34.16
N VAL L 115 -37.00 -53.95 34.75
CA VAL L 115 -38.39 -53.52 35.00
C VAL L 115 -38.75 -53.40 36.48
N SER L 116 -39.52 -52.38 36.81
CA SER L 116 -39.87 -52.11 38.20
C SER L 116 -41.29 -51.56 38.34
N ILE L 117 -41.82 -51.64 39.56
CA ILE L 117 -43.18 -51.21 39.85
C ILE L 117 -43.15 -50.32 41.10
N PHE L 118 -43.96 -49.27 41.09
CA PHE L 118 -43.90 -48.23 42.11
C PHE L 118 -45.25 -47.83 42.72
N PRO L 119 -45.54 -48.37 43.93
CA PRO L 119 -46.71 -47.95 44.74
C PRO L 119 -46.65 -46.49 45.14
N PRO L 120 -47.84 -45.85 45.29
CA PRO L 120 -48.05 -44.40 45.53
C PRO L 120 -47.61 -43.99 46.93
N SER L 121 -47.03 -42.80 47.02
CA SER L 121 -46.60 -42.23 48.28
C SER L 121 -47.80 -41.87 49.13
N SER L 122 -47.56 -41.69 50.42
CA SER L 122 -48.56 -41.16 51.32
C SER L 122 -48.94 -39.74 50.88
N GLU L 123 -47.94 -38.93 50.54
CA GLU L 123 -48.16 -37.57 50.04
C GLU L 123 -48.98 -37.54 48.76
N GLN L 124 -48.86 -38.60 47.95
CA GLN L 124 -49.72 -38.81 46.79
C GLN L 124 -51.16 -39.07 47.25
N LEU L 125 -51.30 -39.94 48.25
CA LEU L 125 -52.61 -40.30 48.77
C LEU L 125 -53.21 -39.27 49.72
N THR L 126 -52.37 -38.52 50.44
CA THR L 126 -52.88 -37.44 51.31
C THR L 126 -53.31 -36.26 50.44
N SER L 127 -52.94 -36.32 49.16
CA SER L 127 -53.45 -35.41 48.16
C SER L 127 -54.68 -36.01 47.45
N GLY L 128 -55.08 -37.20 47.90
CA GLY L 128 -56.30 -37.85 47.45
C GLY L 128 -56.26 -38.54 46.10
N GLY L 129 -55.19 -39.28 45.83
CA GLY L 129 -55.06 -39.97 44.56
C GLY L 129 -53.93 -40.98 44.52
N ALA L 130 -54.02 -41.94 43.61
CA ALA L 130 -52.98 -42.94 43.49
C ALA L 130 -52.58 -43.17 42.03
N SER L 131 -51.35 -42.81 41.71
CA SER L 131 -50.78 -43.05 40.41
C SER L 131 -49.65 -44.06 40.57
N VAL L 132 -49.86 -45.25 40.04
CA VAL L 132 -48.92 -46.36 40.19
C VAL L 132 -47.99 -46.42 38.99
N VAL L 133 -46.69 -46.59 39.26
CA VAL L 133 -45.68 -46.31 38.26
C VAL L 133 -44.81 -47.49 37.82
N CYS L 134 -44.98 -47.92 36.59
CA CYS L 134 -44.13 -48.96 36.03
C CYS L 134 -42.96 -48.39 35.23
N PHE L 135 -41.74 -48.82 35.56
CA PHE L 135 -40.55 -48.46 34.81
C PHE L 135 -39.98 -49.65 34.00
N LEU L 136 -39.54 -49.38 32.79
CA LEU L 136 -38.84 -50.37 31.98
C LEU L 136 -37.66 -49.64 31.34
N ASN L 137 -36.42 -50.02 31.68
CA ASN L 137 -35.28 -49.25 31.21
C ASN L 137 -34.37 -50.05 30.26
N ASN L 138 -33.41 -49.35 29.68
CA ASN L 138 -32.24 -49.95 29.01
C ASN L 138 -32.47 -51.22 28.17
N PHE L 139 -33.18 -51.12 27.05
CA PHE L 139 -33.48 -52.30 26.22
C PHE L 139 -33.46 -52.06 24.71
N TYR L 140 -33.81 -53.08 23.96
CA TYR L 140 -33.72 -53.04 22.50
C TYR L 140 -34.28 -54.34 21.92
N PRO L 141 -35.05 -54.25 20.81
CA PRO L 141 -35.52 -53.04 20.12
C PRO L 141 -36.60 -52.28 20.87
N LYS L 142 -36.88 -51.05 20.44
CA LYS L 142 -37.87 -50.20 21.10
C LYS L 142 -39.30 -50.77 21.08
N ASP L 143 -39.51 -51.84 20.30
CA ASP L 143 -40.78 -52.55 20.34
C ASP L 143 -41.02 -53.13 21.74
N ILE L 144 -42.20 -52.88 22.30
CA ILE L 144 -42.58 -53.48 23.56
C ILE L 144 -44.11 -53.48 23.70
N ASN L 145 -44.65 -54.33 24.58
CA ASN L 145 -46.07 -54.28 24.91
C ASN L 145 -46.34 -54.35 26.41
N VAL L 146 -46.97 -53.31 26.96
CA VAL L 146 -47.26 -53.26 28.39
C VAL L 146 -48.76 -53.43 28.69
N LYS L 147 -49.06 -54.51 29.41
CA LYS L 147 -50.43 -54.80 29.84
C LYS L 147 -50.56 -54.60 31.33
N TRP L 148 -51.59 -53.88 31.77
CA TRP L 148 -51.90 -53.82 33.19
C TRP L 148 -52.97 -54.83 33.55
N LYS L 149 -52.60 -55.83 34.35
CA LYS L 149 -53.60 -56.70 34.91
C LYS L 149 -53.98 -56.15 36.27
N ASN L 157 -57.85 -48.35 31.01
CA ASN L 157 -58.07 -46.92 30.81
C ASN L 157 -57.13 -46.21 31.81
N GLY L 158 -56.56 -45.07 31.43
CA GLY L 158 -55.58 -44.43 32.30
C GLY L 158 -54.22 -45.11 32.39
N VAL L 159 -53.88 -45.90 31.37
CA VAL L 159 -52.51 -46.37 31.19
C VAL L 159 -51.76 -45.31 30.39
N LEU L 160 -50.72 -44.73 31.00
CA LEU L 160 -50.01 -43.59 30.42
C LEU L 160 -48.58 -43.97 30.02
N ASN L 161 -48.31 -44.00 28.72
CA ASN L 161 -47.03 -44.50 28.22
C ASN L 161 -46.04 -43.41 27.77
N SER L 162 -44.76 -43.61 28.09
CA SER L 162 -43.70 -42.67 27.71
C SER L 162 -42.42 -43.40 27.30
N TRP L 163 -41.83 -43.02 26.17
CA TRP L 163 -40.54 -43.59 25.76
C TRP L 163 -39.47 -42.55 25.87
N THR L 164 -38.23 -42.94 25.60
CA THR L 164 -37.16 -41.96 25.56
C THR L 164 -36.42 -42.08 24.25
N ASP L 165 -35.42 -41.22 24.06
CA ASP L 165 -34.59 -41.32 22.87
C ASP L 165 -33.26 -41.97 23.23
N GLN L 166 -32.76 -42.84 22.35
CA GLN L 166 -31.59 -43.65 22.66
C GLN L 166 -30.30 -42.85 22.91
N ASP L 167 -29.54 -43.27 23.92
CA ASP L 167 -28.54 -42.43 24.57
C ASP L 167 -27.22 -42.29 23.78
N SER L 168 -26.31 -41.44 24.26
CA SER L 168 -25.04 -41.16 23.58
C SER L 168 -24.05 -42.32 23.67
N LYS L 169 -24.15 -43.12 24.73
CA LYS L 169 -23.22 -44.24 24.92
C LYS L 169 -23.86 -45.56 24.51
N ASP L 170 -24.75 -46.09 25.35
CA ASP L 170 -25.47 -47.33 25.00
C ASP L 170 -26.80 -47.03 24.35
N SER L 171 -27.01 -47.70 23.23
CA SER L 171 -28.01 -47.31 22.27
C SER L 171 -29.39 -47.83 22.66
N THR L 172 -29.47 -48.44 23.84
CA THR L 172 -30.74 -48.87 24.40
C THR L 172 -31.76 -47.73 24.53
N TYR L 173 -33.03 -48.06 24.35
CA TYR L 173 -34.14 -47.17 24.69
C TYR L 173 -34.65 -47.53 26.09
N SER L 174 -35.65 -46.78 26.56
CA SER L 174 -36.27 -47.06 27.86
C SER L 174 -37.78 -46.75 27.78
N MET L 175 -38.50 -46.91 28.89
CA MET L 175 -39.96 -46.72 28.89
C MET L 175 -40.56 -46.39 30.27
N SER L 176 -41.74 -45.76 30.30
CA SER L 176 -42.50 -45.61 31.54
C SER L 176 -44.00 -45.76 31.30
N SER L 177 -44.63 -46.67 32.02
CA SER L 177 -46.08 -46.79 31.96
C SER L 177 -46.62 -46.31 33.30
N THR L 178 -47.83 -45.76 33.28
CA THR L 178 -48.38 -45.16 34.48
C THR L 178 -49.88 -45.41 34.55
N LEU L 179 -50.37 -45.80 35.72
CA LEU L 179 -51.82 -45.95 35.91
C LEU L 179 -52.34 -44.94 36.93
N THR L 180 -53.58 -44.51 36.77
CA THR L 180 -54.17 -43.54 37.70
C THR L 180 -55.56 -43.89 38.19
N LEU L 181 -55.69 -44.06 39.51
CA LEU L 181 -56.99 -44.19 40.16
C LEU L 181 -56.93 -43.66 41.60
N THR L 182 -58.05 -43.13 42.09
CA THR L 182 -58.03 -42.21 43.23
C THR L 182 -58.10 -42.83 44.64
N LYS L 183 -59.30 -43.22 45.07
CA LYS L 183 -59.47 -44.03 46.29
C LYS L 183 -60.45 -45.17 46.06
N ASP L 184 -61.72 -44.79 45.84
CA ASP L 184 -62.82 -45.73 45.59
C ASP L 184 -62.55 -46.69 44.42
N GLU L 185 -61.83 -46.21 43.40
CA GLU L 185 -61.35 -47.07 42.33
C GLU L 185 -60.14 -47.87 42.79
N TYR L 186 -59.23 -47.18 43.48
CA TYR L 186 -57.99 -47.78 43.96
C TYR L 186 -58.15 -48.65 45.21
N GLU L 187 -58.50 -48.03 46.33
CA GLU L 187 -58.42 -48.67 47.65
C GLU L 187 -59.33 -49.89 47.79
N ARG L 188 -60.15 -50.10 46.78
CA ARG L 188 -61.02 -51.26 46.71
C ARG L 188 -60.22 -52.56 46.72
N HIS L 189 -59.29 -52.70 45.77
CA HIS L 189 -58.57 -53.96 45.57
C HIS L 189 -57.30 -54.07 46.38
N ASN L 190 -56.55 -55.15 46.09
CA ASN L 190 -55.26 -55.38 46.72
C ASN L 190 -54.10 -55.24 45.75
N SER L 191 -53.99 -56.21 44.83
CA SER L 191 -52.76 -56.44 44.05
C SER L 191 -52.85 -56.23 42.54
N TYR L 192 -51.96 -55.38 42.05
CA TYR L 192 -51.90 -54.94 40.64
C TYR L 192 -50.62 -55.41 39.96
N THR L 193 -50.77 -56.07 38.82
CA THR L 193 -49.68 -56.78 38.16
C THR L 193 -49.28 -56.07 36.87
N CYS L 194 -48.00 -55.72 36.72
CA CYS L 194 -47.50 -54.98 35.55
C CYS L 194 -46.76 -55.87 34.55
N GLU L 195 -47.36 -56.09 33.39
CA GLU L 195 -46.85 -57.10 32.45
C GLU L 195 -46.11 -56.48 31.27
N ALA L 196 -44.85 -56.91 31.08
CA ALA L 196 -44.00 -56.44 29.97
C ALA L 196 -43.67 -57.56 28.98
N THR L 197 -44.21 -57.47 27.77
CA THR L 197 -43.91 -58.45 26.74
C THR L 197 -42.92 -57.88 25.69
N HIS L 198 -41.84 -58.62 25.42
CA HIS L 198 -40.78 -58.16 24.54
C HIS L 198 -40.23 -59.30 23.68
N LYS L 199 -39.47 -58.95 22.64
CA LYS L 199 -38.75 -59.94 21.85
C LYS L 199 -37.80 -60.83 22.68
N THR L 200 -36.95 -60.22 23.51
CA THR L 200 -35.85 -60.94 24.20
C THR L 200 -36.23 -62.01 25.24
N SER L 201 -37.52 -62.13 25.53
CA SER L 201 -37.98 -63.22 26.38
C SER L 201 -39.02 -64.00 25.61
N THR L 202 -39.54 -65.06 26.23
CA THR L 202 -40.64 -65.82 25.63
C THR L 202 -41.91 -65.49 26.40
N SER L 203 -41.93 -65.87 27.67
CA SER L 203 -43.02 -65.49 28.58
C SER L 203 -42.91 -64.00 28.89
N PRO L 204 -44.06 -63.34 29.08
CA PRO L 204 -44.06 -61.90 29.39
C PRO L 204 -43.46 -61.62 30.77
N ILE L 205 -42.56 -60.65 30.86
CA ILE L 205 -41.92 -60.30 32.14
C ILE L 205 -42.95 -59.70 33.11
N VAL L 206 -43.08 -60.33 34.29
CA VAL L 206 -44.16 -60.00 35.20
C VAL L 206 -43.64 -59.44 36.51
N LYS L 207 -44.14 -58.27 36.90
CA LYS L 207 -43.84 -57.67 38.22
C LYS L 207 -45.10 -57.09 38.89
N SER L 208 -45.36 -57.53 40.13
CA SER L 208 -46.57 -57.16 40.85
C SER L 208 -46.29 -56.72 42.30
N PHE L 209 -47.29 -56.12 42.93
CA PHE L 209 -47.17 -55.65 44.30
C PHE L 209 -48.44 -55.87 45.12
N ASN L 210 -48.45 -55.34 46.33
CA ASN L 210 -49.39 -55.73 47.37
C ASN L 210 -49.62 -54.66 48.42
N ARG L 211 -50.64 -54.84 49.25
CA ARG L 211 -50.87 -53.97 50.39
C ARG L 211 -50.24 -54.53 51.68
N ASN L 212 -49.51 -55.64 51.55
CA ASN L 212 -49.13 -56.48 52.68
C ASN L 212 -50.38 -56.95 53.43
#